data_2MHE
#
_entry.id   2MHE
#
_entity_poly.entity_id   1
_entity_poly.type   'polypeptide(L)'
_entity_poly.pdbx_seq_one_letter_code
;MPDKQLLHIVVGGELKDVAGVEFRDLSKVEFVGAYPSYDEAHKAWKAKAQATVDNAHARYFIIHAHKLLDPSEG
;
_entity_poly.pdbx_strand_id   A,B
#
# COMPACT_ATOMS: atom_id res chain seq x y z
N MET A 1 16.84 15.65 11.34
CA MET A 1 16.89 15.86 9.88
C MET A 1 15.62 15.26 9.22
N PRO A 2 14.63 16.11 8.76
CA PRO A 2 13.51 15.67 7.89
C PRO A 2 14.01 15.41 6.44
N ASP A 3 14.76 14.31 6.29
CA ASP A 3 15.32 13.87 5.01
C ASP A 3 14.25 13.12 4.22
N LYS A 4 14.33 13.25 2.89
CA LYS A 4 13.43 12.58 1.93
C LYS A 4 13.79 11.07 1.88
N GLN A 5 13.24 10.32 2.84
CA GLN A 5 13.45 8.87 2.96
C GLN A 5 12.35 8.10 2.20
N LEU A 6 11.23 8.81 1.92
CA LEU A 6 9.98 8.22 1.41
C LEU A 6 10.23 7.54 0.04
N LEU A 7 9.70 6.32 -0.10
CA LEU A 7 9.93 5.45 -1.25
C LEU A 7 8.62 4.76 -1.66
N HIS A 8 8.72 3.92 -2.68
CA HIS A 8 7.60 3.14 -3.20
C HIS A 8 7.43 1.86 -2.36
N ILE A 9 6.34 1.76 -1.58
CA ILE A 9 6.04 0.58 -0.75
C ILE A 9 5.74 -0.64 -1.66
N VAL A 10 5.92 -1.84 -1.13
CA VAL A 10 5.71 -3.10 -1.86
C VAL A 10 4.48 -3.84 -1.32
N VAL A 11 3.59 -4.22 -2.25
CA VAL A 11 2.33 -4.92 -1.95
C VAL A 11 2.13 -6.05 -3.00
N GLY A 12 1.34 -7.05 -2.64
CA GLY A 12 1.01 -8.13 -3.57
C GLY A 12 -0.20 -8.91 -3.13
N GLY A 13 -0.65 -9.83 -3.97
CA GLY A 13 -1.82 -10.66 -3.68
C GLY A 13 -2.39 -11.25 -4.95
N GLU A 14 -3.42 -12.10 -4.82
CA GLU A 14 -4.00 -12.78 -5.99
C GLU A 14 -4.92 -11.86 -6.77
N LEU A 15 -4.96 -12.15 -8.06
CA LEU A 15 -5.87 -11.58 -9.03
C LEU A 15 -6.86 -12.69 -9.46
N LYS A 16 -7.95 -12.27 -10.10
CA LYS A 16 -8.96 -13.20 -10.68
C LYS A 16 -8.64 -13.50 -12.16
N ASP A 17 -7.53 -12.92 -12.66
CA ASP A 17 -7.14 -12.99 -14.07
C ASP A 17 -5.59 -13.04 -14.18
N VAL A 18 -5.08 -13.49 -15.34
CA VAL A 18 -3.63 -13.64 -15.59
C VAL A 18 -2.90 -12.28 -15.65
N ALA A 19 -3.52 -11.31 -16.34
CA ALA A 19 -2.96 -9.96 -16.57
C ALA A 19 -3.84 -8.88 -15.90
N GLY A 20 -5.12 -9.24 -15.63
CA GLY A 20 -6.12 -8.30 -15.10
C GLY A 20 -5.91 -8.01 -13.61
N VAL A 21 -6.08 -6.73 -13.22
CA VAL A 21 -5.78 -6.22 -11.86
C VAL A 21 -7.01 -6.36 -10.92
N GLU A 22 -7.89 -7.34 -11.20
CA GLU A 22 -9.06 -7.63 -10.36
C GLU A 22 -8.64 -8.49 -9.15
N PHE A 23 -8.27 -7.83 -8.05
CA PHE A 23 -7.85 -8.50 -6.79
C PHE A 23 -8.90 -9.55 -6.36
N ARG A 24 -8.46 -10.83 -6.34
CA ARG A 24 -9.32 -11.99 -6.00
C ARG A 24 -9.92 -11.84 -4.60
N ASP A 25 -9.12 -11.30 -3.67
CA ASP A 25 -9.56 -10.93 -2.33
C ASP A 25 -8.56 -9.94 -1.73
N LEU A 26 -9.10 -9.03 -0.92
CA LEU A 26 -8.39 -7.85 -0.42
C LEU A 26 -7.70 -8.12 0.92
N SER A 27 -8.23 -9.10 1.68
CA SER A 27 -7.57 -9.64 2.88
C SER A 27 -6.51 -10.69 2.45
N LYS A 28 -6.49 -11.03 1.14
CA LYS A 28 -5.44 -11.90 0.55
C LYS A 28 -4.35 -11.06 -0.14
N VAL A 29 -4.55 -9.71 -0.17
CA VAL A 29 -3.50 -8.78 -0.57
C VAL A 29 -2.44 -8.70 0.54
N GLU A 30 -1.43 -9.58 0.42
CA GLU A 30 -0.26 -9.60 1.31
C GLU A 30 0.58 -8.33 1.06
N PHE A 31 0.54 -7.41 2.03
CA PHE A 31 1.38 -6.21 2.02
C PHE A 31 2.81 -6.65 2.36
N VAL A 32 3.64 -6.77 1.31
CA VAL A 32 5.06 -7.20 1.41
C VAL A 32 5.84 -6.29 2.39
N GLY A 33 5.44 -5.00 2.42
CA GLY A 33 5.92 -4.03 3.40
C GLY A 33 6.42 -2.76 2.72
N ALA A 34 7.60 -2.30 3.14
CA ALA A 34 8.28 -1.12 2.57
C ALA A 34 9.77 -1.24 2.87
N TYR A 35 10.62 -1.11 1.84
CA TYR A 35 12.07 -1.38 1.95
C TYR A 35 12.89 -0.06 2.09
N PRO A 36 14.05 -0.06 2.83
CA PRO A 36 14.81 1.18 3.21
C PRO A 36 15.41 2.00 2.03
N SER A 37 15.19 1.52 0.80
CA SER A 37 15.50 2.27 -0.43
C SER A 37 14.49 1.89 -1.52
N TYR A 38 14.32 2.78 -2.51
CA TYR A 38 13.49 2.50 -3.70
C TYR A 38 14.06 1.31 -4.50
N ASP A 39 15.40 1.23 -4.59
CA ASP A 39 16.11 0.17 -5.32
C ASP A 39 15.87 -1.21 -4.65
N GLU A 40 15.74 -1.20 -3.32
CA GLU A 40 15.43 -2.39 -2.51
C GLU A 40 13.97 -2.84 -2.72
N ALA A 41 13.06 -1.86 -2.82
CA ALA A 41 11.63 -2.09 -3.03
C ALA A 41 11.36 -2.56 -4.48
N HIS A 42 12.17 -2.04 -5.40
CA HIS A 42 12.15 -2.44 -6.82
C HIS A 42 12.64 -3.88 -6.96
N LYS A 43 13.59 -4.26 -6.10
CA LYS A 43 14.15 -5.61 -6.09
C LYS A 43 13.18 -6.60 -5.41
N ALA A 44 12.44 -6.09 -4.40
CA ALA A 44 11.49 -6.88 -3.59
C ALA A 44 10.36 -7.46 -4.45
N TRP A 45 9.92 -6.69 -5.48
CA TRP A 45 8.92 -7.10 -6.48
C TRP A 45 9.30 -8.49 -7.11
N LYS A 46 10.54 -8.59 -7.62
CA LYS A 46 11.05 -9.80 -8.31
C LYS A 46 11.51 -10.87 -7.30
N ALA A 47 11.98 -10.42 -6.12
CA ALA A 47 12.38 -11.32 -5.02
C ALA A 47 11.18 -12.16 -4.55
N LYS A 48 9.99 -11.55 -4.60
CA LYS A 48 8.72 -12.19 -4.28
C LYS A 48 8.21 -13.02 -5.46
N ALA A 49 8.21 -12.42 -6.66
CA ALA A 49 7.66 -13.04 -7.89
C ALA A 49 8.35 -14.39 -8.23
N GLN A 50 9.68 -14.46 -8.00
CA GLN A 50 10.49 -15.67 -8.19
C GLN A 50 10.32 -16.66 -7.01
N ALA A 51 9.97 -16.12 -5.82
CA ALA A 51 9.67 -16.95 -4.63
C ALA A 51 8.24 -17.55 -4.71
N THR A 52 7.37 -16.91 -5.52
CA THR A 52 5.93 -17.25 -5.61
C THR A 52 5.55 -17.66 -7.06
N VAL A 53 6.39 -18.54 -7.67
CA VAL A 53 6.13 -19.11 -9.02
C VAL A 53 5.03 -20.20 -8.94
N ASP A 54 4.89 -20.80 -7.76
CA ASP A 54 3.84 -21.79 -7.44
C ASP A 54 2.43 -21.16 -7.47
N ASN A 55 2.39 -19.86 -7.18
CA ASN A 55 1.15 -19.07 -7.09
C ASN A 55 0.51 -18.85 -8.47
N ALA A 56 -0.83 -19.03 -8.50
CA ALA A 56 -1.64 -18.92 -9.71
C ALA A 56 -1.63 -17.48 -10.27
N HIS A 57 -2.23 -16.55 -9.51
CA HIS A 57 -2.35 -15.13 -9.93
C HIS A 57 -1.83 -14.19 -8.85
N ALA A 58 -1.11 -14.72 -7.84
CA ALA A 58 -0.49 -13.88 -6.79
C ALA A 58 0.75 -13.18 -7.34
N ARG A 59 0.56 -11.94 -7.79
CA ARG A 59 1.62 -11.08 -8.35
C ARG A 59 1.92 -9.95 -7.34
N TYR A 60 3.20 -9.83 -7.02
CA TYR A 60 3.69 -8.93 -5.96
C TYR A 60 4.41 -7.74 -6.60
N PHE A 61 3.68 -6.62 -6.70
CA PHE A 61 4.13 -5.39 -7.37
C PHE A 61 4.53 -4.31 -6.34
N ILE A 62 4.59 -3.04 -6.80
CA ILE A 62 5.00 -1.88 -5.99
C ILE A 62 3.90 -0.78 -6.11
N ILE A 63 3.87 0.20 -5.18
CA ILE A 63 3.00 1.42 -5.27
C ILE A 63 3.80 2.64 -4.78
N HIS A 64 3.63 3.77 -5.48
CA HIS A 64 4.30 5.04 -5.12
C HIS A 64 3.53 5.76 -4.01
N ALA A 65 4.16 5.86 -2.83
CA ALA A 65 3.55 6.46 -1.62
C ALA A 65 3.92 7.95 -1.46
N HIS A 66 4.52 8.54 -2.53
CA HIS A 66 5.06 9.94 -2.52
C HIS A 66 3.97 10.95 -2.12
N LYS A 67 2.74 10.66 -2.53
CA LYS A 67 1.54 11.33 -2.02
C LYS A 67 0.52 10.26 -1.63
N LEU A 68 0.06 10.32 -0.37
CA LEU A 68 -1.09 9.55 0.10
C LEU A 68 -2.38 10.30 -0.26
N LEU A 69 -3.48 9.57 -0.36
CA LEU A 69 -4.79 10.14 -0.72
C LEU A 69 -5.41 10.74 0.53
N ASP A 70 -5.03 12.01 0.79
CA ASP A 70 -5.48 12.78 1.92
C ASP A 70 -6.78 13.53 1.56
N PRO A 71 -7.95 13.16 2.18
CA PRO A 71 -9.19 13.97 2.11
C PRO A 71 -9.13 15.20 3.05
N SER A 72 -8.02 15.30 3.83
CA SER A 72 -7.81 16.33 4.84
C SER A 72 -7.38 17.68 4.21
N GLU A 73 -6.22 17.67 3.51
CA GLU A 73 -5.62 18.91 2.95
C GLU A 73 -6.17 19.19 1.54
N GLY A 74 -6.40 18.09 0.79
CA GLY A 74 -6.95 18.16 -0.57
C GLY A 74 -7.51 16.83 -1.03
N MET B 1 -16.64 -13.52 -16.84
CA MET B 1 -17.41 -12.96 -15.73
C MET B 1 -16.52 -12.02 -14.86
N PRO B 2 -16.36 -10.72 -15.27
CA PRO B 2 -15.66 -9.71 -14.45
C PRO B 2 -16.60 -8.93 -13.52
N ASP B 3 -16.06 -8.41 -12.42
CA ASP B 3 -16.81 -7.62 -11.42
C ASP B 3 -15.84 -6.66 -10.71
N LYS B 4 -16.13 -5.35 -10.81
CA LYS B 4 -15.25 -4.26 -10.36
C LYS B 4 -15.26 -4.15 -8.81
N GLN B 5 -14.21 -4.70 -8.20
CA GLN B 5 -13.97 -4.62 -6.74
C GLN B 5 -12.77 -3.70 -6.42
N LEU B 6 -11.94 -3.42 -7.46
CA LEU B 6 -10.66 -2.69 -7.33
C LEU B 6 -10.91 -1.27 -6.78
N LEU B 7 -10.15 -0.92 -5.74
CA LEU B 7 -10.38 0.29 -4.95
C LEU B 7 -9.05 0.83 -4.39
N HIS B 8 -9.15 1.96 -3.69
CA HIS B 8 -8.00 2.66 -3.09
C HIS B 8 -7.71 2.05 -1.71
N ILE B 9 -6.67 1.20 -1.63
CA ILE B 9 -6.33 0.46 -0.39
C ILE B 9 -5.75 1.43 0.67
N VAL B 10 -5.90 1.07 1.95
CA VAL B 10 -5.60 1.95 3.09
C VAL B 10 -4.29 1.57 3.77
N VAL B 11 -3.41 2.57 3.94
CA VAL B 11 -2.06 2.43 4.49
C VAL B 11 -1.79 3.58 5.49
N GLY B 12 -0.96 3.32 6.51
CA GLY B 12 -0.53 4.35 7.44
C GLY B 12 0.68 3.93 8.25
N GLY B 13 0.81 4.46 9.48
CA GLY B 13 1.93 4.13 10.37
C GLY B 13 2.47 5.37 11.04
N GLU B 14 3.57 5.23 11.81
CA GLU B 14 4.15 6.36 12.57
C GLU B 14 5.28 7.04 11.80
N LEU B 15 5.24 8.37 11.86
CA LEU B 15 6.10 9.29 11.11
C LEU B 15 7.21 9.84 12.02
N LYS B 16 8.21 10.48 11.40
CA LYS B 16 9.28 11.23 12.09
C LYS B 16 8.73 12.58 12.58
N ASP B 17 8.08 13.30 11.64
CA ASP B 17 7.42 14.58 11.92
C ASP B 17 5.95 14.32 12.33
N VAL B 18 5.29 15.32 12.92
CA VAL B 18 3.89 15.20 13.37
C VAL B 18 2.90 15.28 12.18
N ALA B 19 3.11 16.25 11.28
CA ALA B 19 2.23 16.48 10.10
C ALA B 19 2.83 15.91 8.81
N GLY B 20 4.16 15.75 8.80
CA GLY B 20 4.92 15.32 7.62
C GLY B 20 4.79 13.82 7.37
N VAL B 21 4.71 13.45 6.07
CA VAL B 21 4.49 12.04 5.62
C VAL B 21 5.84 11.25 5.55
N GLU B 22 6.83 11.67 6.34
CA GLU B 22 8.15 11.06 6.38
C GLU B 22 8.18 9.89 7.39
N PHE B 23 7.92 8.66 6.89
CA PHE B 23 7.81 7.45 7.74
C PHE B 23 9.10 7.18 8.54
N ARG B 24 8.95 7.11 9.87
CA ARG B 24 10.09 6.90 10.80
C ARG B 24 10.74 5.53 10.57
N ASP B 25 9.89 4.52 10.43
CA ASP B 25 10.30 3.14 10.23
C ASP B 25 9.28 2.45 9.36
N LEU B 26 9.78 1.66 8.41
CA LEU B 26 8.99 1.07 7.33
C LEU B 26 8.38 -0.29 7.72
N SER B 27 8.88 -0.86 8.82
CA SER B 27 8.22 -1.98 9.51
C SER B 27 7.13 -1.43 10.44
N LYS B 28 7.24 -0.12 10.80
CA LYS B 28 6.22 0.59 11.62
C LYS B 28 5.14 1.24 10.73
N VAL B 29 5.31 1.14 9.38
CA VAL B 29 4.23 1.44 8.42
C VAL B 29 3.14 0.37 8.58
N GLU B 30 2.11 0.71 9.36
CA GLU B 30 0.97 -0.16 9.64
C GLU B 30 -0.04 -0.05 8.49
N PHE B 31 -0.12 -1.11 7.68
CA PHE B 31 -1.06 -1.21 6.58
C PHE B 31 -2.44 -1.55 7.14
N VAL B 32 -3.38 -0.61 7.00
CA VAL B 32 -4.74 -0.71 7.57
C VAL B 32 -5.54 -1.85 6.87
N GLY B 33 -5.22 -2.10 5.58
CA GLY B 33 -5.79 -3.21 4.83
C GLY B 33 -6.37 -2.75 3.50
N ALA B 34 -7.54 -3.29 3.14
CA ALA B 34 -8.28 -2.91 1.92
C ALA B 34 -9.75 -3.34 2.07
N TYR B 35 -10.67 -2.40 1.88
CA TYR B 35 -12.12 -2.61 2.09
C TYR B 35 -12.82 -2.88 0.75
N PRO B 36 -14.06 -3.49 0.71
CA PRO B 36 -14.73 -3.88 -0.58
C PRO B 36 -15.25 -2.68 -1.42
N SER B 37 -14.95 -1.45 -0.98
CA SER B 37 -15.23 -0.21 -1.73
C SER B 37 -14.25 0.89 -1.29
N TYR B 38 -14.02 1.86 -2.19
CA TYR B 38 -13.24 3.07 -1.90
C TYR B 38 -13.94 3.91 -0.83
N ASP B 39 -15.29 3.94 -0.83
CA ASP B 39 -16.10 4.67 0.19
C ASP B 39 -15.82 4.13 1.60
N GLU B 40 -15.72 2.79 1.69
CA GLU B 40 -15.43 2.07 2.95
C GLU B 40 -13.98 2.33 3.41
N ALA B 41 -13.05 2.39 2.43
CA ALA B 41 -11.63 2.66 2.69
C ALA B 41 -11.42 4.14 3.05
N HIS B 42 -12.30 5.00 2.49
CA HIS B 42 -12.28 6.45 2.72
C HIS B 42 -12.66 6.73 4.18
N LYS B 43 -13.67 6.00 4.68
CA LYS B 43 -14.09 6.12 6.08
C LYS B 43 -13.00 5.56 7.02
N ALA B 44 -12.33 4.46 6.57
CA ALA B 44 -11.29 3.76 7.35
C ALA B 44 -10.11 4.70 7.71
N TRP B 45 -9.81 5.65 6.80
CA TRP B 45 -8.78 6.70 6.99
C TRP B 45 -9.00 7.47 8.32
N LYS B 46 -10.21 8.06 8.48
CA LYS B 46 -10.55 8.88 9.67
C LYS B 46 -10.93 7.99 10.85
N ALA B 47 -11.47 6.79 10.57
CA ALA B 47 -11.82 5.79 11.60
C ALA B 47 -10.57 5.38 12.38
N LYS B 48 -9.43 5.34 11.67
CA LYS B 48 -8.11 5.05 12.24
C LYS B 48 -7.52 6.29 12.95
N ALA B 49 -7.59 7.46 12.27
CA ALA B 49 -7.01 8.72 12.77
C ALA B 49 -7.61 9.12 14.14
N GLN B 50 -8.96 9.02 14.24
CA GLN B 50 -9.71 9.22 15.50
C GLN B 50 -9.32 8.18 16.55
N ALA B 51 -9.32 6.89 16.13
CA ALA B 51 -9.14 5.74 17.03
C ALA B 51 -7.79 5.79 17.75
N THR B 52 -6.73 6.07 16.97
CA THR B 52 -5.35 5.97 17.43
C THR B 52 -4.93 7.25 18.18
N VAL B 53 -5.16 7.26 19.51
CA VAL B 53 -4.79 8.38 20.41
C VAL B 53 -3.50 8.04 21.16
N ASP B 54 -3.32 6.73 21.49
CA ASP B 54 -2.06 6.22 22.10
C ASP B 54 -0.88 6.43 21.15
N ASN B 55 -1.16 6.30 19.84
CA ASN B 55 -0.19 6.54 18.77
C ASN B 55 0.19 8.02 18.70
N ALA B 56 1.51 8.27 18.69
CA ALA B 56 2.09 9.61 18.80
C ALA B 56 2.08 10.33 17.44
N HIS B 57 2.74 9.72 16.46
CA HIS B 57 2.97 10.34 15.13
C HIS B 57 2.21 9.60 14.02
N ALA B 58 1.31 8.70 14.39
CA ALA B 58 0.61 7.84 13.40
C ALA B 58 -0.47 8.61 12.64
N ARG B 59 -0.20 8.85 11.35
CA ARG B 59 -1.10 9.56 10.42
C ARG B 59 -1.53 8.56 9.33
N TYR B 60 -2.69 7.93 9.53
CA TYR B 60 -3.25 6.92 8.62
C TYR B 60 -4.01 7.62 7.49
N PHE B 61 -3.66 7.27 6.26
CA PHE B 61 -4.28 7.82 5.03
C PHE B 61 -4.67 6.65 4.10
N ILE B 62 -4.72 6.94 2.78
CA ILE B 62 -5.17 5.99 1.75
C ILE B 62 -4.09 5.97 0.65
N ILE B 63 -4.17 5.02 -0.29
CA ILE B 63 -3.24 4.93 -1.41
C ILE B 63 -3.99 4.43 -2.66
N HIS B 64 -3.48 4.84 -3.81
CA HIS B 64 -4.07 4.57 -5.12
C HIS B 64 -3.53 3.23 -5.67
N ALA B 65 -4.39 2.20 -5.63
CA ALA B 65 -4.07 0.83 -6.11
C ALA B 65 -4.74 0.55 -7.46
N HIS B 66 -5.17 1.64 -8.15
CA HIS B 66 -5.84 1.57 -9.47
C HIS B 66 -4.95 0.89 -10.51
N LYS B 67 -3.67 1.30 -10.52
CA LYS B 67 -2.61 0.61 -11.27
C LYS B 67 -1.44 0.37 -10.32
N LEU B 68 -0.89 -0.84 -10.38
CA LEU B 68 0.31 -1.25 -9.67
C LEU B 68 1.56 -0.93 -10.51
N LEU B 69 2.65 -0.58 -9.84
CA LEU B 69 3.95 -0.31 -10.48
C LEU B 69 4.65 -1.62 -10.82
N ASP B 70 4.35 -2.11 -12.01
CA ASP B 70 5.09 -3.21 -12.63
C ASP B 70 6.20 -2.61 -13.54
N PRO B 71 7.51 -2.92 -13.27
CA PRO B 71 8.62 -2.58 -14.19
C PRO B 71 8.72 -3.55 -15.40
N SER B 72 7.74 -4.49 -15.51
CA SER B 72 7.68 -5.49 -16.58
C SER B 72 7.19 -4.85 -17.88
N GLU B 73 5.98 -4.24 -17.84
CA GLU B 73 5.37 -3.55 -18.98
C GLU B 73 5.51 -2.04 -18.80
N GLY B 74 5.27 -1.57 -17.56
CA GLY B 74 5.34 -0.16 -17.20
C GLY B 74 6.78 0.36 -17.07
N MET A 1 23.02 11.07 11.00
CA MET A 1 22.58 12.00 9.93
C MET A 1 21.10 12.37 10.17
N PRO A 2 20.77 13.69 10.33
CA PRO A 2 19.36 14.14 10.50
C PRO A 2 18.62 14.22 9.14
N ASP A 3 18.56 13.07 8.44
CA ASP A 3 18.03 12.99 7.08
C ASP A 3 16.83 12.05 7.05
N LYS A 4 15.75 12.52 6.41
CA LYS A 4 14.51 11.78 6.28
C LYS A 4 14.58 10.83 5.08
N GLN A 5 13.74 9.81 5.13
CA GLN A 5 13.52 8.90 4.01
C GLN A 5 12.15 9.16 3.40
N LEU A 6 11.92 8.58 2.21
CA LEU A 6 10.63 8.50 1.55
C LEU A 6 10.87 7.76 0.21
N LEU A 7 10.01 6.77 -0.08
CA LEU A 7 10.18 5.89 -1.25
C LEU A 7 8.84 5.29 -1.69
N HIS A 8 8.94 4.35 -2.64
CA HIS A 8 7.80 3.60 -3.16
C HIS A 8 7.69 2.27 -2.39
N ILE A 9 6.58 2.09 -1.65
CA ILE A 9 6.34 0.84 -0.87
C ILE A 9 5.98 -0.32 -1.83
N VAL A 10 6.05 -1.54 -1.33
CA VAL A 10 5.81 -2.77 -2.11
C VAL A 10 4.52 -3.45 -1.63
N VAL A 11 3.59 -3.63 -2.58
CA VAL A 11 2.23 -4.17 -2.32
C VAL A 11 1.83 -5.13 -3.46
N GLY A 12 1.10 -6.21 -3.13
CA GLY A 12 0.63 -7.18 -4.13
C GLY A 12 -0.52 -8.03 -3.64
N GLY A 13 -0.79 -9.13 -4.35
CA GLY A 13 -1.87 -10.05 -4.00
C GLY A 13 -2.39 -10.80 -5.20
N GLU A 14 -3.33 -11.74 -4.97
CA GLU A 14 -3.88 -12.59 -6.03
C GLU A 14 -5.02 -11.89 -6.76
N LEU A 15 -4.81 -11.74 -8.07
CA LEU A 15 -5.76 -11.14 -9.02
C LEU A 15 -6.82 -12.19 -9.46
N LYS A 16 -7.89 -11.73 -10.13
CA LYS A 16 -8.90 -12.64 -10.72
C LYS A 16 -8.36 -13.20 -12.04
N ASP A 17 -8.12 -12.28 -12.98
CA ASP A 17 -7.76 -12.60 -14.38
C ASP A 17 -6.23 -12.56 -14.56
N VAL A 18 -5.74 -13.18 -15.65
CA VAL A 18 -4.32 -13.21 -16.01
C VAL A 18 -3.82 -11.83 -16.50
N ALA A 19 -4.61 -11.18 -17.36
CA ALA A 19 -4.32 -9.82 -17.85
C ALA A 19 -4.88 -8.75 -16.90
N GLY A 20 -5.87 -9.17 -16.08
CA GLY A 20 -6.54 -8.28 -15.13
C GLY A 20 -5.67 -7.89 -13.94
N VAL A 21 -5.92 -6.67 -13.43
CA VAL A 21 -5.20 -6.09 -12.27
C VAL A 21 -6.20 -5.83 -11.11
N GLU A 22 -7.29 -6.62 -11.10
CA GLU A 22 -8.34 -6.58 -10.07
C GLU A 22 -8.11 -7.71 -9.06
N PHE A 23 -7.96 -7.36 -7.78
CA PHE A 23 -7.74 -8.36 -6.73
C PHE A 23 -8.98 -9.26 -6.54
N ARG A 24 -8.74 -10.58 -6.62
CA ARG A 24 -9.76 -11.63 -6.46
C ARG A 24 -10.45 -11.51 -5.11
N ASP A 25 -9.64 -11.50 -4.06
CA ASP A 25 -10.06 -11.41 -2.69
C ASP A 25 -9.09 -10.47 -1.97
N LEU A 26 -9.63 -9.57 -1.15
CA LEU A 26 -8.82 -8.62 -0.35
C LEU A 26 -8.32 -9.29 0.94
N SER A 27 -8.78 -10.52 1.17
CA SER A 27 -8.19 -11.44 2.15
C SER A 27 -7.08 -12.28 1.50
N LYS A 28 -6.72 -11.94 0.25
CA LYS A 28 -5.65 -12.62 -0.51
C LYS A 28 -4.65 -11.59 -1.06
N VAL A 29 -4.73 -10.34 -0.55
CA VAL A 29 -3.74 -9.29 -0.87
C VAL A 29 -2.63 -9.27 0.20
N GLU A 30 -1.37 -9.39 -0.24
CA GLU A 30 -0.21 -9.27 0.66
C GLU A 30 0.53 -7.97 0.37
N PHE A 31 0.50 -7.08 1.35
CA PHE A 31 1.37 -5.90 1.39
C PHE A 31 2.77 -6.40 1.76
N VAL A 32 3.65 -6.48 0.75
CA VAL A 32 5.03 -7.00 0.91
C VAL A 32 5.78 -6.21 2.00
N GLY A 33 5.48 -4.90 2.07
CA GLY A 33 5.97 -4.04 3.13
C GLY A 33 6.51 -2.73 2.58
N ALA A 34 7.69 -2.35 3.07
CA ALA A 34 8.43 -1.17 2.61
C ALA A 34 9.90 -1.37 2.96
N TYR A 35 10.78 -0.67 2.25
CA TYR A 35 12.25 -0.82 2.36
C TYR A 35 12.88 0.57 2.44
N PRO A 36 14.13 0.73 3.03
CA PRO A 36 14.75 2.08 3.25
C PRO A 36 15.13 2.82 1.95
N SER A 37 14.87 2.20 0.78
CA SER A 37 15.11 2.79 -0.53
C SER A 37 14.14 2.17 -1.54
N TYR A 38 13.79 2.96 -2.58
CA TYR A 38 13.00 2.48 -3.72
C TYR A 38 13.78 1.40 -4.50
N ASP A 39 15.12 1.49 -4.51
CA ASP A 39 16.01 0.49 -5.14
C ASP A 39 15.80 -0.90 -4.50
N GLU A 40 15.71 -0.91 -3.16
CA GLU A 40 15.46 -2.12 -2.37
C GLU A 40 14.04 -2.67 -2.67
N ALA A 41 13.07 -1.75 -2.77
CA ALA A 41 11.67 -2.09 -3.06
C ALA A 41 11.52 -2.63 -4.50
N HIS A 42 12.37 -2.12 -5.41
CA HIS A 42 12.37 -2.51 -6.82
C HIS A 42 12.83 -3.96 -6.97
N LYS A 43 13.82 -4.37 -6.14
CA LYS A 43 14.32 -5.74 -6.16
C LYS A 43 13.34 -6.69 -5.44
N ALA A 44 12.70 -6.18 -4.37
CA ALA A 44 11.74 -6.95 -3.54
C ALA A 44 10.53 -7.42 -4.34
N TRP A 45 10.13 -6.61 -5.33
CA TRP A 45 9.04 -6.91 -6.27
C TRP A 45 9.24 -8.29 -6.96
N LYS A 46 10.43 -8.50 -7.56
CA LYS A 46 10.78 -9.76 -8.27
C LYS A 46 11.23 -10.83 -7.29
N ALA A 47 11.79 -10.40 -6.14
CA ALA A 47 12.14 -11.29 -5.02
C ALA A 47 10.88 -11.96 -4.43
N LYS A 48 9.69 -11.35 -4.69
CA LYS A 48 8.39 -11.96 -4.38
C LYS A 48 7.89 -12.80 -5.55
N ALA A 49 7.91 -12.20 -6.76
CA ALA A 49 7.35 -12.82 -7.99
C ALA A 49 7.94 -14.21 -8.25
N GLN A 50 9.24 -14.36 -7.96
CA GLN A 50 9.97 -15.65 -8.07
C GLN A 50 9.68 -16.56 -6.86
N ALA A 51 9.64 -15.94 -5.66
CA ALA A 51 9.49 -16.67 -4.38
C ALA A 51 8.14 -17.38 -4.27
N THR A 52 7.11 -16.77 -4.86
CA THR A 52 5.73 -17.24 -4.77
C THR A 52 5.39 -18.13 -5.98
N VAL A 53 5.92 -19.36 -5.94
CA VAL A 53 5.65 -20.41 -6.94
C VAL A 53 4.29 -21.08 -6.63
N ASP A 54 3.98 -21.17 -5.32
CA ASP A 54 2.76 -21.79 -4.78
C ASP A 54 1.51 -21.02 -5.23
N ASN A 55 1.64 -19.68 -5.25
CA ASN A 55 0.56 -18.75 -5.67
C ASN A 55 0.22 -18.92 -7.16
N ALA A 56 -1.01 -18.54 -7.52
CA ALA A 56 -1.52 -18.67 -8.90
C ALA A 56 -1.47 -17.32 -9.64
N HIS A 57 -2.29 -16.35 -9.16
CA HIS A 57 -2.43 -15.03 -9.82
C HIS A 57 -1.83 -13.91 -8.96
N ALA A 58 -0.94 -14.25 -8.02
CA ALA A 58 -0.32 -13.27 -7.12
C ALA A 58 0.80 -12.51 -7.84
N ARG A 59 0.42 -11.34 -8.37
CA ARG A 59 1.36 -10.42 -9.01
C ARG A 59 1.66 -9.33 -8.00
N TYR A 60 2.85 -9.42 -7.41
CA TYR A 60 3.35 -8.41 -6.48
C TYR A 60 3.92 -7.25 -7.28
N PHE A 61 3.51 -6.05 -6.91
CA PHE A 61 3.86 -4.80 -7.59
C PHE A 61 4.51 -3.82 -6.61
N ILE A 62 4.70 -2.58 -7.07
CA ILE A 62 5.18 -1.45 -6.25
C ILE A 62 4.14 -0.31 -6.38
N ILE A 63 3.98 0.53 -5.34
CA ILE A 63 3.23 1.81 -5.43
C ILE A 63 4.02 2.90 -4.68
N HIS A 64 4.01 4.11 -5.23
CA HIS A 64 4.66 5.28 -4.62
C HIS A 64 3.89 5.78 -3.39
N ALA A 65 4.63 5.92 -2.28
CA ALA A 65 4.10 6.46 -1.01
C ALA A 65 4.52 7.92 -0.84
N HIS A 66 4.64 8.64 -1.97
CA HIS A 66 5.01 10.07 -2.01
C HIS A 66 3.76 10.93 -2.02
N LYS A 67 2.77 10.52 -2.84
CA LYS A 67 1.46 11.19 -2.91
C LYS A 67 0.39 10.24 -2.34
N LEU A 68 0.04 10.48 -1.08
CA LEU A 68 -1.07 9.83 -0.40
C LEU A 68 -2.37 10.57 -0.71
N LEU A 69 -3.46 9.82 -0.73
CA LEU A 69 -4.80 10.39 -0.80
C LEU A 69 -5.24 10.74 0.62
N ASP A 70 -4.87 11.96 1.03
CA ASP A 70 -5.29 12.54 2.30
C ASP A 70 -6.64 13.27 2.10
N PRO A 71 -7.79 12.64 2.49
CA PRO A 71 -9.16 13.19 2.22
C PRO A 71 -9.41 14.56 2.91
N SER A 72 -8.47 14.96 3.78
CA SER A 72 -8.47 16.29 4.40
C SER A 72 -8.25 17.38 3.33
N GLU A 73 -7.23 17.19 2.47
CA GLU A 73 -6.87 18.16 1.41
C GLU A 73 -6.93 17.48 0.03
N GLY A 74 -6.09 16.45 -0.16
CA GLY A 74 -5.97 15.75 -1.44
C GLY A 74 -6.99 14.63 -1.62
N MET B 1 -21.42 -13.62 -8.53
CA MET B 1 -21.64 -12.62 -9.57
C MET B 1 -20.38 -12.51 -10.46
N PRO B 2 -20.51 -12.55 -11.82
CA PRO B 2 -19.36 -12.28 -12.74
C PRO B 2 -19.04 -10.77 -12.84
N ASP B 3 -18.71 -10.18 -11.68
CA ASP B 3 -18.39 -8.76 -11.53
C ASP B 3 -17.15 -8.62 -10.67
N LYS B 4 -16.21 -7.83 -11.14
CA LYS B 4 -14.93 -7.62 -10.48
C LYS B 4 -14.94 -6.29 -9.73
N GLN B 5 -14.29 -6.27 -8.57
CA GLN B 5 -14.11 -5.05 -7.78
C GLN B 5 -12.69 -4.52 -8.00
N LEU B 6 -12.46 -3.29 -7.54
CA LEU B 6 -11.16 -2.65 -7.48
C LEU B 6 -11.33 -1.31 -6.74
N LEU B 7 -10.37 -1.01 -5.87
CA LEU B 7 -10.54 0.02 -4.84
C LEU B 7 -9.20 0.65 -4.46
N HIS B 8 -9.30 1.74 -3.68
CA HIS B 8 -8.15 2.45 -3.15
C HIS B 8 -7.81 1.88 -1.76
N ILE B 9 -6.70 1.12 -1.69
CA ILE B 9 -6.27 0.44 -0.44
C ILE B 9 -5.87 1.46 0.63
N VAL B 10 -5.78 1.00 1.88
CA VAL B 10 -5.52 1.87 3.04
C VAL B 10 -4.22 1.47 3.74
N VAL B 11 -3.35 2.47 3.91
CA VAL B 11 -2.01 2.31 4.52
C VAL B 11 -1.80 3.37 5.61
N GLY B 12 -0.86 3.12 6.52
CA GLY B 12 -0.46 4.14 7.50
C GLY B 12 0.89 3.83 8.13
N GLY B 13 1.19 4.52 9.24
CA GLY B 13 2.44 4.32 9.98
C GLY B 13 2.94 5.62 10.56
N GLU B 14 3.92 5.54 11.48
CA GLU B 14 4.48 6.75 12.12
C GLU B 14 5.43 7.47 11.19
N LEU B 15 5.18 8.78 11.09
CA LEU B 15 6.02 9.73 10.36
C LEU B 15 7.10 10.30 11.30
N LYS B 16 8.10 10.94 10.73
CA LYS B 16 9.14 11.66 11.49
C LYS B 16 8.55 12.93 12.10
N ASP B 17 7.80 13.64 11.25
CA ASP B 17 7.06 14.87 11.62
C ASP B 17 5.55 14.58 11.61
N VAL B 18 4.73 15.64 11.65
CA VAL B 18 3.27 15.53 11.57
C VAL B 18 2.74 16.20 10.30
N ALA B 19 3.30 17.38 9.99
CA ALA B 19 2.93 18.15 8.78
C ALA B 19 3.45 17.47 7.48
N GLY B 20 4.48 16.59 7.61
CA GLY B 20 5.02 15.85 6.47
C GLY B 20 4.50 14.42 6.40
N VAL B 21 4.87 13.70 5.33
CA VAL B 21 4.45 12.29 5.10
C VAL B 21 5.70 11.38 4.89
N GLU B 22 6.81 11.80 5.48
CA GLU B 22 8.09 11.06 5.49
C GLU B 22 8.13 10.15 6.73
N PHE B 23 8.00 8.83 6.51
CA PHE B 23 7.95 7.83 7.61
C PHE B 23 9.24 7.79 8.44
N ARG B 24 9.08 7.45 9.73
CA ARG B 24 10.18 7.31 10.69
C ARG B 24 10.70 5.86 10.66
N ASP B 25 9.76 4.92 10.82
CA ASP B 25 10.03 3.48 10.81
C ASP B 25 9.13 2.80 9.77
N LEU B 26 9.77 2.04 8.88
CA LEU B 26 9.10 1.21 7.85
C LEU B 26 8.84 -0.20 8.38
N SER B 27 9.37 -0.47 9.57
CA SER B 27 8.96 -1.62 10.37
C SER B 27 7.69 -1.25 11.18
N LYS B 28 7.29 0.05 11.12
CA LYS B 28 6.06 0.56 11.80
C LYS B 28 5.04 1.12 10.80
N VAL B 29 5.24 0.90 9.47
CA VAL B 29 4.23 1.26 8.47
C VAL B 29 3.06 0.25 8.54
N GLU B 30 2.09 0.56 9.41
CA GLU B 30 0.93 -0.30 9.63
C GLU B 30 -0.03 -0.17 8.44
N PHE B 31 -0.05 -1.21 7.60
CA PHE B 31 -0.99 -1.33 6.50
C PHE B 31 -2.35 -1.68 7.09
N VAL B 32 -3.30 -0.73 6.99
CA VAL B 32 -4.67 -0.90 7.51
C VAL B 32 -5.34 -2.08 6.78
N GLY B 33 -5.01 -2.22 5.48
CA GLY B 33 -5.44 -3.33 4.65
C GLY B 33 -6.12 -2.83 3.38
N ALA B 34 -7.28 -3.40 3.08
CA ALA B 34 -8.10 -3.04 1.92
C ALA B 34 -9.56 -3.40 2.22
N TYR B 35 -10.49 -2.68 1.62
CA TYR B 35 -11.93 -2.75 1.94
C TYR B 35 -12.75 -2.85 0.64
N PRO B 36 -13.94 -3.56 0.64
CA PRO B 36 -14.66 -3.94 -0.62
C PRO B 36 -15.06 -2.77 -1.56
N SER B 37 -14.86 -1.52 -1.12
CA SER B 37 -15.14 -0.32 -1.92
C SER B 37 -14.27 0.84 -1.43
N TYR B 38 -14.21 1.91 -2.25
CA TYR B 38 -13.50 3.15 -1.91
C TYR B 38 -14.01 3.77 -0.59
N ASP B 39 -15.34 3.92 -0.47
CA ASP B 39 -15.98 4.58 0.70
C ASP B 39 -15.73 3.79 1.99
N GLU B 40 -15.61 2.46 1.87
CA GLU B 40 -15.29 1.56 2.98
C GLU B 40 -13.85 1.83 3.48
N ALA B 41 -12.93 2.03 2.51
CA ALA B 41 -11.53 2.37 2.78
C ALA B 41 -11.40 3.81 3.30
N HIS B 42 -12.28 4.69 2.78
CA HIS B 42 -12.31 6.10 3.14
C HIS B 42 -12.74 6.26 4.61
N LYS B 43 -13.75 5.49 5.01
CA LYS B 43 -14.26 5.54 6.38
C LYS B 43 -13.22 4.95 7.34
N ALA B 44 -12.46 3.94 6.84
CA ALA B 44 -11.37 3.29 7.59
C ALA B 44 -10.22 4.27 7.91
N TRP B 45 -9.97 5.22 6.99
CA TRP B 45 -8.95 6.28 7.14
C TRP B 45 -9.13 7.03 8.50
N LYS B 46 -10.33 7.61 8.70
CA LYS B 46 -10.63 8.38 9.93
C LYS B 46 -10.95 7.45 11.10
N ALA B 47 -11.49 6.25 10.80
CA ALA B 47 -11.75 5.22 11.82
C ALA B 47 -10.46 4.82 12.53
N LYS B 48 -9.34 4.85 11.79
CA LYS B 48 -7.99 4.57 12.31
C LYS B 48 -7.41 5.79 13.03
N ALA B 49 -7.56 6.98 12.39
CA ALA B 49 -7.06 8.25 12.94
C ALA B 49 -7.65 8.55 14.35
N GLN B 50 -8.92 8.17 14.53
CA GLN B 50 -9.67 8.36 15.80
C GLN B 50 -9.48 7.19 16.76
N ALA B 51 -9.22 5.99 16.21
CA ALA B 51 -9.02 4.77 17.02
C ALA B 51 -7.73 4.89 17.84
N THR B 52 -6.61 5.05 17.13
CA THR B 52 -5.28 5.14 17.76
C THR B 52 -4.90 6.61 17.99
N VAL B 53 -5.42 7.15 19.10
CA VAL B 53 -4.93 8.41 19.69
C VAL B 53 -3.69 8.08 20.56
N ASP B 54 -3.56 6.76 20.88
CA ASP B 54 -2.40 6.14 21.55
C ASP B 54 -1.08 6.49 20.83
N ASN B 55 -1.09 6.37 19.49
CA ASN B 55 0.05 6.73 18.64
C ASN B 55 0.26 8.25 18.59
N ALA B 56 1.53 8.64 18.38
CA ALA B 56 1.91 10.04 18.22
C ALA B 56 1.81 10.47 16.75
N HIS B 57 2.81 10.12 15.93
CA HIS B 57 2.95 10.65 14.54
C HIS B 57 2.36 9.71 13.49
N ALA B 58 1.55 8.73 13.92
CA ALA B 58 0.96 7.74 13.00
C ALA B 58 -0.27 8.30 12.31
N ARG B 59 -0.09 8.77 11.08
CA ARG B 59 -1.18 9.30 10.24
C ARG B 59 -1.49 8.28 9.16
N TYR B 60 -2.71 7.75 9.23
CA TYR B 60 -3.21 6.72 8.32
C TYR B 60 -3.92 7.40 7.16
N PHE B 61 -3.43 7.13 5.94
CA PHE B 61 -3.95 7.71 4.70
C PHE B 61 -4.51 6.60 3.80
N ILE B 62 -4.89 6.98 2.57
CA ILE B 62 -5.35 6.05 1.55
C ILE B 62 -4.36 6.11 0.38
N ILE B 63 -4.15 4.99 -0.31
CA ILE B 63 -3.38 4.92 -1.55
C ILE B 63 -4.29 4.51 -2.72
N HIS B 64 -4.11 5.20 -3.85
CA HIS B 64 -4.79 4.88 -5.10
C HIS B 64 -4.19 3.60 -5.73
N ALA B 65 -4.75 2.46 -5.35
CA ALA B 65 -4.42 1.17 -5.95
C ALA B 65 -5.27 0.97 -7.21
N HIS B 66 -4.64 1.12 -8.38
CA HIS B 66 -5.25 0.87 -9.70
C HIS B 66 -4.16 1.01 -10.76
N LYS B 67 -3.36 2.10 -10.64
CA LYS B 67 -2.15 2.28 -11.44
C LYS B 67 -0.95 1.82 -10.59
N LEU B 68 -0.62 0.54 -10.76
CA LEU B 68 0.52 -0.11 -10.11
C LEU B 68 1.81 0.28 -10.84
N LEU B 69 2.88 0.46 -10.08
CA LEU B 69 4.23 0.71 -10.61
C LEU B 69 4.91 -0.63 -10.84
N ASP B 70 4.50 -1.28 -11.93
CA ASP B 70 5.08 -2.54 -12.37
C ASP B 70 6.34 -2.26 -13.23
N PRO B 71 7.55 -2.68 -12.77
CA PRO B 71 8.81 -2.57 -13.56
C PRO B 71 8.78 -3.37 -14.90
N SER B 72 7.79 -4.27 -15.02
CA SER B 72 7.57 -5.09 -16.23
C SER B 72 7.25 -4.23 -17.47
N GLU B 73 6.14 -3.46 -17.40
CA GLU B 73 5.63 -2.66 -18.55
C GLU B 73 5.72 -1.15 -18.27
N GLY B 74 6.05 -0.78 -17.01
CA GLY B 74 6.21 0.63 -16.61
C GLY B 74 7.61 1.18 -16.87
N MET A 1 22.85 7.82 -1.21
CA MET A 1 22.50 8.43 0.09
C MET A 1 20.97 8.57 0.20
N PRO A 2 20.28 7.69 1.00
CA PRO A 2 18.83 7.80 1.24
C PRO A 2 18.52 8.93 2.23
N ASP A 3 18.48 10.17 1.71
CA ASP A 3 18.16 11.40 2.48
C ASP A 3 16.64 11.65 2.50
N LYS A 4 15.89 10.67 2.01
CA LYS A 4 14.46 10.74 1.79
C LYS A 4 13.85 9.37 2.14
N GLN A 5 13.28 9.27 3.36
CA GLN A 5 12.61 8.05 3.84
C GLN A 5 11.31 7.78 3.07
N LEU A 6 10.66 8.86 2.62
CA LEU A 6 9.36 8.79 1.96
C LEU A 6 9.54 8.40 0.49
N LEU A 7 9.08 7.18 0.16
CA LEU A 7 9.49 6.47 -1.06
C LEU A 7 8.35 5.62 -1.64
N HIS A 8 8.69 4.71 -2.57
CA HIS A 8 7.73 3.79 -3.21
C HIS A 8 7.66 2.46 -2.43
N ILE A 9 6.56 2.26 -1.67
CA ILE A 9 6.33 1.00 -0.92
C ILE A 9 5.96 -0.13 -1.87
N VAL A 10 6.01 -1.36 -1.37
CA VAL A 10 5.74 -2.59 -2.17
C VAL A 10 4.50 -3.31 -1.65
N VAL A 11 3.58 -3.61 -2.58
CA VAL A 11 2.30 -4.26 -2.31
C VAL A 11 1.91 -5.16 -3.48
N GLY A 12 1.35 -6.31 -3.16
CA GLY A 12 0.80 -7.23 -4.14
C GLY A 12 -0.35 -8.00 -3.56
N GLY A 13 -0.55 -9.22 -4.03
CA GLY A 13 -1.59 -10.11 -3.52
C GLY A 13 -2.05 -11.08 -4.57
N GLU A 14 -3.07 -11.91 -4.25
CA GLU A 14 -3.59 -12.89 -5.20
C GLU A 14 -4.66 -12.28 -6.09
N LEU A 15 -4.37 -12.36 -7.39
CA LEU A 15 -5.27 -11.99 -8.47
C LEU A 15 -6.21 -13.19 -8.75
N LYS A 16 -7.15 -12.99 -9.67
CA LYS A 16 -7.95 -14.10 -10.26
C LYS A 16 -7.52 -14.30 -11.72
N ASP A 17 -6.33 -13.77 -12.06
CA ASP A 17 -5.74 -13.87 -13.39
C ASP A 17 -4.20 -13.84 -13.25
N VAL A 18 -3.48 -14.12 -14.33
CA VAL A 18 -2.01 -14.17 -14.32
C VAL A 18 -1.38 -12.83 -14.73
N ALA A 19 -1.92 -12.22 -15.78
CA ALA A 19 -1.39 -10.97 -16.38
C ALA A 19 -2.30 -9.78 -16.06
N GLY A 20 -3.57 -10.08 -15.73
CA GLY A 20 -4.58 -9.06 -15.40
C GLY A 20 -4.47 -8.62 -13.95
N VAL A 21 -4.70 -7.32 -13.70
CA VAL A 21 -4.55 -6.71 -12.35
C VAL A 21 -5.88 -6.80 -11.55
N GLU A 22 -6.61 -7.90 -11.79
CA GLU A 22 -7.92 -8.17 -11.19
C GLU A 22 -7.70 -8.92 -9.87
N PHE A 23 -7.50 -8.16 -8.78
CA PHE A 23 -7.34 -8.74 -7.43
C PHE A 23 -8.60 -9.52 -7.05
N ARG A 24 -8.44 -10.83 -6.86
CA ARG A 24 -9.54 -11.76 -6.58
C ARG A 24 -10.24 -11.40 -5.27
N ASP A 25 -9.42 -11.02 -4.28
CA ASP A 25 -9.89 -10.64 -2.96
C ASP A 25 -8.91 -9.63 -2.35
N LEU A 26 -9.46 -8.49 -1.91
CA LEU A 26 -8.73 -7.34 -1.40
C LEU A 26 -8.28 -7.53 0.07
N SER A 27 -8.71 -8.64 0.72
CA SER A 27 -8.19 -9.00 2.06
C SER A 27 -6.97 -9.93 1.89
N LYS A 28 -6.86 -10.56 0.69
CA LYS A 28 -5.74 -11.45 0.32
C LYS A 28 -4.64 -10.69 -0.44
N VAL A 29 -4.59 -9.35 -0.28
CA VAL A 29 -3.51 -8.54 -0.82
C VAL A 29 -2.34 -8.54 0.19
N GLU A 30 -1.29 -9.31 -0.13
CA GLU A 30 -0.08 -9.36 0.71
C GLU A 30 0.77 -8.11 0.46
N PHE A 31 0.81 -7.23 1.46
CA PHE A 31 1.69 -6.08 1.49
C PHE A 31 3.12 -6.58 1.76
N VAL A 32 3.98 -6.50 0.74
CA VAL A 32 5.38 -6.93 0.83
C VAL A 32 6.16 -6.03 1.82
N GLY A 33 5.65 -4.81 2.01
CA GLY A 33 6.14 -3.90 3.04
C GLY A 33 6.64 -2.60 2.45
N ALA A 34 7.77 -2.13 2.97
CA ALA A 34 8.45 -0.93 2.47
C ALA A 34 9.92 -0.96 2.91
N TYR A 35 10.74 -0.15 2.25
CA TYR A 35 12.20 -0.14 2.42
C TYR A 35 12.70 1.31 2.58
N PRO A 36 13.96 1.55 3.09
CA PRO A 36 14.48 2.94 3.30
C PRO A 36 14.96 3.64 2.01
N SER A 37 14.77 2.99 0.85
CA SER A 37 15.26 3.48 -0.45
C SER A 37 14.47 2.80 -1.58
N TYR A 38 14.43 3.47 -2.75
CA TYR A 38 13.60 3.05 -3.89
C TYR A 38 13.97 1.66 -4.39
N ASP A 39 15.23 1.49 -4.82
CA ASP A 39 15.68 0.25 -5.50
C ASP A 39 15.68 -0.95 -4.55
N GLU A 40 15.66 -0.69 -3.23
CA GLU A 40 15.49 -1.73 -2.21
C GLU A 40 14.07 -2.35 -2.31
N ALA A 41 13.06 -1.49 -2.48
CA ALA A 41 11.66 -1.90 -2.66
C ALA A 41 11.47 -2.51 -4.06
N HIS A 42 12.02 -1.80 -5.07
CA HIS A 42 11.99 -2.19 -6.49
C HIS A 42 12.54 -3.60 -6.70
N LYS A 43 13.66 -3.92 -6.06
CA LYS A 43 14.33 -5.22 -6.25
C LYS A 43 13.56 -6.34 -5.54
N ALA A 44 12.88 -5.98 -4.44
CA ALA A 44 12.07 -6.90 -3.65
C ALA A 44 10.81 -7.35 -4.41
N TRP A 45 10.34 -6.48 -5.33
CA TRP A 45 9.17 -6.75 -6.21
C TRP A 45 9.33 -8.11 -6.94
N LYS A 46 10.47 -8.27 -7.63
CA LYS A 46 10.74 -9.45 -8.50
C LYS A 46 11.27 -10.61 -7.67
N ALA A 47 12.03 -10.29 -6.61
CA ALA A 47 12.53 -11.29 -5.65
C ALA A 47 11.36 -12.07 -5.04
N LYS A 48 10.27 -11.36 -4.77
CA LYS A 48 9.07 -11.92 -4.15
C LYS A 48 8.14 -12.56 -5.20
N ALA A 49 7.94 -11.86 -6.33
CA ALA A 49 7.04 -12.32 -7.41
C ALA A 49 7.45 -13.68 -7.97
N GLN A 50 8.77 -13.90 -8.08
CA GLN A 50 9.36 -15.18 -8.54
C GLN A 50 9.27 -16.25 -7.44
N ALA A 51 9.38 -15.82 -6.17
CA ALA A 51 9.41 -16.73 -5.01
C ALA A 51 8.02 -17.30 -4.70
N THR A 52 6.96 -16.48 -4.91
CA THR A 52 5.59 -16.83 -4.50
C THR A 52 4.82 -17.54 -5.63
N VAL A 53 5.27 -18.77 -5.93
CA VAL A 53 4.61 -19.66 -6.90
C VAL A 53 3.61 -20.58 -6.14
N ASP A 54 3.80 -20.71 -4.81
CA ASP A 54 2.91 -21.48 -3.90
C ASP A 54 1.45 -21.02 -4.03
N ASN A 55 1.29 -19.71 -4.17
CA ASN A 55 -0.01 -19.05 -4.38
C ASN A 55 -0.53 -19.36 -5.79
N ALA A 56 -1.84 -19.19 -5.99
CA ALA A 56 -2.48 -19.42 -7.29
C ALA A 56 -2.11 -18.29 -8.26
N HIS A 57 -2.28 -17.03 -7.83
CA HIS A 57 -2.06 -15.85 -8.72
C HIS A 57 -1.41 -14.65 -7.99
N ALA A 58 -0.60 -14.91 -6.94
CA ALA A 58 0.11 -13.81 -6.23
C ALA A 58 1.12 -13.12 -7.14
N ARG A 59 0.71 -11.97 -7.68
CA ARG A 59 1.52 -11.11 -8.53
C ARG A 59 1.77 -9.84 -7.75
N TYR A 60 3.02 -9.57 -7.39
CA TYR A 60 3.39 -8.42 -6.56
C TYR A 60 3.84 -7.25 -7.42
N PHE A 61 3.41 -6.05 -6.98
CA PHE A 61 3.59 -4.79 -7.68
C PHE A 61 4.23 -3.76 -6.73
N ILE A 62 4.22 -2.46 -7.12
CA ILE A 62 4.79 -1.36 -6.33
C ILE A 62 3.79 -0.17 -6.34
N ILE A 63 3.93 0.74 -5.37
CA ILE A 63 3.12 1.98 -5.26
C ILE A 63 4.00 3.13 -4.74
N HIS A 64 3.78 4.35 -5.26
CA HIS A 64 4.37 5.57 -4.69
C HIS A 64 3.63 5.94 -3.39
N ALA A 65 4.34 5.89 -2.25
CA ALA A 65 3.79 6.31 -0.95
C ALA A 65 4.18 7.76 -0.63
N HIS A 66 4.83 8.42 -1.59
CA HIS A 66 5.31 9.79 -1.42
C HIS A 66 4.13 10.78 -1.42
N LYS A 67 3.12 10.49 -2.26
CA LYS A 67 1.87 11.24 -2.30
C LYS A 67 0.71 10.33 -1.89
N LEU A 68 0.05 10.67 -0.78
CA LEU A 68 -1.11 9.92 -0.27
C LEU A 68 -2.39 10.71 -0.51
N LEU A 69 -3.45 9.98 -0.86
CA LEU A 69 -4.77 10.53 -1.17
C LEU A 69 -5.53 10.78 0.15
N ASP A 70 -5.23 11.94 0.73
CA ASP A 70 -5.85 12.38 1.98
C ASP A 70 -7.14 13.16 1.69
N PRO A 71 -8.33 12.64 2.14
CA PRO A 71 -9.61 13.35 2.02
C PRO A 71 -9.79 14.47 3.06
N SER A 72 -9.02 14.38 4.17
CA SER A 72 -9.15 15.31 5.31
C SER A 72 -8.69 16.72 4.91
N GLU A 73 -7.37 16.88 4.74
CA GLU A 73 -6.72 18.17 4.44
C GLU A 73 -6.59 18.37 2.92
N GLY A 74 -6.37 17.26 2.18
CA GLY A 74 -6.22 17.31 0.71
C GLY A 74 -7.53 17.14 -0.04
N MET B 1 -23.42 -0.96 -6.11
CA MET B 1 -22.88 -2.21 -6.68
C MET B 1 -21.37 -2.05 -6.97
N PRO B 2 -20.49 -2.95 -6.43
CA PRO B 2 -19.05 -2.97 -6.80
C PRO B 2 -18.85 -3.62 -8.20
N ASP B 3 -18.79 -2.76 -9.24
CA ASP B 3 -18.53 -3.21 -10.64
C ASP B 3 -17.04 -3.40 -10.91
N LYS B 4 -16.24 -3.04 -9.91
CA LYS B 4 -14.79 -3.04 -9.97
C LYS B 4 -14.25 -3.32 -8.56
N GLN B 5 -13.63 -4.51 -8.39
CA GLN B 5 -13.03 -4.91 -7.10
C GLN B 5 -11.77 -4.09 -6.78
N LEU B 6 -11.12 -3.57 -7.84
CA LEU B 6 -9.87 -2.82 -7.75
C LEU B 6 -10.16 -1.35 -7.44
N LEU B 7 -9.49 -0.85 -6.40
CA LEU B 7 -9.86 0.39 -5.74
C LEU B 7 -8.65 1.02 -5.03
N HIS B 8 -8.93 2.03 -4.20
CA HIS B 8 -7.91 2.77 -3.44
C HIS B 8 -7.66 2.08 -2.10
N ILE B 9 -6.58 1.27 -2.02
CA ILE B 9 -6.22 0.55 -0.77
C ILE B 9 -5.74 1.54 0.30
N VAL B 10 -5.66 1.07 1.54
CA VAL B 10 -5.42 1.92 2.71
C VAL B 10 -4.15 1.52 3.47
N VAL B 11 -3.37 2.54 3.86
CA VAL B 11 -2.08 2.40 4.54
C VAL B 11 -1.75 3.68 5.35
N GLY B 12 -1.03 3.49 6.45
CA GLY B 12 -0.47 4.59 7.23
C GLY B 12 0.61 4.07 8.16
N GLY B 13 0.96 4.87 9.18
CA GLY B 13 1.98 4.48 10.16
C GLY B 13 2.44 5.67 10.97
N GLU B 14 3.44 5.46 11.86
CA GLU B 14 3.94 6.54 12.72
C GLU B 14 4.93 7.45 12.00
N LEU B 15 4.77 8.74 12.28
CA LEU B 15 5.53 9.83 11.69
C LEU B 15 6.62 10.28 12.69
N LYS B 16 7.69 10.90 12.16
CA LYS B 16 8.66 11.64 13.00
C LYS B 16 8.47 13.16 12.80
N ASP B 17 7.42 13.55 12.06
CA ASP B 17 7.14 14.97 11.75
C ASP B 17 5.66 15.27 12.09
N VAL B 18 5.41 16.47 12.64
CA VAL B 18 4.08 16.87 13.12
C VAL B 18 3.11 17.23 11.96
N ALA B 19 3.59 18.03 11.01
CA ALA B 19 2.75 18.56 9.91
C ALA B 19 2.98 17.80 8.59
N GLY B 20 4.10 17.05 8.54
CA GLY B 20 4.52 16.32 7.33
C GLY B 20 4.21 14.84 7.44
N VAL B 21 4.05 14.19 6.27
CA VAL B 21 3.75 12.74 6.18
C VAL B 21 5.08 11.95 6.12
N GLU B 22 6.02 12.36 6.96
CA GLU B 22 7.37 11.84 7.00
C GLU B 22 7.45 10.66 7.98
N PHE B 23 7.15 9.46 7.44
CA PHE B 23 7.14 8.20 8.19
C PHE B 23 8.50 7.95 8.86
N ARG B 24 8.46 7.81 10.19
CA ARG B 24 9.64 7.57 11.04
C ARG B 24 10.40 6.31 10.62
N ASP B 25 9.66 5.26 10.26
CA ASP B 25 10.22 4.01 9.76
C ASP B 25 9.19 3.36 8.82
N LEU B 26 9.66 2.99 7.63
CA LEU B 26 8.82 2.48 6.54
C LEU B 26 8.40 1.01 6.78
N SER B 27 9.11 0.29 7.66
CA SER B 27 8.71 -1.06 8.08
C SER B 27 7.67 -0.97 9.22
N LYS B 28 7.69 0.17 9.96
CA LYS B 28 6.74 0.45 11.06
C LYS B 28 5.46 1.14 10.55
N VAL B 29 5.24 1.14 9.22
CA VAL B 29 3.98 1.63 8.63
C VAL B 29 2.97 0.46 8.63
N GLU B 30 1.85 0.65 9.34
CA GLU B 30 0.79 -0.34 9.41
C GLU B 30 -0.15 -0.17 8.21
N PHE B 31 -0.09 -1.15 7.32
CA PHE B 31 -0.98 -1.26 6.16
C PHE B 31 -2.38 -1.64 6.66
N VAL B 32 -3.32 -0.70 6.53
CA VAL B 32 -4.70 -0.84 7.04
C VAL B 32 -5.45 -1.98 6.33
N GLY B 33 -5.08 -2.24 5.08
CA GLY B 33 -5.62 -3.34 4.29
C GLY B 33 -6.19 -2.85 2.98
N ALA B 34 -7.29 -3.46 2.56
CA ALA B 34 -8.05 -3.06 1.36
C ALA B 34 -9.47 -3.64 1.46
N TYR B 35 -10.40 -3.03 0.74
CA TYR B 35 -11.84 -3.37 0.83
C TYR B 35 -12.43 -3.57 -0.58
N PRO B 36 -13.57 -4.31 -0.74
CA PRO B 36 -14.14 -4.64 -2.09
C PRO B 36 -14.81 -3.44 -2.83
N SER B 37 -14.63 -2.21 -2.30
CA SER B 37 -15.15 -0.99 -2.91
C SER B 37 -14.40 0.24 -2.37
N TYR B 38 -14.43 1.34 -3.16
CA TYR B 38 -13.69 2.57 -2.89
C TYR B 38 -14.04 3.19 -1.52
N ASP B 39 -15.35 3.42 -1.28
CA ASP B 39 -15.86 4.12 -0.09
C ASP B 39 -15.56 3.35 1.20
N GLU B 40 -15.49 2.02 1.09
CA GLU B 40 -15.24 1.13 2.22
C GLU B 40 -13.80 1.32 2.76
N ALA B 41 -12.83 1.47 1.82
CA ALA B 41 -11.43 1.74 2.18
C ALA B 41 -11.28 3.21 2.58
N HIS B 42 -11.99 4.08 1.85
CA HIS B 42 -12.03 5.53 2.11
C HIS B 42 -12.47 5.82 3.55
N LYS B 43 -13.33 4.92 4.07
CA LYS B 43 -13.86 5.02 5.44
C LYS B 43 -12.79 4.57 6.46
N ALA B 44 -12.01 3.53 6.09
CA ALA B 44 -11.00 2.91 6.95
C ALA B 44 -9.90 3.90 7.38
N TRP B 45 -9.64 4.90 6.51
CA TRP B 45 -8.75 6.05 6.82
C TRP B 45 -9.17 6.71 8.17
N LYS B 46 -10.48 7.04 8.26
CA LYS B 46 -11.07 7.72 9.44
C LYS B 46 -11.23 6.76 10.62
N ALA B 47 -11.60 5.50 10.31
CA ALA B 47 -11.81 4.45 11.32
C ALA B 47 -10.49 4.12 12.05
N LYS B 48 -9.35 4.39 11.39
CA LYS B 48 -8.01 4.24 11.98
C LYS B 48 -7.55 5.55 12.64
N ALA B 49 -7.73 6.67 11.93
CA ALA B 49 -7.24 8.00 12.35
C ALA B 49 -7.84 8.45 13.70
N GLN B 50 -9.06 7.99 13.98
CA GLN B 50 -9.77 8.27 15.24
C GLN B 50 -9.44 7.19 16.29
N ALA B 51 -9.07 5.99 15.82
CA ALA B 51 -8.77 4.84 16.70
C ALA B 51 -7.29 4.85 17.16
N THR B 52 -6.51 5.86 16.72
CA THR B 52 -5.11 6.03 17.14
C THR B 52 -5.02 6.66 18.55
N VAL B 53 -5.43 5.86 19.54
CA VAL B 53 -5.34 6.23 20.98
C VAL B 53 -4.14 5.50 21.60
N ASP B 54 -3.96 4.25 21.17
CA ASP B 54 -2.79 3.41 21.52
C ASP B 54 -1.53 3.93 20.79
N ASN B 55 -1.74 4.43 19.56
CA ASN B 55 -0.66 5.05 18.76
C ASN B 55 -0.35 6.47 19.27
N ALA B 56 0.93 6.84 19.19
CA ALA B 56 1.42 8.17 19.58
C ALA B 56 1.31 9.15 18.42
N HIS B 57 2.09 8.89 17.36
CA HIS B 57 2.30 9.85 16.27
C HIS B 57 1.93 9.24 14.91
N ALA B 58 1.03 8.25 14.94
CA ALA B 58 0.55 7.60 13.71
C ALA B 58 -0.54 8.43 13.01
N ARG B 59 -0.54 8.34 11.68
CA ARG B 59 -1.56 8.95 10.83
C ARG B 59 -1.76 8.06 9.61
N TYR B 60 -3.00 7.66 9.37
CA TYR B 60 -3.37 6.69 8.32
C TYR B 60 -4.09 7.39 7.17
N PHE B 61 -3.63 7.08 5.95
CA PHE B 61 -4.10 7.70 4.70
C PHE B 61 -4.57 6.61 3.72
N ILE B 62 -4.65 6.97 2.42
CA ILE B 62 -5.16 6.10 1.35
C ILE B 62 -4.23 6.29 0.13
N ILE B 63 -4.16 5.30 -0.77
CA ILE B 63 -3.49 5.45 -2.08
C ILE B 63 -4.33 4.77 -3.15
N HIS B 64 -4.24 5.30 -4.39
CA HIS B 64 -4.89 4.66 -5.54
C HIS B 64 -4.05 3.43 -5.95
N ALA B 65 -4.64 2.24 -5.79
CA ALA B 65 -3.98 0.97 -6.14
C ALA B 65 -4.46 0.45 -7.50
N HIS B 66 -5.28 1.27 -8.19
CA HIS B 66 -5.81 0.93 -9.51
C HIS B 66 -4.66 0.87 -10.52
N LYS B 67 -3.81 1.91 -10.50
CA LYS B 67 -2.57 1.96 -11.28
C LYS B 67 -1.40 1.65 -10.34
N LEU B 68 -0.80 0.48 -10.53
CA LEU B 68 0.38 0.03 -9.78
C LEU B 68 1.65 0.29 -10.62
N LEU B 69 2.72 0.66 -9.91
CA LEU B 69 4.01 1.02 -10.50
C LEU B 69 4.86 -0.24 -10.73
N ASP B 70 4.38 -1.09 -11.64
CA ASP B 70 5.05 -2.36 -11.95
C ASP B 70 6.16 -2.11 -12.99
N PRO B 71 7.42 -2.54 -12.68
CA PRO B 71 8.55 -2.55 -13.63
C PRO B 71 8.59 -3.86 -14.47
N SER B 72 7.46 -4.57 -14.51
CA SER B 72 7.33 -5.83 -15.24
C SER B 72 6.77 -5.55 -16.64
N GLU B 73 5.48 -5.16 -16.70
CA GLU B 73 4.77 -4.95 -17.97
C GLU B 73 4.75 -3.47 -18.35
N GLY B 74 4.45 -2.60 -17.38
CA GLY B 74 4.36 -1.15 -17.59
C GLY B 74 5.73 -0.49 -17.79
N MET A 1 24.26 12.91 2.15
CA MET A 1 23.68 11.88 1.26
C MET A 1 22.12 11.95 1.33
N PRO A 2 21.41 12.25 0.20
CA PRO A 2 19.98 12.62 0.22
C PRO A 2 19.02 11.41 0.17
N ASP A 3 19.10 10.54 1.21
CA ASP A 3 18.17 9.41 1.36
C ASP A 3 16.88 9.86 2.05
N LYS A 4 15.79 9.91 1.27
CA LYS A 4 14.44 10.04 1.80
C LYS A 4 13.88 8.63 2.03
N GLN A 5 13.68 8.26 3.31
CA GLN A 5 13.12 6.94 3.71
C GLN A 5 11.69 6.74 3.15
N LEU A 6 11.04 7.87 2.80
CA LEU A 6 9.76 7.91 2.09
C LEU A 6 10.01 7.56 0.61
N LEU A 7 9.34 6.52 0.13
CA LEU A 7 9.67 5.87 -1.14
C LEU A 7 8.47 5.11 -1.71
N HIS A 8 8.74 4.22 -2.67
CA HIS A 8 7.73 3.37 -3.30
C HIS A 8 7.56 2.08 -2.48
N ILE A 9 6.53 2.02 -1.61
CA ILE A 9 6.26 0.82 -0.78
C ILE A 9 5.82 -0.36 -1.66
N VAL A 10 5.92 -1.57 -1.12
CA VAL A 10 5.68 -2.81 -1.87
C VAL A 10 4.41 -3.53 -1.40
N VAL A 11 3.57 -3.87 -2.37
CA VAL A 11 2.25 -4.50 -2.17
C VAL A 11 2.11 -5.70 -3.13
N GLY A 12 1.22 -6.64 -2.80
CA GLY A 12 0.95 -7.78 -3.67
C GLY A 12 -0.16 -8.67 -3.15
N GLY A 13 -0.02 -9.99 -3.38
CA GLY A 13 -1.03 -10.98 -2.99
C GLY A 13 -1.55 -11.65 -4.24
N GLU A 14 -2.71 -12.30 -4.16
CA GLU A 14 -3.33 -12.94 -5.34
C GLU A 14 -4.26 -11.97 -6.05
N LEU A 15 -4.14 -11.96 -7.37
CA LEU A 15 -5.03 -11.25 -8.27
C LEU A 15 -6.07 -12.22 -8.86
N LYS A 16 -6.98 -11.73 -9.70
CA LYS A 16 -7.97 -12.58 -10.40
C LYS A 16 -7.36 -13.15 -11.69
N ASP A 17 -6.39 -12.43 -12.25
CA ASP A 17 -5.75 -12.78 -13.53
C ASP A 17 -4.32 -12.21 -13.57
N VAL A 18 -3.49 -12.79 -14.46
CA VAL A 18 -2.10 -12.36 -14.66
C VAL A 18 -2.00 -10.91 -15.19
N ALA A 19 -2.80 -10.60 -16.22
CA ALA A 19 -2.84 -9.26 -16.84
C ALA A 19 -3.91 -8.40 -16.16
N GLY A 20 -4.91 -9.07 -15.57
CA GLY A 20 -6.01 -8.41 -14.88
C GLY A 20 -5.58 -7.95 -13.49
N VAL A 21 -5.25 -6.65 -13.38
CA VAL A 21 -4.77 -6.03 -12.14
C VAL A 21 -5.99 -5.72 -11.25
N GLU A 22 -6.55 -6.79 -10.70
CA GLU A 22 -7.67 -6.79 -9.74
C GLU A 22 -7.40 -7.85 -8.68
N PHE A 23 -7.70 -7.55 -7.42
CA PHE A 23 -7.35 -8.41 -6.27
C PHE A 23 -8.39 -9.55 -6.11
N ARG A 24 -7.89 -10.79 -5.99
CA ARG A 24 -8.73 -12.00 -5.83
C ARG A 24 -9.45 -11.98 -4.47
N ASP A 25 -8.73 -11.51 -3.45
CA ASP A 25 -9.26 -11.38 -2.08
C ASP A 25 -8.51 -10.26 -1.36
N LEU A 26 -9.26 -9.23 -0.94
CA LEU A 26 -8.74 -7.98 -0.35
C LEU A 26 -8.14 -8.21 1.04
N SER A 27 -8.62 -9.26 1.73
CA SER A 27 -8.11 -9.67 3.05
C SER A 27 -6.84 -10.55 2.91
N LYS A 28 -6.58 -11.03 1.67
CA LYS A 28 -5.37 -11.80 1.32
C LYS A 28 -4.48 -11.03 0.31
N VAL A 29 -4.69 -9.70 0.23
CA VAL A 29 -3.74 -8.79 -0.43
C VAL A 29 -2.54 -8.62 0.51
N GLU A 30 -1.44 -9.33 0.22
CA GLU A 30 -0.24 -9.28 1.05
C GLU A 30 0.57 -8.03 0.72
N PHE A 31 0.55 -7.07 1.62
CA PHE A 31 1.42 -5.91 1.57
C PHE A 31 2.82 -6.37 1.95
N VAL A 32 3.69 -6.49 0.91
CA VAL A 32 5.07 -7.01 1.05
C VAL A 32 5.86 -6.23 2.14
N GLY A 33 5.47 -4.96 2.31
CA GLY A 33 5.98 -4.10 3.37
C GLY A 33 6.45 -2.78 2.81
N ALA A 34 7.55 -2.30 3.35
CA ALA A 34 8.22 -1.09 2.88
C ALA A 34 9.68 -1.17 3.31
N TYR A 35 10.56 -0.45 2.60
CA TYR A 35 12.02 -0.49 2.84
C TYR A 35 12.55 0.94 2.90
N PRO A 36 13.68 1.23 3.61
CA PRO A 36 14.18 2.61 3.78
C PRO A 36 14.89 3.18 2.52
N SER A 37 14.76 2.47 1.37
CA SER A 37 15.36 2.86 0.09
C SER A 37 14.55 2.26 -1.08
N TYR A 38 14.52 2.99 -2.20
CA TYR A 38 13.74 2.62 -3.40
C TYR A 38 14.20 1.26 -3.98
N ASP A 39 15.53 1.10 -4.13
CA ASP A 39 16.15 -0.07 -4.78
C ASP A 39 15.83 -1.36 -4.00
N GLU A 40 15.70 -1.24 -2.67
CA GLU A 40 15.38 -2.38 -1.78
C GLU A 40 13.93 -2.86 -2.03
N ALA A 41 13.01 -1.90 -2.22
CA ALA A 41 11.60 -2.20 -2.48
C ALA A 41 11.43 -2.75 -3.91
N HIS A 42 12.17 -2.14 -4.85
CA HIS A 42 12.20 -2.57 -6.25
C HIS A 42 12.75 -4.00 -6.35
N LYS A 43 13.72 -4.32 -5.50
CA LYS A 43 14.33 -5.64 -5.48
C LYS A 43 13.37 -6.69 -4.90
N ALA A 44 12.56 -6.24 -3.91
CA ALA A 44 11.54 -7.07 -3.26
C ALA A 44 10.44 -7.49 -4.24
N TRP A 45 10.14 -6.61 -5.23
CA TRP A 45 9.16 -6.90 -6.31
C TRP A 45 9.46 -8.27 -6.98
N LYS A 46 10.70 -8.44 -7.46
CA LYS A 46 11.13 -9.66 -8.20
C LYS A 46 11.51 -10.78 -7.23
N ALA A 47 11.99 -10.42 -6.02
CA ALA A 47 12.32 -11.40 -4.96
C ALA A 47 11.06 -12.16 -4.52
N LYS A 48 9.91 -11.46 -4.56
CA LYS A 48 8.61 -12.03 -4.21
C LYS A 48 7.99 -12.75 -5.40
N ALA A 49 8.00 -12.09 -6.58
CA ALA A 49 7.40 -12.61 -7.81
C ALA A 49 7.97 -14.00 -8.18
N GLN A 50 9.30 -14.13 -8.07
CA GLN A 50 10.01 -15.40 -8.27
C GLN A 50 9.63 -16.42 -7.19
N ALA A 51 9.55 -15.95 -5.94
CA ALA A 51 9.25 -16.80 -4.76
C ALA A 51 7.77 -17.25 -4.73
N THR A 52 6.92 -16.68 -5.61
CA THR A 52 5.47 -16.96 -5.63
C THR A 52 4.98 -17.35 -7.04
N VAL A 53 5.87 -17.95 -7.84
CA VAL A 53 5.52 -18.48 -9.19
C VAL A 53 4.65 -19.75 -9.04
N ASP A 54 4.86 -20.48 -7.93
CA ASP A 54 4.04 -21.67 -7.59
C ASP A 54 2.64 -21.25 -7.12
N ASN A 55 2.57 -20.10 -6.41
CA ASN A 55 1.30 -19.51 -5.95
C ASN A 55 0.47 -19.08 -7.19
N ALA A 56 -0.78 -19.54 -7.24
CA ALA A 56 -1.64 -19.52 -8.46
C ALA A 56 -1.67 -18.16 -9.21
N HIS A 57 -2.39 -17.18 -8.66
CA HIS A 57 -2.71 -15.91 -9.37
C HIS A 57 -1.90 -14.72 -8.79
N ALA A 58 -0.84 -15.04 -8.05
CA ALA A 58 -0.14 -14.10 -7.19
C ALA A 58 0.80 -13.16 -7.96
N ARG A 59 0.55 -11.84 -7.81
CA ARG A 59 1.30 -10.77 -8.50
C ARG A 59 1.78 -9.76 -7.43
N TYR A 60 3.09 -9.73 -7.19
CA TYR A 60 3.73 -8.85 -6.20
C TYR A 60 4.49 -7.74 -6.91
N PHE A 61 4.00 -6.51 -6.74
CA PHE A 61 4.53 -5.29 -7.40
C PHE A 61 4.75 -4.17 -6.37
N ILE A 62 4.74 -2.90 -6.85
CA ILE A 62 5.13 -1.71 -6.06
C ILE A 62 4.07 -0.61 -6.25
N ILE A 63 3.94 0.32 -5.29
CA ILE A 63 3.19 1.58 -5.46
C ILE A 63 3.98 2.74 -4.82
N HIS A 64 3.99 3.88 -5.51
CA HIS A 64 4.57 5.14 -5.01
C HIS A 64 3.75 5.67 -3.82
N ALA A 65 4.36 5.63 -2.63
CA ALA A 65 3.74 6.08 -1.37
C ALA A 65 4.07 7.55 -1.05
N HIS A 66 4.65 8.24 -2.04
CA HIS A 66 5.03 9.65 -1.90
C HIS A 66 3.79 10.55 -1.95
N LYS A 67 2.66 10.04 -2.50
CA LYS A 67 1.36 10.73 -2.48
C LYS A 67 0.33 9.87 -1.74
N LEU A 68 -0.09 10.35 -0.55
CA LEU A 68 -1.18 9.74 0.22
C LEU A 68 -2.44 10.58 0.01
N LEU A 69 -3.52 9.91 -0.39
CA LEU A 69 -4.82 10.51 -0.59
C LEU A 69 -5.40 10.86 0.77
N ASP A 70 -5.33 12.15 1.12
CA ASP A 70 -5.93 12.72 2.32
C ASP A 70 -7.34 13.22 1.97
N PRO A 71 -8.40 12.44 2.31
CA PRO A 71 -9.81 12.75 1.96
C PRO A 71 -10.35 14.02 2.63
N SER A 72 -9.65 14.45 3.71
CA SER A 72 -9.96 15.70 4.44
C SER A 72 -9.90 16.91 3.48
N GLU A 73 -8.98 16.86 2.50
CA GLU A 73 -8.85 17.88 1.44
C GLU A 73 -9.29 17.28 0.08
N GLY A 74 -8.62 16.19 -0.33
CA GLY A 74 -8.98 15.47 -1.56
C GLY A 74 -8.26 14.14 -1.71
N MET B 1 -25.15 -2.83 -8.72
CA MET B 1 -24.07 -2.12 -8.04
C MET B 1 -22.71 -2.54 -8.67
N PRO B 2 -22.07 -1.65 -9.51
CA PRO B 2 -20.81 -1.95 -10.25
C PRO B 2 -19.54 -1.79 -9.39
N ASP B 3 -19.64 -2.09 -8.08
CA ASP B 3 -18.53 -1.93 -7.12
C ASP B 3 -17.41 -2.95 -7.40
N LYS B 4 -16.48 -2.52 -8.25
CA LYS B 4 -15.22 -3.22 -8.49
C LYS B 4 -14.40 -3.20 -7.20
N GLN B 5 -13.96 -4.38 -6.75
CA GLN B 5 -13.20 -4.54 -5.50
C GLN B 5 -11.84 -3.83 -5.58
N LEU B 6 -11.35 -3.66 -6.83
CA LEU B 6 -10.15 -2.89 -7.12
C LEU B 6 -10.44 -1.42 -6.78
N LEU B 7 -9.67 -0.87 -5.85
CA LEU B 7 -10.02 0.40 -5.21
C LEU B 7 -8.81 1.10 -4.61
N HIS B 8 -9.09 2.19 -3.89
CA HIS B 8 -8.09 2.92 -3.12
C HIS B 8 -7.84 2.19 -1.78
N ILE B 9 -6.81 1.31 -1.75
CA ILE B 9 -6.43 0.55 -0.53
C ILE B 9 -5.96 1.49 0.59
N VAL B 10 -5.93 0.99 1.83
CA VAL B 10 -5.67 1.81 3.02
C VAL B 10 -4.36 1.41 3.69
N VAL B 11 -3.49 2.42 3.86
CA VAL B 11 -2.15 2.29 4.42
C VAL B 11 -1.92 3.42 5.45
N GLY B 12 -1.01 3.20 6.40
CA GLY B 12 -0.62 4.27 7.32
C GLY B 12 0.55 3.85 8.18
N GLY B 13 0.55 4.29 9.45
CA GLY B 13 1.59 3.94 10.40
C GLY B 13 2.31 5.15 10.91
N GLU B 14 3.41 4.93 11.66
CA GLU B 14 4.16 6.01 12.32
C GLU B 14 4.88 6.88 11.29
N LEU B 15 4.50 8.18 11.31
CA LEU B 15 5.16 9.24 10.56
C LEU B 15 6.13 10.00 11.49
N LYS B 16 7.02 10.82 10.91
CA LYS B 16 7.99 11.62 11.68
C LYS B 16 7.27 12.74 12.46
N ASP B 17 6.16 13.22 11.88
CA ASP B 17 5.29 14.24 12.47
C ASP B 17 3.87 14.04 11.90
N VAL B 18 2.88 14.71 12.51
CA VAL B 18 1.48 14.65 12.04
C VAL B 18 1.34 15.25 10.62
N ALA B 19 2.01 16.40 10.40
CA ALA B 19 2.09 17.06 9.09
C ALA B 19 3.22 16.45 8.24
N GLY B 20 4.23 15.90 8.94
CA GLY B 20 5.38 15.27 8.29
C GLY B 20 5.04 13.88 7.78
N VAL B 21 4.53 13.80 6.54
CA VAL B 21 4.10 12.56 5.88
C VAL B 21 5.34 11.81 5.31
N GLU B 22 6.19 11.39 6.24
CA GLU B 22 7.40 10.60 5.98
C GLU B 22 7.41 9.48 7.02
N PHE B 23 7.35 8.22 6.57
CA PHE B 23 7.25 7.06 7.45
C PHE B 23 8.47 6.96 8.39
N ARG B 24 8.24 7.30 9.69
CA ARG B 24 9.26 7.27 10.77
C ARG B 24 10.02 5.93 10.79
N ASP B 25 9.28 4.85 10.52
CA ASP B 25 9.82 3.51 10.41
C ASP B 25 9.01 2.70 9.39
N LEU B 26 9.70 2.25 8.33
CA LEU B 26 9.15 1.49 7.21
C LEU B 26 8.67 0.08 7.61
N SER B 27 9.16 -0.40 8.77
CA SER B 27 8.71 -1.68 9.35
C SER B 27 7.34 -1.47 10.05
N LYS B 28 7.14 -0.26 10.63
CA LYS B 28 5.91 0.11 11.37
C LYS B 28 4.97 0.96 10.48
N VAL B 29 5.12 0.84 9.15
CA VAL B 29 4.09 1.30 8.21
C VAL B 29 2.91 0.31 8.31
N GLU B 30 1.98 0.60 9.22
CA GLU B 30 0.83 -0.26 9.47
C GLU B 30 -0.18 -0.11 8.32
N PHE B 31 -0.15 -1.09 7.42
CA PHE B 31 -1.12 -1.20 6.33
C PHE B 31 -2.46 -1.62 6.94
N VAL B 32 -3.42 -0.67 6.91
CA VAL B 32 -4.76 -0.87 7.49
C VAL B 32 -5.44 -2.09 6.84
N GLY B 33 -5.22 -2.22 5.52
CA GLY B 33 -5.69 -3.37 4.75
C GLY B 33 -6.20 -2.94 3.39
N ALA B 34 -7.27 -3.59 2.94
CA ALA B 34 -7.92 -3.30 1.67
C ALA B 34 -9.37 -3.82 1.73
N TYR B 35 -10.27 -3.22 0.94
CA TYR B 35 -11.73 -3.45 1.05
C TYR B 35 -12.37 -3.70 -0.33
N PRO B 36 -13.56 -4.39 -0.42
CA PRO B 36 -14.21 -4.70 -1.73
C PRO B 36 -15.00 -3.51 -2.35
N SER B 37 -14.77 -2.29 -1.84
CA SER B 37 -15.42 -1.06 -2.35
C SER B 37 -14.61 0.15 -1.86
N TYR B 38 -14.54 1.20 -2.71
CA TYR B 38 -13.83 2.45 -2.40
C TYR B 38 -14.36 3.08 -1.10
N ASP B 39 -15.69 3.08 -0.94
CA ASP B 39 -16.41 3.72 0.20
C ASP B 39 -15.96 3.14 1.55
N GLU B 40 -15.71 1.83 1.55
CA GLU B 40 -15.32 1.07 2.75
C GLU B 40 -13.92 1.48 3.25
N ALA B 41 -12.99 1.65 2.29
CA ALA B 41 -11.61 2.04 2.59
C ALA B 41 -11.53 3.53 2.90
N HIS B 42 -12.39 4.29 2.22
CA HIS B 42 -12.52 5.73 2.40
C HIS B 42 -12.96 6.03 3.85
N LYS B 43 -13.76 5.12 4.43
CA LYS B 43 -14.19 5.24 5.81
C LYS B 43 -13.08 4.82 6.79
N ALA B 44 -12.32 3.78 6.41
CA ALA B 44 -11.26 3.18 7.25
C ALA B 44 -10.16 4.19 7.62
N TRP B 45 -9.90 5.15 6.71
CA TRP B 45 -9.01 6.31 6.96
C TRP B 45 -9.39 7.04 8.28
N LYS B 46 -10.67 7.48 8.34
CA LYS B 46 -11.21 8.25 9.49
C LYS B 46 -11.36 7.37 10.74
N ALA B 47 -11.74 6.10 10.50
CA ALA B 47 -11.93 5.10 11.55
C ALA B 47 -10.62 4.87 12.32
N LYS B 48 -9.49 4.89 11.59
CA LYS B 48 -8.15 4.70 12.16
C LYS B 48 -7.62 5.97 12.78
N ALA B 49 -7.65 7.08 12.01
CA ALA B 49 -7.06 8.37 12.39
C ALA B 49 -7.61 8.88 13.75
N GLN B 50 -8.92 8.72 13.94
CA GLN B 50 -9.61 9.08 15.19
C GLN B 50 -9.33 8.05 16.31
N ALA B 51 -9.22 6.77 15.93
CA ALA B 51 -9.03 5.66 16.91
C ALA B 51 -7.63 5.69 17.53
N THR B 52 -6.63 6.13 16.75
CA THR B 52 -5.22 6.01 17.11
C THR B 52 -4.67 7.33 17.73
N VAL B 53 -5.34 7.79 18.82
CA VAL B 53 -4.88 8.93 19.64
C VAL B 53 -3.80 8.44 20.63
N ASP B 54 -3.85 7.12 20.97
CA ASP B 54 -2.82 6.45 21.82
C ASP B 54 -1.42 6.52 21.19
N ASN B 55 -1.39 6.70 19.86
CA ASN B 55 -0.15 6.86 19.09
C ASN B 55 0.41 8.28 19.18
N ALA B 56 1.72 8.42 18.93
CA ALA B 56 2.42 9.72 18.94
C ALA B 56 2.18 10.46 17.61
N HIS B 57 2.63 9.84 16.50
CA HIS B 57 2.59 10.46 15.15
C HIS B 57 2.08 9.46 14.08
N ALA B 58 1.41 8.38 14.50
CA ALA B 58 0.91 7.36 13.55
C ALA B 58 -0.40 7.84 12.91
N ARG B 59 -0.30 8.26 11.63
CA ARG B 59 -1.42 8.79 10.85
C ARG B 59 -1.71 7.84 9.69
N TYR B 60 -3.00 7.59 9.45
CA TYR B 60 -3.49 6.60 8.50
C TYR B 60 -4.25 7.30 7.38
N PHE B 61 -3.77 7.10 6.16
CA PHE B 61 -4.30 7.72 4.93
C PHE B 61 -4.70 6.62 3.95
N ILE B 62 -4.76 6.95 2.64
CA ILE B 62 -5.22 6.03 1.60
C ILE B 62 -4.25 6.11 0.40
N ILE B 63 -4.13 5.00 -0.35
CA ILE B 63 -3.37 4.94 -1.61
C ILE B 63 -4.30 4.45 -2.73
N HIS B 64 -4.22 5.13 -3.88
CA HIS B 64 -4.87 4.74 -5.13
C HIS B 64 -4.21 3.45 -5.69
N ALA B 65 -4.79 2.29 -5.38
CA ALA B 65 -4.34 1.00 -5.92
C ALA B 65 -5.11 0.69 -7.20
N HIS B 66 -4.47 0.99 -8.31
CA HIS B 66 -5.01 0.73 -9.65
C HIS B 66 -3.84 0.36 -10.55
N LYS B 67 -2.87 1.29 -10.66
CA LYS B 67 -1.64 1.08 -11.42
C LYS B 67 -0.52 0.65 -10.46
N LEU B 68 -0.04 -0.57 -10.67
CA LEU B 68 1.14 -1.11 -9.99
C LEU B 68 2.39 -0.73 -10.80
N LEU B 69 3.40 -0.21 -10.10
CA LEU B 69 4.64 0.29 -10.68
C LEU B 69 5.55 -0.91 -11.06
N ASP B 70 5.34 -1.43 -12.28
CA ASP B 70 6.14 -2.54 -12.83
C ASP B 70 7.24 -1.98 -13.76
N PRO B 71 8.52 -2.43 -13.60
CA PRO B 71 9.66 -1.95 -14.41
C PRO B 71 9.76 -2.65 -15.79
N SER B 72 8.87 -3.65 -16.03
CA SER B 72 8.79 -4.36 -17.31
C SER B 72 8.15 -3.48 -18.41
N GLU B 73 7.00 -2.86 -18.07
CA GLU B 73 6.24 -2.00 -18.98
C GLU B 73 6.17 -0.55 -18.43
N GLY B 74 7.18 -0.19 -17.62
CA GLY B 74 7.26 1.13 -17.03
C GLY B 74 8.65 1.43 -16.48
N MET A 1 20.97 19.57 2.03
CA MET A 1 19.73 18.95 1.51
C MET A 1 18.99 18.19 2.64
N PRO A 2 17.63 18.25 2.67
CA PRO A 2 16.83 17.45 3.64
C PRO A 2 16.80 15.96 3.23
N ASP A 3 16.93 15.07 4.24
CA ASP A 3 16.91 13.62 4.02
C ASP A 3 15.46 13.13 3.94
N LYS A 4 15.25 12.10 3.12
CA LYS A 4 13.94 11.48 2.92
C LYS A 4 14.09 9.94 2.93
N GLN A 5 13.31 9.29 3.82
CA GLN A 5 13.13 7.82 3.82
C GLN A 5 12.12 7.40 2.72
N LEU A 6 11.39 8.41 2.21
CA LEU A 6 10.23 8.28 1.34
C LEU A 6 10.61 7.52 0.04
N LEU A 7 9.82 6.51 -0.26
CA LEU A 7 10.07 5.56 -1.36
C LEU A 7 8.74 4.95 -1.82
N HIS A 8 8.85 4.02 -2.78
CA HIS A 8 7.69 3.30 -3.32
C HIS A 8 7.49 2.00 -2.55
N ILE A 9 6.50 1.97 -1.64
CA ILE A 9 6.19 0.78 -0.82
C ILE A 9 5.68 -0.37 -1.72
N VAL A 10 5.63 -1.58 -1.18
CA VAL A 10 5.37 -2.80 -1.97
C VAL A 10 4.14 -3.56 -1.44
N VAL A 11 3.32 -4.03 -2.39
CA VAL A 11 2.04 -4.71 -2.12
C VAL A 11 1.72 -5.71 -3.25
N GLY A 12 1.08 -6.82 -2.86
CA GLY A 12 0.54 -7.78 -3.81
C GLY A 12 -0.53 -8.63 -3.17
N GLY A 13 -0.69 -9.86 -3.65
CA GLY A 13 -1.72 -10.78 -3.16
C GLY A 13 -2.36 -11.53 -4.31
N GLU A 14 -3.41 -12.33 -4.03
CA GLU A 14 -4.09 -13.11 -5.07
C GLU A 14 -5.00 -12.21 -5.94
N LEU A 15 -4.60 -12.09 -7.22
CA LEU A 15 -5.36 -11.41 -8.29
C LEU A 15 -6.36 -12.40 -8.90
N LYS A 16 -7.21 -11.88 -9.80
CA LYS A 16 -8.16 -12.74 -10.56
C LYS A 16 -7.44 -13.39 -11.76
N ASP A 17 -6.39 -12.72 -12.25
CA ASP A 17 -5.60 -13.18 -13.40
C ASP A 17 -4.12 -12.73 -13.24
N VAL A 18 -3.20 -13.43 -13.93
CA VAL A 18 -1.75 -13.14 -13.91
C VAL A 18 -1.43 -11.76 -14.51
N ALA A 19 -2.08 -11.45 -15.65
CA ALA A 19 -1.90 -10.17 -16.37
C ALA A 19 -2.87 -9.13 -15.80
N GLY A 20 -4.09 -9.62 -15.49
CA GLY A 20 -5.17 -8.80 -14.96
C GLY A 20 -4.85 -8.33 -13.55
N VAL A 21 -4.58 -7.02 -13.40
CA VAL A 21 -3.97 -6.46 -12.17
C VAL A 21 -5.03 -6.09 -11.07
N GLU A 22 -6.18 -6.79 -11.12
CA GLU A 22 -7.31 -6.57 -10.20
C GLU A 22 -7.27 -7.65 -9.10
N PHE A 23 -7.01 -7.23 -7.86
CA PHE A 23 -6.82 -8.12 -6.69
C PHE A 23 -8.15 -8.83 -6.32
N ARG A 24 -8.17 -10.16 -6.50
CA ARG A 24 -9.37 -11.01 -6.28
C ARG A 24 -9.95 -10.88 -4.87
N ASP A 25 -9.07 -11.04 -3.87
CA ASP A 25 -9.44 -11.05 -2.45
C ASP A 25 -8.51 -10.11 -1.68
N LEU A 26 -9.10 -9.05 -1.13
CA LEU A 26 -8.40 -7.99 -0.37
C LEU A 26 -8.07 -8.45 1.05
N SER A 27 -8.90 -9.37 1.56
CA SER A 27 -8.63 -10.11 2.81
C SER A 27 -7.36 -10.98 2.64
N LYS A 28 -6.96 -11.21 1.36
CA LYS A 28 -5.81 -12.07 1.02
C LYS A 28 -4.75 -11.32 0.18
N VAL A 29 -4.75 -9.95 0.22
CA VAL A 29 -3.66 -9.16 -0.38
C VAL A 29 -2.53 -8.99 0.65
N GLU A 30 -1.39 -9.65 0.38
CA GLU A 30 -0.21 -9.57 1.24
C GLU A 30 0.65 -8.37 0.83
N PHE A 31 0.63 -7.34 1.68
CA PHE A 31 1.53 -6.19 1.57
C PHE A 31 2.95 -6.66 1.90
N VAL A 32 3.85 -6.61 0.90
CA VAL A 32 5.25 -7.03 1.05
C VAL A 32 5.96 -6.15 2.10
N GLY A 33 5.48 -4.90 2.23
CA GLY A 33 5.90 -3.98 3.27
C GLY A 33 6.45 -2.71 2.68
N ALA A 34 7.65 -2.34 3.11
CA ALA A 34 8.38 -1.16 2.62
C ALA A 34 9.85 -1.32 3.04
N TYR A 35 10.76 -0.89 2.18
CA TYR A 35 12.22 -1.05 2.37
C TYR A 35 12.89 0.34 2.44
N PRO A 36 14.08 0.51 3.10
CA PRO A 36 14.69 1.88 3.33
C PRO A 36 15.12 2.63 2.05
N SER A 37 14.94 1.99 0.87
CA SER A 37 15.23 2.57 -0.45
C SER A 37 14.27 1.97 -1.49
N TYR A 38 14.03 2.73 -2.58
CA TYR A 38 13.16 2.25 -3.67
C TYR A 38 13.75 1.01 -4.33
N ASP A 39 15.06 1.02 -4.64
CA ASP A 39 15.72 -0.08 -5.38
C ASP A 39 15.55 -1.45 -4.67
N GLU A 40 15.50 -1.41 -3.33
CA GLU A 40 15.25 -2.59 -2.48
C GLU A 40 13.79 -3.08 -2.65
N ALA A 41 12.84 -2.13 -2.69
CA ALA A 41 11.41 -2.43 -2.86
C ALA A 41 11.13 -2.86 -4.32
N HIS A 42 11.94 -2.30 -5.23
CA HIS A 42 11.86 -2.52 -6.67
C HIS A 42 12.35 -3.92 -7.01
N LYS A 43 13.25 -4.42 -6.14
CA LYS A 43 13.84 -5.76 -6.27
C LYS A 43 12.93 -6.80 -5.59
N ALA A 44 12.23 -6.35 -4.52
CA ALA A 44 11.28 -7.16 -3.75
C ALA A 44 10.10 -7.65 -4.61
N TRP A 45 9.65 -6.78 -5.55
CA TRP A 45 8.59 -7.11 -6.55
C TRP A 45 8.88 -8.48 -7.24
N LYS A 46 10.11 -8.59 -7.78
CA LYS A 46 10.58 -9.79 -8.50
C LYS A 46 10.91 -10.95 -7.54
N ALA A 47 11.49 -10.60 -6.38
CA ALA A 47 11.84 -11.57 -5.33
C ALA A 47 10.60 -12.33 -4.84
N LYS A 48 9.44 -11.65 -4.87
CA LYS A 48 8.15 -12.23 -4.49
C LYS A 48 7.52 -13.00 -5.66
N ALA A 49 7.49 -12.37 -6.84
CA ALA A 49 6.83 -12.94 -8.05
C ALA A 49 7.43 -14.31 -8.44
N GLN A 50 8.77 -14.40 -8.37
CA GLN A 50 9.52 -15.63 -8.69
C GLN A 50 9.44 -16.65 -7.53
N ALA A 51 9.19 -16.16 -6.30
CA ALA A 51 8.99 -17.01 -5.11
C ALA A 51 7.58 -17.65 -5.12
N THR A 52 6.62 -16.93 -5.71
CA THR A 52 5.19 -17.33 -5.71
C THR A 52 4.82 -18.16 -6.97
N VAL A 53 5.70 -19.12 -7.32
CA VAL A 53 5.38 -20.17 -8.31
C VAL A 53 4.38 -21.18 -7.68
N ASP A 54 4.49 -21.32 -6.34
CA ASP A 54 3.58 -22.14 -5.51
C ASP A 54 2.15 -21.56 -5.47
N ASN A 55 2.01 -20.30 -5.87
CA ASN A 55 0.73 -19.57 -5.94
C ASN A 55 0.16 -19.61 -7.37
N ALA A 56 -1.16 -19.38 -7.48
CA ALA A 56 -1.88 -19.38 -8.77
C ALA A 56 -1.79 -18.01 -9.46
N HIS A 57 -2.42 -17.00 -8.82
CA HIS A 57 -2.49 -15.61 -9.36
C HIS A 57 -1.96 -14.60 -8.34
N ALA A 58 -1.26 -15.06 -7.28
CA ALA A 58 -0.71 -14.15 -6.26
C ALA A 58 0.47 -13.37 -6.84
N ARG A 59 0.18 -12.15 -7.34
CA ARG A 59 1.14 -11.33 -8.08
C ARG A 59 1.45 -10.07 -7.25
N TYR A 60 2.75 -9.82 -7.03
CA TYR A 60 3.24 -8.78 -6.14
C TYR A 60 3.93 -7.68 -6.95
N PHE A 61 3.39 -6.47 -6.86
CA PHE A 61 3.88 -5.28 -7.57
C PHE A 61 4.33 -4.21 -6.55
N ILE A 62 4.49 -2.97 -7.04
CA ILE A 62 4.92 -1.83 -6.22
C ILE A 62 3.85 -0.72 -6.31
N ILE A 63 3.81 0.17 -5.31
CA ILE A 63 2.95 1.36 -5.30
C ILE A 63 3.75 2.59 -4.82
N HIS A 64 3.52 3.71 -5.53
CA HIS A 64 4.01 5.04 -5.18
C HIS A 64 3.38 5.54 -3.86
N ALA A 65 4.20 5.58 -2.80
CA ALA A 65 3.79 6.14 -1.49
C ALA A 65 4.32 7.58 -1.33
N HIS A 66 4.52 8.25 -2.49
CA HIS A 66 4.99 9.65 -2.54
C HIS A 66 3.85 10.60 -2.21
N LYS A 67 2.68 10.31 -2.79
CA LYS A 67 1.45 11.04 -2.49
C LYS A 67 0.44 10.06 -1.88
N LEU A 68 0.29 10.17 -0.56
CA LEU A 68 -0.80 9.54 0.19
C LEU A 68 -2.09 10.32 -0.11
N LEU A 69 -3.16 9.61 -0.50
CA LEU A 69 -4.48 10.21 -0.76
C LEU A 69 -5.07 10.61 0.61
N ASP A 70 -4.83 11.87 0.99
CA ASP A 70 -5.29 12.41 2.27
C ASP A 70 -6.67 13.08 2.09
N PRO A 71 -7.75 12.51 2.72
CA PRO A 71 -9.05 13.21 2.87
C PRO A 71 -9.03 14.28 3.98
N SER A 72 -7.84 14.44 4.63
CA SER A 72 -7.59 15.48 5.63
C SER A 72 -7.77 16.87 5.01
N GLU A 73 -7.06 17.13 3.90
CA GLU A 73 -7.22 18.38 3.13
C GLU A 73 -8.23 18.15 1.99
N GLY A 74 -8.49 19.19 1.16
CA GLY A 74 -9.44 19.10 0.05
C GLY A 74 -8.92 18.25 -1.10
N MET B 1 -21.17 -4.06 -19.17
CA MET B 1 -19.84 -3.55 -18.90
C MET B 1 -18.99 -4.61 -18.17
N PRO B 2 -17.80 -5.02 -18.73
CA PRO B 2 -16.82 -5.85 -18.00
C PRO B 2 -16.18 -5.04 -16.86
N ASP B 3 -16.80 -5.11 -15.67
CA ASP B 3 -16.42 -4.29 -14.51
C ASP B 3 -15.25 -4.91 -13.75
N LYS B 4 -14.87 -4.25 -12.67
CA LYS B 4 -13.82 -4.69 -11.77
C LYS B 4 -14.26 -4.39 -10.32
N GLN B 5 -13.94 -5.30 -9.39
CA GLN B 5 -14.11 -5.07 -7.94
C GLN B 5 -13.13 -3.98 -7.43
N LEU B 6 -12.06 -3.73 -8.25
CA LEU B 6 -10.86 -2.92 -7.90
C LEU B 6 -11.22 -1.56 -7.26
N LEU B 7 -10.42 -1.20 -6.24
CA LEU B 7 -10.73 -0.10 -5.31
C LEU B 7 -9.43 0.51 -4.76
N HIS B 8 -9.61 1.49 -3.87
CA HIS B 8 -8.50 2.16 -3.17
C HIS B 8 -8.19 1.40 -1.87
N ILE B 9 -6.93 0.96 -1.72
CA ILE B 9 -6.45 0.30 -0.49
C ILE B 9 -6.12 1.37 0.58
N VAL B 10 -5.76 0.93 1.79
CA VAL B 10 -5.54 1.84 2.93
C VAL B 10 -4.25 1.48 3.69
N VAL B 11 -3.48 2.53 4.02
CA VAL B 11 -2.17 2.41 4.69
C VAL B 11 -1.85 3.70 5.47
N GLY B 12 -1.15 3.52 6.60
CA GLY B 12 -0.59 4.63 7.36
C GLY B 12 0.59 4.16 8.19
N GLY B 13 0.95 4.92 9.23
CA GLY B 13 2.03 4.55 10.13
C GLY B 13 2.57 5.74 10.90
N GLU B 14 3.48 5.45 11.86
CA GLU B 14 4.07 6.47 12.73
C GLU B 14 5.07 7.32 11.94
N LEU B 15 4.65 8.57 11.72
CA LEU B 15 5.41 9.60 11.01
C LEU B 15 6.49 10.20 11.93
N LYS B 16 7.39 11.00 11.36
CA LYS B 16 8.33 11.84 12.15
C LYS B 16 7.59 13.03 12.81
N ASP B 17 6.45 13.42 12.22
CA ASP B 17 5.61 14.53 12.73
C ASP B 17 4.15 14.30 12.29
N VAL B 18 3.18 14.83 13.07
CA VAL B 18 1.74 14.69 12.77
C VAL B 18 1.38 15.17 11.35
N ALA B 19 1.87 16.36 10.99
CA ALA B 19 1.66 16.96 9.66
C ALA B 19 2.74 16.49 8.68
N GLY B 20 3.94 16.18 9.23
CA GLY B 20 5.06 15.66 8.43
C GLY B 20 4.78 14.26 7.91
N VAL B 21 4.38 14.16 6.63
CA VAL B 21 3.83 12.92 6.02
C VAL B 21 4.93 11.85 5.68
N GLU B 22 6.12 12.05 6.25
CA GLU B 22 7.25 11.13 6.08
C GLU B 22 7.23 10.12 7.23
N PHE B 23 6.98 8.85 6.90
CA PHE B 23 6.97 7.74 7.87
C PHE B 23 8.33 7.64 8.60
N ARG B 24 8.32 7.78 9.95
CA ARG B 24 9.55 7.71 10.80
C ARG B 24 10.42 6.50 10.44
N ASP B 25 9.75 5.34 10.29
CA ASP B 25 10.37 4.10 9.85
C ASP B 25 9.28 3.22 9.22
N LEU B 26 9.72 2.28 8.40
CA LEU B 26 8.86 1.48 7.52
C LEU B 26 8.54 0.10 8.11
N SER B 27 9.25 -0.25 9.19
CA SER B 27 8.80 -1.29 10.13
C SER B 27 7.83 -0.66 11.16
N LYS B 28 7.73 0.69 11.14
CA LYS B 28 6.80 1.45 12.02
C LYS B 28 5.49 1.83 11.30
N VAL B 29 5.34 1.40 10.02
CA VAL B 29 4.09 1.64 9.26
C VAL B 29 3.13 0.46 9.45
N GLU B 30 1.84 0.77 9.56
CA GLU B 30 0.77 -0.22 9.69
C GLU B 30 -0.17 -0.10 8.50
N PHE B 31 -0.13 -1.11 7.63
CA PHE B 31 -1.07 -1.26 6.52
C PHE B 31 -2.42 -1.67 7.09
N VAL B 32 -3.42 -0.77 6.98
CA VAL B 32 -4.78 -0.98 7.50
C VAL B 32 -5.41 -2.20 6.80
N GLY B 33 -5.22 -2.25 5.47
CA GLY B 33 -5.65 -3.37 4.65
C GLY B 33 -6.22 -2.88 3.32
N ALA B 34 -7.40 -3.40 2.96
CA ALA B 34 -8.13 -3.00 1.75
C ALA B 34 -9.59 -3.40 1.90
N TYR B 35 -10.52 -2.45 1.68
CA TYR B 35 -11.96 -2.65 1.88
C TYR B 35 -12.68 -2.72 0.53
N PRO B 36 -13.60 -3.72 0.31
CA PRO B 36 -14.30 -3.95 -1.00
C PRO B 36 -15.03 -2.73 -1.56
N SER B 37 -15.34 -1.79 -0.66
CA SER B 37 -16.01 -0.52 -1.02
C SER B 37 -15.06 0.63 -0.67
N TYR B 38 -14.92 1.59 -1.59
CA TYR B 38 -14.12 2.81 -1.38
C TYR B 38 -14.61 3.60 -0.15
N ASP B 39 -15.92 3.55 0.12
CA ASP B 39 -16.55 4.26 1.25
C ASP B 39 -16.02 3.73 2.60
N GLU B 40 -15.89 2.39 2.66
CA GLU B 40 -15.37 1.68 3.86
C GLU B 40 -13.86 1.98 4.04
N ALA B 41 -13.13 2.08 2.90
CA ALA B 41 -11.70 2.40 2.88
C ALA B 41 -11.48 3.89 3.27
N HIS B 42 -12.42 4.74 2.82
CA HIS B 42 -12.40 6.19 3.07
C HIS B 42 -12.69 6.45 4.54
N LYS B 43 -13.55 5.62 5.12
CA LYS B 43 -13.98 5.74 6.52
C LYS B 43 -12.91 5.20 7.46
N ALA B 44 -12.16 4.18 6.98
CA ALA B 44 -11.07 3.55 7.72
C ALA B 44 -9.98 4.55 8.09
N TRP B 45 -9.66 5.44 7.14
CA TRP B 45 -8.70 6.55 7.29
C TRP B 45 -8.89 7.31 8.64
N LYS B 46 -10.14 7.73 8.91
CA LYS B 46 -10.51 8.52 10.10
C LYS B 46 -10.72 7.62 11.33
N ALA B 47 -11.23 6.40 11.09
CA ALA B 47 -11.44 5.38 12.12
C ALA B 47 -10.12 4.97 12.79
N LYS B 48 -9.02 5.06 12.01
CA LYS B 48 -7.67 4.73 12.44
C LYS B 48 -6.96 5.96 13.05
N ALA B 49 -7.05 7.11 12.35
CA ALA B 49 -6.38 8.36 12.74
C ALA B 49 -6.79 8.84 14.15
N GLN B 50 -8.08 8.64 14.47
CA GLN B 50 -8.66 9.00 15.78
C GLN B 50 -8.38 7.92 16.85
N ALA B 51 -8.22 6.66 16.41
CA ALA B 51 -8.02 5.51 17.30
C ALA B 51 -6.59 5.47 17.86
N THR B 52 -5.61 5.70 16.97
CA THR B 52 -4.17 5.48 17.25
C THR B 52 -3.49 6.75 17.82
N VAL B 53 -4.22 7.44 18.70
CA VAL B 53 -3.69 8.59 19.47
C VAL B 53 -2.65 8.13 20.51
N ASP B 54 -2.73 6.84 20.89
CA ASP B 54 -1.76 6.16 21.76
C ASP B 54 -0.35 6.18 21.14
N ASN B 55 -0.30 6.02 19.82
CA ASN B 55 0.93 6.07 19.01
C ASN B 55 1.50 7.50 18.98
N ALA B 56 2.80 7.61 18.65
CA ALA B 56 3.50 8.91 18.62
C ALA B 56 2.96 9.81 17.51
N HIS B 57 3.02 9.32 16.24
CA HIS B 57 2.56 10.11 15.06
C HIS B 57 1.88 9.21 14.01
N ALA B 58 1.28 8.07 14.44
CA ALA B 58 0.54 7.17 13.51
C ALA B 58 -0.67 7.89 12.90
N ARG B 59 -0.43 8.43 11.69
CA ARG B 59 -1.44 9.14 10.91
C ARG B 59 -1.72 8.29 9.68
N TYR B 60 -2.94 7.78 9.57
CA TYR B 60 -3.35 6.86 8.52
C TYR B 60 -3.99 7.61 7.38
N PHE B 61 -3.68 7.14 6.17
CA PHE B 61 -4.13 7.74 4.90
C PHE B 61 -4.72 6.64 4.02
N ILE B 62 -4.93 6.98 2.73
CA ILE B 62 -5.44 6.06 1.72
C ILE B 62 -4.46 6.07 0.53
N ILE B 63 -4.46 5.02 -0.28
CA ILE B 63 -3.78 4.97 -1.57
C ILE B 63 -4.68 4.24 -2.59
N HIS B 64 -4.65 4.67 -3.85
CA HIS B 64 -5.36 3.99 -4.94
C HIS B 64 -4.46 2.90 -5.54
N ALA B 65 -5.08 1.80 -5.96
CA ALA B 65 -4.39 0.72 -6.71
C ALA B 65 -4.50 1.03 -8.23
N HIS B 66 -4.80 -0.01 -9.05
CA HIS B 66 -5.09 0.11 -10.52
C HIS B 66 -3.79 0.30 -11.29
N LYS B 67 -3.19 1.48 -11.15
CA LYS B 67 -1.89 1.79 -11.73
C LYS B 67 -0.81 1.43 -10.70
N LEU B 68 -0.31 0.21 -10.83
CA LEU B 68 0.84 -0.30 -10.08
C LEU B 68 2.12 0.18 -10.78
N LEU B 69 3.24 0.09 -10.09
CA LEU B 69 4.54 0.48 -10.65
C LEU B 69 5.18 -0.77 -11.22
N ASP B 70 4.76 -1.08 -12.45
CA ASP B 70 5.18 -2.26 -13.18
C ASP B 70 6.57 -2.04 -13.79
N PRO B 71 7.60 -2.81 -13.34
CA PRO B 71 8.92 -2.89 -14.02
C PRO B 71 8.90 -3.92 -15.19
N SER B 72 7.91 -4.84 -15.15
CA SER B 72 7.71 -5.85 -16.22
C SER B 72 6.73 -5.31 -17.27
N GLU B 73 5.54 -4.91 -16.81
CA GLU B 73 4.43 -4.46 -17.69
C GLU B 73 4.47 -2.94 -17.94
N GLY B 74 5.54 -2.29 -17.47
CA GLY B 74 5.72 -0.85 -17.64
C GLY B 74 7.20 -0.46 -17.77
N MET A 1 24.67 15.05 1.16
CA MET A 1 24.06 13.83 1.75
C MET A 1 22.56 14.10 2.05
N PRO A 2 21.61 13.57 1.22
CA PRO A 2 20.17 13.83 1.38
C PRO A 2 19.48 12.87 2.40
N ASP A 3 18.62 13.44 3.24
CA ASP A 3 17.78 12.69 4.18
C ASP A 3 16.37 12.49 3.57
N LYS A 4 16.17 11.33 2.91
CA LYS A 4 14.88 11.01 2.27
C LYS A 4 14.68 9.48 2.22
N GLN A 5 13.94 8.95 3.20
CA GLN A 5 13.50 7.54 3.22
C GLN A 5 12.21 7.34 2.39
N LEU A 6 11.45 8.44 2.19
CA LEU A 6 10.11 8.43 1.61
C LEU A 6 10.16 7.89 0.17
N LEU A 7 9.53 6.72 -0.03
CA LEU A 7 9.74 5.89 -1.21
C LEU A 7 8.41 5.33 -1.74
N HIS A 8 8.54 4.33 -2.60
CA HIS A 8 7.44 3.50 -3.09
C HIS A 8 7.39 2.22 -2.24
N ILE A 9 6.27 1.98 -1.52
CA ILE A 9 6.09 0.75 -0.73
C ILE A 9 5.78 -0.43 -1.68
N VAL A 10 5.88 -1.65 -1.14
CA VAL A 10 5.70 -2.90 -1.92
C VAL A 10 4.48 -3.68 -1.41
N VAL A 11 3.65 -4.13 -2.38
CA VAL A 11 2.37 -4.80 -2.11
C VAL A 11 2.11 -5.91 -3.15
N GLY A 12 1.48 -7.00 -2.69
CA GLY A 12 1.05 -8.11 -3.55
C GLY A 12 -0.30 -8.63 -3.12
N GLY A 13 -0.83 -9.60 -3.88
CA GLY A 13 -2.13 -10.21 -3.57
C GLY A 13 -2.72 -10.90 -4.75
N GLU A 14 -3.71 -11.78 -4.50
CA GLU A 14 -4.34 -12.60 -5.56
C GLU A 14 -5.31 -11.76 -6.39
N LEU A 15 -4.98 -11.68 -7.68
CA LEU A 15 -5.83 -11.10 -8.71
C LEU A 15 -6.89 -12.13 -9.15
N LYS A 16 -7.90 -11.65 -9.88
CA LYS A 16 -8.95 -12.52 -10.44
C LYS A 16 -8.38 -13.37 -11.58
N ASP A 17 -7.79 -12.67 -12.55
CA ASP A 17 -7.30 -13.26 -13.81
C ASP A 17 -5.79 -12.94 -13.97
N VAL A 18 -5.11 -13.67 -14.87
CA VAL A 18 -3.68 -13.46 -15.18
C VAL A 18 -3.42 -12.07 -15.83
N ALA A 19 -4.32 -11.69 -16.75
CA ALA A 19 -4.22 -10.41 -17.48
C ALA A 19 -4.99 -9.28 -16.77
N GLY A 20 -5.76 -9.64 -15.72
CA GLY A 20 -6.57 -8.67 -14.95
C GLY A 20 -5.92 -8.30 -13.62
N VAL A 21 -5.75 -6.99 -13.37
CA VAL A 21 -5.11 -6.48 -12.12
C VAL A 21 -6.18 -6.20 -11.01
N GLU A 22 -7.30 -6.94 -11.10
CA GLU A 22 -8.43 -6.81 -10.16
C GLU A 22 -8.19 -7.73 -8.96
N PHE A 23 -7.89 -7.15 -7.79
CA PHE A 23 -7.73 -7.92 -6.55
C PHE A 23 -8.98 -8.76 -6.22
N ARG A 24 -8.88 -10.07 -6.52
CA ARG A 24 -9.94 -11.06 -6.28
C ARG A 24 -10.33 -11.07 -4.79
N ASP A 25 -9.31 -11.21 -3.95
CA ASP A 25 -9.50 -11.44 -2.52
C ASP A 25 -8.61 -10.47 -1.75
N LEU A 26 -9.26 -9.45 -1.21
CA LEU A 26 -8.64 -8.37 -0.46
C LEU A 26 -8.09 -8.82 0.90
N SER A 27 -8.61 -9.95 1.41
CA SER A 27 -8.13 -10.55 2.67
C SER A 27 -6.75 -11.23 2.43
N LYS A 28 -6.54 -11.75 1.20
CA LYS A 28 -5.27 -12.42 0.80
C LYS A 28 -4.35 -11.47 0.01
N VAL A 29 -4.58 -10.15 0.13
CA VAL A 29 -3.61 -9.12 -0.32
C VAL A 29 -2.44 -9.09 0.67
N GLU A 30 -1.36 -9.80 0.31
CA GLU A 30 -0.13 -9.90 1.13
C GLU A 30 0.74 -8.65 0.89
N PHE A 31 0.74 -7.76 1.89
CA PHE A 31 1.58 -6.55 1.87
C PHE A 31 3.03 -6.98 2.15
N VAL A 32 3.87 -6.88 1.10
CA VAL A 32 5.30 -7.25 1.15
C VAL A 32 6.05 -6.40 2.20
N GLY A 33 5.62 -5.14 2.33
CA GLY A 33 6.11 -4.24 3.37
C GLY A 33 6.52 -2.89 2.81
N ALA A 34 7.59 -2.33 3.37
CA ALA A 34 8.19 -1.07 2.91
C ALA A 34 9.66 -1.05 3.37
N TYR A 35 10.54 -0.55 2.52
CA TYR A 35 12.00 -0.58 2.74
C TYR A 35 12.54 0.83 3.07
N PRO A 36 13.78 0.99 3.65
CA PRO A 36 14.35 2.33 3.93
C PRO A 36 14.81 3.07 2.64
N SER A 37 14.75 2.37 1.50
CA SER A 37 15.26 2.86 0.22
C SER A 37 14.41 2.32 -0.93
N TYR A 38 14.08 3.21 -1.88
CA TYR A 38 13.30 2.89 -3.08
C TYR A 38 13.94 1.76 -3.91
N ASP A 39 15.28 1.76 -3.98
CA ASP A 39 16.05 0.76 -4.74
C ASP A 39 15.84 -0.66 -4.16
N GLU A 40 15.70 -0.73 -2.81
CA GLU A 40 15.46 -1.99 -2.09
C GLU A 40 14.03 -2.50 -2.34
N ALA A 41 13.07 -1.55 -2.45
CA ALA A 41 11.66 -1.88 -2.72
C ALA A 41 11.47 -2.29 -4.19
N HIS A 42 12.29 -1.70 -5.07
CA HIS A 42 12.31 -2.01 -6.50
C HIS A 42 12.79 -3.46 -6.69
N LYS A 43 13.79 -3.87 -5.91
CA LYS A 43 14.38 -5.23 -5.98
C LYS A 43 13.41 -6.27 -5.37
N ALA A 44 12.69 -5.83 -4.30
CA ALA A 44 11.77 -6.69 -3.54
C ALA A 44 10.65 -7.28 -4.40
N TRP A 45 10.25 -6.52 -5.45
CA TRP A 45 9.24 -6.94 -6.44
C TRP A 45 9.60 -8.31 -7.07
N LYS A 46 10.85 -8.45 -7.55
CA LYS A 46 11.31 -9.68 -8.24
C LYS A 46 11.75 -10.75 -7.25
N ALA A 47 12.25 -10.31 -6.08
CA ALA A 47 12.57 -11.20 -4.96
C ALA A 47 11.33 -12.02 -4.56
N LYS A 48 10.17 -11.34 -4.58
CA LYS A 48 8.87 -11.96 -4.29
C LYS A 48 8.37 -12.76 -5.49
N ALA A 49 8.41 -12.15 -6.69
CA ALA A 49 7.86 -12.76 -7.93
C ALA A 49 8.48 -14.14 -8.23
N GLN A 50 9.81 -14.24 -8.05
CA GLN A 50 10.56 -15.50 -8.20
C GLN A 50 10.21 -16.48 -7.07
N ALA A 51 10.10 -15.94 -5.84
CA ALA A 51 9.79 -16.75 -4.64
C ALA A 51 8.40 -17.40 -4.76
N THR A 52 7.46 -16.65 -5.33
CA THR A 52 6.03 -16.97 -5.30
C THR A 52 5.56 -17.63 -6.60
N VAL A 53 6.38 -18.57 -7.12
CA VAL A 53 6.00 -19.46 -8.24
C VAL A 53 4.83 -20.38 -7.85
N ASP A 54 4.69 -20.62 -6.54
CA ASP A 54 3.59 -21.41 -5.94
C ASP A 54 2.24 -20.69 -6.08
N ASN A 55 2.27 -19.35 -6.10
CA ASN A 55 1.06 -18.50 -6.16
C ASN A 55 0.45 -18.51 -7.57
N ALA A 56 -0.85 -18.86 -7.63
CA ALA A 56 -1.63 -18.95 -8.88
C ALA A 56 -1.80 -17.58 -9.57
N HIS A 57 -2.50 -16.65 -8.90
CA HIS A 57 -2.81 -15.32 -9.47
C HIS A 57 -2.24 -14.17 -8.63
N ALA A 58 -1.42 -14.50 -7.62
CA ALA A 58 -0.84 -13.48 -6.72
C ALA A 58 0.42 -12.89 -7.35
N ARG A 59 0.31 -11.63 -7.84
CA ARG A 59 1.43 -10.87 -8.40
C ARG A 59 1.82 -9.77 -7.41
N TYR A 60 3.13 -9.59 -7.23
CA TYR A 60 3.72 -8.75 -6.20
C TYR A 60 4.34 -7.50 -6.84
N PHE A 61 3.53 -6.44 -6.88
CA PHE A 61 3.84 -5.17 -7.55
C PHE A 61 4.48 -4.19 -6.56
N ILE A 62 4.61 -2.93 -7.02
CA ILE A 62 5.08 -1.79 -6.21
C ILE A 62 4.05 -0.65 -6.35
N ILE A 63 3.92 0.24 -5.35
CA ILE A 63 3.11 1.47 -5.46
C ILE A 63 3.88 2.66 -4.83
N HIS A 64 3.78 3.82 -5.51
CA HIS A 64 4.32 5.10 -5.02
C HIS A 64 3.59 5.56 -3.74
N ALA A 65 4.35 5.79 -2.67
CA ALA A 65 3.81 6.19 -1.36
C ALA A 65 4.47 7.49 -0.89
N HIS A 66 4.53 8.47 -1.81
CA HIS A 66 5.07 9.82 -1.53
C HIS A 66 3.88 10.79 -1.42
N LYS A 67 2.92 10.67 -2.35
CA LYS A 67 1.64 11.38 -2.32
C LYS A 67 0.55 10.38 -1.95
N LEU A 68 0.29 10.29 -0.64
CA LEU A 68 -0.79 9.48 -0.05
C LEU A 68 -2.14 10.16 -0.29
N LEU A 69 -3.19 9.35 -0.51
CA LEU A 69 -4.55 9.86 -0.64
C LEU A 69 -5.10 10.19 0.75
N ASP A 70 -4.85 11.43 1.16
CA ASP A 70 -5.42 11.96 2.40
C ASP A 70 -6.72 12.68 2.03
N PRO A 71 -7.90 12.19 2.50
CA PRO A 71 -9.23 12.79 2.15
C PRO A 71 -9.43 14.24 2.63
N SER A 72 -8.51 14.76 3.47
CA SER A 72 -8.56 16.15 3.95
C SER A 72 -7.95 17.13 2.93
N GLU A 73 -7.36 16.59 1.83
CA GLU A 73 -6.84 17.41 0.71
C GLU A 73 -8.01 18.04 -0.08
N GLY A 74 -8.28 19.33 0.21
CA GLY A 74 -9.35 20.08 -0.46
C GLY A 74 -10.75 19.65 -0.03
N MET B 1 -24.30 -1.90 -15.47
CA MET B 1 -23.94 -1.99 -14.05
C MET B 1 -22.41 -1.97 -13.88
N PRO B 2 -21.85 -1.24 -12.85
CA PRO B 2 -20.40 -1.16 -12.63
C PRO B 2 -19.82 -2.44 -11.98
N ASP B 3 -19.22 -3.29 -12.81
CA ASP B 3 -18.44 -4.46 -12.35
C ASP B 3 -17.01 -4.00 -12.06
N LYS B 4 -16.81 -3.43 -10.85
CA LYS B 4 -15.53 -2.89 -10.43
C LYS B 4 -15.43 -2.91 -8.89
N GLN B 5 -14.71 -3.90 -8.37
CA GLN B 5 -14.34 -3.96 -6.94
C GLN B 5 -13.00 -3.23 -6.71
N LEU B 6 -12.17 -3.11 -7.79
CA LEU B 6 -10.78 -2.60 -7.71
C LEU B 6 -10.78 -1.18 -7.12
N LEU B 7 -10.03 -1.02 -6.03
CA LEU B 7 -10.24 0.08 -5.08
C LEU B 7 -8.93 0.63 -4.53
N HIS B 8 -9.08 1.65 -3.70
CA HIS B 8 -7.97 2.33 -3.05
C HIS B 8 -7.67 1.64 -1.71
N ILE B 9 -6.59 0.82 -1.66
CA ILE B 9 -6.19 0.11 -0.42
C ILE B 9 -5.75 1.12 0.66
N VAL B 10 -5.67 0.66 1.91
CA VAL B 10 -5.45 1.53 3.08
C VAL B 10 -4.15 1.18 3.81
N VAL B 11 -3.39 2.23 4.15
CA VAL B 11 -2.06 2.12 4.77
C VAL B 11 -1.77 3.38 5.63
N GLY B 12 -1.11 3.16 6.77
CA GLY B 12 -0.69 4.22 7.69
C GLY B 12 0.64 3.88 8.32
N GLY B 13 1.08 4.71 9.27
CA GLY B 13 2.35 4.47 9.97
C GLY B 13 2.90 5.74 10.60
N GLU B 14 4.01 5.60 11.34
CA GLU B 14 4.64 6.72 12.07
C GLU B 14 5.38 7.65 11.11
N LEU B 15 5.18 8.96 11.35
CA LEU B 15 5.87 10.05 10.64
C LEU B 15 6.93 10.68 11.56
N LYS B 16 7.89 11.40 10.97
CA LYS B 16 8.93 12.14 11.72
C LYS B 16 8.29 13.38 12.37
N ASP B 17 7.56 14.14 11.54
CA ASP B 17 6.76 15.30 11.96
C ASP B 17 5.35 14.81 12.39
N VAL B 18 4.59 15.67 13.09
CA VAL B 18 3.21 15.35 13.56
C VAL B 18 2.24 15.10 12.38
N ALA B 19 2.37 15.94 11.33
CA ALA B 19 1.50 15.89 10.13
C ALA B 19 2.34 15.69 8.85
N GLY B 20 3.63 16.07 8.91
CA GLY B 20 4.55 15.99 7.75
C GLY B 20 4.81 14.55 7.33
N VAL B 21 4.54 14.24 6.04
CA VAL B 21 4.54 12.86 5.50
C VAL B 21 5.99 12.42 5.17
N GLU B 22 6.70 12.07 6.23
CA GLU B 22 8.03 11.46 6.19
C GLU B 22 8.01 10.23 7.09
N PHE B 23 7.77 9.05 6.50
CA PHE B 23 7.67 7.78 7.24
C PHE B 23 8.92 7.52 8.11
N ARG B 24 8.76 7.78 9.42
CA ARG B 24 9.81 7.64 10.46
C ARG B 24 10.53 6.28 10.38
N ASP B 25 9.70 5.22 10.31
CA ASP B 25 10.17 3.83 10.28
C ASP B 25 9.20 2.99 9.45
N LEU B 26 9.72 2.45 8.35
CA LEU B 26 8.98 1.70 7.34
C LEU B 26 8.54 0.31 7.86
N SER B 27 9.22 -0.17 8.90
CA SER B 27 8.90 -1.45 9.56
C SER B 27 7.70 -1.28 10.54
N LYS B 28 7.44 -0.02 10.98
CA LYS B 28 6.27 0.32 11.82
C LYS B 28 5.16 1.01 10.99
N VAL B 29 5.28 0.95 9.65
CA VAL B 29 4.19 1.37 8.74
C VAL B 29 3.08 0.30 8.79
N GLU B 30 2.01 0.62 9.52
CA GLU B 30 0.86 -0.26 9.73
C GLU B 30 -0.06 -0.22 8.51
N PHE B 31 0.02 -1.27 7.68
CA PHE B 31 -0.89 -1.48 6.56
C PHE B 31 -2.27 -1.82 7.15
N VAL B 32 -3.17 -0.84 7.07
CA VAL B 32 -4.55 -0.93 7.60
C VAL B 32 -5.31 -2.11 6.94
N GLY B 33 -4.91 -2.43 5.71
CA GLY B 33 -5.39 -3.60 4.98
C GLY B 33 -5.93 -3.21 3.62
N ALA B 34 -6.97 -3.91 3.20
CA ALA B 34 -7.67 -3.64 1.94
C ALA B 34 -9.10 -4.18 2.06
N TYR B 35 -10.06 -3.37 1.63
CA TYR B 35 -11.50 -3.68 1.74
C TYR B 35 -12.07 -4.01 0.34
N PRO B 36 -13.24 -4.73 0.22
CA PRO B 36 -13.81 -5.13 -1.10
C PRO B 36 -14.36 -3.95 -1.95
N SER B 37 -14.34 -2.73 -1.39
CA SER B 37 -14.78 -1.52 -2.08
C SER B 37 -14.05 -0.28 -1.52
N TYR B 38 -13.99 0.79 -2.35
CA TYR B 38 -13.30 2.04 -1.99
C TYR B 38 -13.99 2.72 -0.81
N ASP B 39 -15.33 2.79 -0.83
CA ASP B 39 -16.15 3.46 0.23
C ASP B 39 -15.82 2.89 1.63
N GLU B 40 -15.60 1.56 1.66
CA GLU B 40 -15.26 0.81 2.88
C GLU B 40 -13.86 1.20 3.39
N ALA B 41 -12.91 1.32 2.43
CA ALA B 41 -11.52 1.66 2.72
C ALA B 41 -11.39 3.15 3.11
N HIS B 42 -12.24 3.97 2.49
CA HIS B 42 -12.26 5.41 2.64
C HIS B 42 -12.79 5.79 4.04
N LYS B 43 -13.69 4.96 4.57
CA LYS B 43 -14.23 5.13 5.93
C LYS B 43 -13.22 4.60 6.97
N ALA B 44 -12.53 3.49 6.59
CA ALA B 44 -11.53 2.81 7.44
C ALA B 44 -10.40 3.75 7.88
N TRP B 45 -10.06 4.70 7.00
CA TRP B 45 -9.04 5.74 7.25
C TRP B 45 -9.32 6.50 8.58
N LYS B 46 -10.54 7.07 8.71
CA LYS B 46 -10.94 7.85 9.90
C LYS B 46 -11.34 6.92 11.06
N ALA B 47 -11.87 5.73 10.72
CA ALA B 47 -12.21 4.68 11.70
C ALA B 47 -10.96 4.24 12.50
N LYS B 48 -9.80 4.33 11.84
CA LYS B 48 -8.48 4.09 12.45
C LYS B 48 -8.00 5.33 13.21
N ALA B 49 -7.99 6.48 12.52
CA ALA B 49 -7.40 7.74 13.05
C ALA B 49 -8.07 8.20 14.36
N GLN B 50 -9.39 7.97 14.47
CA GLN B 50 -10.17 8.24 15.69
C GLN B 50 -9.86 7.20 16.78
N ALA B 51 -9.63 5.95 16.35
CA ALA B 51 -9.30 4.83 17.26
C ALA B 51 -7.88 4.98 17.85
N THR B 52 -7.00 5.64 17.08
CA THR B 52 -5.57 5.72 17.37
C THR B 52 -5.17 7.06 17.99
N VAL B 53 -5.95 7.49 19.01
CA VAL B 53 -5.68 8.73 19.78
C VAL B 53 -4.37 8.62 20.60
N ASP B 54 -4.03 7.37 20.97
CA ASP B 54 -2.80 7.07 21.73
C ASP B 54 -1.54 7.12 20.85
N ASN B 55 -1.71 6.95 19.52
CA ASN B 55 -0.59 7.03 18.55
C ASN B 55 -0.09 8.49 18.45
N ALA B 56 1.24 8.65 18.59
CA ALA B 56 1.90 9.98 18.63
C ALA B 56 1.91 10.66 17.25
N HIS B 57 2.69 10.08 16.31
CA HIS B 57 2.88 10.62 14.95
C HIS B 57 2.37 9.64 13.88
N ALA B 58 1.77 8.52 14.32
CA ALA B 58 1.27 7.49 13.42
C ALA B 58 -0.03 7.95 12.76
N ARG B 59 0.10 8.47 11.52
CA ARG B 59 -1.04 8.98 10.75
C ARG B 59 -1.43 7.94 9.69
N TYR B 60 -2.73 7.66 9.61
CA TYR B 60 -3.28 6.65 8.72
C TYR B 60 -3.88 7.34 7.48
N PHE B 61 -3.47 6.87 6.30
CA PHE B 61 -3.83 7.41 4.98
C PHE B 61 -4.52 6.34 4.12
N ILE B 62 -4.72 6.68 2.83
CA ILE B 62 -5.21 5.75 1.79
C ILE B 62 -4.23 5.81 0.60
N ILE B 63 -4.31 4.83 -0.31
CA ILE B 63 -3.54 4.79 -1.58
C ILE B 63 -4.44 4.19 -2.69
N HIS B 64 -4.39 4.79 -3.89
CA HIS B 64 -5.10 4.28 -5.07
C HIS B 64 -4.35 3.08 -5.67
N ALA B 65 -4.96 1.89 -5.51
CA ALA B 65 -4.45 0.65 -6.12
C ALA B 65 -5.23 0.35 -7.41
N HIS B 66 -4.66 0.76 -8.52
CA HIS B 66 -5.22 0.55 -9.87
C HIS B 66 -4.05 0.52 -10.87
N LYS B 67 -3.21 1.58 -10.81
CA LYS B 67 -1.94 1.64 -11.57
C LYS B 67 -0.81 1.14 -10.66
N LEU B 68 -0.65 -0.17 -10.65
CA LEU B 68 0.44 -0.84 -9.96
C LEU B 68 1.75 -0.62 -10.75
N LEU B 69 2.77 -0.06 -10.07
CA LEU B 69 4.07 0.21 -10.68
C LEU B 69 4.83 -1.11 -10.84
N ASP B 70 4.67 -1.72 -12.01
CA ASP B 70 5.33 -3.00 -12.32
C ASP B 70 6.55 -2.73 -13.23
N PRO B 71 7.80 -2.99 -12.74
CA PRO B 71 9.07 -2.75 -13.50
C PRO B 71 9.20 -3.67 -14.76
N SER B 72 8.57 -4.87 -14.71
CA SER B 72 8.57 -5.82 -15.84
C SER B 72 7.65 -5.32 -16.99
N GLU B 73 6.71 -4.40 -16.65
CA GLU B 73 5.91 -3.66 -17.65
C GLU B 73 6.62 -2.34 -18.05
N GLY B 74 7.76 -2.07 -17.41
CA GLY B 74 8.58 -0.87 -17.66
C GLY B 74 9.70 -1.12 -18.68
N MET A 1 22.42 14.75 -3.32
CA MET A 1 21.13 14.24 -3.85
C MET A 1 20.06 14.30 -2.73
N PRO A 2 18.80 14.79 -3.04
CA PRO A 2 17.68 14.85 -2.04
C PRO A 2 17.32 13.46 -1.45
N ASP A 3 17.89 13.18 -0.26
CA ASP A 3 17.76 11.88 0.42
C ASP A 3 16.52 11.88 1.32
N LYS A 4 15.57 11.02 0.95
CA LYS A 4 14.33 10.80 1.69
C LYS A 4 14.29 9.34 2.18
N GLN A 5 13.86 9.14 3.45
CA GLN A 5 13.65 7.81 4.03
C GLN A 5 12.29 7.23 3.57
N LEU A 6 11.46 8.08 2.94
CA LEU A 6 10.20 7.68 2.29
C LEU A 6 10.52 7.28 0.83
N LEU A 7 9.80 6.25 0.34
CA LEU A 7 10.05 5.57 -0.92
C LEU A 7 8.75 4.92 -1.45
N HIS A 8 8.90 4.10 -2.49
CA HIS A 8 7.82 3.31 -3.07
C HIS A 8 7.66 1.99 -2.29
N ILE A 9 6.69 1.96 -1.36
CA ILE A 9 6.41 0.76 -0.56
C ILE A 9 5.84 -0.37 -1.45
N VAL A 10 5.97 -1.61 -0.99
CA VAL A 10 5.71 -2.81 -1.79
C VAL A 10 4.44 -3.54 -1.33
N VAL A 11 3.55 -3.78 -2.31
CA VAL A 11 2.23 -4.39 -2.13
C VAL A 11 2.04 -5.50 -3.17
N GLY A 12 1.19 -6.49 -2.87
CA GLY A 12 0.85 -7.54 -3.82
C GLY A 12 -0.33 -8.37 -3.38
N GLY A 13 -0.36 -9.64 -3.83
CA GLY A 13 -1.44 -10.58 -3.52
C GLY A 13 -1.94 -11.24 -4.79
N GLU A 14 -2.96 -12.11 -4.67
CA GLU A 14 -3.52 -12.83 -5.84
C GLU A 14 -4.58 -11.97 -6.54
N LEU A 15 -4.43 -11.89 -7.86
CA LEU A 15 -5.38 -11.25 -8.77
C LEU A 15 -6.36 -12.31 -9.30
N LYS A 16 -7.40 -11.86 -10.01
CA LYS A 16 -8.39 -12.74 -10.65
C LYS A 16 -7.80 -13.33 -11.94
N ASP A 17 -6.94 -12.54 -12.60
CA ASP A 17 -6.39 -12.85 -13.93
C ASP A 17 -4.87 -12.57 -13.95
N VAL A 18 -4.18 -13.19 -14.92
CA VAL A 18 -2.72 -13.05 -15.12
C VAL A 18 -2.28 -11.58 -15.36
N ALA A 19 -3.00 -10.87 -16.23
CA ALA A 19 -2.73 -9.46 -16.55
C ALA A 19 -3.75 -8.55 -15.84
N GLY A 20 -4.93 -9.13 -15.54
CA GLY A 20 -6.03 -8.42 -14.92
C GLY A 20 -5.71 -7.97 -13.50
N VAL A 21 -5.39 -6.68 -13.34
CA VAL A 21 -5.12 -6.04 -12.04
C VAL A 21 -6.46 -5.76 -11.37
N GLU A 22 -7.05 -6.86 -10.87
CA GLU A 22 -8.28 -6.90 -10.06
C GLU A 22 -8.10 -7.99 -9.00
N PHE A 23 -7.99 -7.61 -7.72
CA PHE A 23 -7.69 -8.54 -6.61
C PHE A 23 -8.75 -9.65 -6.48
N ARG A 24 -8.29 -10.91 -6.45
CA ARG A 24 -9.14 -12.09 -6.21
C ARG A 24 -9.77 -12.02 -4.80
N ASP A 25 -8.96 -11.62 -3.82
CA ASP A 25 -9.36 -11.48 -2.43
C ASP A 25 -8.65 -10.29 -1.79
N LEU A 26 -9.44 -9.35 -1.24
CA LEU A 26 -8.97 -8.16 -0.52
C LEU A 26 -8.47 -8.49 0.90
N SER A 27 -8.62 -9.78 1.30
CA SER A 27 -8.05 -10.31 2.55
C SER A 27 -6.74 -11.08 2.25
N LYS A 28 -6.50 -11.43 0.96
CA LYS A 28 -5.25 -12.11 0.52
C LYS A 28 -4.30 -11.14 -0.20
N VAL A 29 -4.60 -9.83 -0.14
CA VAL A 29 -3.70 -8.78 -0.66
C VAL A 29 -2.45 -8.70 0.25
N GLU A 30 -1.46 -9.55 -0.07
CA GLU A 30 -0.25 -9.67 0.73
C GLU A 30 0.64 -8.45 0.48
N PHE A 31 0.63 -7.53 1.44
CA PHE A 31 1.48 -6.36 1.43
C PHE A 31 2.90 -6.82 1.76
N VAL A 32 3.78 -6.80 0.76
CA VAL A 32 5.18 -7.26 0.87
C VAL A 32 5.91 -6.52 2.02
N GLY A 33 5.49 -5.26 2.23
CA GLY A 33 5.91 -4.44 3.37
C GLY A 33 6.47 -3.12 2.89
N ALA A 34 7.56 -2.68 3.50
CA ALA A 34 8.31 -1.49 3.09
C ALA A 34 9.76 -1.68 3.51
N TYR A 35 10.64 -0.84 2.97
CA TYR A 35 12.09 -0.88 3.22
C TYR A 35 12.60 0.55 3.38
N PRO A 36 13.80 0.80 3.99
CA PRO A 36 14.33 2.19 4.17
C PRO A 36 14.85 2.87 2.86
N SER A 37 14.62 2.23 1.69
CA SER A 37 15.06 2.74 0.37
C SER A 37 14.22 2.12 -0.76
N TYR A 38 14.05 2.91 -1.85
CA TYR A 38 13.34 2.47 -3.08
C TYR A 38 14.01 1.23 -3.66
N ASP A 39 15.35 1.27 -3.75
CA ASP A 39 16.18 0.19 -4.35
C ASP A 39 15.92 -1.16 -3.65
N GLU A 40 15.75 -1.09 -2.32
CA GLU A 40 15.44 -2.25 -1.47
C GLU A 40 14.03 -2.80 -1.78
N ALA A 41 13.05 -1.89 -1.93
CA ALA A 41 11.66 -2.24 -2.21
C ALA A 41 11.52 -2.75 -3.67
N HIS A 42 12.34 -2.16 -4.55
CA HIS A 42 12.34 -2.43 -5.98
C HIS A 42 12.82 -3.85 -6.25
N LYS A 43 13.85 -4.26 -5.50
CA LYS A 43 14.44 -5.60 -5.61
C LYS A 43 13.49 -6.66 -5.01
N ALA A 44 12.76 -6.25 -3.96
CA ALA A 44 11.77 -7.09 -3.26
C ALA A 44 10.65 -7.57 -4.20
N TRP A 45 10.28 -6.70 -5.17
CA TRP A 45 9.25 -6.99 -6.21
C TRP A 45 9.55 -8.34 -6.92
N LYS A 46 10.77 -8.47 -7.46
CA LYS A 46 11.19 -9.66 -8.26
C LYS A 46 11.53 -10.82 -7.34
N ALA A 47 11.98 -10.51 -6.11
CA ALA A 47 12.23 -11.52 -5.07
C ALA A 47 10.95 -12.29 -4.77
N LYS A 48 9.83 -11.56 -4.73
CA LYS A 48 8.49 -12.12 -4.49
C LYS A 48 7.97 -12.86 -5.71
N ALA A 49 8.15 -12.26 -6.89
CA ALA A 49 7.70 -12.83 -8.17
C ALA A 49 8.36 -14.19 -8.48
N GLN A 50 9.61 -14.36 -7.98
CA GLN A 50 10.39 -15.60 -8.14
C GLN A 50 10.21 -16.56 -6.95
N ALA A 51 9.75 -16.02 -5.79
CA ALA A 51 9.54 -16.81 -4.57
C ALA A 51 8.19 -17.55 -4.60
N THR A 52 7.15 -16.85 -5.10
CA THR A 52 5.76 -17.32 -5.05
C THR A 52 5.34 -17.93 -6.40
N VAL A 53 6.27 -18.70 -7.00
CA VAL A 53 6.03 -19.43 -8.27
C VAL A 53 4.92 -20.50 -8.15
N ASP A 54 4.69 -20.96 -6.90
CA ASP A 54 3.63 -21.91 -6.55
C ASP A 54 2.22 -21.33 -6.83
N ASN A 55 2.08 -20.00 -6.67
CA ASN A 55 0.81 -19.29 -6.85
C ASN A 55 0.45 -19.11 -8.34
N ALA A 56 -0.86 -18.94 -8.59
CA ALA A 56 -1.41 -18.74 -9.93
C ALA A 56 -1.25 -17.28 -10.40
N HIS A 57 -1.94 -16.36 -9.71
CA HIS A 57 -2.04 -14.94 -10.12
C HIS A 57 -1.48 -13.98 -9.05
N ALA A 58 -0.70 -14.52 -8.09
CA ALA A 58 -0.04 -13.67 -7.08
C ALA A 58 1.04 -12.82 -7.73
N ARG A 59 0.66 -11.59 -8.07
CA ARG A 59 1.50 -10.66 -8.82
C ARG A 59 1.84 -9.50 -7.88
N TYR A 60 3.09 -9.48 -7.43
CA TYR A 60 3.58 -8.54 -6.42
C TYR A 60 4.19 -7.32 -7.11
N PHE A 61 3.45 -6.22 -7.04
CA PHE A 61 3.81 -4.95 -7.67
C PHE A 61 4.48 -4.01 -6.65
N ILE A 62 4.53 -2.70 -6.98
CA ILE A 62 5.05 -1.64 -6.11
C ILE A 62 4.07 -0.46 -6.19
N ILE A 63 4.03 0.36 -5.13
CA ILE A 63 3.08 1.49 -5.04
C ILE A 63 3.82 2.73 -4.48
N HIS A 64 3.46 3.91 -4.98
CA HIS A 64 4.01 5.19 -4.51
C HIS A 64 3.38 5.57 -3.15
N ALA A 65 4.21 5.66 -2.12
CA ALA A 65 3.78 6.12 -0.78
C ALA A 65 4.10 7.62 -0.58
N HIS A 66 4.83 8.21 -1.55
CA HIS A 66 5.23 9.63 -1.51
C HIS A 66 4.02 10.55 -1.80
N LYS A 67 3.05 10.00 -2.54
CA LYS A 67 1.73 10.63 -2.72
C LYS A 67 0.65 9.70 -2.15
N LEU A 68 -0.15 10.25 -1.24
CA LEU A 68 -1.22 9.54 -0.53
C LEU A 68 -2.56 10.26 -0.77
N LEU A 69 -3.56 9.51 -1.21
CA LEU A 69 -4.95 9.98 -1.33
C LEU A 69 -5.56 10.08 0.07
N ASP A 70 -6.41 11.09 0.28
CA ASP A 70 -7.17 11.26 1.53
C ASP A 70 -8.28 12.30 1.32
N PRO A 71 -9.38 12.24 2.13
CA PRO A 71 -10.50 13.21 2.03
C PRO A 71 -10.31 14.49 2.88
N SER A 72 -9.19 14.57 3.63
CA SER A 72 -8.90 15.71 4.51
C SER A 72 -8.23 16.83 3.68
N GLU A 73 -6.97 16.58 3.29
CA GLU A 73 -6.14 17.52 2.50
C GLU A 73 -6.32 17.27 1.01
N GLY A 74 -6.33 15.98 0.63
CA GLY A 74 -6.44 15.56 -0.78
C GLY A 74 -5.08 15.29 -1.42
N MET B 1 -24.50 2.09 -10.97
CA MET B 1 -23.13 2.37 -11.38
C MET B 1 -22.29 1.07 -11.36
N PRO B 2 -21.27 0.89 -12.28
CA PRO B 2 -20.40 -0.31 -12.28
C PRO B 2 -19.63 -0.46 -10.95
N ASP B 3 -19.66 -1.69 -10.39
CA ASP B 3 -19.05 -1.99 -9.08
C ASP B 3 -17.77 -2.80 -9.30
N LYS B 4 -16.76 -2.49 -8.47
CA LYS B 4 -15.44 -3.14 -8.47
C LYS B 4 -15.03 -3.46 -7.03
N GLN B 5 -14.45 -4.65 -6.83
CA GLN B 5 -13.84 -5.05 -5.54
C GLN B 5 -12.52 -4.30 -5.32
N LEU B 6 -11.82 -4.03 -6.44
CA LEU B 6 -10.58 -3.27 -6.44
C LEU B 6 -10.95 -1.80 -6.34
N LEU B 7 -10.13 -1.09 -5.58
CA LEU B 7 -10.49 0.21 -5.04
C LEU B 7 -9.22 0.93 -4.55
N HIS B 8 -9.43 1.96 -3.72
CA HIS B 8 -8.35 2.70 -3.07
C HIS B 8 -8.02 2.02 -1.74
N ILE B 9 -6.99 1.14 -1.74
CA ILE B 9 -6.58 0.36 -0.55
C ILE B 9 -6.00 1.30 0.52
N VAL B 10 -5.95 0.80 1.76
CA VAL B 10 -5.65 1.62 2.95
C VAL B 10 -4.32 1.22 3.60
N VAL B 11 -3.51 2.25 3.88
CA VAL B 11 -2.17 2.13 4.45
C VAL B 11 -1.86 3.38 5.29
N GLY B 12 -1.05 3.21 6.34
CA GLY B 12 -0.61 4.31 7.16
C GLY B 12 0.50 3.88 8.10
N GLY B 13 0.34 4.18 9.40
CA GLY B 13 1.35 3.92 10.42
C GLY B 13 1.79 5.21 11.03
N GLU B 14 2.90 5.20 11.77
CA GLU B 14 3.39 6.38 12.50
C GLU B 14 4.43 7.13 11.68
N LEU B 15 4.30 8.46 11.73
CA LEU B 15 5.20 9.42 11.09
C LEU B 15 6.15 10.03 12.13
N LYS B 16 7.07 10.88 11.67
CA LYS B 16 8.01 11.62 12.53
C LYS B 16 7.35 12.91 13.00
N ASP B 17 6.46 13.43 12.14
CA ASP B 17 5.80 14.72 12.30
C ASP B 17 4.50 14.72 11.46
N VAL B 18 3.60 15.69 11.71
CA VAL B 18 2.34 15.85 10.95
C VAL B 18 2.55 16.68 9.67
N ALA B 19 3.23 17.84 9.81
CA ALA B 19 3.43 18.81 8.71
C ALA B 19 4.30 18.23 7.60
N GLY B 20 5.21 17.33 8.00
CA GLY B 20 6.02 16.54 7.08
C GLY B 20 5.56 15.09 7.06
N VAL B 21 5.12 14.60 5.88
CA VAL B 21 4.71 13.20 5.69
C VAL B 21 5.99 12.37 5.56
N GLU B 22 6.64 12.17 6.70
CA GLU B 22 7.87 11.39 6.81
C GLU B 22 7.57 10.18 7.69
N PHE B 23 7.52 8.97 7.11
CA PHE B 23 7.27 7.73 7.90
C PHE B 23 8.37 7.56 8.97
N ARG B 24 7.95 7.37 10.24
CA ARG B 24 8.87 7.23 11.37
C ARG B 24 9.80 6.03 11.17
N ASP B 25 9.18 4.87 10.93
CA ASP B 25 9.85 3.63 10.59
C ASP B 25 9.04 2.92 9.51
N LEU B 26 9.74 2.44 8.49
CA LEU B 26 9.19 1.64 7.38
C LEU B 26 8.82 0.20 7.82
N SER B 27 9.16 -0.16 9.07
CA SER B 27 8.71 -1.40 9.71
C SER B 27 7.43 -1.14 10.56
N LYS B 28 7.23 0.14 10.96
CA LYS B 28 6.07 0.57 11.78
C LYS B 28 4.98 1.21 10.91
N VAL B 29 5.13 1.13 9.56
CA VAL B 29 4.06 1.49 8.62
C VAL B 29 3.00 0.37 8.64
N GLU B 30 1.82 0.69 9.16
CA GLU B 30 0.73 -0.28 9.32
C GLU B 30 -0.21 -0.21 8.11
N PHE B 31 -0.14 -1.24 7.27
CA PHE B 31 -1.07 -1.45 6.18
C PHE B 31 -2.43 -1.84 6.78
N VAL B 32 -3.37 -0.89 6.76
CA VAL B 32 -4.73 -1.06 7.32
C VAL B 32 -5.46 -2.24 6.64
N GLY B 33 -5.14 -2.44 5.34
CA GLY B 33 -5.61 -3.57 4.58
C GLY B 33 -6.21 -3.13 3.26
N ALA B 34 -7.33 -3.75 2.89
CA ALA B 34 -8.12 -3.40 1.72
C ALA B 34 -9.56 -3.87 1.92
N TYR B 35 -10.48 -3.29 1.16
CA TYR B 35 -11.93 -3.50 1.32
C TYR B 35 -12.59 -3.74 -0.05
N PRO B 36 -13.84 -4.31 -0.13
CA PRO B 36 -14.53 -4.53 -1.44
C PRO B 36 -15.23 -3.26 -2.01
N SER B 37 -14.94 -2.07 -1.44
CA SER B 37 -15.58 -0.80 -1.83
C SER B 37 -14.75 0.40 -1.38
N TYR B 38 -14.86 1.51 -2.15
CA TYR B 38 -14.17 2.79 -1.85
C TYR B 38 -14.59 3.31 -0.47
N ASP B 39 -15.92 3.39 -0.25
CA ASP B 39 -16.50 3.98 0.98
C ASP B 39 -16.02 3.26 2.25
N GLU B 40 -15.81 1.94 2.14
CA GLU B 40 -15.33 1.10 3.24
C GLU B 40 -13.90 1.49 3.68
N ALA B 41 -13.02 1.68 2.67
CA ALA B 41 -11.61 2.01 2.91
C ALA B 41 -11.43 3.49 3.30
N HIS B 42 -12.20 4.33 2.61
CA HIS B 42 -12.31 5.77 2.87
C HIS B 42 -12.72 6.02 4.33
N LYS B 43 -13.63 5.19 4.84
CA LYS B 43 -14.11 5.29 6.23
C LYS B 43 -13.08 4.72 7.21
N ALA B 44 -12.34 3.68 6.75
CA ALA B 44 -11.31 3.00 7.54
C ALA B 44 -10.13 3.93 7.89
N TRP B 45 -9.87 4.91 7.00
CA TRP B 45 -8.91 6.01 7.23
C TRP B 45 -9.16 6.70 8.60
N LYS B 46 -10.42 7.07 8.85
CA LYS B 46 -10.84 7.79 10.08
C LYS B 46 -11.10 6.81 11.23
N ALA B 47 -11.51 5.58 10.90
CA ALA B 47 -11.70 4.50 11.89
C ALA B 47 -10.38 4.25 12.66
N LYS B 48 -9.29 4.30 11.89
CA LYS B 48 -7.92 4.14 12.40
C LYS B 48 -7.44 5.41 13.11
N ALA B 49 -7.74 6.57 12.50
CA ALA B 49 -7.35 7.89 13.05
C ALA B 49 -7.95 8.13 14.46
N GLN B 50 -9.21 7.68 14.64
CA GLN B 50 -9.95 7.76 15.92
C GLN B 50 -9.41 6.72 16.93
N ALA B 51 -8.98 5.56 16.40
CA ALA B 51 -8.48 4.43 17.21
C ALA B 51 -7.08 4.71 17.78
N THR B 52 -6.30 5.54 17.06
CA THR B 52 -4.88 5.79 17.38
C THR B 52 -4.68 7.11 18.14
N VAL B 53 -5.23 7.16 19.36
CA VAL B 53 -5.12 8.32 20.26
C VAL B 53 -3.76 8.29 21.00
N ASP B 54 -3.40 7.09 21.47
CA ASP B 54 -2.14 6.82 22.21
C ASP B 54 -0.92 7.10 21.33
N ASN B 55 -1.01 6.70 20.05
CA ASN B 55 0.07 6.81 19.06
C ASN B 55 0.58 8.26 18.91
N ALA B 56 1.91 8.39 18.74
CA ALA B 56 2.62 9.67 18.67
C ALA B 56 2.22 10.47 17.41
N HIS B 57 2.33 9.82 16.23
CA HIS B 57 2.08 10.48 14.92
C HIS B 57 1.44 9.51 13.90
N ALA B 58 0.63 8.54 14.38
CA ALA B 58 -0.11 7.63 13.48
C ALA B 58 -1.03 8.39 12.52
N ARG B 59 -0.60 8.46 11.25
CA ARG B 59 -1.28 9.18 10.18
C ARG B 59 -1.60 8.19 9.06
N TYR B 60 -2.87 7.75 9.02
CA TYR B 60 -3.36 6.78 8.05
C TYR B 60 -3.96 7.50 6.86
N PHE B 61 -3.56 7.04 5.68
CA PHE B 61 -3.98 7.59 4.39
C PHE B 61 -4.47 6.44 3.48
N ILE B 62 -4.60 6.73 2.18
CA ILE B 62 -5.23 5.81 1.20
C ILE B 62 -4.41 5.91 -0.12
N ILE B 63 -4.34 4.83 -0.92
CA ILE B 63 -3.69 4.86 -2.26
C ILE B 63 -4.53 4.03 -3.24
N HIS B 64 -4.57 4.45 -4.52
CA HIS B 64 -5.32 3.74 -5.57
C HIS B 64 -4.50 2.53 -6.08
N ALA B 65 -5.17 1.39 -6.24
CA ALA B 65 -4.48 0.07 -6.39
C ALA B 65 -4.65 -0.57 -7.79
N HIS B 66 -5.21 0.18 -8.75
CA HIS B 66 -5.38 -0.32 -10.14
C HIS B 66 -4.10 -0.07 -10.95
N LYS B 67 -3.56 1.15 -10.83
CA LYS B 67 -2.29 1.53 -11.47
C LYS B 67 -1.16 1.31 -10.47
N LEU B 68 -0.38 0.26 -10.69
CA LEU B 68 0.75 -0.14 -9.84
C LEU B 68 2.05 -0.02 -10.63
N LEU B 69 3.11 0.45 -9.95
CA LEU B 69 4.44 0.64 -10.54
C LEU B 69 5.14 -0.71 -10.73
N ASP B 70 4.90 -1.35 -11.88
CA ASP B 70 5.58 -2.61 -12.23
C ASP B 70 6.86 -2.29 -13.04
N PRO B 71 8.06 -2.63 -12.49
CA PRO B 71 9.38 -2.35 -13.12
C PRO B 71 9.59 -3.07 -14.46
N SER B 72 8.99 -4.26 -14.62
CA SER B 72 9.09 -5.06 -15.86
C SER B 72 8.16 -4.47 -16.96
N GLU B 73 7.15 -3.68 -16.54
CA GLU B 73 6.32 -2.85 -17.45
C GLU B 73 6.91 -1.43 -17.60
N GLY B 74 7.93 -1.11 -16.78
CA GLY B 74 8.64 0.17 -16.83
C GLY B 74 9.86 0.16 -17.77
N MET A 1 20.45 8.06 -3.38
CA MET A 1 19.05 8.53 -3.44
C MET A 1 18.92 9.88 -2.71
N PRO A 2 17.92 10.77 -3.10
CA PRO A 2 17.70 12.09 -2.45
C PRO A 2 17.35 11.95 -0.95
N ASP A 3 17.36 13.08 -0.22
CA ASP A 3 17.06 13.13 1.23
C ASP A 3 15.58 12.93 1.53
N LYS A 4 14.80 12.80 0.47
CA LYS A 4 13.40 12.44 0.53
C LYS A 4 13.30 10.92 0.66
N GLN A 5 13.20 10.43 1.91
CA GLN A 5 13.11 8.98 2.19
C GLN A 5 11.75 8.39 1.77
N LEU A 6 10.75 9.27 1.53
CA LEU A 6 9.39 8.84 1.21
C LEU A 6 9.40 8.14 -0.16
N LEU A 7 9.27 6.82 -0.10
CA LEU A 7 9.61 5.90 -1.21
C LEU A 7 8.38 5.12 -1.66
N HIS A 8 8.62 4.04 -2.41
CA HIS A 8 7.58 3.15 -2.91
C HIS A 8 7.51 1.91 -2.01
N ILE A 9 6.35 1.68 -1.37
CA ILE A 9 6.09 0.44 -0.60
C ILE A 9 5.83 -0.73 -1.57
N VAL A 10 5.82 -1.95 -1.03
CA VAL A 10 5.64 -3.19 -1.81
C VAL A 10 4.34 -3.89 -1.38
N VAL A 11 3.53 -4.24 -2.39
CA VAL A 11 2.23 -4.89 -2.21
C VAL A 11 1.90 -5.73 -3.45
N GLY A 12 1.19 -6.83 -3.23
CA GLY A 12 0.67 -7.64 -4.31
C GLY A 12 -0.47 -8.50 -3.83
N GLY A 13 -0.37 -9.81 -4.06
CA GLY A 13 -1.39 -10.78 -3.69
C GLY A 13 -1.99 -11.41 -4.91
N GLU A 14 -3.00 -12.26 -4.73
CA GLU A 14 -3.65 -12.99 -5.83
C GLU A 14 -4.57 -12.06 -6.62
N LEU A 15 -4.50 -12.23 -7.95
CA LEU A 15 -5.34 -11.52 -8.93
C LEU A 15 -6.35 -12.50 -9.55
N LYS A 16 -7.31 -11.96 -10.30
CA LYS A 16 -8.35 -12.76 -10.96
C LYS A 16 -7.80 -13.36 -12.27
N ASP A 17 -6.70 -12.76 -12.76
CA ASP A 17 -6.05 -13.18 -14.01
C ASP A 17 -4.55 -12.77 -14.00
N VAL A 18 -3.75 -13.40 -14.88
CA VAL A 18 -2.31 -13.07 -15.05
C VAL A 18 -2.10 -11.66 -15.65
N ALA A 19 -2.91 -11.34 -16.68
CA ALA A 19 -2.89 -10.03 -17.37
C ALA A 19 -3.83 -9.05 -16.65
N GLY A 20 -4.89 -9.61 -16.06
CA GLY A 20 -5.90 -8.83 -15.34
C GLY A 20 -5.38 -8.37 -13.97
N VAL A 21 -5.17 -7.04 -13.81
CA VAL A 21 -4.52 -6.45 -12.60
C VAL A 21 -5.51 -6.35 -11.40
N GLU A 22 -6.67 -7.01 -11.54
CA GLU A 22 -7.77 -6.96 -10.58
C GLU A 22 -7.48 -7.98 -9.47
N PHE A 23 -7.24 -7.47 -8.25
CA PHE A 23 -7.00 -8.32 -7.08
C PHE A 23 -8.19 -9.27 -6.82
N ARG A 24 -7.90 -10.59 -6.80
CA ARG A 24 -8.87 -11.68 -6.57
C ARG A 24 -9.73 -11.43 -5.33
N ASP A 25 -9.05 -10.99 -4.26
CA ASP A 25 -9.69 -10.66 -2.99
C ASP A 25 -8.81 -9.66 -2.24
N LEU A 26 -9.44 -8.62 -1.68
CA LEU A 26 -8.76 -7.49 -1.03
C LEU A 26 -8.37 -7.79 0.43
N SER A 27 -8.51 -9.04 0.86
CA SER A 27 -7.88 -9.56 2.10
C SER A 27 -6.81 -10.61 1.74
N LYS A 28 -6.82 -11.08 0.47
CA LYS A 28 -5.73 -11.91 -0.11
C LYS A 28 -4.52 -11.05 -0.51
N VAL A 29 -4.75 -9.72 -0.66
CA VAL A 29 -3.69 -8.77 -1.03
C VAL A 29 -2.59 -8.77 0.04
N GLU A 30 -1.50 -9.49 -0.26
CA GLU A 30 -0.37 -9.61 0.65
C GLU A 30 0.53 -8.38 0.50
N PHE A 31 0.47 -7.52 1.52
CA PHE A 31 1.39 -6.40 1.67
C PHE A 31 2.77 -6.97 2.01
N VAL A 32 3.63 -7.04 0.97
CA VAL A 32 5.02 -7.49 1.10
C VAL A 32 5.77 -6.61 2.14
N GLY A 33 5.27 -5.37 2.29
CA GLY A 33 5.64 -4.48 3.37
C GLY A 33 6.15 -3.15 2.83
N ALA A 34 7.26 -2.70 3.36
CA ALA A 34 7.95 -1.48 2.96
C ALA A 34 9.39 -1.59 3.44
N TYR A 35 10.30 -0.85 2.81
CA TYR A 35 11.74 -0.95 3.06
C TYR A 35 12.35 0.43 3.26
N PRO A 36 13.52 0.56 3.99
CA PRO A 36 14.17 1.89 4.26
C PRO A 36 14.95 2.46 3.05
N SER A 37 14.70 1.91 1.85
CA SER A 37 15.23 2.41 0.58
C SER A 37 14.33 1.91 -0.55
N TYR A 38 14.16 2.76 -1.58
CA TYR A 38 13.38 2.42 -2.77
C TYR A 38 13.91 1.15 -3.46
N ASP A 39 15.25 0.99 -3.54
CA ASP A 39 15.90 -0.15 -4.25
C ASP A 39 15.59 -1.48 -3.56
N GLU A 40 15.55 -1.45 -2.22
CA GLU A 40 15.22 -2.63 -1.39
C GLU A 40 13.79 -3.11 -1.67
N ALA A 41 12.87 -2.15 -1.91
CA ALA A 41 11.48 -2.44 -2.26
C ALA A 41 11.38 -2.85 -3.75
N HIS A 42 12.19 -2.18 -4.58
CA HIS A 42 12.22 -2.36 -6.04
C HIS A 42 12.80 -3.73 -6.37
N LYS A 43 13.57 -4.30 -5.44
CA LYS A 43 14.18 -5.62 -5.59
C LYS A 43 13.25 -6.69 -5.03
N ALA A 44 12.49 -6.32 -3.98
CA ALA A 44 11.53 -7.21 -3.29
C ALA A 44 10.43 -7.71 -4.25
N TRP A 45 10.04 -6.85 -5.21
CA TRP A 45 9.04 -7.19 -6.26
C TRP A 45 9.41 -8.50 -7.00
N LYS A 46 10.67 -8.59 -7.44
CA LYS A 46 11.20 -9.75 -8.21
C LYS A 46 11.59 -10.91 -7.28
N ALA A 47 12.00 -10.56 -6.05
CA ALA A 47 12.28 -11.53 -4.97
C ALA A 47 11.00 -12.28 -4.58
N LYS A 48 9.84 -11.64 -4.79
CA LYS A 48 8.52 -12.23 -4.58
C LYS A 48 8.03 -12.96 -5.83
N ALA A 49 8.15 -12.30 -7.00
CA ALA A 49 7.61 -12.81 -8.28
C ALA A 49 8.20 -14.19 -8.66
N GLN A 50 9.50 -14.36 -8.39
CA GLN A 50 10.23 -15.63 -8.65
C GLN A 50 9.98 -16.65 -7.52
N ALA A 51 9.73 -16.16 -6.30
CA ALA A 51 9.53 -17.01 -5.11
C ALA A 51 8.15 -17.70 -5.13
N THR A 52 7.13 -16.92 -5.48
CA THR A 52 5.73 -17.33 -5.33
C THR A 52 5.18 -17.96 -6.63
N VAL A 53 5.28 -19.30 -6.70
CA VAL A 53 4.73 -20.09 -7.83
C VAL A 53 3.48 -20.87 -7.34
N ASP A 54 3.54 -21.39 -6.09
CA ASP A 54 2.43 -22.15 -5.44
C ASP A 54 1.14 -21.32 -5.36
N ASN A 55 1.31 -20.01 -5.09
CA ASN A 55 0.20 -19.05 -4.91
C ASN A 55 -0.44 -18.60 -6.25
N ALA A 56 0.11 -19.15 -7.35
CA ALA A 56 -0.36 -19.05 -8.75
C ALA A 56 -0.66 -17.60 -9.21
N HIS A 57 -1.87 -17.11 -8.89
CA HIS A 57 -2.39 -15.80 -9.37
C HIS A 57 -1.74 -14.62 -8.65
N ALA A 58 -0.89 -14.93 -7.68
CA ALA A 58 -0.17 -13.95 -6.86
C ALA A 58 0.83 -13.15 -7.70
N ARG A 59 0.40 -11.93 -8.06
CA ARG A 59 1.20 -10.97 -8.84
C ARG A 59 1.62 -9.84 -7.91
N TYR A 60 2.89 -9.89 -7.48
CA TYR A 60 3.46 -8.89 -6.55
C TYR A 60 4.14 -7.79 -7.35
N PHE A 61 3.74 -6.55 -7.06
CA PHE A 61 4.26 -5.34 -7.70
C PHE A 61 4.70 -4.34 -6.62
N ILE A 62 4.85 -3.07 -7.02
CA ILE A 62 5.26 -1.98 -6.14
C ILE A 62 4.20 -0.88 -6.25
N ILE A 63 3.98 -0.10 -5.18
CA ILE A 63 3.14 1.09 -5.20
C ILE A 63 3.87 2.24 -4.49
N HIS A 64 3.76 3.45 -5.06
CA HIS A 64 4.32 4.66 -4.47
C HIS A 64 3.57 5.03 -3.18
N ALA A 65 4.33 5.19 -2.08
CA ALA A 65 3.81 5.75 -0.82
C ALA A 65 3.96 7.27 -0.82
N HIS A 66 4.38 7.81 -1.97
CA HIS A 66 4.53 9.24 -2.17
C HIS A 66 3.22 9.78 -2.74
N LYS A 67 2.74 10.83 -2.11
CA LYS A 67 1.48 11.53 -2.43
C LYS A 67 0.28 10.62 -2.11
N LEU A 68 -0.20 10.75 -0.88
CA LEU A 68 -1.25 9.93 -0.30
C LEU A 68 -2.63 10.56 -0.58
N LEU A 69 -3.64 9.70 -0.73
CA LEU A 69 -5.03 10.11 -0.92
C LEU A 69 -5.70 10.28 0.45
N ASP A 70 -5.25 11.30 1.17
CA ASP A 70 -5.85 11.66 2.46
C ASP A 70 -7.04 12.60 2.19
N PRO A 71 -8.30 12.15 2.41
CA PRO A 71 -9.52 12.94 2.13
C PRO A 71 -9.60 14.29 2.89
N SER A 72 -8.96 14.34 4.07
CA SER A 72 -8.93 15.55 4.91
C SER A 72 -8.01 16.61 4.27
N GLU A 73 -6.79 16.20 3.86
CA GLU A 73 -5.78 17.10 3.29
C GLU A 73 -6.03 17.36 1.79
N GLY A 74 -6.03 16.27 1.01
CA GLY A 74 -6.36 16.32 -0.42
C GLY A 74 -7.84 16.17 -0.69
N MET B 1 -19.42 4.19 -6.19
CA MET B 1 -18.62 2.97 -6.35
C MET B 1 -19.23 2.07 -7.45
N PRO B 2 -18.59 1.95 -8.65
CA PRO B 2 -19.02 0.99 -9.70
C PRO B 2 -18.56 -0.46 -9.38
N ASP B 3 -18.81 -1.38 -10.33
CA ASP B 3 -18.26 -2.75 -10.27
C ASP B 3 -16.76 -2.70 -10.58
N LYS B 4 -15.95 -2.39 -9.54
CA LYS B 4 -14.50 -2.40 -9.65
C LYS B 4 -13.91 -2.61 -8.23
N GLN B 5 -13.54 -3.87 -7.94
CA GLN B 5 -12.88 -4.28 -6.69
C GLN B 5 -11.40 -3.83 -6.66
N LEU B 6 -10.89 -3.36 -7.80
CA LEU B 6 -9.55 -2.79 -7.91
C LEU B 6 -9.68 -1.30 -7.56
N LEU B 7 -9.30 -0.97 -6.33
CA LEU B 7 -9.70 0.27 -5.64
C LEU B 7 -8.56 0.77 -4.76
N HIS B 8 -8.90 1.61 -3.79
CA HIS B 8 -7.93 2.26 -2.92
C HIS B 8 -7.71 1.40 -1.65
N ILE B 9 -6.48 0.87 -1.48
CA ILE B 9 -6.07 0.21 -0.23
C ILE B 9 -5.83 1.27 0.87
N VAL B 10 -5.73 0.80 2.11
CA VAL B 10 -5.54 1.65 3.29
C VAL B 10 -4.24 1.30 4.01
N VAL B 11 -3.38 2.33 4.13
CA VAL B 11 -2.07 2.23 4.79
C VAL B 11 -1.91 3.44 5.73
N GLY B 12 -1.05 3.29 6.72
CA GLY B 12 -0.67 4.41 7.58
C GLY B 12 0.51 4.05 8.43
N GLY B 13 0.70 4.76 9.57
CA GLY B 13 1.78 4.46 10.50
C GLY B 13 2.50 5.71 10.97
N GLU B 14 3.62 5.52 11.70
CA GLU B 14 4.37 6.62 12.33
C GLU B 14 5.02 7.52 11.28
N LEU B 15 5.01 8.81 11.61
CA LEU B 15 5.58 9.89 10.81
C LEU B 15 6.69 10.60 11.63
N LYS B 16 7.63 11.24 10.91
CA LYS B 16 8.74 12.01 11.52
C LYS B 16 8.21 13.30 12.16
N ASP B 17 7.01 13.73 11.72
CA ASP B 17 6.33 14.93 12.23
C ASP B 17 4.81 14.68 12.21
N VAL B 18 4.09 15.38 13.10
CA VAL B 18 2.61 15.22 13.27
C VAL B 18 1.83 15.50 11.97
N ALA B 19 2.26 16.53 11.24
CA ALA B 19 1.69 16.91 9.93
C ALA B 19 2.58 16.37 8.81
N GLY B 20 3.89 16.21 9.12
CA GLY B 20 4.90 15.81 8.15
C GLY B 20 4.70 14.38 7.66
N VAL B 21 4.35 14.24 6.36
CA VAL B 21 3.93 12.96 5.74
C VAL B 21 5.18 12.14 5.26
N GLU B 22 6.21 12.13 6.10
CA GLU B 22 7.45 11.38 5.87
C GLU B 22 7.48 10.25 6.91
N PHE B 23 7.23 9.01 6.48
CA PHE B 23 7.18 7.84 7.38
C PHE B 23 8.48 7.71 8.22
N ARG B 24 8.32 7.77 9.57
CA ARG B 24 9.43 7.68 10.53
C ARG B 24 10.23 6.39 10.33
N ASP B 25 9.48 5.30 10.14
CA ASP B 25 10.03 3.96 10.02
C ASP B 25 9.07 3.10 9.19
N LEU B 26 9.63 2.44 8.16
CA LEU B 26 8.90 1.64 7.17
C LEU B 26 8.50 0.25 7.69
N SER B 27 8.76 -0.03 8.98
CA SER B 27 8.20 -1.19 9.70
C SER B 27 7.14 -0.73 10.72
N LYS B 28 7.19 0.57 11.11
CA LYS B 28 6.15 1.20 11.96
C LYS B 28 4.97 1.71 11.11
N VAL B 29 5.00 1.42 9.79
CA VAL B 29 3.88 1.73 8.89
C VAL B 29 2.86 0.57 8.93
N GLU B 30 1.74 0.80 9.65
CA GLU B 30 0.66 -0.19 9.76
C GLU B 30 -0.18 -0.16 8.48
N PHE B 31 -0.03 -1.22 7.68
CA PHE B 31 -0.89 -1.46 6.53
C PHE B 31 -2.25 -1.89 7.06
N VAL B 32 -3.19 -0.93 7.09
CA VAL B 32 -4.53 -1.12 7.66
C VAL B 32 -5.27 -2.27 6.91
N GLY B 33 -4.93 -2.43 5.62
CA GLY B 33 -5.42 -3.54 4.80
C GLY B 33 -5.97 -3.04 3.47
N ALA B 34 -7.02 -3.68 2.99
CA ALA B 34 -7.80 -3.25 1.81
C ALA B 34 -9.23 -3.76 1.99
N TYR B 35 -10.16 -3.27 1.16
CA TYR B 35 -11.59 -3.60 1.31
C TYR B 35 -12.22 -3.90 -0.05
N PRO B 36 -13.28 -4.78 -0.13
CA PRO B 36 -13.97 -5.10 -1.41
C PRO B 36 -14.93 -3.99 -1.88
N SER B 37 -14.93 -2.87 -1.14
CA SER B 37 -15.73 -1.68 -1.43
C SER B 37 -14.87 -0.46 -1.09
N TYR B 38 -14.78 0.48 -2.06
CA TYR B 38 -13.94 1.69 -1.94
C TYR B 38 -14.31 2.52 -0.68
N ASP B 39 -15.61 2.64 -0.39
CA ASP B 39 -16.10 3.51 0.71
C ASP B 39 -15.82 2.87 2.08
N GLU B 40 -15.65 1.54 2.12
CA GLU B 40 -15.20 0.83 3.34
C GLU B 40 -13.73 1.13 3.64
N ALA B 41 -12.94 1.22 2.55
CA ALA B 41 -11.53 1.59 2.63
C ALA B 41 -11.41 3.07 3.03
N HIS B 42 -12.22 3.89 2.37
CA HIS B 42 -12.34 5.33 2.66
C HIS B 42 -12.68 5.54 4.13
N LYS B 43 -13.63 4.74 4.65
CA LYS B 43 -14.10 4.84 6.02
C LYS B 43 -12.98 4.48 7.01
N ALA B 44 -12.21 3.43 6.65
CA ALA B 44 -11.13 2.89 7.51
C ALA B 44 -10.09 3.95 7.89
N TRP B 45 -9.83 4.89 6.96
CA TRP B 45 -8.91 6.04 7.19
C TRP B 45 -9.30 6.84 8.45
N LYS B 46 -10.58 7.25 8.53
CA LYS B 46 -11.11 8.06 9.67
C LYS B 46 -11.44 7.18 10.88
N ALA B 47 -11.80 5.91 10.63
CA ALA B 47 -12.07 4.92 11.69
C ALA B 47 -10.80 4.67 12.52
N LYS B 48 -9.64 4.72 11.83
CA LYS B 48 -8.31 4.60 12.44
C LYS B 48 -7.85 5.94 13.02
N ALA B 49 -8.03 7.04 12.25
CA ALA B 49 -7.56 8.39 12.63
C ALA B 49 -8.19 8.86 13.97
N GLN B 50 -9.50 8.60 14.11
CA GLN B 50 -10.26 8.87 15.34
C GLN B 50 -9.79 7.96 16.49
N ALA B 51 -9.59 6.67 16.17
CA ALA B 51 -9.28 5.63 17.17
C ALA B 51 -7.86 5.79 17.75
N THR B 52 -6.92 6.23 16.91
CA THR B 52 -5.50 6.33 17.24
C THR B 52 -5.13 7.79 17.55
N VAL B 53 -5.18 8.15 18.83
CA VAL B 53 -4.82 9.50 19.32
C VAL B 53 -3.54 9.41 20.19
N ASP B 54 -3.20 8.19 20.61
CA ASP B 54 -2.13 7.91 21.59
C ASP B 54 -0.98 7.08 21.00
N ASN B 55 -1.10 6.66 19.71
CA ASN B 55 -0.10 5.84 19.03
C ASN B 55 1.05 6.72 18.47
N ALA B 56 1.83 7.30 19.40
CA ALA B 56 3.07 8.05 19.13
C ALA B 56 2.92 9.19 18.07
N HIS B 57 3.15 8.86 16.77
CA HIS B 57 3.21 9.85 15.67
C HIS B 57 2.44 9.32 14.43
N ALA B 58 1.49 8.39 14.65
CA ALA B 58 0.81 7.65 13.57
C ALA B 58 -0.33 8.45 12.93
N ARG B 59 -0.34 8.47 11.60
CA ARG B 59 -1.41 9.03 10.78
C ARG B 59 -1.70 8.02 9.65
N TYR B 60 -2.99 7.71 9.45
CA TYR B 60 -3.45 6.71 8.49
C TYR B 60 -4.07 7.40 7.29
N PHE B 61 -3.51 7.08 6.12
CA PHE B 61 -3.90 7.64 4.83
C PHE B 61 -4.63 6.57 4.00
N ILE B 62 -4.87 6.89 2.71
CA ILE B 62 -5.35 5.92 1.71
C ILE B 62 -4.41 6.01 0.50
N ILE B 63 -4.21 4.90 -0.22
CA ILE B 63 -3.51 4.90 -1.53
C ILE B 63 -4.37 4.18 -2.56
N HIS B 64 -4.35 4.66 -3.81
CA HIS B 64 -5.01 4.01 -4.94
C HIS B 64 -4.20 2.78 -5.39
N ALA B 65 -4.78 1.60 -5.18
CA ALA B 65 -4.22 0.33 -5.67
C ALA B 65 -4.94 -0.03 -6.97
N HIS B 66 -4.45 0.55 -8.05
CA HIS B 66 -5.06 0.43 -9.37
C HIS B 66 -3.95 0.49 -10.40
N LYS B 67 -3.04 1.47 -10.20
CA LYS B 67 -1.78 1.53 -10.94
C LYS B 67 -0.68 0.89 -10.08
N LEU B 68 -0.40 -0.37 -10.39
CA LEU B 68 0.73 -1.09 -9.83
C LEU B 68 1.97 -0.75 -10.66
N LEU B 69 3.00 -0.22 -9.97
CA LEU B 69 4.27 0.18 -10.57
C LEU B 69 5.07 -1.07 -10.93
N ASP B 70 4.97 -1.47 -12.20
CA ASP B 70 5.68 -2.64 -12.74
C ASP B 70 7.00 -2.19 -13.41
N PRO B 71 8.18 -2.64 -12.86
CA PRO B 71 9.53 -2.30 -13.42
C PRO B 71 9.81 -2.84 -14.85
N SER B 72 8.93 -3.71 -15.37
CA SER B 72 9.03 -4.20 -16.76
C SER B 72 8.43 -3.16 -17.74
N GLU B 73 7.27 -2.58 -17.39
CA GLU B 73 6.52 -1.62 -18.26
C GLU B 73 6.60 -0.19 -17.70
N GLY B 74 6.01 0.00 -16.51
CA GLY B 74 5.91 1.31 -15.85
C GLY B 74 5.07 1.24 -14.58
N MET A 1 21.84 9.81 1.86
CA MET A 1 20.42 9.92 1.46
C MET A 1 19.84 11.24 2.01
N PRO A 2 18.98 11.97 1.23
CA PRO A 2 18.28 13.20 1.71
C PRO A 2 17.31 12.91 2.87
N ASP A 3 16.75 13.99 3.45
CA ASP A 3 15.73 13.90 4.51
C ASP A 3 14.33 13.70 3.87
N LYS A 4 14.21 12.60 3.16
CA LYS A 4 12.97 12.12 2.56
C LYS A 4 13.21 10.65 2.21
N GLN A 5 13.17 9.81 3.26
CA GLN A 5 13.28 8.34 3.13
C GLN A 5 12.01 7.76 2.47
N LEU A 6 10.97 8.62 2.33
CA LEU A 6 9.69 8.26 1.70
C LEU A 6 9.95 7.79 0.26
N LEU A 7 9.39 6.62 -0.04
CA LEU A 7 9.69 5.87 -1.26
C LEU A 7 8.46 5.10 -1.73
N HIS A 8 8.68 4.25 -2.74
CA HIS A 8 7.65 3.44 -3.35
C HIS A 8 7.49 2.15 -2.54
N ILE A 9 6.41 2.08 -1.74
CA ILE A 9 6.09 0.89 -0.94
C ILE A 9 5.62 -0.25 -1.87
N VAL A 10 5.69 -1.48 -1.35
CA VAL A 10 5.43 -2.70 -2.13
C VAL A 10 4.16 -3.40 -1.63
N VAL A 11 3.25 -3.64 -2.57
CA VAL A 11 1.93 -4.25 -2.31
C VAL A 11 1.64 -5.30 -3.40
N GLY A 12 0.82 -6.30 -3.08
CA GLY A 12 0.41 -7.30 -4.06
C GLY A 12 -0.46 -8.35 -3.45
N GLY A 13 -0.39 -9.57 -3.98
CA GLY A 13 -1.17 -10.69 -3.47
C GLY A 13 -1.93 -11.38 -4.57
N GLU A 14 -2.98 -12.11 -4.19
CA GLU A 14 -3.73 -12.93 -5.13
C GLU A 14 -4.66 -12.06 -5.94
N LEU A 15 -4.46 -12.11 -7.24
CA LEU A 15 -5.33 -11.47 -8.24
C LEU A 15 -6.29 -12.52 -8.79
N LYS A 16 -7.26 -12.10 -9.59
CA LYS A 16 -8.19 -13.02 -10.27
C LYS A 16 -7.50 -13.74 -11.44
N ASP A 17 -6.45 -13.11 -11.98
CA ASP A 17 -5.69 -13.65 -13.12
C ASP A 17 -4.21 -13.21 -13.02
N VAL A 18 -3.30 -14.01 -13.60
CA VAL A 18 -1.84 -13.71 -13.63
C VAL A 18 -1.55 -12.45 -14.49
N ALA A 19 -2.22 -12.38 -15.66
CA ALA A 19 -2.11 -11.21 -16.57
C ALA A 19 -3.13 -10.11 -16.18
N GLY A 20 -3.98 -10.40 -15.18
CA GLY A 20 -4.91 -9.42 -14.62
C GLY A 20 -4.23 -8.45 -13.66
N VAL A 21 -5.01 -7.50 -13.13
CA VAL A 21 -4.51 -6.52 -12.13
C VAL A 21 -5.57 -6.27 -11.01
N GLU A 22 -6.70 -6.97 -11.13
CA GLU A 22 -7.81 -6.86 -10.18
C GLU A 22 -7.67 -7.96 -9.13
N PHE A 23 -7.86 -7.57 -7.87
CA PHE A 23 -7.60 -8.42 -6.70
C PHE A 23 -8.64 -9.56 -6.59
N ARG A 24 -8.17 -10.78 -6.31
CA ARG A 24 -9.04 -11.96 -6.09
C ARG A 24 -10.02 -11.68 -4.95
N ASP A 25 -9.45 -11.12 -3.89
CA ASP A 25 -10.17 -10.62 -2.73
C ASP A 25 -9.22 -9.71 -1.95
N LEU A 26 -9.77 -8.65 -1.36
CA LEU A 26 -9.00 -7.60 -0.67
C LEU A 26 -8.37 -8.10 0.66
N SER A 27 -8.71 -9.33 1.08
CA SER A 27 -8.08 -10.02 2.22
C SER A 27 -6.99 -11.00 1.73
N LYS A 28 -7.12 -11.48 0.47
CA LYS A 28 -6.16 -12.44 -0.15
C LYS A 28 -4.94 -11.71 -0.72
N VAL A 29 -4.91 -10.37 -0.62
CA VAL A 29 -3.79 -9.56 -1.13
C VAL A 29 -2.80 -9.27 0.01
N GLU A 30 -1.57 -9.79 -0.14
CA GLU A 30 -0.49 -9.60 0.83
C GLU A 30 0.30 -8.35 0.47
N PHE A 31 0.13 -7.30 1.28
CA PHE A 31 0.93 -6.09 1.21
C PHE A 31 2.35 -6.47 1.65
N VAL A 32 3.29 -6.46 0.70
CA VAL A 32 4.69 -6.90 0.92
C VAL A 32 5.35 -6.09 2.05
N GLY A 33 4.96 -4.82 2.15
CA GLY A 33 5.41 -3.92 3.20
C GLY A 33 6.04 -2.68 2.60
N ALA A 34 7.14 -2.23 3.19
CA ALA A 34 8.00 -1.18 2.65
C ALA A 34 9.43 -1.45 3.12
N TYR A 35 10.39 -0.80 2.48
CA TYR A 35 11.82 -1.06 2.71
C TYR A 35 12.57 0.27 2.92
N PRO A 36 13.74 0.27 3.66
CA PRO A 36 14.49 1.53 3.98
C PRO A 36 15.13 2.24 2.75
N SER A 37 14.95 1.67 1.55
CA SER A 37 15.43 2.27 0.29
C SER A 37 14.50 1.84 -0.85
N TYR A 38 14.29 2.76 -1.81
CA TYR A 38 13.46 2.54 -3.00
C TYR A 38 13.88 1.27 -3.76
N ASP A 39 15.20 1.09 -3.94
CA ASP A 39 15.77 -0.03 -4.73
C ASP A 39 15.55 -1.39 -4.04
N GLU A 40 15.46 -1.38 -2.70
CA GLU A 40 15.14 -2.57 -1.89
C GLU A 40 13.69 -3.02 -2.16
N ALA A 41 12.78 -2.03 -2.28
CA ALA A 41 11.37 -2.27 -2.59
C ALA A 41 11.22 -2.63 -4.09
N HIS A 42 12.07 -1.99 -4.91
CA HIS A 42 12.09 -2.16 -6.37
C HIS A 42 12.53 -3.60 -6.72
N LYS A 43 13.37 -4.17 -5.85
CA LYS A 43 13.90 -5.54 -5.98
C LYS A 43 12.88 -6.56 -5.44
N ALA A 44 12.23 -6.18 -4.32
CA ALA A 44 11.28 -7.02 -3.57
C ALA A 44 10.10 -7.49 -4.43
N TRP A 45 9.71 -6.66 -5.41
CA TRP A 45 8.67 -6.97 -6.41
C TRP A 45 8.94 -8.34 -7.09
N LYS A 46 10.17 -8.53 -7.61
CA LYS A 46 10.58 -9.79 -8.30
C LYS A 46 10.88 -10.89 -7.29
N ALA A 47 11.41 -10.50 -6.11
CA ALA A 47 11.70 -11.43 -5.02
C ALA A 47 10.42 -12.16 -4.56
N LYS A 48 9.29 -11.43 -4.67
CA LYS A 48 7.96 -11.96 -4.37
C LYS A 48 7.39 -12.73 -5.57
N ALA A 49 7.51 -12.14 -6.77
CA ALA A 49 6.94 -12.70 -8.01
C ALA A 49 7.47 -14.13 -8.30
N GLN A 50 8.78 -14.31 -8.08
CA GLN A 50 9.47 -15.60 -8.23
C GLN A 50 9.10 -16.56 -7.08
N ALA A 51 9.00 -16.00 -5.86
CA ALA A 51 8.69 -16.79 -4.65
C ALA A 51 7.28 -17.39 -4.70
N THR A 52 6.32 -16.62 -5.25
CA THR A 52 4.89 -16.96 -5.21
C THR A 52 4.41 -17.55 -6.54
N VAL A 53 5.35 -18.22 -7.23
CA VAL A 53 5.04 -19.14 -8.34
C VAL A 53 4.38 -20.42 -7.75
N ASP A 54 4.71 -20.69 -6.47
CA ASP A 54 4.05 -21.71 -5.64
C ASP A 54 2.55 -21.40 -5.49
N ASN A 55 2.23 -20.12 -5.25
CA ASN A 55 0.87 -19.65 -5.02
C ASN A 55 0.17 -19.32 -6.38
N ALA A 56 -1.16 -19.40 -6.40
CA ALA A 56 -1.99 -19.14 -7.60
C ALA A 56 -2.32 -17.64 -7.76
N HIS A 57 -2.00 -17.09 -8.96
CA HIS A 57 -2.42 -15.73 -9.41
C HIS A 57 -1.81 -14.58 -8.57
N ALA A 58 -0.81 -14.90 -7.75
CA ALA A 58 -0.25 -13.96 -6.77
C ALA A 58 0.78 -13.05 -7.42
N ARG A 59 0.33 -11.85 -7.81
CA ARG A 59 1.16 -10.83 -8.46
C ARG A 59 1.43 -9.71 -7.45
N TYR A 60 2.71 -9.38 -7.27
CA TYR A 60 3.18 -8.35 -6.32
C TYR A 60 3.85 -7.21 -7.07
N PHE A 61 3.22 -6.03 -6.99
CA PHE A 61 3.64 -4.81 -7.69
C PHE A 61 4.23 -3.80 -6.68
N ILE A 62 4.29 -2.50 -7.10
CA ILE A 62 4.84 -1.41 -6.29
C ILE A 62 3.94 -0.19 -6.48
N ILE A 63 3.76 0.66 -5.45
CA ILE A 63 3.05 1.95 -5.56
C ILE A 63 3.87 3.05 -4.89
N HIS A 64 3.82 4.24 -5.49
CA HIS A 64 4.37 5.45 -4.89
C HIS A 64 3.52 5.89 -3.70
N ALA A 65 4.13 5.94 -2.51
CA ALA A 65 3.45 6.27 -1.26
C ALA A 65 3.56 7.77 -0.92
N HIS A 66 3.97 8.56 -1.92
CA HIS A 66 4.16 10.00 -1.79
C HIS A 66 2.83 10.73 -1.96
N LYS A 67 2.03 10.26 -2.94
CA LYS A 67 0.67 10.76 -3.16
C LYS A 67 -0.32 9.90 -2.37
N LEU A 68 -0.87 10.48 -1.30
CA LEU A 68 -1.75 9.80 -0.35
C LEU A 68 -3.11 10.52 -0.35
N LEU A 69 -4.17 9.74 -0.61
CA LEU A 69 -5.53 10.26 -0.85
C LEU A 69 -6.30 10.49 0.46
N ASP A 70 -5.70 11.28 1.33
CA ASP A 70 -6.33 11.72 2.58
C ASP A 70 -7.39 12.79 2.22
N PRO A 71 -8.68 12.64 2.63
CA PRO A 71 -9.77 13.60 2.28
C PRO A 71 -9.55 15.05 2.79
N SER A 72 -8.66 15.25 3.80
CA SER A 72 -8.31 16.61 4.27
C SER A 72 -7.41 17.31 3.23
N GLU A 73 -6.64 16.49 2.48
CA GLU A 73 -5.77 16.96 1.39
C GLU A 73 -6.59 17.12 0.08
N GLY A 74 -7.27 16.02 -0.30
CA GLY A 74 -8.07 15.95 -1.52
C GLY A 74 -7.76 14.72 -2.35
N MET B 1 -21.24 -1.20 -6.09
CA MET B 1 -20.15 -1.96 -6.71
C MET B 1 -20.48 -2.21 -8.21
N PRO B 2 -19.60 -1.79 -9.17
CA PRO B 2 -19.73 -2.16 -10.60
C PRO B 2 -19.19 -3.58 -10.87
N ASP B 3 -18.76 -3.88 -12.12
CA ASP B 3 -18.11 -5.17 -12.48
C ASP B 3 -16.62 -5.14 -12.10
N LYS B 4 -16.36 -4.73 -10.84
CA LYS B 4 -15.02 -4.36 -10.39
C LYS B 4 -15.01 -4.27 -8.84
N GLN B 5 -14.28 -5.19 -8.19
CA GLN B 5 -13.94 -5.10 -6.75
C GLN B 5 -12.64 -4.30 -6.53
N LEU B 6 -11.92 -4.00 -7.64
CA LEU B 6 -10.68 -3.22 -7.64
C LEU B 6 -11.01 -1.78 -7.22
N LEU B 7 -10.21 -1.24 -6.29
CA LEU B 7 -10.45 0.06 -5.67
C LEU B 7 -9.21 0.57 -4.94
N HIS B 8 -9.42 1.52 -4.03
CA HIS B 8 -8.37 2.16 -3.27
C HIS B 8 -8.13 1.39 -1.97
N ILE B 9 -6.91 0.85 -1.83
CA ILE B 9 -6.45 0.24 -0.58
C ILE B 9 -6.17 1.35 0.46
N VAL B 10 -5.82 0.95 1.68
CA VAL B 10 -5.58 1.88 2.80
C VAL B 10 -4.29 1.50 3.53
N VAL B 11 -3.41 2.50 3.66
CA VAL B 11 -2.07 2.36 4.24
C VAL B 11 -1.87 3.44 5.33
N GLY B 12 -1.02 3.16 6.30
CA GLY B 12 -0.64 4.16 7.30
C GLY B 12 0.55 3.74 8.11
N GLY B 13 0.61 4.19 9.38
CA GLY B 13 1.70 3.84 10.28
C GLY B 13 2.35 5.07 10.87
N GLU B 14 3.53 4.87 11.46
CA GLU B 14 4.26 5.93 12.16
C GLU B 14 5.04 6.78 11.18
N LEU B 15 4.92 8.10 11.38
CA LEU B 15 5.67 9.12 10.64
C LEU B 15 6.71 9.75 11.58
N LYS B 16 7.53 10.66 11.07
CA LYS B 16 8.50 11.41 11.89
C LYS B 16 7.87 12.72 12.40
N ASP B 17 6.68 13.05 11.88
CA ASP B 17 5.91 14.24 12.28
C ASP B 17 4.40 13.99 12.04
N VAL B 18 3.54 14.85 12.59
CA VAL B 18 2.07 14.72 12.46
C VAL B 18 1.56 15.26 11.11
N ALA B 19 2.09 16.42 10.69
CA ALA B 19 1.78 17.00 9.38
C ALA B 19 2.80 16.51 8.34
N GLY B 20 4.02 16.19 8.81
CA GLY B 20 5.09 15.66 7.97
C GLY B 20 4.88 14.19 7.64
N VAL B 21 4.95 13.84 6.35
CA VAL B 21 4.52 12.51 5.85
C VAL B 21 5.70 11.52 5.69
N GLU B 22 6.89 11.91 6.18
CA GLU B 22 8.10 11.09 6.12
C GLU B 22 7.97 9.94 7.13
N PHE B 23 7.82 8.70 6.60
CA PHE B 23 7.61 7.48 7.42
C PHE B 23 8.77 7.29 8.42
N ARG B 24 8.42 7.15 9.72
CA ARG B 24 9.42 6.99 10.81
C ARG B 24 10.29 5.76 10.57
N ASP B 25 9.63 4.69 10.18
CA ASP B 25 10.26 3.42 9.84
C ASP B 25 9.34 2.68 8.86
N LEU B 26 9.95 2.17 7.80
CA LEU B 26 9.27 1.50 6.68
C LEU B 26 8.77 0.08 7.04
N SER B 27 9.03 -0.37 8.27
CA SER B 27 8.44 -1.60 8.83
C SER B 27 7.34 -1.25 9.85
N LYS B 28 7.39 -0.03 10.44
CA LYS B 28 6.37 0.47 11.39
C LYS B 28 5.16 1.10 10.66
N VAL B 29 5.15 1.01 9.31
CA VAL B 29 4.02 1.41 8.50
C VAL B 29 2.94 0.29 8.48
N GLU B 30 1.91 0.45 9.32
CA GLU B 30 0.78 -0.50 9.38
C GLU B 30 -0.19 -0.23 8.21
N PHE B 31 -0.22 -1.17 7.26
CA PHE B 31 -1.21 -1.22 6.20
C PHE B 31 -2.56 -1.59 6.81
N VAL B 32 -3.51 -0.67 6.76
CA VAL B 32 -4.87 -0.87 7.29
C VAL B 32 -5.53 -2.10 6.63
N GLY B 33 -5.28 -2.21 5.32
CA GLY B 33 -5.75 -3.31 4.51
C GLY B 33 -6.33 -2.80 3.20
N ALA B 34 -7.47 -3.35 2.82
CA ALA B 34 -8.25 -2.94 1.65
C ALA B 34 -9.68 -3.48 1.85
N TYR B 35 -10.69 -2.73 1.41
CA TYR B 35 -12.11 -3.04 1.72
C TYR B 35 -12.90 -3.34 0.43
N PRO B 36 -14.06 -4.07 0.50
CA PRO B 36 -14.88 -4.38 -0.72
C PRO B 36 -15.59 -3.14 -1.32
N SER B 37 -15.43 -1.97 -0.68
CA SER B 37 -15.93 -0.68 -1.19
C SER B 37 -14.93 0.42 -0.80
N TYR B 38 -14.72 1.38 -1.72
CA TYR B 38 -13.83 2.52 -1.49
C TYR B 38 -14.32 3.36 -0.30
N ASP B 39 -15.63 3.64 -0.23
CA ASP B 39 -16.24 4.41 0.89
C ASP B 39 -15.92 3.78 2.27
N GLU B 40 -15.84 2.44 2.32
CA GLU B 40 -15.43 1.69 3.54
C GLU B 40 -13.96 2.00 3.87
N ALA B 41 -13.10 1.96 2.84
CA ALA B 41 -11.67 2.24 2.97
C ALA B 41 -11.44 3.73 3.34
N HIS B 42 -12.30 4.58 2.79
CA HIS B 42 -12.21 6.04 2.89
C HIS B 42 -12.67 6.49 4.29
N LYS B 43 -13.49 5.64 4.95
CA LYS B 43 -13.95 5.87 6.32
C LYS B 43 -12.91 5.32 7.31
N ALA B 44 -12.29 4.19 6.92
CA ALA B 44 -11.30 3.45 7.73
C ALA B 44 -10.02 4.25 7.96
N TRP B 45 -9.74 5.22 7.06
CA TRP B 45 -8.64 6.21 7.19
C TRP B 45 -8.68 6.87 8.59
N LYS B 46 -9.87 7.40 8.95
CA LYS B 46 -10.09 8.12 10.22
C LYS B 46 -10.39 7.14 11.36
N ALA B 47 -10.99 5.99 11.03
CA ALA B 47 -11.27 4.93 12.03
C ALA B 47 -9.96 4.38 12.65
N LYS B 48 -8.89 4.44 11.85
CA LYS B 48 -7.53 4.08 12.26
C LYS B 48 -6.82 5.28 12.90
N ALA B 49 -6.96 6.48 12.31
CA ALA B 49 -6.33 7.72 12.79
C ALA B 49 -6.70 8.02 14.26
N GLN B 50 -8.03 8.00 14.53
CA GLN B 50 -8.59 8.21 15.89
C GLN B 50 -8.16 7.08 16.84
N ALA B 51 -7.98 5.87 16.29
CA ALA B 51 -7.59 4.68 17.06
C ALA B 51 -6.10 4.71 17.43
N THR B 52 -5.29 5.44 16.66
CA THR B 52 -3.82 5.46 16.80
C THR B 52 -3.31 6.87 17.15
N VAL B 53 -4.19 7.68 17.75
CA VAL B 53 -3.82 9.01 18.30
C VAL B 53 -2.88 8.84 19.52
N ASP B 54 -3.09 7.73 20.25
CA ASP B 54 -2.28 7.35 21.42
C ASP B 54 -0.82 7.10 21.03
N ASN B 55 -0.61 6.65 19.79
CA ASN B 55 0.71 6.39 19.23
C ASN B 55 1.28 7.68 18.61
N ALA B 56 2.61 7.87 18.74
CA ALA B 56 3.32 9.04 18.22
C ALA B 56 3.35 9.04 16.68
N HIS B 57 2.78 10.12 16.08
CA HIS B 57 2.88 10.43 14.63
C HIS B 57 2.20 9.38 13.73
N ALA B 58 1.39 8.49 14.32
CA ALA B 58 0.73 7.40 13.59
C ALA B 58 -0.45 7.96 12.78
N ARG B 59 -0.18 8.23 11.50
CA ARG B 59 -1.12 8.85 10.56
C ARG B 59 -1.43 7.87 9.43
N TYR B 60 -2.72 7.52 9.30
CA TYR B 60 -3.22 6.49 8.38
C TYR B 60 -3.97 7.12 7.21
N PHE B 61 -3.33 7.09 6.04
CA PHE B 61 -3.81 7.72 4.80
C PHE B 61 -4.51 6.66 3.90
N ILE B 62 -4.63 6.96 2.58
CA ILE B 62 -5.27 6.05 1.59
C ILE B 62 -4.38 6.01 0.32
N ILE B 63 -4.44 4.90 -0.44
CA ILE B 63 -3.75 4.77 -1.73
C ILE B 63 -4.69 4.13 -2.77
N HIS B 64 -4.70 4.68 -4.00
CA HIS B 64 -5.38 4.09 -5.15
C HIS B 64 -4.54 2.91 -5.70
N ALA B 65 -5.19 1.79 -6.03
CA ALA B 65 -4.53 0.59 -6.55
C ALA B 65 -5.15 0.19 -7.89
N HIS B 66 -4.55 0.70 -8.98
CA HIS B 66 -4.99 0.46 -10.36
C HIS B 66 -3.78 0.65 -11.28
N LYS B 67 -3.10 1.80 -11.11
CA LYS B 67 -1.82 2.07 -11.78
C LYS B 67 -0.70 1.67 -10.80
N LEU B 68 -0.09 0.52 -11.06
CA LEU B 68 0.92 -0.09 -10.19
C LEU B 68 2.28 -0.02 -10.90
N LEU B 69 3.25 0.60 -10.22
CA LEU B 69 4.60 0.82 -10.74
C LEU B 69 5.37 -0.50 -10.84
N ASP B 70 5.07 -1.28 -11.87
CA ASP B 70 5.82 -2.50 -12.17
C ASP B 70 7.09 -2.10 -12.93
N PRO B 71 8.28 -2.50 -12.44
CA PRO B 71 9.61 -2.20 -13.05
C PRO B 71 9.78 -2.48 -14.55
N SER B 72 8.85 -3.25 -15.15
CA SER B 72 8.82 -3.45 -16.61
C SER B 72 8.56 -2.11 -17.36
N GLU B 73 7.92 -1.16 -16.66
CA GLU B 73 7.82 0.25 -17.08
C GLU B 73 9.22 0.90 -17.08
N GLY B 74 9.91 0.77 -15.94
CA GLY B 74 11.23 1.38 -15.72
C GLY B 74 11.75 1.10 -14.31
N MET A 1 20.99 6.77 -2.06
CA MET A 1 19.68 7.35 -1.65
C MET A 1 19.76 8.89 -1.64
N PRO A 2 18.63 9.62 -1.94
CA PRO A 2 18.54 11.07 -1.69
C PRO A 2 18.20 11.36 -0.21
N ASP A 3 18.10 12.65 0.16
CA ASP A 3 17.64 13.05 1.50
C ASP A 3 16.10 12.93 1.55
N LYS A 4 15.64 11.68 1.63
CA LYS A 4 14.23 11.31 1.55
C LYS A 4 14.10 9.83 1.93
N GLN A 5 13.55 9.54 3.12
CA GLN A 5 13.25 8.17 3.56
C GLN A 5 12.05 7.59 2.78
N LEU A 6 11.21 8.51 2.27
CA LEU A 6 9.98 8.19 1.54
C LEU A 6 10.35 7.62 0.18
N LEU A 7 9.67 6.55 -0.19
CA LEU A 7 10.00 5.74 -1.35
C LEU A 7 8.76 5.04 -1.87
N HIS A 8 8.94 4.23 -2.92
CA HIS A 8 7.86 3.48 -3.54
C HIS A 8 7.67 2.16 -2.79
N ILE A 9 6.69 2.14 -1.86
CA ILE A 9 6.40 0.96 -1.01
C ILE A 9 6.01 -0.26 -1.88
N VAL A 10 6.09 -1.44 -1.28
CA VAL A 10 5.88 -2.71 -2.01
C VAL A 10 4.63 -3.42 -1.48
N VAL A 11 3.68 -3.60 -2.40
CA VAL A 11 2.38 -4.23 -2.15
C VAL A 11 2.17 -5.36 -3.18
N GLY A 12 1.51 -6.44 -2.78
CA GLY A 12 1.19 -7.54 -3.70
C GLY A 12 -0.10 -8.21 -3.31
N GLY A 13 -0.68 -8.99 -4.23
CA GLY A 13 -1.94 -9.68 -3.93
C GLY A 13 -2.39 -10.60 -5.04
N GLU A 14 -3.29 -11.55 -4.70
CA GLU A 14 -3.87 -12.46 -5.67
C GLU A 14 -4.81 -11.73 -6.62
N LEU A 15 -4.66 -12.05 -7.90
CA LEU A 15 -5.53 -11.61 -8.97
C LEU A 15 -6.57 -12.72 -9.29
N LYS A 16 -7.65 -12.34 -9.96
CA LYS A 16 -8.70 -13.28 -10.41
C LYS A 16 -8.23 -14.00 -11.68
N ASP A 17 -7.80 -13.20 -12.65
CA ASP A 17 -7.22 -13.68 -13.91
C ASP A 17 -5.70 -13.84 -13.72
N VAL A 18 -5.03 -14.48 -14.70
CA VAL A 18 -3.58 -14.68 -14.71
C VAL A 18 -2.81 -13.34 -14.73
N ALA A 19 -3.21 -12.43 -15.62
CA ALA A 19 -2.56 -11.11 -15.81
C ALA A 19 -3.54 -9.96 -15.48
N GLY A 20 -4.86 -10.27 -15.58
CA GLY A 20 -5.94 -9.30 -15.37
C GLY A 20 -5.90 -8.71 -13.97
N VAL A 21 -5.79 -7.36 -13.91
CA VAL A 21 -5.53 -6.63 -12.67
C VAL A 21 -6.87 -6.39 -11.91
N GLU A 22 -7.36 -7.49 -11.35
CA GLU A 22 -8.47 -7.50 -10.40
C GLU A 22 -8.09 -8.37 -9.21
N PHE A 23 -7.94 -7.77 -8.04
CA PHE A 23 -7.63 -8.51 -6.80
C PHE A 23 -8.78 -9.47 -6.45
N ARG A 24 -8.46 -10.79 -6.49
CA ARG A 24 -9.39 -11.89 -6.16
C ARG A 24 -9.96 -11.70 -4.75
N ASP A 25 -9.05 -11.36 -3.84
CA ASP A 25 -9.37 -11.03 -2.46
C ASP A 25 -8.41 -9.96 -1.96
N LEU A 26 -8.99 -8.95 -1.31
CA LEU A 26 -8.27 -7.88 -0.63
C LEU A 26 -7.62 -8.40 0.68
N SER A 27 -8.13 -9.55 1.16
CA SER A 27 -7.54 -10.33 2.27
C SER A 27 -6.29 -11.12 1.78
N LYS A 28 -6.22 -11.37 0.45
CA LYS A 28 -5.07 -12.04 -0.18
C LYS A 28 -4.02 -11.03 -0.68
N VAL A 29 -4.29 -9.71 -0.47
CA VAL A 29 -3.31 -8.66 -0.75
C VAL A 29 -2.24 -8.65 0.37
N GLU A 30 -1.18 -9.47 0.15
CA GLU A 30 0.00 -9.49 1.03
C GLU A 30 0.88 -8.27 0.71
N PHE A 31 0.82 -7.28 1.58
CA PHE A 31 1.72 -6.13 1.55
C PHE A 31 3.12 -6.61 1.93
N VAL A 32 4.05 -6.47 0.98
CA VAL A 32 5.45 -6.88 1.16
C VAL A 32 6.14 -6.02 2.24
N GLY A 33 5.71 -4.75 2.34
CA GLY A 33 6.22 -3.82 3.34
C GLY A 33 6.64 -2.51 2.69
N ALA A 34 7.69 -1.91 3.24
CA ALA A 34 8.39 -0.77 2.63
C ALA A 34 9.85 -0.83 3.10
N TYR A 35 10.75 -0.28 2.28
CA TYR A 35 12.21 -0.44 2.45
C TYR A 35 12.88 0.94 2.63
N PRO A 36 14.20 1.02 3.06
CA PRO A 36 14.88 2.34 3.31
C PRO A 36 14.99 3.23 2.05
N SER A 37 14.87 2.62 0.86
CA SER A 37 15.07 3.33 -0.41
C SER A 37 14.27 2.66 -1.54
N TYR A 38 14.16 3.37 -2.68
CA TYR A 38 13.33 2.97 -3.82
C TYR A 38 13.81 1.63 -4.43
N ASP A 39 15.11 1.52 -4.76
CA ASP A 39 15.69 0.31 -5.41
C ASP A 39 15.62 -0.91 -4.48
N GLU A 40 15.65 -0.64 -3.16
CA GLU A 40 15.54 -1.68 -2.13
C GLU A 40 14.15 -2.36 -2.20
N ALA A 41 13.10 -1.53 -2.35
CA ALA A 41 11.72 -2.00 -2.48
C ALA A 41 11.52 -2.63 -3.86
N HIS A 42 12.07 -1.95 -4.87
CA HIS A 42 11.95 -2.31 -6.29
C HIS A 42 12.54 -3.71 -6.53
N LYS A 43 13.58 -4.06 -5.76
CA LYS A 43 14.26 -5.36 -5.84
C LYS A 43 13.42 -6.45 -5.14
N ALA A 44 12.73 -6.04 -4.04
CA ALA A 44 11.91 -6.95 -3.23
C ALA A 44 10.73 -7.50 -4.03
N TRP A 45 10.22 -6.68 -4.98
CA TRP A 45 9.16 -7.06 -5.95
C TRP A 45 9.44 -8.46 -6.59
N LYS A 46 10.64 -8.60 -7.19
CA LYS A 46 11.05 -9.83 -7.89
C LYS A 46 11.46 -10.90 -6.89
N ALA A 47 12.10 -10.49 -5.78
CA ALA A 47 12.56 -11.40 -4.71
C ALA A 47 11.36 -12.12 -4.04
N LYS A 48 10.17 -11.50 -4.11
CA LYS A 48 8.90 -12.08 -3.62
C LYS A 48 8.29 -13.02 -4.67
N ALA A 49 8.18 -12.51 -5.90
CA ALA A 49 7.55 -13.21 -7.04
C ALA A 49 8.23 -14.57 -7.35
N GLN A 50 9.55 -14.63 -7.08
CA GLN A 50 10.36 -15.85 -7.24
C GLN A 50 10.31 -16.74 -5.99
N ALA A 51 10.16 -16.11 -4.80
CA ALA A 51 10.19 -16.81 -3.50
C ALA A 51 8.91 -17.65 -3.33
N THR A 52 7.78 -16.93 -3.28
CA THR A 52 6.46 -17.54 -3.16
C THR A 52 5.79 -17.65 -4.55
N VAL A 53 6.13 -18.75 -5.24
CA VAL A 53 5.48 -19.14 -6.51
C VAL A 53 4.22 -19.98 -6.20
N ASP A 54 4.21 -20.60 -4.99
CA ASP A 54 3.10 -21.43 -4.46
C ASP A 54 1.75 -20.71 -4.54
N ASN A 55 1.76 -19.42 -4.16
CA ASN A 55 0.55 -18.57 -4.13
C ASN A 55 0.01 -18.40 -5.58
N ALA A 56 -1.30 -18.65 -5.76
CA ALA A 56 -1.96 -18.86 -7.07
C ALA A 56 -1.71 -17.74 -8.10
N HIS A 57 -2.36 -16.59 -7.92
CA HIS A 57 -2.20 -15.43 -8.84
C HIS A 57 -1.61 -14.22 -8.11
N ALA A 58 -0.92 -14.46 -6.99
CA ALA A 58 -0.32 -13.38 -6.19
C ALA A 58 0.83 -12.72 -6.93
N ARG A 59 0.50 -11.66 -7.66
CA ARG A 59 1.46 -10.84 -8.38
C ARG A 59 1.84 -9.66 -7.49
N TYR A 60 3.12 -9.63 -7.12
CA TYR A 60 3.70 -8.60 -6.25
C TYR A 60 4.09 -7.41 -7.11
N PHE A 61 3.49 -6.26 -6.81
CA PHE A 61 3.70 -5.00 -7.52
C PHE A 61 4.47 -4.00 -6.62
N ILE A 62 4.55 -2.73 -7.08
CA ILE A 62 5.11 -1.61 -6.30
C ILE A 62 4.10 -0.43 -6.41
N ILE A 63 4.06 0.46 -5.39
CA ILE A 63 3.21 1.68 -5.38
C ILE A 63 4.00 2.84 -4.74
N HIS A 64 3.87 4.04 -5.30
CA HIS A 64 4.51 5.27 -4.76
C HIS A 64 3.73 5.80 -3.55
N ALA A 65 4.45 6.10 -2.45
CA ALA A 65 3.85 6.62 -1.20
C ALA A 65 3.93 8.16 -1.11
N HIS A 66 4.35 8.81 -2.22
CA HIS A 66 4.53 10.28 -2.26
C HIS A 66 3.18 10.99 -2.31
N LYS A 67 2.25 10.44 -3.10
CA LYS A 67 0.90 10.99 -3.24
C LYS A 67 -0.11 10.15 -2.43
N LEU A 68 -0.50 10.69 -1.28
CA LEU A 68 -1.57 10.16 -0.45
C LEU A 68 -2.91 10.77 -0.90
N LEU A 69 -4.00 10.06 -0.61
CA LEU A 69 -5.37 10.38 -1.09
C LEU A 69 -6.30 10.59 0.09
N ASP A 70 -5.74 11.22 1.10
CA ASP A 70 -6.47 11.64 2.29
C ASP A 70 -7.42 12.79 1.92
N PRO A 71 -8.71 12.73 2.37
CA PRO A 71 -9.65 13.86 2.25
C PRO A 71 -9.26 15.01 3.21
N SER A 72 -8.28 14.73 4.11
CA SER A 72 -7.60 15.72 4.94
C SER A 72 -6.82 16.73 4.07
N GLU A 73 -6.16 16.22 3.02
CA GLU A 73 -5.41 17.05 2.03
C GLU A 73 -6.23 17.18 0.72
N GLY A 74 -5.64 17.86 -0.28
CA GLY A 74 -6.26 18.01 -1.60
C GLY A 74 -6.14 16.74 -2.45
N MET B 1 -23.48 0.63 -6.98
CA MET B 1 -22.10 0.23 -7.24
C MET B 1 -21.96 -0.31 -8.68
N PRO B 2 -20.86 0.05 -9.43
CA PRO B 2 -20.57 -0.53 -10.76
C PRO B 2 -19.67 -1.78 -10.65
N ASP B 3 -19.06 -2.20 -11.77
CA ASP B 3 -18.01 -3.24 -11.77
C ASP B 3 -16.67 -2.58 -11.35
N LYS B 4 -16.39 -2.65 -10.03
CA LYS B 4 -15.17 -2.06 -9.45
C LYS B 4 -14.93 -2.64 -8.03
N GLN B 5 -14.26 -3.80 -7.99
CA GLN B 5 -13.75 -4.40 -6.75
C GLN B 5 -12.46 -3.69 -6.32
N LEU B 6 -11.72 -3.19 -7.34
CA LEU B 6 -10.43 -2.51 -7.16
C LEU B 6 -10.69 -1.12 -6.58
N LEU B 7 -9.87 -0.74 -5.62
CA LEU B 7 -10.12 0.41 -4.78
C LEU B 7 -8.82 1.06 -4.32
N HIS B 8 -8.98 2.23 -3.68
CA HIS B 8 -7.89 2.97 -3.07
C HIS B 8 -7.52 2.30 -1.73
N ILE B 9 -6.44 1.49 -1.73
CA ILE B 9 -6.02 0.69 -0.56
C ILE B 9 -5.59 1.61 0.60
N VAL B 10 -5.65 1.07 1.82
CA VAL B 10 -5.46 1.83 3.05
C VAL B 10 -4.12 1.45 3.71
N VAL B 11 -3.20 2.42 3.69
CA VAL B 11 -1.82 2.26 4.16
C VAL B 11 -1.56 3.29 5.28
N GLY B 12 -0.99 2.85 6.40
CA GLY B 12 -0.74 3.75 7.53
C GLY B 12 0.64 3.55 8.11
N GLY B 13 0.89 4.12 9.28
CA GLY B 13 2.17 3.97 9.96
C GLY B 13 2.54 5.23 10.71
N GLU B 14 3.55 5.14 11.59
CA GLU B 14 3.99 6.28 12.39
C GLU B 14 4.92 7.17 11.59
N LEU B 15 4.59 8.46 11.65
CA LEU B 15 5.34 9.56 11.03
C LEU B 15 6.42 10.07 12.01
N LYS B 16 7.35 10.88 11.49
CA LYS B 16 8.40 11.53 12.32
C LYS B 16 7.81 12.65 13.17
N ASP B 17 6.82 13.36 12.61
CA ASP B 17 6.18 14.50 13.25
C ASP B 17 4.67 14.46 12.99
N VAL B 18 3.92 15.15 13.87
CA VAL B 18 2.45 15.25 13.81
C VAL B 18 1.94 15.77 12.44
N ALA B 19 2.63 16.78 11.90
CA ALA B 19 2.31 17.37 10.59
C ALA B 19 3.30 16.91 9.51
N GLY B 20 4.46 16.38 9.96
CA GLY B 20 5.49 15.85 9.07
C GLY B 20 5.08 14.53 8.44
N VAL B 21 4.51 14.60 7.22
CA VAL B 21 4.06 13.43 6.45
C VAL B 21 5.26 12.78 5.73
N GLU B 22 6.12 12.20 6.57
CA GLU B 22 7.25 11.36 6.17
C GLU B 22 7.45 10.31 7.28
N PHE B 23 7.40 9.03 6.89
CA PHE B 23 7.43 7.89 7.82
C PHE B 23 8.70 7.88 8.69
N ARG B 24 8.50 7.62 9.99
CA ARG B 24 9.57 7.49 10.99
C ARG B 24 10.42 6.23 10.72
N ASP B 25 9.74 5.18 10.24
CA ASP B 25 10.37 3.91 9.83
C ASP B 25 9.44 3.20 8.83
N LEU B 26 10.03 2.78 7.69
CA LEU B 26 9.29 2.21 6.56
C LEU B 26 8.78 0.77 6.83
N SER B 27 9.46 0.04 7.74
CA SER B 27 9.01 -1.30 8.15
C SER B 27 7.94 -1.18 9.26
N LYS B 28 7.79 0.02 9.85
CA LYS B 28 6.70 0.35 10.80
C LYS B 28 5.50 1.03 10.10
N VAL B 29 5.51 1.01 8.73
CA VAL B 29 4.34 1.40 7.92
C VAL B 29 3.24 0.32 8.09
N GLU B 30 2.35 0.54 9.07
CA GLU B 30 1.24 -0.38 9.38
C GLU B 30 0.12 -0.24 8.32
N PHE B 31 0.15 -1.14 7.34
CA PHE B 31 -0.87 -1.23 6.31
C PHE B 31 -2.16 -1.77 6.97
N VAL B 32 -3.24 -0.98 6.88
CA VAL B 32 -4.56 -1.39 7.39
C VAL B 32 -5.04 -2.62 6.61
N GLY B 33 -4.82 -2.54 5.29
CA GLY B 33 -5.15 -3.60 4.37
C GLY B 33 -5.75 -3.02 3.12
N ALA B 34 -6.79 -3.66 2.62
CA ALA B 34 -7.61 -3.17 1.51
C ALA B 34 -9.03 -3.67 1.75
N TYR B 35 -10.01 -2.81 1.50
CA TYR B 35 -11.44 -3.10 1.72
C TYR B 35 -12.11 -3.53 0.38
N PRO B 36 -13.33 -4.15 0.37
CA PRO B 36 -13.94 -4.67 -0.88
C PRO B 36 -14.43 -3.57 -1.86
N SER B 37 -14.34 -2.28 -1.46
CA SER B 37 -14.78 -1.14 -2.30
C SER B 37 -14.15 0.17 -1.81
N TYR B 38 -14.22 1.22 -2.67
CA TYR B 38 -13.59 2.53 -2.42
C TYR B 38 -14.15 3.21 -1.16
N ASP B 39 -15.50 3.30 -1.08
CA ASP B 39 -16.21 4.01 0.01
C ASP B 39 -15.90 3.39 1.39
N GLU B 40 -15.67 2.06 1.37
CA GLU B 40 -15.32 1.29 2.56
C GLU B 40 -13.94 1.75 3.11
N ALA B 41 -12.96 1.92 2.19
CA ALA B 41 -11.58 2.29 2.52
C ALA B 41 -11.46 3.80 2.84
N HIS B 42 -12.29 4.60 2.15
CA HIS B 42 -12.30 6.07 2.29
C HIS B 42 -12.83 6.47 3.68
N LYS B 43 -13.77 5.66 4.20
CA LYS B 43 -14.30 5.82 5.56
C LYS B 43 -13.31 5.25 6.59
N ALA B 44 -12.67 4.12 6.20
CA ALA B 44 -11.70 3.39 7.05
C ALA B 44 -10.51 4.27 7.47
N TRP B 45 -10.18 5.26 6.61
CA TRP B 45 -9.17 6.31 6.89
C TRP B 45 -9.46 6.98 8.27
N LYS B 46 -10.69 7.51 8.45
CA LYS B 46 -11.13 8.19 9.69
C LYS B 46 -11.44 7.19 10.81
N ALA B 47 -12.03 6.05 10.44
CA ALA B 47 -12.37 4.95 11.37
C ALA B 47 -11.10 4.39 12.05
N LYS B 48 -9.95 4.52 11.36
CA LYS B 48 -8.65 4.15 11.91
C LYS B 48 -8.05 5.30 12.72
N ALA B 49 -8.06 6.51 12.13
CA ALA B 49 -7.41 7.72 12.70
C ALA B 49 -7.97 8.07 14.09
N GLN B 50 -9.27 7.80 14.29
CA GLN B 50 -9.97 8.05 15.56
C GLN B 50 -9.82 6.85 16.52
N ALA B 51 -9.74 5.63 15.95
CA ALA B 51 -9.65 4.38 16.75
C ALA B 51 -8.31 4.29 17.49
N THR B 52 -7.23 4.70 16.80
CA THR B 52 -5.86 4.66 17.34
C THR B 52 -5.63 5.82 18.34
N VAL B 53 -5.53 5.47 19.62
CA VAL B 53 -5.10 6.36 20.70
C VAL B 53 -3.77 5.79 21.27
N ASP B 54 -3.52 4.52 20.91
CA ASP B 54 -2.43 3.69 21.41
C ASP B 54 -1.07 4.21 20.90
N ASN B 55 -1.06 4.61 19.63
CA ASN B 55 0.14 5.13 18.94
C ASN B 55 0.33 6.63 19.20
N ALA B 56 1.47 7.14 18.70
CA ALA B 56 1.83 8.57 18.77
C ALA B 56 1.50 9.26 17.43
N HIS B 57 2.21 8.86 16.35
CA HIS B 57 2.13 9.54 15.04
C HIS B 57 1.53 8.65 13.94
N ALA B 58 0.85 7.56 14.31
CA ALA B 58 0.25 6.62 13.33
C ALA B 58 -0.96 7.26 12.63
N ARG B 59 -0.74 7.72 11.39
CA ARG B 59 -1.79 8.26 10.50
C ARG B 59 -1.98 7.30 9.36
N TYR B 60 -3.26 7.01 9.07
CA TYR B 60 -3.66 5.96 8.14
C TYR B 60 -4.18 6.57 6.85
N PHE B 61 -3.25 6.69 5.90
CA PHE B 61 -3.42 7.31 4.61
C PHE B 61 -4.17 6.37 3.64
N ILE B 62 -4.52 6.89 2.47
CA ILE B 62 -5.11 6.10 1.38
C ILE B 62 -4.26 6.30 0.13
N ILE B 63 -4.07 5.27 -0.70
CA ILE B 63 -3.39 5.39 -2.01
C ILE B 63 -4.13 4.54 -3.06
N HIS B 64 -4.18 5.05 -4.28
CA HIS B 64 -4.76 4.37 -5.45
C HIS B 64 -3.90 3.13 -5.84
N ALA B 65 -4.59 2.06 -6.24
CA ALA B 65 -3.94 0.78 -6.60
C ALA B 65 -4.41 0.31 -7.98
N HIS B 66 -4.94 1.23 -8.81
CA HIS B 66 -5.47 0.90 -10.15
C HIS B 66 -4.32 0.73 -11.15
N LYS B 67 -3.42 1.70 -11.19
CA LYS B 67 -2.17 1.60 -11.97
C LYS B 67 -1.03 1.38 -10.99
N LEU B 68 -0.62 0.12 -10.89
CA LEU B 68 0.51 -0.31 -10.08
C LEU B 68 1.82 0.00 -10.82
N LEU B 69 2.87 0.33 -10.06
CA LEU B 69 4.21 0.54 -10.60
C LEU B 69 4.88 -0.83 -10.82
N ASP B 70 4.43 -1.51 -11.87
CA ASP B 70 5.02 -2.76 -12.33
C ASP B 70 6.21 -2.41 -13.23
N PRO B 71 7.47 -2.72 -12.80
CA PRO B 71 8.69 -2.38 -13.58
C PRO B 71 8.79 -3.13 -14.93
N SER B 72 7.94 -4.15 -15.14
CA SER B 72 7.84 -4.84 -16.45
C SER B 72 7.21 -3.90 -17.49
N GLU B 73 6.23 -3.08 -17.05
CA GLU B 73 5.57 -2.06 -17.87
C GLU B 73 5.41 -0.74 -17.07
N GLY B 74 6.53 -0.03 -16.92
CA GLY B 74 6.57 1.24 -16.16
C GLY B 74 6.40 2.48 -17.02
N MET A 1 23.25 15.89 2.99
CA MET A 1 22.56 14.76 2.34
C MET A 1 21.18 14.54 3.01
N PRO A 2 20.04 14.54 2.23
CA PRO A 2 18.68 14.30 2.76
C PRO A 2 18.45 12.80 3.08
N ASP A 3 17.82 12.51 4.23
CA ASP A 3 17.53 11.13 4.66
C ASP A 3 16.33 10.58 3.87
N LYS A 4 16.65 9.94 2.74
CA LYS A 4 15.66 9.40 1.81
C LYS A 4 15.26 7.98 2.23
N GLN A 5 14.43 7.91 3.28
CA GLN A 5 13.80 6.66 3.74
C GLN A 5 12.41 6.50 3.10
N LEU A 6 11.87 7.61 2.57
CA LEU A 6 10.52 7.64 1.99
C LEU A 6 10.59 7.26 0.51
N LEU A 7 9.78 6.28 0.11
CA LEU A 7 9.90 5.63 -1.20
C LEU A 7 8.61 4.88 -1.58
N HIS A 8 8.67 4.18 -2.71
CA HIS A 8 7.54 3.42 -3.26
C HIS A 8 7.40 2.07 -2.53
N ILE A 9 6.40 1.94 -1.64
CA ILE A 9 6.20 0.72 -0.84
C ILE A 9 5.65 -0.42 -1.70
N VAL A 10 5.94 -1.65 -1.30
CA VAL A 10 5.67 -2.88 -2.08
C VAL A 10 4.48 -3.65 -1.50
N VAL A 11 3.56 -4.03 -2.41
CA VAL A 11 2.33 -4.77 -2.10
C VAL A 11 2.10 -5.87 -3.16
N GLY A 12 1.14 -6.78 -2.90
CA GLY A 12 0.71 -7.74 -3.92
C GLY A 12 -0.34 -8.70 -3.38
N GLY A 13 -0.26 -9.96 -3.80
CA GLY A 13 -1.19 -11.00 -3.34
C GLY A 13 -1.88 -11.67 -4.50
N GLU A 14 -3.00 -12.36 -4.22
CA GLU A 14 -3.79 -13.07 -5.25
C GLU A 14 -4.61 -12.10 -6.11
N LEU A 15 -4.57 -12.36 -7.42
CA LEU A 15 -5.35 -11.67 -8.45
C LEU A 15 -6.39 -12.65 -9.03
N LYS A 16 -7.52 -12.15 -9.57
CA LYS A 16 -8.56 -12.98 -10.22
C LYS A 16 -8.01 -13.66 -11.49
N ASP A 17 -7.20 -12.90 -12.25
CA ASP A 17 -6.58 -13.35 -13.50
C ASP A 17 -5.04 -13.23 -13.38
N VAL A 18 -4.30 -13.94 -14.25
CA VAL A 18 -2.83 -13.92 -14.24
C VAL A 18 -2.28 -12.54 -14.70
N ALA A 19 -2.84 -12.00 -15.80
CA ALA A 19 -2.48 -10.67 -16.33
C ALA A 19 -3.37 -9.58 -15.70
N GLY A 20 -4.59 -9.99 -15.34
CA GLY A 20 -5.63 -9.07 -14.84
C GLY A 20 -5.34 -8.54 -13.45
N VAL A 21 -5.02 -7.23 -13.38
CA VAL A 21 -4.74 -6.52 -12.13
C VAL A 21 -6.06 -6.06 -11.50
N GLU A 22 -6.75 -7.04 -10.93
CA GLU A 22 -7.87 -6.87 -10.00
C GLU A 22 -7.83 -8.07 -9.03
N PHE A 23 -7.70 -7.80 -7.73
CA PHE A 23 -7.40 -8.84 -6.72
C PHE A 23 -8.53 -9.89 -6.59
N ARG A 24 -8.13 -11.15 -6.37
CA ARG A 24 -9.05 -12.28 -6.15
C ARG A 24 -9.87 -12.05 -4.88
N ASP A 25 -9.16 -11.64 -3.83
CA ASP A 25 -9.74 -11.32 -2.53
C ASP A 25 -8.81 -10.33 -1.81
N LEU A 26 -9.41 -9.44 -1.04
CA LEU A 26 -8.72 -8.27 -0.44
C LEU A 26 -8.18 -8.58 0.95
N SER A 27 -8.78 -9.58 1.61
CA SER A 27 -8.23 -10.17 2.83
C SER A 27 -7.11 -11.16 2.43
N LYS A 28 -7.06 -11.51 1.13
CA LYS A 28 -6.02 -12.41 0.55
C LYS A 28 -5.04 -11.63 -0.35
N VAL A 29 -4.76 -10.37 0.03
CA VAL A 29 -3.63 -9.61 -0.52
C VAL A 29 -2.45 -9.75 0.45
N GLU A 30 -1.23 -9.80 -0.08
CA GLU A 30 -0.02 -9.85 0.75
C GLU A 30 0.78 -8.56 0.55
N PHE A 31 0.64 -7.65 1.53
CA PHE A 31 1.42 -6.42 1.60
C PHE A 31 2.88 -6.80 1.91
N VAL A 32 3.75 -6.72 0.88
CA VAL A 32 5.16 -7.15 0.98
C VAL A 32 5.91 -6.35 2.07
N GLY A 33 5.52 -5.08 2.22
CA GLY A 33 6.06 -4.17 3.22
C GLY A 33 6.61 -2.91 2.58
N ALA A 34 7.80 -2.53 3.00
CA ALA A 34 8.57 -1.43 2.39
C ALA A 34 10.06 -1.74 2.56
N TYR A 35 10.92 -0.96 1.90
CA TYR A 35 12.38 -1.12 1.95
C TYR A 35 13.04 0.25 2.18
N PRO A 36 14.26 0.34 2.81
CA PRO A 36 14.94 1.65 3.10
C PRO A 36 15.40 2.43 1.84
N SER A 37 15.17 1.87 0.65
CA SER A 37 15.57 2.47 -0.63
C SER A 37 14.59 2.03 -1.72
N TYR A 38 14.36 2.92 -2.71
CA TYR A 38 13.42 2.65 -3.83
C TYR A 38 13.84 1.40 -4.61
N ASP A 39 15.14 1.31 -4.97
CA ASP A 39 15.64 0.21 -5.81
C ASP A 39 15.60 -1.14 -5.08
N GLU A 40 15.62 -1.11 -3.74
CA GLU A 40 15.45 -2.31 -2.91
C GLU A 40 14.00 -2.83 -3.01
N ALA A 41 13.03 -1.89 -3.04
CA ALA A 41 11.60 -2.22 -3.21
C ALA A 41 11.32 -2.61 -4.67
N HIS A 42 12.05 -1.95 -5.57
CA HIS A 42 11.99 -2.17 -7.03
C HIS A 42 12.48 -3.58 -7.36
N LYS A 43 13.50 -4.01 -6.62
CA LYS A 43 14.12 -5.32 -6.80
C LYS A 43 13.27 -6.39 -6.13
N ALA A 44 12.65 -6.00 -4.99
CA ALA A 44 11.78 -6.88 -4.20
C ALA A 44 10.53 -7.31 -4.97
N TRP A 45 10.08 -6.43 -5.89
CA TRP A 45 8.93 -6.68 -6.79
C TRP A 45 9.10 -8.05 -7.51
N LYS A 46 10.22 -8.18 -8.25
CA LYS A 46 10.52 -9.38 -9.06
C LYS A 46 11.18 -10.48 -8.20
N ALA A 47 11.82 -10.09 -7.09
CA ALA A 47 12.39 -11.04 -6.11
C ALA A 47 11.27 -11.85 -5.43
N LYS A 48 10.09 -11.21 -5.30
CA LYS A 48 8.86 -11.84 -4.80
C LYS A 48 8.20 -12.68 -5.89
N ALA A 49 8.05 -12.08 -7.08
CA ALA A 49 7.39 -12.72 -8.23
C ALA A 49 8.06 -14.07 -8.61
N GLN A 50 9.40 -14.06 -8.65
CA GLN A 50 10.22 -15.26 -8.97
C GLN A 50 10.26 -16.26 -7.80
N ALA A 51 10.04 -15.75 -6.57
CA ALA A 51 9.97 -16.59 -5.36
C ALA A 51 8.62 -17.32 -5.25
N THR A 52 7.55 -16.67 -5.74
CA THR A 52 6.16 -17.15 -5.58
C THR A 52 5.60 -17.69 -6.92
N VAL A 53 6.48 -18.30 -7.72
CA VAL A 53 6.11 -18.88 -9.03
C VAL A 53 5.08 -20.04 -8.89
N ASP A 54 5.13 -20.72 -7.74
CA ASP A 54 4.22 -21.83 -7.39
C ASP A 54 2.83 -21.28 -7.00
N ASN A 55 2.83 -20.16 -6.25
CA ASN A 55 1.62 -19.59 -5.64
C ASN A 55 0.70 -18.96 -6.71
N ALA A 56 -0.53 -19.52 -6.82
CA ALA A 56 -1.51 -19.17 -7.86
C ALA A 56 -1.90 -17.68 -7.83
N HIS A 57 -1.61 -16.99 -8.96
CA HIS A 57 -2.06 -15.62 -9.27
C HIS A 57 -1.46 -14.55 -8.32
N ALA A 58 -0.36 -14.92 -7.66
CA ALA A 58 0.37 -14.00 -6.75
C ALA A 58 1.26 -13.05 -7.58
N ARG A 59 0.68 -11.91 -7.96
CA ARG A 59 1.38 -10.84 -8.72
C ARG A 59 1.69 -9.70 -7.76
N TYR A 60 2.98 -9.56 -7.47
CA TYR A 60 3.50 -8.49 -6.61
C TYR A 60 3.98 -7.33 -7.47
N PHE A 61 3.54 -6.13 -7.10
CA PHE A 61 3.92 -4.88 -7.76
C PHE A 61 4.23 -3.85 -6.66
N ILE A 62 4.16 -2.55 -7.01
CA ILE A 62 4.60 -1.46 -6.13
C ILE A 62 3.54 -0.34 -6.22
N ILE A 63 3.48 0.55 -5.20
CA ILE A 63 2.65 1.77 -5.24
C ILE A 63 3.49 2.94 -4.69
N HIS A 64 3.23 4.15 -5.20
CA HIS A 64 3.91 5.38 -4.72
C HIS A 64 3.45 5.70 -3.29
N ALA A 65 4.38 6.11 -2.42
CA ALA A 65 4.09 6.41 -1.00
C ALA A 65 4.83 7.66 -0.51
N HIS A 66 5.39 8.45 -1.45
CA HIS A 66 6.07 9.73 -1.12
C HIS A 66 5.03 10.76 -0.67
N LYS A 67 3.87 10.72 -1.34
CA LYS A 67 2.65 11.38 -0.90
C LYS A 67 1.53 10.32 -0.88
N LEU A 68 0.87 10.22 0.28
CA LEU A 68 -0.33 9.39 0.48
C LEU A 68 -1.58 10.19 0.06
N LEU A 69 -2.69 9.48 -0.21
CA LEU A 69 -3.98 10.10 -0.55
C LEU A 69 -4.66 10.62 0.73
N ASP A 70 -4.64 11.96 0.89
CA ASP A 70 -5.26 12.65 2.03
C ASP A 70 -6.69 13.14 1.65
N PRO A 71 -7.77 12.44 2.10
CA PRO A 71 -9.18 12.87 1.86
C PRO A 71 -9.55 14.16 2.60
N SER A 72 -8.71 14.52 3.59
CA SER A 72 -8.86 15.73 4.39
C SER A 72 -8.84 17.00 3.51
N GLU A 73 -7.93 17.02 2.53
CA GLU A 73 -7.79 18.14 1.56
C GLU A 73 -7.88 17.62 0.11
N GLY A 74 -6.90 16.78 -0.26
CA GLY A 74 -6.82 16.24 -1.63
C GLY A 74 -7.79 15.09 -1.87
N MET B 1 -24.57 -2.92 -15.55
CA MET B 1 -24.18 -3.15 -14.16
C MET B 1 -22.75 -3.76 -14.11
N PRO B 2 -21.68 -2.94 -13.80
CA PRO B 2 -20.28 -3.44 -13.69
C PRO B 2 -19.96 -4.06 -12.31
N ASP B 3 -19.03 -5.02 -12.30
CA ASP B 3 -18.54 -5.71 -11.08
C ASP B 3 -17.05 -5.42 -10.87
N LYS B 4 -16.71 -4.83 -9.71
CA LYS B 4 -15.33 -4.58 -9.31
C LYS B 4 -15.21 -4.57 -7.76
N GLN B 5 -14.12 -5.18 -7.27
CA GLN B 5 -13.70 -5.05 -5.85
C GLN B 5 -12.48 -4.12 -5.74
N LEU B 6 -11.85 -3.88 -6.90
CA LEU B 6 -10.60 -3.11 -7.01
C LEU B 6 -10.85 -1.64 -6.64
N LEU B 7 -10.03 -1.12 -5.72
CA LEU B 7 -10.29 0.14 -5.03
C LEU B 7 -8.99 0.74 -4.46
N HIS B 8 -9.14 1.75 -3.60
CA HIS B 8 -8.01 2.40 -2.92
C HIS B 8 -7.80 1.78 -1.53
N ILE B 9 -6.80 0.89 -1.39
CA ILE B 9 -6.50 0.22 -0.09
C ILE B 9 -6.02 1.26 0.94
N VAL B 10 -6.13 0.89 2.22
CA VAL B 10 -5.84 1.80 3.34
C VAL B 10 -4.50 1.47 3.99
N VAL B 11 -3.70 2.52 4.21
CA VAL B 11 -2.35 2.44 4.79
C VAL B 11 -2.15 3.61 5.78
N GLY B 12 -1.09 3.53 6.57
CA GLY B 12 -0.66 4.62 7.44
C GLY B 12 0.49 4.22 8.33
N GLY B 13 0.40 4.55 9.61
CA GLY B 13 1.43 4.21 10.60
C GLY B 13 2.00 5.47 11.19
N GLU B 14 3.09 5.35 11.96
CA GLU B 14 3.77 6.52 12.52
C GLU B 14 4.67 7.17 11.48
N LEU B 15 4.44 8.47 11.33
CA LEU B 15 5.26 9.40 10.53
C LEU B 15 6.32 10.01 11.47
N LYS B 16 7.34 10.69 10.93
CA LYS B 16 8.33 11.39 11.77
C LYS B 16 7.72 12.65 12.39
N ASP B 17 7.04 13.43 11.56
CA ASP B 17 6.43 14.71 11.96
C ASP B 17 4.88 14.61 11.83
N VAL B 18 4.18 15.52 12.54
CA VAL B 18 2.69 15.57 12.58
C VAL B 18 2.05 15.74 11.20
N ALA B 19 2.67 16.56 10.35
CA ALA B 19 2.22 16.80 8.96
C ALA B 19 3.29 16.39 7.95
N GLY B 20 4.50 16.09 8.47
CA GLY B 20 5.62 15.64 7.67
C GLY B 20 5.43 14.22 7.17
N VAL B 21 4.99 14.11 5.91
CA VAL B 21 4.73 12.85 5.22
C VAL B 21 6.07 12.22 4.82
N GLU B 22 6.67 11.56 5.81
CA GLU B 22 7.81 10.65 5.65
C GLU B 22 7.80 9.71 6.87
N PHE B 23 7.66 8.40 6.63
CA PHE B 23 7.39 7.41 7.69
C PHE B 23 8.55 7.33 8.69
N ARG B 24 8.19 7.28 9.99
CA ARG B 24 9.13 7.12 11.11
C ARG B 24 9.94 5.85 10.94
N ASP B 25 9.22 4.76 10.60
CA ASP B 25 9.79 3.46 10.24
C ASP B 25 8.95 2.85 9.11
N LEU B 26 9.64 2.20 8.18
CA LEU B 26 9.04 1.50 7.01
C LEU B 26 8.74 0.03 7.36
N SER B 27 9.37 -0.44 8.43
CA SER B 27 9.01 -1.71 9.07
C SER B 27 7.72 -1.52 9.91
N LYS B 28 7.33 -0.23 10.12
CA LYS B 28 6.16 0.15 10.95
C LYS B 28 5.16 0.99 10.12
N VAL B 29 5.24 0.92 8.77
CA VAL B 29 4.19 1.48 7.89
C VAL B 29 2.95 0.56 8.01
N GLU B 30 2.03 0.96 8.91
CA GLU B 30 0.86 0.15 9.28
C GLU B 30 -0.12 0.09 8.12
N PHE B 31 -0.10 -1.04 7.40
CA PHE B 31 -1.09 -1.36 6.38
C PHE B 31 -2.41 -1.65 7.09
N VAL B 32 -3.28 -0.63 7.10
CA VAL B 32 -4.60 -0.69 7.76
C VAL B 32 -5.45 -1.84 7.15
N GLY B 33 -5.23 -2.09 5.85
CA GLY B 33 -5.77 -3.26 5.15
C GLY B 33 -6.37 -2.89 3.81
N ALA B 34 -7.55 -3.46 3.52
CA ALA B 34 -8.29 -3.23 2.28
C ALA B 34 -9.77 -3.57 2.53
N TYR B 35 -10.66 -2.80 1.88
CA TYR B 35 -12.12 -2.92 2.05
C TYR B 35 -12.76 -3.21 0.68
N PRO B 36 -13.98 -3.86 0.61
CA PRO B 36 -14.62 -4.25 -0.69
C PRO B 36 -15.29 -3.07 -1.44
N SER B 37 -14.93 -1.84 -1.05
CA SER B 37 -15.47 -0.60 -1.62
C SER B 37 -14.53 0.56 -1.26
N TYR B 38 -14.37 1.50 -2.21
CA TYR B 38 -13.57 2.72 -2.00
C TYR B 38 -14.12 3.55 -0.82
N ASP B 39 -15.46 3.60 -0.71
CA ASP B 39 -16.16 4.39 0.32
C ASP B 39 -15.89 3.85 1.74
N GLU B 40 -15.77 2.52 1.86
CA GLU B 40 -15.46 1.84 3.13
C GLU B 40 -14.00 2.09 3.54
N ALA B 41 -13.12 2.24 2.53
CA ALA B 41 -11.71 2.57 2.74
C ALA B 41 -11.55 4.06 3.05
N HIS B 42 -12.43 4.87 2.42
CA HIS B 42 -12.48 6.32 2.63
C HIS B 42 -12.87 6.62 4.08
N LYS B 43 -13.81 5.82 4.60
CA LYS B 43 -14.26 5.95 5.98
C LYS B 43 -13.17 5.46 6.95
N ALA B 44 -12.54 4.31 6.60
CA ALA B 44 -11.52 3.63 7.44
C ALA B 44 -10.34 4.54 7.77
N TRP B 45 -10.03 5.47 6.85
CA TRP B 45 -8.98 6.49 6.99
C TRP B 45 -9.15 7.29 8.32
N LYS B 46 -10.33 7.91 8.49
CA LYS B 46 -10.63 8.77 9.66
C LYS B 46 -11.18 7.93 10.83
N ALA B 47 -11.73 6.74 10.51
CA ALA B 47 -12.19 5.77 11.51
C ALA B 47 -10.99 5.25 12.33
N LYS B 48 -9.81 5.26 11.69
CA LYS B 48 -8.53 4.94 12.33
C LYS B 48 -7.91 6.19 12.98
N ALA B 49 -7.84 7.28 12.20
CA ALA B 49 -7.17 8.54 12.61
C ALA B 49 -7.77 9.16 13.89
N GLN B 50 -9.09 8.97 14.09
CA GLN B 50 -9.79 9.38 15.32
C GLN B 50 -9.57 8.34 16.44
N ALA B 51 -9.62 7.05 16.07
CA ALA B 51 -9.59 5.93 17.04
C ALA B 51 -8.25 5.86 17.80
N THR B 52 -7.16 6.20 17.09
CA THR B 52 -5.79 6.05 17.57
C THR B 52 -5.30 7.35 18.26
N VAL B 53 -6.01 7.72 19.35
CA VAL B 53 -5.68 8.91 20.17
C VAL B 53 -4.33 8.72 20.88
N ASP B 54 -4.09 7.48 21.32
CA ASP B 54 -2.84 7.04 21.96
C ASP B 54 -1.66 7.04 20.96
N ASN B 55 -1.92 6.49 19.75
CA ASN B 55 -0.89 6.34 18.71
C ASN B 55 -0.45 7.73 18.19
N ALA B 56 0.72 8.18 18.68
CA ALA B 56 1.15 9.59 18.66
C ALA B 56 1.36 10.16 17.25
N HIS B 57 2.32 9.60 16.50
CA HIS B 57 2.74 10.13 15.18
C HIS B 57 1.91 9.53 14.03
N ALA B 58 0.83 8.83 14.38
CA ALA B 58 0.08 7.96 13.48
C ALA B 58 -0.88 8.75 12.58
N ARG B 59 -0.48 8.93 11.31
CA ARG B 59 -1.27 9.64 10.30
C ARG B 59 -1.70 8.62 9.24
N TYR B 60 -2.92 8.12 9.41
CA TYR B 60 -3.54 7.15 8.49
C TYR B 60 -4.13 7.88 7.31
N PHE B 61 -3.78 7.42 6.12
CA PHE B 61 -4.26 7.95 4.85
C PHE B 61 -4.76 6.78 3.98
N ILE B 62 -4.82 6.98 2.66
CA ILE B 62 -5.24 5.96 1.70
C ILE B 62 -4.14 5.86 0.60
N ILE B 63 -4.20 4.80 -0.20
CA ILE B 63 -3.29 4.58 -1.34
C ILE B 63 -4.09 3.83 -2.42
N HIS B 64 -3.89 4.19 -3.70
CA HIS B 64 -4.64 3.57 -4.81
C HIS B 64 -4.04 2.19 -5.14
N ALA B 65 -4.87 1.15 -5.01
CA ALA B 65 -4.53 -0.23 -5.46
C ALA B 65 -5.22 -0.53 -6.79
N HIS B 66 -6.07 0.43 -7.24
CA HIS B 66 -6.80 0.34 -8.51
C HIS B 66 -5.83 0.40 -9.71
N LYS B 67 -4.62 0.92 -9.44
CA LYS B 67 -3.49 0.92 -10.35
C LYS B 67 -2.23 0.60 -9.54
N LEU B 68 -1.47 -0.41 -9.97
CA LEU B 68 -0.16 -0.74 -9.41
C LEU B 68 0.93 -0.22 -10.35
N LEU B 69 2.03 0.28 -9.77
CA LEU B 69 3.22 0.69 -10.53
C LEU B 69 3.89 -0.57 -11.08
N ASP B 70 3.82 -0.72 -12.42
CA ASP B 70 4.46 -1.83 -13.15
C ASP B 70 5.95 -1.49 -13.39
N PRO B 71 6.89 -2.14 -12.65
CA PRO B 71 8.35 -1.92 -12.82
C PRO B 71 8.94 -2.67 -14.01
N SER B 72 8.09 -3.36 -14.77
CA SER B 72 8.45 -4.02 -16.03
C SER B 72 8.89 -2.97 -17.09
N GLU B 73 8.35 -1.74 -16.97
CA GLU B 73 8.74 -0.57 -17.78
C GLU B 73 9.13 0.62 -16.88
N GLY B 74 9.39 0.35 -15.59
CA GLY B 74 9.65 1.39 -14.58
C GLY B 74 10.55 0.89 -13.44
N MET A 1 23.18 14.81 3.10
CA MET A 1 22.09 14.29 2.25
C MET A 1 20.77 15.02 2.56
N PRO A 2 19.76 15.04 1.62
CA PRO A 2 18.39 15.56 1.92
C PRO A 2 17.64 14.66 2.94
N ASP A 3 16.40 15.04 3.29
CA ASP A 3 15.52 14.19 4.11
C ASP A 3 14.95 13.07 3.21
N LYS A 4 15.79 12.07 2.92
CA LYS A 4 15.48 11.00 1.99
C LYS A 4 15.56 9.67 2.74
N GLN A 5 14.44 9.32 3.37
CA GLN A 5 14.19 7.99 3.95
C GLN A 5 12.96 7.36 3.28
N LEU A 6 12.20 8.23 2.56
CA LEU A 6 10.88 7.90 2.00
C LEU A 6 11.06 7.29 0.60
N LEU A 7 10.22 6.30 0.29
CA LEU A 7 10.40 5.41 -0.86
C LEU A 7 9.08 4.80 -1.30
N HIS A 8 9.19 3.85 -2.24
CA HIS A 8 8.06 3.14 -2.83
C HIS A 8 7.85 1.82 -2.08
N ILE A 9 6.81 1.76 -1.23
CA ILE A 9 6.46 0.54 -0.46
C ILE A 9 6.12 -0.63 -1.42
N VAL A 10 6.06 -1.85 -0.89
CA VAL A 10 5.85 -3.07 -1.71
C VAL A 10 4.61 -3.83 -1.23
N VAL A 11 3.80 -4.25 -2.21
CA VAL A 11 2.51 -4.94 -1.98
C VAL A 11 2.21 -5.91 -3.14
N GLY A 12 1.60 -7.04 -2.80
CA GLY A 12 1.16 -8.04 -3.76
C GLY A 12 -0.12 -8.71 -3.33
N GLY A 13 -0.62 -9.62 -4.16
CA GLY A 13 -1.87 -10.35 -3.87
C GLY A 13 -2.45 -10.95 -5.12
N GLU A 14 -3.47 -11.83 -4.97
CA GLU A 14 -4.08 -12.50 -6.12
C GLU A 14 -5.03 -11.60 -6.87
N LEU A 15 -4.89 -11.65 -8.20
CA LEU A 15 -5.70 -10.92 -9.17
C LEU A 15 -6.81 -11.85 -9.71
N LYS A 16 -7.89 -11.27 -10.25
CA LYS A 16 -8.97 -12.05 -10.91
C LYS A 16 -8.46 -12.61 -12.26
N ASP A 17 -7.74 -11.76 -13.01
CA ASP A 17 -7.28 -12.07 -14.38
C ASP A 17 -5.79 -11.67 -14.52
N VAL A 18 -5.11 -12.17 -15.57
CA VAL A 18 -3.69 -11.87 -15.84
C VAL A 18 -3.50 -10.39 -16.24
N ALA A 19 -4.36 -9.90 -17.15
CA ALA A 19 -4.36 -8.49 -17.60
C ALA A 19 -5.26 -7.65 -16.69
N GLY A 20 -6.18 -8.32 -15.99
CA GLY A 20 -7.08 -7.68 -15.04
C GLY A 20 -6.42 -7.42 -13.70
N VAL A 21 -5.91 -6.19 -13.51
CA VAL A 21 -5.21 -5.77 -12.27
C VAL A 21 -6.23 -5.25 -11.23
N GLU A 22 -7.16 -6.16 -10.86
CA GLU A 22 -8.12 -5.97 -9.77
C GLU A 22 -7.99 -7.20 -8.86
N PHE A 23 -7.79 -6.97 -7.57
CA PHE A 23 -7.60 -8.03 -6.58
C PHE A 23 -8.83 -8.95 -6.49
N ARG A 24 -8.58 -10.25 -6.74
CA ARG A 24 -9.56 -11.34 -6.59
C ARG A 24 -10.13 -11.37 -5.16
N ASP A 25 -9.21 -11.20 -4.20
CA ASP A 25 -9.50 -11.30 -2.78
C ASP A 25 -8.51 -10.41 -2.00
N LEU A 26 -9.06 -9.58 -1.11
CA LEU A 26 -8.32 -8.55 -0.39
C LEU A 26 -7.57 -9.10 0.86
N SER A 27 -7.89 -10.33 1.27
CA SER A 27 -7.14 -11.04 2.31
C SER A 27 -5.93 -11.77 1.68
N LYS A 28 -6.03 -12.09 0.36
CA LYS A 28 -4.90 -12.62 -0.43
C LYS A 28 -3.83 -11.55 -0.70
N VAL A 29 -4.21 -10.26 -0.51
CA VAL A 29 -3.29 -9.13 -0.68
C VAL A 29 -2.24 -9.12 0.44
N GLU A 30 -1.12 -9.81 0.18
CA GLU A 30 0.02 -9.86 1.08
C GLU A 30 0.90 -8.62 0.86
N PHE A 31 0.83 -7.68 1.81
CA PHE A 31 1.73 -6.53 1.86
C PHE A 31 3.15 -7.04 2.17
N VAL A 32 4.02 -6.97 1.15
CA VAL A 32 5.45 -7.36 1.27
C VAL A 32 6.15 -6.46 2.32
N GLY A 33 5.58 -5.24 2.48
CA GLY A 33 5.96 -4.31 3.54
C GLY A 33 6.55 -3.04 2.95
N ALA A 34 7.73 -2.67 3.44
CA ALA A 34 8.50 -1.52 2.97
C ALA A 34 9.95 -1.69 3.41
N TYR A 35 10.88 -1.05 2.71
CA TYR A 35 12.34 -1.13 2.98
C TYR A 35 12.90 0.29 3.14
N PRO A 36 14.05 0.52 3.86
CA PRO A 36 14.60 1.90 4.07
C PRO A 36 15.26 2.54 2.82
N SER A 37 15.10 1.91 1.64
CA SER A 37 15.62 2.42 0.36
C SER A 37 14.69 2.00 -0.80
N TYR A 38 14.67 2.82 -1.86
CA TYR A 38 13.87 2.57 -3.07
C TYR A 38 14.29 1.25 -3.74
N ASP A 39 15.62 1.06 -3.91
CA ASP A 39 16.18 -0.10 -4.65
C ASP A 39 15.89 -1.43 -3.95
N GLU A 40 15.88 -1.40 -2.61
CA GLU A 40 15.58 -2.59 -1.78
C GLU A 40 14.13 -3.06 -2.01
N ALA A 41 13.21 -2.10 -2.10
CA ALA A 41 11.79 -2.37 -2.36
C ALA A 41 11.58 -2.76 -3.83
N HIS A 42 12.33 -2.08 -4.72
CA HIS A 42 12.29 -2.31 -6.17
C HIS A 42 12.77 -3.75 -6.48
N LYS A 43 13.66 -4.26 -5.62
CA LYS A 43 14.22 -5.61 -5.76
C LYS A 43 13.24 -6.66 -5.20
N ALA A 44 12.51 -6.27 -4.14
CA ALA A 44 11.55 -7.14 -3.44
C ALA A 44 10.42 -7.64 -4.35
N TRP A 45 10.01 -6.78 -5.32
CA TRP A 45 9.02 -7.14 -6.37
C TRP A 45 9.43 -8.46 -7.08
N LYS A 46 10.68 -8.51 -7.58
CA LYS A 46 11.23 -9.67 -8.32
C LYS A 46 11.43 -10.88 -7.40
N ALA A 47 11.99 -10.60 -6.22
CA ALA A 47 12.28 -11.61 -5.18
C ALA A 47 11.02 -12.40 -4.80
N LYS A 48 9.89 -11.68 -4.71
CA LYS A 48 8.58 -12.24 -4.34
C LYS A 48 7.90 -12.91 -5.54
N ALA A 49 7.92 -12.24 -6.72
CA ALA A 49 7.22 -12.72 -7.93
C ALA A 49 7.78 -14.08 -8.42
N GLN A 50 9.11 -14.25 -8.26
CA GLN A 50 9.82 -15.51 -8.60
C GLN A 50 9.75 -16.54 -7.46
N ALA A 51 9.38 -16.08 -6.25
CA ALA A 51 9.14 -16.96 -5.09
C ALA A 51 7.74 -17.58 -5.16
N THR A 52 6.76 -16.75 -5.57
CA THR A 52 5.33 -17.08 -5.47
C THR A 52 4.78 -17.65 -6.80
N VAL A 53 5.57 -18.57 -7.40
CA VAL A 53 5.17 -19.33 -8.61
C VAL A 53 4.08 -20.37 -8.24
N ASP A 54 4.10 -20.79 -6.96
CA ASP A 54 3.12 -21.74 -6.37
C ASP A 54 1.71 -21.12 -6.30
N ASN A 55 1.63 -19.78 -6.29
CA ASN A 55 0.36 -19.03 -6.34
C ASN A 55 -0.24 -19.05 -7.75
N ALA A 56 -1.58 -18.96 -7.83
CA ALA A 56 -2.31 -18.98 -9.09
C ALA A 56 -2.21 -17.62 -9.81
N HIS A 57 -2.56 -16.53 -9.10
CA HIS A 57 -2.69 -15.17 -9.72
C HIS A 57 -2.01 -14.08 -8.88
N ALA A 58 -1.19 -14.46 -7.91
CA ALA A 58 -0.58 -13.52 -6.95
C ALA A 58 0.65 -12.84 -7.55
N ARG A 59 0.45 -11.60 -7.99
CA ARG A 59 1.49 -10.76 -8.56
C ARG A 59 1.94 -9.73 -7.51
N TYR A 60 3.24 -9.78 -7.18
CA TYR A 60 3.84 -8.95 -6.14
C TYR A 60 4.52 -7.74 -6.77
N PHE A 61 3.77 -6.64 -6.77
CA PHE A 61 4.15 -5.38 -7.41
C PHE A 61 4.78 -4.41 -6.39
N ILE A 62 4.90 -3.14 -6.81
CA ILE A 62 5.36 -2.03 -5.95
C ILE A 62 4.27 -0.91 -5.99
N ILE A 63 4.30 -0.01 -4.99
CA ILE A 63 3.45 1.20 -4.94
C ILE A 63 4.29 2.35 -4.37
N HIS A 64 4.18 3.55 -4.97
CA HIS A 64 4.92 4.74 -4.52
C HIS A 64 4.20 5.42 -3.35
N ALA A 65 4.92 5.57 -2.23
CA ALA A 65 4.43 6.25 -1.02
C ALA A 65 5.10 7.63 -0.91
N HIS A 66 4.39 8.66 -1.40
CA HIS A 66 4.85 10.06 -1.33
C HIS A 66 3.65 10.96 -1.63
N LYS A 67 2.89 10.58 -2.67
CA LYS A 67 1.59 11.19 -2.97
C LYS A 67 0.49 10.25 -2.44
N LEU A 68 -0.06 10.62 -1.29
CA LEU A 68 -1.15 9.92 -0.64
C LEU A 68 -2.49 10.55 -1.05
N LEU A 69 -3.53 9.74 -1.04
CA LEU A 69 -4.90 10.16 -1.31
C LEU A 69 -5.45 10.69 0.01
N ASP A 70 -5.50 12.03 0.15
CA ASP A 70 -5.91 12.71 1.38
C ASP A 70 -7.40 13.13 1.29
N PRO A 71 -8.34 12.35 1.89
CA PRO A 71 -9.77 12.73 1.96
C PRO A 71 -10.04 13.73 3.11
N SER A 72 -8.99 13.99 3.89
CA SER A 72 -9.01 14.98 4.98
C SER A 72 -8.85 16.39 4.40
N GLU A 73 -7.90 16.53 3.47
CA GLU A 73 -7.48 17.84 2.93
C GLU A 73 -8.33 18.26 1.72
N GLY A 74 -8.99 17.28 1.07
CA GLY A 74 -9.87 17.57 -0.08
C GLY A 74 -10.26 16.32 -0.84
N MET B 1 -23.90 -4.07 -15.44
CA MET B 1 -22.83 -3.39 -14.70
C MET B 1 -21.57 -4.31 -14.64
N PRO B 2 -20.33 -3.72 -14.52
CA PRO B 2 -19.11 -4.53 -14.27
C PRO B 2 -19.04 -5.07 -12.83
N ASP B 3 -18.14 -6.04 -12.59
CA ASP B 3 -17.84 -6.54 -11.23
C ASP B 3 -16.90 -5.54 -10.53
N LYS B 4 -17.49 -4.45 -9.98
CA LYS B 4 -16.74 -3.37 -9.36
C LYS B 4 -16.53 -3.68 -7.87
N GLN B 5 -15.47 -4.44 -7.58
CA GLN B 5 -14.92 -4.61 -6.22
C GLN B 5 -13.71 -3.67 -6.04
N LEU B 6 -13.20 -3.14 -7.19
CA LEU B 6 -11.95 -2.37 -7.27
C LEU B 6 -11.96 -1.17 -6.31
N LEU B 7 -10.81 -0.99 -5.66
CA LEU B 7 -10.67 -0.18 -4.46
C LEU B 7 -9.31 0.50 -4.40
N HIS B 8 -9.17 1.32 -3.36
CA HIS B 8 -7.93 2.01 -3.01
C HIS B 8 -7.52 1.49 -1.62
N ILE B 9 -6.36 0.81 -1.52
CA ILE B 9 -5.92 0.18 -0.25
C ILE B 9 -5.57 1.23 0.81
N VAL B 10 -5.54 0.80 2.08
CA VAL B 10 -5.33 1.68 3.24
C VAL B 10 -3.98 1.39 3.90
N VAL B 11 -3.12 2.42 3.88
CA VAL B 11 -1.74 2.36 4.41
C VAL B 11 -1.46 3.61 5.25
N GLY B 12 -0.80 3.41 6.40
CA GLY B 12 -0.39 4.53 7.26
C GLY B 12 0.55 4.05 8.34
N GLY B 13 0.72 4.85 9.39
CA GLY B 13 1.62 4.50 10.49
C GLY B 13 2.33 5.72 11.03
N GLU B 14 3.38 5.50 11.83
CA GLU B 14 4.05 6.59 12.55
C GLU B 14 5.05 7.30 11.63
N LEU B 15 4.82 8.61 11.46
CA LEU B 15 5.72 9.53 10.78
C LEU B 15 6.79 10.05 11.79
N LYS B 16 7.75 10.83 11.31
CA LYS B 16 8.72 11.56 12.16
C LYS B 16 8.09 12.85 12.73
N ASP B 17 6.97 13.29 12.13
CA ASP B 17 6.26 14.52 12.54
C ASP B 17 4.74 14.28 12.50
N VAL B 18 3.98 15.13 13.20
CA VAL B 18 2.49 15.04 13.29
C VAL B 18 1.81 15.29 11.93
N ALA B 19 2.37 16.21 11.15
CA ALA B 19 1.86 16.57 9.80
C ALA B 19 2.87 16.19 8.71
N GLY B 20 4.16 16.13 9.10
CA GLY B 20 5.27 15.85 8.17
C GLY B 20 5.21 14.43 7.64
N VAL B 21 5.02 14.29 6.31
CA VAL B 21 4.73 12.99 5.65
C VAL B 21 6.04 12.26 5.27
N GLU B 22 6.87 12.04 6.30
CA GLU B 22 8.13 11.29 6.21
C GLU B 22 8.08 10.20 7.29
N PHE B 23 7.97 8.91 6.90
CA PHE B 23 7.80 7.79 7.88
C PHE B 23 8.98 7.73 8.88
N ARG B 24 8.63 7.51 10.16
CA ARG B 24 9.60 7.34 11.25
C ARG B 24 10.51 6.14 10.99
N ASP B 25 9.88 5.06 10.51
CA ASP B 25 10.52 3.80 10.20
C ASP B 25 9.53 2.93 9.42
N LEU B 26 10.08 2.10 8.53
CA LEU B 26 9.31 1.30 7.57
C LEU B 26 8.91 -0.07 8.13
N SER B 27 9.13 -0.27 9.43
CA SER B 27 8.49 -1.34 10.23
C SER B 27 7.45 -0.70 11.21
N LYS B 28 7.53 0.64 11.38
CA LYS B 28 6.56 1.44 12.18
C LYS B 28 5.33 1.88 11.33
N VAL B 29 5.36 1.55 10.03
CA VAL B 29 4.25 1.83 9.10
C VAL B 29 3.23 0.66 9.16
N GLU B 30 2.08 0.91 9.82
CA GLU B 30 0.99 -0.07 9.92
C GLU B 30 0.12 -0.04 8.65
N PHE B 31 0.30 -1.05 7.80
CA PHE B 31 -0.57 -1.27 6.64
C PHE B 31 -1.93 -1.75 7.18
N VAL B 32 -2.91 -0.83 7.21
CA VAL B 32 -4.25 -1.07 7.78
C VAL B 32 -4.92 -2.28 7.07
N GLY B 33 -4.65 -2.40 5.77
CA GLY B 33 -5.04 -3.55 4.97
C GLY B 33 -5.66 -3.12 3.65
N ALA B 34 -6.75 -3.78 3.28
CA ALA B 34 -7.49 -3.49 2.04
C ALA B 34 -8.90 -4.09 2.19
N TYR B 35 -9.91 -3.37 1.70
CA TYR B 35 -11.34 -3.74 1.89
C TYR B 35 -11.98 -4.09 0.54
N PRO B 36 -13.01 -5.01 0.47
CA PRO B 36 -13.60 -5.49 -0.80
C PRO B 36 -14.36 -4.42 -1.64
N SER B 37 -14.35 -3.16 -1.19
CA SER B 37 -14.95 -2.02 -1.92
C SER B 37 -14.20 -0.73 -1.52
N TYR B 38 -14.28 0.28 -2.40
CA TYR B 38 -13.57 1.57 -2.24
C TYR B 38 -14.00 2.31 -0.96
N ASP B 39 -15.31 2.60 -0.82
CA ASP B 39 -15.83 3.44 0.30
C ASP B 39 -15.56 2.82 1.69
N GLU B 40 -15.37 1.51 1.72
CA GLU B 40 -15.02 0.76 2.95
C GLU B 40 -13.59 1.13 3.40
N ALA B 41 -12.66 1.19 2.43
CA ALA B 41 -11.27 1.59 2.68
C ALA B 41 -11.19 3.11 2.92
N HIS B 42 -12.02 3.85 2.18
CA HIS B 42 -12.17 5.31 2.28
C HIS B 42 -12.62 5.70 3.69
N LYS B 43 -13.36 4.80 4.35
CA LYS B 43 -13.87 5.06 5.69
C LYS B 43 -12.85 4.66 6.77
N ALA B 44 -12.11 3.57 6.48
CA ALA B 44 -11.09 3.01 7.39
C ALA B 44 -9.98 4.02 7.72
N TRP B 45 -9.66 4.89 6.75
CA TRP B 45 -8.69 6.00 6.93
C TRP B 45 -9.08 6.89 8.15
N LYS B 46 -10.35 7.36 8.19
CA LYS B 46 -10.86 8.26 9.27
C LYS B 46 -11.04 7.49 10.58
N ALA B 47 -11.48 6.22 10.44
CA ALA B 47 -11.63 5.30 11.57
C ALA B 47 -10.31 5.17 12.35
N LYS B 48 -9.21 5.03 11.60
CA LYS B 48 -7.86 4.87 12.16
C LYS B 48 -7.30 6.21 12.67
N ALA B 49 -7.48 7.27 11.87
CA ALA B 49 -6.96 8.62 12.17
C ALA B 49 -7.51 9.15 13.52
N GLN B 50 -8.84 9.01 13.69
CA GLN B 50 -9.54 9.39 14.93
C GLN B 50 -9.17 8.47 16.09
N ALA B 51 -9.04 7.16 15.81
CA ALA B 51 -8.79 6.12 16.84
C ALA B 51 -7.41 6.30 17.50
N THR B 52 -6.43 6.75 16.70
CA THR B 52 -5.03 6.88 17.14
C THR B 52 -4.76 8.25 17.79
N VAL B 53 -5.41 8.47 18.95
CA VAL B 53 -5.16 9.63 19.83
C VAL B 53 -3.94 9.32 20.73
N ASP B 54 -3.74 8.02 21.01
CA ASP B 54 -2.54 7.50 21.70
C ASP B 54 -1.31 7.60 20.77
N ASN B 55 -1.44 6.99 19.59
CA ASN B 55 -0.37 6.93 18.57
C ASN B 55 -0.07 8.35 18.04
N ALA B 56 1.08 8.89 18.50
CA ALA B 56 1.45 10.31 18.38
C ALA B 56 1.54 10.82 16.93
N HIS B 57 2.41 10.21 16.14
CA HIS B 57 2.67 10.66 14.74
C HIS B 57 1.98 9.75 13.72
N ALA B 58 1.13 8.83 14.19
CA ALA B 58 0.49 7.84 13.33
C ALA B 58 -0.66 8.46 12.53
N ARG B 59 -0.34 8.82 11.29
CA ARG B 59 -1.27 9.41 10.34
C ARG B 59 -1.53 8.40 9.22
N TYR B 60 -2.78 7.95 9.12
CA TYR B 60 -3.20 6.93 8.16
C TYR B 60 -3.80 7.60 6.94
N PHE B 61 -3.47 7.04 5.77
CA PHE B 61 -3.84 7.59 4.46
C PHE B 61 -4.38 6.44 3.58
N ILE B 62 -4.68 6.78 2.32
CA ILE B 62 -5.15 5.80 1.31
C ILE B 62 -4.25 5.92 0.08
N ILE B 63 -4.08 4.82 -0.68
CA ILE B 63 -3.38 4.83 -1.98
C ILE B 63 -4.20 4.04 -3.02
N HIS B 64 -4.23 4.57 -4.25
CA HIS B 64 -4.86 3.94 -5.41
C HIS B 64 -4.19 2.59 -5.74
N ALA B 65 -4.99 1.51 -5.78
CA ALA B 65 -4.51 0.15 -6.09
C ALA B 65 -5.22 -0.40 -7.33
N HIS B 66 -4.69 0.00 -8.50
CA HIS B 66 -5.09 -0.51 -9.82
C HIS B 66 -3.93 -0.29 -10.79
N LYS B 67 -3.28 0.89 -10.66
CA LYS B 67 -2.01 1.17 -11.32
C LYS B 67 -0.88 0.84 -10.34
N LEU B 68 -0.41 -0.40 -10.44
CA LEU B 68 0.68 -0.94 -9.64
C LEU B 68 2.01 -0.75 -10.39
N LEU B 69 3.05 -0.33 -9.66
CA LEU B 69 4.38 -0.09 -10.25
C LEU B 69 5.08 -1.43 -10.48
N ASP B 70 4.89 -1.97 -11.68
CA ASP B 70 5.61 -3.15 -12.14
C ASP B 70 6.68 -2.68 -13.14
N PRO B 71 7.99 -2.90 -12.84
CA PRO B 71 9.13 -2.54 -13.75
C PRO B 71 8.97 -3.06 -15.20
N SER B 72 8.47 -4.30 -15.34
CA SER B 72 8.27 -4.95 -16.66
C SER B 72 7.03 -4.34 -17.38
N GLU B 73 6.09 -3.78 -16.59
CA GLU B 73 4.90 -3.05 -17.10
C GLU B 73 5.12 -1.51 -17.01
N GLY B 74 6.39 -1.09 -16.98
CA GLY B 74 6.73 0.34 -16.85
C GLY B 74 6.37 1.15 -18.10
N MET A 1 20.88 17.99 4.96
CA MET A 1 19.67 17.63 4.18
C MET A 1 18.65 16.95 5.12
N PRO A 2 17.31 17.16 4.91
CA PRO A 2 16.26 16.45 5.68
C PRO A 2 16.19 14.97 5.28
N ASP A 3 16.13 14.08 6.29
CA ASP A 3 15.98 12.63 6.08
C ASP A 3 14.53 12.32 5.69
N LYS A 4 14.22 12.57 4.41
CA LYS A 4 12.91 12.28 3.83
C LYS A 4 13.04 11.00 3.02
N GLN A 5 12.93 9.86 3.72
CA GLN A 5 13.05 8.52 3.13
C GLN A 5 11.89 8.22 2.16
N LEU A 6 10.75 8.94 2.33
CA LEU A 6 9.44 8.62 1.73
C LEU A 6 9.54 8.16 0.26
N LEU A 7 9.09 6.92 0.03
CA LEU A 7 9.42 6.15 -1.17
C LEU A 7 8.22 5.34 -1.67
N HIS A 8 8.53 4.42 -2.59
CA HIS A 8 7.56 3.50 -3.15
C HIS A 8 7.56 2.22 -2.31
N ILE A 9 6.45 1.96 -1.60
CA ILE A 9 6.28 0.71 -0.81
C ILE A 9 5.96 -0.46 -1.75
N VAL A 10 5.99 -1.67 -1.21
CA VAL A 10 5.81 -2.91 -1.98
C VAL A 10 4.52 -3.62 -1.55
N VAL A 11 3.81 -4.15 -2.57
CA VAL A 11 2.49 -4.75 -2.41
C VAL A 11 2.38 -6.02 -3.29
N GLY A 12 1.39 -6.86 -3.00
CA GLY A 12 1.01 -7.94 -3.89
C GLY A 12 -0.19 -8.68 -3.36
N GLY A 13 -0.18 -10.01 -3.49
CA GLY A 13 -1.28 -10.85 -3.04
C GLY A 13 -2.03 -11.39 -4.22
N GLU A 14 -3.20 -12.00 -4.00
CA GLU A 14 -3.91 -12.69 -5.08
C GLU A 14 -4.87 -11.76 -5.83
N LEU A 15 -4.84 -11.98 -7.15
CA LEU A 15 -5.64 -11.27 -8.14
C LEU A 15 -6.69 -12.25 -8.69
N LYS A 16 -7.60 -11.75 -9.50
CA LYS A 16 -8.64 -12.56 -10.17
C LYS A 16 -8.04 -13.34 -11.36
N ASP A 17 -6.94 -12.81 -11.91
CA ASP A 17 -6.23 -13.41 -13.05
C ASP A 17 -4.72 -13.14 -12.88
N VAL A 18 -3.87 -13.93 -13.56
CA VAL A 18 -2.40 -13.77 -13.50
C VAL A 18 -1.96 -12.39 -14.06
N ALA A 19 -2.51 -12.00 -15.22
CA ALA A 19 -2.26 -10.68 -15.82
C ALA A 19 -3.31 -9.66 -15.35
N GLY A 20 -4.49 -10.19 -14.97
CA GLY A 20 -5.63 -9.36 -14.53
C GLY A 20 -5.44 -8.81 -13.14
N VAL A 21 -5.02 -7.54 -13.06
CA VAL A 21 -4.73 -6.84 -11.80
C VAL A 21 -6.03 -6.29 -11.19
N GLU A 22 -6.80 -7.22 -10.63
CA GLU A 22 -8.03 -6.97 -9.85
C GLU A 22 -7.98 -7.88 -8.62
N PHE A 23 -7.85 -7.31 -7.41
CA PHE A 23 -7.65 -8.12 -6.17
C PHE A 23 -8.79 -9.16 -5.95
N ARG A 24 -8.40 -10.45 -5.96
CA ARG A 24 -9.31 -11.60 -5.70
C ARG A 24 -10.06 -11.42 -4.38
N ASP A 25 -9.33 -11.00 -3.36
CA ASP A 25 -9.90 -10.68 -2.06
C ASP A 25 -9.10 -9.53 -1.45
N LEU A 26 -9.81 -8.48 -1.06
CA LEU A 26 -9.26 -7.24 -0.51
C LEU A 26 -8.67 -7.41 0.91
N SER A 27 -8.85 -8.60 1.52
CA SER A 27 -8.18 -8.95 2.80
C SER A 27 -7.09 -10.03 2.57
N LYS A 28 -6.90 -10.46 1.31
CA LYS A 28 -5.81 -11.39 0.90
C LYS A 28 -4.82 -10.68 -0.06
N VAL A 29 -4.92 -9.34 -0.12
CA VAL A 29 -3.93 -8.48 -0.81
C VAL A 29 -2.68 -8.34 0.08
N GLU A 30 -1.78 -9.33 -0.04
CA GLU A 30 -0.58 -9.45 0.82
C GLU A 30 0.38 -8.28 0.56
N PHE A 31 0.44 -7.37 1.53
CA PHE A 31 1.36 -6.24 1.51
C PHE A 31 2.75 -6.76 1.88
N VAL A 32 3.70 -6.64 0.94
CA VAL A 32 5.08 -7.10 1.12
C VAL A 32 5.76 -6.29 2.24
N GLY A 33 5.38 -5.00 2.34
CA GLY A 33 5.84 -4.11 3.39
C GLY A 33 6.36 -2.82 2.80
N ALA A 34 7.49 -2.34 3.34
CA ALA A 34 8.20 -1.18 2.82
C ALA A 34 9.66 -1.27 3.25
N TYR A 35 10.55 -0.78 2.40
CA TYR A 35 12.01 -0.87 2.60
C TYR A 35 12.57 0.53 2.85
N PRO A 36 13.74 0.68 3.56
CA PRO A 36 14.34 2.03 3.83
C PRO A 36 14.92 2.72 2.58
N SER A 37 14.79 2.07 1.41
CA SER A 37 15.27 2.61 0.12
C SER A 37 14.31 2.14 -1.01
N TYR A 38 14.05 3.03 -1.99
CA TYR A 38 13.27 2.69 -3.20
C TYR A 38 13.94 1.54 -3.97
N ASP A 39 15.29 1.59 -4.03
CA ASP A 39 16.10 0.63 -4.82
C ASP A 39 15.85 -0.81 -4.34
N GLU A 40 15.72 -0.94 -3.01
CA GLU A 40 15.40 -2.20 -2.32
C GLU A 40 13.97 -2.66 -2.65
N ALA A 41 13.03 -1.69 -2.68
CA ALA A 41 11.61 -1.95 -2.94
C ALA A 41 11.38 -2.33 -4.42
N HIS A 42 12.23 -1.79 -5.30
CA HIS A 42 12.18 -2.07 -6.75
C HIS A 42 12.66 -3.51 -6.98
N LYS A 43 13.65 -3.95 -6.21
CA LYS A 43 14.19 -5.32 -6.29
C LYS A 43 13.23 -6.34 -5.63
N ALA A 44 12.54 -5.89 -4.56
CA ALA A 44 11.64 -6.72 -3.75
C ALA A 44 10.46 -7.26 -4.57
N TRP A 45 10.02 -6.46 -5.57
CA TRP A 45 8.98 -6.82 -6.54
C TRP A 45 9.27 -8.20 -7.18
N LYS A 46 10.51 -8.35 -7.71
CA LYS A 46 10.95 -9.57 -8.43
C LYS A 46 11.30 -10.68 -7.44
N ALA A 47 11.90 -10.31 -6.29
CA ALA A 47 12.26 -11.25 -5.22
C ALA A 47 11.02 -12.03 -4.73
N LYS A 48 9.87 -11.33 -4.74
CA LYS A 48 8.57 -11.91 -4.36
C LYS A 48 7.93 -12.65 -5.54
N ALA A 49 7.90 -12.00 -6.72
CA ALA A 49 7.24 -12.54 -7.94
C ALA A 49 7.80 -13.92 -8.34
N GLN A 50 9.13 -14.03 -8.36
CA GLN A 50 9.85 -15.29 -8.65
C GLN A 50 9.62 -16.33 -7.55
N ALA A 51 9.55 -15.85 -6.29
CA ALA A 51 9.32 -16.71 -5.11
C ALA A 51 7.92 -17.35 -5.14
N THR A 52 6.95 -16.62 -5.75
CA THR A 52 5.53 -16.98 -5.67
C THR A 52 4.94 -17.33 -7.06
N VAL A 53 5.79 -17.86 -7.95
CA VAL A 53 5.36 -18.38 -9.26
C VAL A 53 4.43 -19.60 -9.06
N ASP A 54 4.73 -20.37 -7.99
CA ASP A 54 3.96 -21.54 -7.58
C ASP A 54 2.48 -21.19 -7.35
N ASN A 55 2.24 -20.03 -6.72
CA ASN A 55 0.89 -19.52 -6.38
C ASN A 55 0.02 -19.37 -7.64
N ALA A 56 -1.31 -19.39 -7.44
CA ALA A 56 -2.29 -19.27 -8.52
C ALA A 56 -2.20 -17.88 -9.17
N HIS A 57 -2.67 -16.84 -8.45
CA HIS A 57 -2.74 -15.46 -8.98
C HIS A 57 -2.09 -14.46 -8.02
N ALA A 58 -1.14 -14.92 -7.18
CA ALA A 58 -0.42 -14.04 -6.26
C ALA A 58 0.71 -13.32 -7.01
N ARG A 59 0.40 -12.11 -7.49
CA ARG A 59 1.28 -11.33 -8.40
C ARG A 59 1.73 -10.06 -7.67
N TYR A 60 3.02 -10.02 -7.27
CA TYR A 60 3.59 -8.98 -6.41
C TYR A 60 4.29 -7.90 -7.25
N PHE A 61 3.86 -6.64 -7.04
CA PHE A 61 4.41 -5.44 -7.74
C PHE A 61 4.74 -4.34 -6.71
N ILE A 62 4.70 -3.06 -7.14
CA ILE A 62 5.13 -1.91 -6.32
C ILE A 62 3.98 -0.88 -6.28
N ILE A 63 4.04 0.05 -5.34
CA ILE A 63 3.06 1.14 -5.19
C ILE A 63 3.78 2.44 -4.79
N HIS A 64 3.29 3.54 -5.36
CA HIS A 64 3.76 4.91 -5.09
C HIS A 64 3.11 5.43 -3.79
N ALA A 65 3.87 5.39 -2.68
CA ALA A 65 3.43 5.87 -1.36
C ALA A 65 3.97 7.27 -1.04
N HIS A 66 4.58 7.92 -2.05
CA HIS A 66 5.19 9.25 -1.89
C HIS A 66 4.11 10.34 -1.79
N LYS A 67 2.91 10.03 -2.28
CA LYS A 67 1.74 10.90 -2.18
C LYS A 67 0.55 10.04 -1.80
N LEU A 68 0.15 10.10 -0.53
CA LEU A 68 -1.06 9.42 -0.04
C LEU A 68 -2.31 10.20 -0.51
N LEU A 69 -3.46 9.56 -0.36
CA LEU A 69 -4.75 10.19 -0.62
C LEU A 69 -5.22 10.76 0.71
N ASP A 70 -4.95 12.05 0.89
CA ASP A 70 -5.23 12.77 2.12
C ASP A 70 -6.53 13.57 1.92
N PRO A 71 -7.70 13.08 2.44
CA PRO A 71 -8.98 13.82 2.39
C PRO A 71 -8.94 15.10 3.25
N SER A 72 -7.95 15.14 4.17
CA SER A 72 -7.65 16.33 4.98
C SER A 72 -6.99 17.42 4.11
N GLU A 73 -6.15 16.97 3.16
CA GLU A 73 -5.32 17.87 2.31
C GLU A 73 -5.83 17.86 0.85
N GLY A 74 -7.12 17.51 0.67
CA GLY A 74 -7.74 17.41 -0.67
C GLY A 74 -8.27 18.74 -1.21
N MET B 1 -22.87 -8.66 -15.28
CA MET B 1 -22.00 -7.51 -15.43
C MET B 1 -20.57 -7.84 -14.92
N PRO B 2 -19.49 -7.41 -15.64
CA PRO B 2 -18.09 -7.49 -15.14
C PRO B 2 -17.92 -6.70 -13.81
N ASP B 3 -18.12 -7.41 -12.70
CA ASP B 3 -18.03 -6.87 -11.34
C ASP B 3 -16.54 -6.63 -10.98
N LYS B 4 -16.11 -5.37 -11.09
CA LYS B 4 -14.72 -4.96 -10.90
C LYS B 4 -14.61 -4.20 -9.56
N GLN B 5 -13.89 -4.79 -8.60
CA GLN B 5 -13.75 -4.20 -7.25
C GLN B 5 -12.58 -3.20 -7.15
N LEU B 6 -11.59 -3.33 -8.07
CA LEU B 6 -10.25 -2.70 -7.97
C LEU B 6 -10.31 -1.21 -7.58
N LEU B 7 -9.73 -0.87 -6.40
CA LEU B 7 -9.97 0.43 -5.72
C LEU B 7 -8.74 0.94 -4.93
N HIS B 8 -9.01 1.92 -4.04
CA HIS B 8 -8.02 2.56 -3.19
C HIS B 8 -7.82 1.75 -1.90
N ILE B 9 -6.59 1.22 -1.69
CA ILE B 9 -6.23 0.49 -0.46
C ILE B 9 -5.92 1.48 0.66
N VAL B 10 -5.85 0.99 1.89
CA VAL B 10 -5.62 1.81 3.09
C VAL B 10 -4.35 1.37 3.82
N VAL B 11 -3.57 2.39 4.21
CA VAL B 11 -2.25 2.22 4.85
C VAL B 11 -1.92 3.42 5.74
N GLY B 12 -1.18 3.16 6.80
CA GLY B 12 -0.59 4.19 7.61
C GLY B 12 0.54 3.63 8.44
N GLY B 13 0.64 4.09 9.67
CA GLY B 13 1.74 3.74 10.57
C GLY B 13 2.38 5.00 11.11
N GLU B 14 3.54 4.88 11.78
CA GLU B 14 4.18 6.03 12.42
C GLU B 14 4.97 6.86 11.41
N LEU B 15 4.77 8.16 11.52
CA LEU B 15 5.48 9.19 10.78
C LEU B 15 6.57 9.80 11.68
N LYS B 16 7.47 10.57 11.09
CA LYS B 16 8.53 11.30 11.83
C LYS B 16 7.92 12.55 12.50
N ASP B 17 6.96 13.17 11.81
CA ASP B 17 6.33 14.44 12.21
C ASP B 17 4.79 14.28 12.16
N VAL B 18 4.07 15.21 12.82
CA VAL B 18 2.59 15.25 12.81
C VAL B 18 2.02 15.45 11.39
N ALA B 19 2.57 16.43 10.65
CA ALA B 19 2.12 16.77 9.29
C ALA B 19 3.08 16.18 8.25
N GLY B 20 4.35 15.99 8.68
CA GLY B 20 5.40 15.40 7.84
C GLY B 20 5.12 13.95 7.52
N VAL B 21 4.74 13.69 6.26
CA VAL B 21 4.35 12.34 5.77
C VAL B 21 5.62 11.52 5.41
N GLU B 22 6.47 11.33 6.43
CA GLU B 22 7.73 10.58 6.33
C GLU B 22 7.63 9.36 7.26
N PHE B 23 7.47 8.15 6.71
CA PHE B 23 7.36 6.92 7.50
C PHE B 23 8.61 6.73 8.40
N ARG B 24 8.40 6.95 9.72
CA ARG B 24 9.43 6.84 10.77
C ARG B 24 10.21 5.51 10.66
N ASP B 25 9.46 4.43 10.49
CA ASP B 25 10.02 3.09 10.31
C ASP B 25 9.17 2.35 9.27
N LEU B 26 9.80 2.01 8.15
CA LEU B 26 9.17 1.39 6.98
C LEU B 26 8.62 -0.03 7.25
N SER B 27 9.09 -0.68 8.32
CA SER B 27 8.62 -2.02 8.70
C SER B 27 7.50 -1.93 9.75
N LYS B 28 7.46 -0.78 10.48
CA LYS B 28 6.47 -0.55 11.56
C LYS B 28 5.30 0.32 11.06
N VAL B 29 5.13 0.37 9.72
CA VAL B 29 3.94 0.96 9.10
C VAL B 29 2.84 -0.10 9.02
N GLU B 30 1.70 0.18 9.63
CA GLU B 30 0.56 -0.73 9.67
C GLU B 30 -0.36 -0.45 8.47
N PHE B 31 -0.37 -1.40 7.54
CA PHE B 31 -1.32 -1.42 6.42
C PHE B 31 -2.68 -1.83 6.98
N VAL B 32 -3.65 -0.90 6.92
CA VAL B 32 -5.04 -1.17 7.41
C VAL B 32 -5.67 -2.30 6.58
N GLY B 33 -5.27 -2.36 5.29
CA GLY B 33 -5.66 -3.41 4.38
C GLY B 33 -6.21 -2.85 3.10
N ALA B 34 -7.34 -3.42 2.66
CA ALA B 34 -8.13 -2.91 1.54
C ALA B 34 -9.57 -3.37 1.76
N TYR B 35 -10.54 -2.61 1.28
CA TYR B 35 -11.96 -2.89 1.53
C TYR B 35 -12.66 -3.24 0.21
N PRO B 36 -13.77 -4.05 0.22
CA PRO B 36 -14.50 -4.44 -1.03
C PRO B 36 -15.37 -3.31 -1.60
N SER B 37 -15.22 -2.11 -1.02
CA SER B 37 -15.92 -0.89 -1.45
C SER B 37 -15.02 0.32 -1.12
N TYR B 38 -14.91 1.25 -2.08
CA TYR B 38 -14.04 2.43 -1.99
C TYR B 38 -14.28 3.24 -0.71
N ASP B 39 -15.54 3.54 -0.38
CA ASP B 39 -15.87 4.47 0.71
C ASP B 39 -15.69 3.81 2.09
N GLU B 40 -15.66 2.46 2.12
CA GLU B 40 -15.31 1.72 3.33
C GLU B 40 -13.80 1.91 3.65
N ALA B 41 -12.99 1.98 2.57
CA ALA B 41 -11.56 2.29 2.67
C ALA B 41 -11.38 3.77 3.07
N HIS B 42 -12.16 4.65 2.43
CA HIS B 42 -12.17 6.09 2.73
C HIS B 42 -12.56 6.35 4.19
N LYS B 43 -13.48 5.55 4.72
CA LYS B 43 -13.97 5.69 6.09
C LYS B 43 -12.92 5.17 7.08
N ALA B 44 -12.17 4.14 6.65
CA ALA B 44 -11.13 3.50 7.47
C ALA B 44 -9.95 4.45 7.74
N TRP B 45 -9.71 5.39 6.79
CA TRP B 45 -8.72 6.47 6.93
C TRP B 45 -8.93 7.22 8.29
N LYS B 46 -10.15 7.74 8.49
CA LYS B 46 -10.51 8.55 9.66
C LYS B 46 -10.67 7.67 10.91
N ALA B 47 -11.29 6.50 10.73
CA ALA B 47 -11.53 5.53 11.80
C ALA B 47 -10.22 5.05 12.46
N LYS B 48 -9.14 5.02 11.66
CA LYS B 48 -7.81 4.62 12.12
C LYS B 48 -7.01 5.82 12.63
N ALA B 49 -6.96 6.90 11.85
CA ALA B 49 -6.15 8.09 12.15
C ALA B 49 -6.56 8.74 13.48
N GLN B 50 -7.89 8.86 13.71
CA GLN B 50 -8.45 9.41 14.95
C GLN B 50 -8.24 8.46 16.14
N ALA B 51 -8.25 7.15 15.86
CA ALA B 51 -8.05 6.12 16.89
C ALA B 51 -6.60 6.14 17.41
N THR B 52 -5.66 6.27 16.47
CA THR B 52 -4.22 6.12 16.73
C THR B 52 -3.55 7.47 17.07
N VAL B 53 -4.35 8.36 17.69
CA VAL B 53 -3.84 9.57 18.39
C VAL B 53 -3.11 9.14 19.69
N ASP B 54 -3.50 7.96 20.20
CA ASP B 54 -2.83 7.28 21.34
C ASP B 54 -1.32 7.05 21.06
N ASN B 55 -1.01 6.79 19.78
CA ASN B 55 0.37 6.57 19.31
C ASN B 55 1.18 7.88 19.30
N ALA B 56 2.48 7.75 18.97
CA ALA B 56 3.40 8.89 18.82
C ALA B 56 2.99 9.75 17.59
N HIS B 57 3.10 9.17 16.37
CA HIS B 57 2.79 9.88 15.10
C HIS B 57 2.12 8.96 14.08
N ALA B 58 1.32 7.98 14.54
CA ALA B 58 0.63 7.04 13.64
C ALA B 58 -0.58 7.73 12.98
N ARG B 59 -0.40 8.16 11.70
CA ARG B 59 -1.46 8.78 10.86
C ARG B 59 -1.73 7.83 9.69
N TYR B 60 -3.01 7.49 9.50
CA TYR B 60 -3.46 6.52 8.50
C TYR B 60 -4.25 7.22 7.40
N PHE B 61 -3.80 7.02 6.15
CA PHE B 61 -4.42 7.60 4.94
C PHE B 61 -4.69 6.45 3.93
N ILE B 62 -4.75 6.79 2.62
CA ILE B 62 -5.21 5.89 1.55
C ILE B 62 -4.17 5.91 0.40
N ILE B 63 -4.26 4.98 -0.58
CA ILE B 63 -3.37 4.93 -1.77
C ILE B 63 -4.14 4.44 -3.01
N HIS B 64 -3.79 5.03 -4.19
CA HIS B 64 -4.22 4.54 -5.50
C HIS B 64 -3.61 3.15 -5.77
N ALA B 65 -4.43 2.09 -5.67
CA ALA B 65 -4.03 0.71 -6.00
C ALA B 65 -4.74 0.20 -7.25
N HIS B 66 -5.44 1.12 -7.95
CA HIS B 66 -6.12 0.81 -9.22
C HIS B 66 -5.09 0.60 -10.34
N LYS B 67 -3.88 1.16 -10.14
CA LYS B 67 -2.73 0.91 -11.00
C LYS B 67 -1.48 0.79 -10.11
N LEU B 68 -0.75 -0.31 -10.26
CA LEU B 68 0.52 -0.54 -9.55
C LEU B 68 1.68 0.09 -10.34
N LEU B 69 2.90 -0.14 -9.88
CA LEU B 69 4.12 0.28 -10.57
C LEU B 69 4.79 -0.99 -11.06
N ASP B 70 4.65 -1.24 -12.36
CA ASP B 70 5.05 -2.49 -13.00
C ASP B 70 6.38 -2.27 -13.77
N PRO B 71 7.55 -2.68 -13.17
CA PRO B 71 8.88 -2.56 -13.82
C PRO B 71 9.00 -3.47 -15.06
N SER B 72 8.17 -4.54 -15.06
CA SER B 72 8.04 -5.47 -16.19
C SER B 72 7.56 -4.73 -17.45
N GLU B 73 6.67 -3.74 -17.25
CA GLU B 73 6.08 -2.92 -18.33
C GLU B 73 6.76 -1.54 -18.39
N GLY B 74 6.31 -0.70 -19.34
CA GLY B 74 6.82 0.66 -19.50
C GLY B 74 6.16 1.40 -20.66
N MET A 1 22.74 11.21 -3.53
CA MET A 1 21.31 11.14 -3.10
C MET A 1 21.19 11.29 -1.56
N PRO A 2 20.05 11.89 -1.04
CA PRO A 2 19.77 11.95 0.42
C PRO A 2 19.26 10.58 0.97
N ASP A 3 19.05 10.51 2.28
CA ASP A 3 18.42 9.35 2.95
C ASP A 3 16.88 9.55 2.96
N LYS A 4 16.32 9.85 1.76
CA LYS A 4 14.89 10.11 1.58
C LYS A 4 14.12 8.78 1.67
N GLN A 5 13.68 8.46 2.89
CA GLN A 5 12.95 7.23 3.22
C GLN A 5 11.58 7.14 2.49
N LEU A 6 11.07 8.30 2.07
CA LEU A 6 9.78 8.44 1.41
C LEU A 6 9.91 7.92 -0.03
N LEU A 7 9.21 6.81 -0.31
CA LEU A 7 9.46 6.01 -1.50
C LEU A 7 8.16 5.48 -2.11
N HIS A 8 8.31 4.52 -3.05
CA HIS A 8 7.23 3.68 -3.53
C HIS A 8 7.18 2.39 -2.69
N ILE A 9 6.19 2.26 -1.78
CA ILE A 9 6.02 1.03 -0.95
C ILE A 9 5.58 -0.17 -1.82
N VAL A 10 5.70 -1.38 -1.28
CA VAL A 10 5.45 -2.62 -2.03
C VAL A 10 4.27 -3.43 -1.46
N VAL A 11 3.43 -3.90 -2.38
CA VAL A 11 2.22 -4.71 -2.10
C VAL A 11 2.16 -5.90 -3.08
N GLY A 12 1.13 -6.74 -2.91
CA GLY A 12 0.76 -7.72 -3.93
C GLY A 12 -0.33 -8.65 -3.44
N GLY A 13 -0.21 -9.94 -3.76
CA GLY A 13 -1.18 -10.94 -3.33
C GLY A 13 -1.75 -11.66 -4.53
N GLU A 14 -2.84 -12.41 -4.34
CA GLU A 14 -3.42 -13.23 -5.43
C GLU A 14 -4.39 -12.42 -6.26
N LEU A 15 -4.34 -12.73 -7.56
CA LEU A 15 -5.19 -12.17 -8.60
C LEU A 15 -6.23 -13.24 -9.01
N LYS A 16 -7.25 -12.85 -9.76
CA LYS A 16 -8.27 -13.79 -10.28
C LYS A 16 -7.71 -14.51 -11.51
N ASP A 17 -6.87 -13.78 -12.25
CA ASP A 17 -6.14 -14.27 -13.43
C ASP A 17 -4.63 -14.29 -13.09
N VAL A 18 -3.76 -14.59 -14.06
CA VAL A 18 -2.29 -14.52 -13.89
C VAL A 18 -1.72 -13.18 -14.42
N ALA A 19 -2.24 -12.75 -15.58
CA ALA A 19 -1.85 -11.49 -16.23
C ALA A 19 -2.80 -10.36 -15.80
N GLY A 20 -4.07 -10.73 -15.57
CA GLY A 20 -5.13 -9.77 -15.22
C GLY A 20 -4.98 -9.25 -13.80
N VAL A 21 -5.04 -7.92 -13.64
CA VAL A 21 -4.74 -7.24 -12.35
C VAL A 21 -6.05 -7.05 -11.52
N GLU A 22 -6.90 -8.07 -11.57
CA GLU A 22 -8.11 -8.16 -10.76
C GLU A 22 -7.76 -8.89 -9.47
N PHE A 23 -7.53 -8.15 -8.37
CA PHE A 23 -7.23 -8.77 -7.06
C PHE A 23 -8.36 -9.74 -6.65
N ARG A 24 -7.96 -11.00 -6.38
CA ARG A 24 -8.87 -12.13 -6.11
C ARG A 24 -9.75 -11.85 -4.89
N ASP A 25 -9.13 -11.22 -3.89
CA ASP A 25 -9.80 -10.75 -2.68
C ASP A 25 -8.87 -9.71 -2.00
N LEU A 26 -9.45 -8.57 -1.61
CA LEU A 26 -8.70 -7.41 -1.09
C LEU A 26 -8.23 -7.61 0.37
N SER A 27 -8.80 -8.61 1.07
CA SER A 27 -8.28 -9.04 2.39
C SER A 27 -7.02 -9.91 2.18
N LYS A 28 -6.93 -10.51 0.96
CA LYS A 28 -5.80 -11.37 0.55
C LYS A 28 -4.73 -10.58 -0.24
N VAL A 29 -4.79 -9.24 -0.19
CA VAL A 29 -3.71 -8.37 -0.70
C VAL A 29 -2.56 -8.41 0.30
N GLU A 30 -1.50 -9.16 -0.05
CA GLU A 30 -0.31 -9.29 0.80
C GLU A 30 0.57 -8.06 0.64
N PHE A 31 0.56 -7.20 1.65
CA PHE A 31 1.41 -6.01 1.70
C PHE A 31 2.84 -6.47 2.03
N VAL A 32 3.72 -6.44 1.02
CA VAL A 32 5.11 -6.89 1.13
C VAL A 32 5.85 -6.10 2.24
N GLY A 33 5.60 -4.79 2.26
CA GLY A 33 6.14 -3.89 3.27
C GLY A 33 6.57 -2.58 2.63
N ALA A 34 7.73 -2.10 3.05
CA ALA A 34 8.37 -0.89 2.51
C ALA A 34 9.86 -0.90 2.91
N TYR A 35 10.66 0.00 2.32
CA TYR A 35 12.13 0.03 2.49
C TYR A 35 12.61 1.49 2.71
N PRO A 36 13.84 1.73 3.26
CA PRO A 36 14.37 3.11 3.45
C PRO A 36 14.82 3.80 2.13
N SER A 37 14.64 3.12 0.98
CA SER A 37 15.04 3.63 -0.36
C SER A 37 14.13 2.99 -1.44
N TYR A 38 13.78 3.77 -2.48
CA TYR A 38 12.93 3.32 -3.60
C TYR A 38 13.37 1.98 -4.20
N ASP A 39 14.62 1.90 -4.69
CA ASP A 39 15.08 0.77 -5.53
C ASP A 39 15.16 -0.55 -4.72
N GLU A 40 15.21 -0.44 -3.39
CA GLU A 40 15.17 -1.59 -2.48
C GLU A 40 13.74 -2.18 -2.44
N ALA A 41 12.72 -1.30 -2.58
CA ALA A 41 11.33 -1.71 -2.68
C ALA A 41 11.05 -2.23 -4.10
N HIS A 42 11.61 -1.51 -5.09
CA HIS A 42 11.55 -1.89 -6.51
C HIS A 42 12.07 -3.32 -6.71
N LYS A 43 13.05 -3.70 -5.89
CA LYS A 43 13.68 -5.01 -5.94
C LYS A 43 12.74 -6.08 -5.38
N ALA A 44 12.02 -5.74 -4.31
CA ALA A 44 11.11 -6.65 -3.61
C ALA A 44 9.96 -7.12 -4.53
N TRP A 45 9.56 -6.27 -5.51
CA TRP A 45 8.57 -6.63 -6.54
C TRP A 45 8.92 -7.98 -7.23
N LYS A 46 10.13 -8.03 -7.82
CA LYS A 46 10.60 -9.18 -8.64
C LYS A 46 11.04 -10.33 -7.73
N ALA A 47 11.62 -9.95 -6.57
CA ALA A 47 12.09 -10.90 -5.56
C ALA A 47 10.91 -11.73 -5.03
N LYS A 48 9.76 -11.07 -4.83
CA LYS A 48 8.53 -11.73 -4.35
C LYS A 48 7.87 -12.54 -5.47
N ALA A 49 7.71 -11.91 -6.65
CA ALA A 49 7.01 -12.52 -7.81
C ALA A 49 7.69 -13.83 -8.27
N GLN A 50 9.03 -13.87 -8.19
CA GLN A 50 9.82 -15.08 -8.55
C GLN A 50 9.89 -16.08 -7.36
N ALA A 51 9.75 -15.58 -6.12
CA ALA A 51 9.78 -16.44 -4.91
C ALA A 51 8.51 -17.28 -4.79
N THR A 52 7.37 -16.63 -5.04
CA THR A 52 6.04 -17.19 -4.79
C THR A 52 5.55 -18.01 -6.00
N VAL A 53 6.25 -19.13 -6.27
CA VAL A 53 5.87 -20.09 -7.32
C VAL A 53 4.81 -21.07 -6.77
N ASP A 54 4.88 -21.34 -5.45
CA ASP A 54 3.86 -22.13 -4.73
C ASP A 54 2.54 -21.36 -4.67
N ASN A 55 2.66 -20.04 -4.53
CA ASN A 55 1.52 -19.14 -4.48
C ASN A 55 1.12 -18.77 -5.92
N ALA A 56 0.05 -19.43 -6.41
CA ALA A 56 -0.30 -19.51 -7.84
C ALA A 56 -0.48 -18.12 -8.52
N HIS A 57 -1.48 -17.37 -8.05
CA HIS A 57 -1.90 -16.10 -8.69
C HIS A 57 -1.21 -14.88 -8.04
N ALA A 58 -0.14 -15.13 -7.26
CA ALA A 58 0.53 -14.09 -6.48
C ALA A 58 1.48 -13.25 -7.34
N ARG A 59 0.95 -12.12 -7.84
CA ARG A 59 1.70 -11.14 -8.65
C ARG A 59 1.85 -9.88 -7.82
N TYR A 60 3.07 -9.67 -7.33
CA TYR A 60 3.41 -8.55 -6.45
C TYR A 60 3.80 -7.32 -7.28
N PHE A 61 3.25 -6.17 -6.88
CA PHE A 61 3.42 -4.89 -7.58
C PHE A 61 3.93 -3.82 -6.60
N ILE A 62 4.06 -2.57 -7.10
CA ILE A 62 4.51 -1.42 -6.29
C ILE A 62 3.46 -0.31 -6.35
N ILE A 63 3.40 0.53 -5.31
CA ILE A 63 2.53 1.73 -5.26
C ILE A 63 3.35 2.89 -4.69
N HIS A 64 3.12 4.11 -5.22
CA HIS A 64 3.82 5.31 -4.76
C HIS A 64 3.30 5.71 -3.36
N ALA A 65 4.20 5.87 -2.40
CA ALA A 65 3.87 6.41 -1.07
C ALA A 65 4.50 7.79 -0.89
N HIS A 66 4.96 8.36 -2.01
CA HIS A 66 5.59 9.69 -2.04
C HIS A 66 4.53 10.79 -1.89
N LYS A 67 3.32 10.49 -2.35
CA LYS A 67 2.13 11.34 -2.14
C LYS A 67 0.97 10.45 -1.68
N LEU A 68 0.51 10.67 -0.45
CA LEU A 68 -0.62 9.97 0.15
C LEU A 68 -1.95 10.67 -0.25
N LEU A 69 -2.98 9.87 -0.56
CA LEU A 69 -4.33 10.38 -0.85
C LEU A 69 -5.03 10.62 0.49
N ASP A 70 -4.88 11.83 1.01
CA ASP A 70 -5.46 12.24 2.28
C ASP A 70 -6.89 12.80 2.07
N PRO A 71 -7.94 12.13 2.59
CA PRO A 71 -9.35 12.59 2.48
C PRO A 71 -9.76 13.62 3.57
N SER A 72 -8.82 13.97 4.47
CA SER A 72 -9.08 14.93 5.56
C SER A 72 -9.06 16.37 5.03
N GLU A 73 -8.00 16.71 4.28
CA GLU A 73 -7.81 18.07 3.72
C GLU A 73 -7.25 18.01 2.29
N GLY A 74 -6.49 16.92 1.98
CA GLY A 74 -5.90 16.72 0.66
C GLY A 74 -6.90 16.35 -0.42
N MET B 1 -22.96 4.60 -7.11
CA MET B 1 -21.56 4.52 -7.51
C MET B 1 -21.26 3.16 -8.22
N PRO B 2 -20.30 3.12 -9.19
CA PRO B 2 -19.83 1.85 -9.77
C PRO B 2 -18.88 1.09 -8.81
N ASP B 3 -19.10 -0.22 -8.66
CA ASP B 3 -18.23 -1.11 -7.89
C ASP B 3 -16.99 -1.47 -8.72
N LYS B 4 -15.85 -1.58 -8.04
CA LYS B 4 -14.58 -2.03 -8.65
C LYS B 4 -13.62 -2.51 -7.54
N GLN B 5 -13.20 -3.79 -7.60
CA GLN B 5 -12.29 -4.40 -6.61
C GLN B 5 -10.88 -3.81 -6.68
N LEU B 6 -10.56 -3.18 -7.83
CA LEU B 6 -9.32 -2.44 -8.04
C LEU B 6 -9.61 -0.97 -7.65
N LEU B 7 -9.02 -0.53 -6.55
CA LEU B 7 -9.49 0.66 -5.82
C LEU B 7 -8.34 1.28 -5.03
N HIS B 8 -8.65 2.17 -4.08
CA HIS B 8 -7.65 2.86 -3.27
C HIS B 8 -7.48 2.13 -1.92
N ILE B 9 -6.41 1.33 -1.78
CA ILE B 9 -6.14 0.59 -0.52
C ILE B 9 -5.71 1.55 0.60
N VAL B 10 -5.80 1.06 1.85
CA VAL B 10 -5.59 1.89 3.04
C VAL B 10 -4.32 1.47 3.78
N VAL B 11 -3.49 2.48 4.08
CA VAL B 11 -2.18 2.34 4.74
C VAL B 11 -2.09 3.33 5.92
N GLY B 12 -1.01 3.25 6.67
CA GLY B 12 -0.64 4.29 7.64
C GLY B 12 0.52 3.88 8.50
N GLY B 13 0.52 4.36 9.75
CA GLY B 13 1.60 4.06 10.69
C GLY B 13 2.23 5.35 11.16
N GLU B 14 3.42 5.26 11.76
CA GLU B 14 4.08 6.46 12.31
C GLU B 14 4.82 7.25 11.23
N LEU B 15 4.68 8.56 11.37
CA LEU B 15 5.36 9.58 10.59
C LEU B 15 6.47 10.19 11.47
N LYS B 16 7.29 11.07 10.91
CA LYS B 16 8.32 11.80 11.69
C LYS B 16 7.69 12.94 12.51
N ASP B 17 6.55 13.44 12.02
CA ASP B 17 5.78 14.53 12.65
C ASP B 17 4.29 14.37 12.27
N VAL B 18 3.40 14.97 13.09
CA VAL B 18 1.94 14.95 12.88
C VAL B 18 1.54 15.53 11.50
N ALA B 19 2.22 16.61 11.08
CA ALA B 19 2.00 17.23 9.76
C ALA B 19 3.11 16.82 8.77
N GLY B 20 4.25 16.34 9.32
CA GLY B 20 5.38 15.88 8.50
C GLY B 20 5.13 14.52 7.89
N VAL B 21 4.74 14.51 6.60
CA VAL B 21 4.33 13.28 5.87
C VAL B 21 5.57 12.55 5.28
N GLU B 22 6.44 12.11 6.21
CA GLU B 22 7.57 11.20 5.95
C GLU B 22 7.52 10.09 7.00
N PHE B 23 7.39 8.85 6.56
CA PHE B 23 7.26 7.69 7.46
C PHE B 23 8.51 7.51 8.34
N ARG B 24 8.27 7.43 9.66
CA ARG B 24 9.32 7.29 10.69
C ARG B 24 10.15 6.01 10.50
N ASP B 25 9.46 4.90 10.23
CA ASP B 25 10.10 3.60 9.96
C ASP B 25 9.20 2.77 9.04
N LEU B 26 9.76 2.36 7.91
CA LEU B 26 9.03 1.72 6.81
C LEU B 26 8.65 0.25 7.11
N SER B 27 9.08 -0.27 8.28
CA SER B 27 8.60 -1.57 8.79
C SER B 27 7.51 -1.36 9.86
N LYS B 28 7.58 -0.20 10.56
CA LYS B 28 6.60 0.18 11.61
C LYS B 28 5.41 0.98 11.03
N VAL B 29 5.19 0.86 9.70
CA VAL B 29 4.03 1.44 9.02
C VAL B 29 2.93 0.36 8.95
N GLU B 30 1.81 0.62 9.65
CA GLU B 30 0.67 -0.29 9.67
C GLU B 30 -0.16 -0.11 8.39
N PHE B 31 -0.13 -1.13 7.53
CA PHE B 31 -1.02 -1.24 6.39
C PHE B 31 -2.40 -1.64 6.93
N VAL B 32 -3.38 -0.72 6.83
CA VAL B 32 -4.71 -0.91 7.41
C VAL B 32 -5.43 -2.13 6.77
N GLY B 33 -5.37 -2.18 5.43
CA GLY B 33 -5.95 -3.26 4.66
C GLY B 33 -6.37 -2.80 3.27
N ALA B 34 -7.49 -3.35 2.79
CA ALA B 34 -8.04 -3.07 1.46
C ALA B 34 -9.45 -3.65 1.39
N TYR B 35 -10.34 -3.01 0.63
CA TYR B 35 -11.78 -3.37 0.55
C TYR B 35 -12.19 -3.51 -0.93
N PRO B 36 -13.33 -4.21 -1.26
CA PRO B 36 -13.75 -4.43 -2.68
C PRO B 36 -14.39 -3.18 -3.34
N SER B 37 -14.38 -2.04 -2.63
CA SER B 37 -14.96 -0.76 -3.11
C SER B 37 -14.21 0.42 -2.47
N TYR B 38 -14.12 1.53 -3.23
CA TYR B 38 -13.37 2.75 -2.85
C TYR B 38 -13.88 3.36 -1.53
N ASP B 39 -15.22 3.52 -1.39
CA ASP B 39 -15.82 4.20 -0.22
C ASP B 39 -15.60 3.40 1.07
N GLU B 40 -15.55 2.07 0.94
CA GLU B 40 -15.32 1.15 2.07
C GLU B 40 -13.92 1.37 2.66
N ALA B 41 -12.93 1.57 1.77
CA ALA B 41 -11.55 1.86 2.16
C ALA B 41 -11.46 3.31 2.68
N HIS B 42 -12.21 4.23 2.03
CA HIS B 42 -12.30 5.63 2.44
C HIS B 42 -12.72 5.77 3.91
N LYS B 43 -13.67 4.93 4.32
CA LYS B 43 -14.18 4.94 5.69
C LYS B 43 -13.13 4.40 6.68
N ALA B 44 -12.34 3.39 6.24
CA ALA B 44 -11.28 2.76 7.05
C ALA B 44 -10.22 3.77 7.51
N TRP B 45 -9.97 4.78 6.68
CA TRP B 45 -9.04 5.89 6.98
C TRP B 45 -9.39 6.57 8.34
N LYS B 46 -10.66 7.04 8.47
CA LYS B 46 -11.14 7.76 9.68
C LYS B 46 -11.47 6.78 10.81
N ALA B 47 -11.86 5.54 10.44
CA ALA B 47 -12.10 4.45 11.40
C ALA B 47 -10.82 4.14 12.20
N LYS B 48 -9.67 4.35 11.54
CA LYS B 48 -8.35 4.23 12.16
C LYS B 48 -7.99 5.52 12.92
N ALA B 49 -8.18 6.67 12.25
CA ALA B 49 -7.79 8.00 12.77
C ALA B 49 -8.42 8.31 14.15
N GLN B 50 -9.67 7.86 14.33
CA GLN B 50 -10.41 7.94 15.60
C GLN B 50 -9.84 6.91 16.62
N ALA B 51 -9.52 5.72 16.12
CA ALA B 51 -9.11 4.57 16.94
C ALA B 51 -7.70 4.73 17.56
N THR B 52 -6.82 5.51 16.90
CA THR B 52 -5.41 5.65 17.29
C THR B 52 -5.17 6.91 18.15
N VAL B 53 -5.47 6.81 19.45
CA VAL B 53 -5.19 7.88 20.43
C VAL B 53 -3.89 7.59 21.21
N ASP B 54 -3.61 6.28 21.36
CA ASP B 54 -2.42 5.76 22.05
C ASP B 54 -1.14 5.99 21.22
N ASN B 55 -1.26 5.79 19.90
CA ASN B 55 -0.10 5.79 19.01
C ASN B 55 0.15 7.23 18.50
N ALA B 56 1.35 7.76 18.81
CA ALA B 56 1.68 9.19 18.67
C ALA B 56 1.61 9.70 17.22
N HIS B 57 2.59 9.29 16.39
CA HIS B 57 2.80 9.86 15.05
C HIS B 57 1.94 9.17 13.97
N ALA B 58 0.93 8.41 14.43
CA ALA B 58 0.12 7.53 13.58
C ALA B 58 -0.91 8.32 12.77
N ARG B 59 -0.53 8.64 11.53
CA ARG B 59 -1.41 9.31 10.54
C ARG B 59 -1.71 8.31 9.44
N TYR B 60 -2.91 7.72 9.51
CA TYR B 60 -3.38 6.72 8.55
C TYR B 60 -3.98 7.42 7.33
N PHE B 61 -3.45 7.07 6.16
CA PHE B 61 -3.83 7.65 4.88
C PHE B 61 -4.36 6.56 3.94
N ILE B 62 -4.64 6.97 2.70
CA ILE B 62 -5.03 6.06 1.61
C ILE B 62 -4.04 6.28 0.45
N ILE B 63 -3.85 5.27 -0.41
CA ILE B 63 -3.19 5.44 -1.72
C ILE B 63 -3.97 4.63 -2.76
N HIS B 64 -3.85 4.98 -4.05
CA HIS B 64 -4.54 4.25 -5.12
C HIS B 64 -3.79 2.95 -5.43
N ALA B 65 -4.50 1.83 -5.35
CA ALA B 65 -4.05 0.55 -5.92
C ALA B 65 -4.67 0.38 -7.32
N HIS B 66 -5.61 1.28 -7.68
CA HIS B 66 -6.15 1.34 -9.03
C HIS B 66 -5.04 1.88 -9.94
N LYS B 67 -4.58 0.99 -10.81
CA LYS B 67 -3.35 1.13 -11.61
C LYS B 67 -2.11 1.05 -10.69
N LEU B 68 -1.46 -0.13 -10.68
CA LEU B 68 -0.22 -0.38 -9.95
C LEU B 68 0.99 0.11 -10.76
N LEU B 69 2.11 0.33 -10.07
CA LEU B 69 3.40 0.62 -10.69
C LEU B 69 4.07 -0.72 -11.01
N ASP B 70 3.82 -1.23 -12.23
CA ASP B 70 4.38 -2.52 -12.68
C ASP B 70 5.66 -2.30 -13.50
N PRO B 71 6.83 -2.71 -12.96
CA PRO B 71 8.14 -2.62 -13.66
C PRO B 71 8.41 -3.79 -14.62
N SER B 72 7.56 -4.85 -14.56
CA SER B 72 7.69 -6.04 -15.44
C SER B 72 7.57 -5.61 -16.91
N GLU B 73 6.60 -4.73 -17.16
CA GLU B 73 6.46 -4.01 -18.43
C GLU B 73 6.97 -2.59 -18.20
N GLY B 74 8.20 -2.32 -18.67
CA GLY B 74 8.85 -1.02 -18.48
C GLY B 74 8.29 0.06 -19.40
N MET A 1 22.12 17.22 4.47
CA MET A 1 21.33 16.59 3.38
C MET A 1 20.06 15.95 3.98
N PRO A 2 18.83 16.49 3.69
CA PRO A 2 17.56 15.88 4.16
C PRO A 2 17.34 14.50 3.50
N ASP A 3 17.74 13.44 4.21
CA ASP A 3 17.69 12.06 3.69
C ASP A 3 16.38 11.38 4.13
N LYS A 4 15.45 11.26 3.18
CA LYS A 4 14.16 10.60 3.38
C LYS A 4 14.28 9.09 3.13
N GLN A 5 13.92 8.31 4.15
CA GLN A 5 13.68 6.86 4.02
C GLN A 5 12.39 6.56 3.20
N LEU A 6 11.54 7.61 3.08
CA LEU A 6 10.23 7.56 2.41
C LEU A 6 10.40 7.18 0.93
N LEU A 7 9.65 6.16 0.50
CA LEU A 7 9.90 5.44 -0.76
C LEU A 7 8.62 4.78 -1.28
N HIS A 8 8.73 4.20 -2.48
CA HIS A 8 7.63 3.50 -3.13
C HIS A 8 7.48 2.10 -2.51
N ILE A 9 6.49 1.93 -1.60
CA ILE A 9 6.31 0.68 -0.84
C ILE A 9 5.85 -0.47 -1.77
N VAL A 10 6.04 -1.70 -1.30
CA VAL A 10 5.77 -2.93 -2.07
C VAL A 10 4.54 -3.67 -1.52
N VAL A 11 3.64 -4.02 -2.44
CA VAL A 11 2.36 -4.70 -2.15
C VAL A 11 2.18 -5.90 -3.09
N GLY A 12 1.17 -6.72 -2.81
CA GLY A 12 0.74 -7.76 -3.75
C GLY A 12 -0.40 -8.60 -3.20
N GLY A 13 -0.35 -9.91 -3.46
CA GLY A 13 -1.34 -10.86 -2.99
C GLY A 13 -2.04 -11.54 -4.16
N GLU A 14 -3.13 -12.28 -3.87
CA GLU A 14 -3.85 -13.04 -4.91
C GLU A 14 -4.84 -12.16 -5.65
N LEU A 15 -4.59 -12.06 -6.95
CA LEU A 15 -5.42 -11.32 -7.89
C LEU A 15 -6.43 -12.29 -8.53
N LYS A 16 -7.24 -11.79 -9.46
CA LYS A 16 -8.25 -12.62 -10.15
C LYS A 16 -7.60 -13.49 -11.23
N ASP A 17 -6.48 -13.01 -11.77
CA ASP A 17 -5.76 -13.67 -12.87
C ASP A 17 -4.30 -13.14 -12.92
N VAL A 18 -3.45 -13.84 -13.68
CA VAL A 18 -2.04 -13.47 -13.90
C VAL A 18 -1.91 -12.06 -14.53
N ALA A 19 -2.79 -11.76 -15.49
CA ALA A 19 -2.90 -10.43 -16.13
C ALA A 19 -3.99 -9.61 -15.44
N GLY A 20 -4.99 -10.32 -14.87
CA GLY A 20 -6.13 -9.72 -14.18
C GLY A 20 -5.72 -9.07 -12.87
N VAL A 21 -5.44 -7.75 -12.93
CA VAL A 21 -4.73 -6.99 -11.86
C VAL A 21 -5.65 -6.59 -10.66
N GLU A 22 -6.91 -7.04 -10.73
CA GLU A 22 -7.92 -6.81 -9.69
C GLU A 22 -7.79 -7.86 -8.58
N PHE A 23 -7.90 -7.41 -7.31
CA PHE A 23 -7.68 -8.28 -6.13
C PHE A 23 -8.87 -9.25 -5.95
N ARG A 24 -8.62 -10.53 -6.24
CA ARG A 24 -9.52 -11.69 -5.98
C ARG A 24 -10.25 -11.56 -4.65
N ASP A 25 -9.49 -11.23 -3.61
CA ASP A 25 -10.01 -11.04 -2.25
C ASP A 25 -9.05 -10.13 -1.48
N LEU A 26 -9.62 -9.12 -0.83
CA LEU A 26 -8.90 -8.06 -0.12
C LEU A 26 -8.33 -8.52 1.24
N SER A 27 -8.60 -9.78 1.61
CA SER A 27 -7.99 -10.41 2.80
C SER A 27 -6.90 -11.41 2.35
N LYS A 28 -7.00 -11.88 1.07
CA LYS A 28 -5.97 -12.73 0.43
C LYS A 28 -4.83 -11.89 -0.18
N VAL A 29 -4.89 -10.54 0.02
CA VAL A 29 -3.79 -9.64 -0.35
C VAL A 29 -2.58 -9.87 0.57
N GLU A 30 -1.39 -9.54 0.07
CA GLU A 30 -0.14 -9.73 0.79
C GLU A 30 0.74 -8.50 0.58
N PHE A 31 0.74 -7.63 1.58
CA PHE A 31 1.59 -6.44 1.62
C PHE A 31 3.03 -6.91 1.86
N VAL A 32 3.86 -6.85 0.81
CA VAL A 32 5.25 -7.32 0.85
C VAL A 32 6.06 -6.51 1.88
N GLY A 33 5.67 -5.24 2.07
CA GLY A 33 6.19 -4.37 3.12
C GLY A 33 6.67 -3.04 2.58
N ALA A 34 7.81 -2.58 3.09
CA ALA A 34 8.48 -1.36 2.66
C ALA A 34 9.98 -1.47 2.98
N TYR A 35 10.81 -0.62 2.36
CA TYR A 35 12.28 -0.74 2.41
C TYR A 35 12.93 0.62 2.72
N PRO A 36 14.27 0.69 3.03
CA PRO A 36 14.95 1.99 3.29
C PRO A 36 15.28 2.78 1.99
N SER A 37 14.83 2.27 0.82
CA SER A 37 15.11 2.87 -0.49
C SER A 37 14.15 2.31 -1.57
N TYR A 38 13.96 3.11 -2.62
CA TYR A 38 13.15 2.77 -3.79
C TYR A 38 13.78 1.62 -4.59
N ASP A 39 15.12 1.63 -4.68
CA ASP A 39 15.88 0.59 -5.40
C ASP A 39 15.72 -0.79 -4.73
N GLU A 40 15.65 -0.77 -3.38
CA GLU A 40 15.45 -1.99 -2.57
C GLU A 40 14.04 -2.56 -2.79
N ALA A 41 13.03 -1.66 -2.87
CA ALA A 41 11.63 -2.03 -3.10
C ALA A 41 11.45 -2.53 -4.55
N HIS A 42 12.14 -1.86 -5.48
CA HIS A 42 12.12 -2.16 -6.91
C HIS A 42 12.71 -3.55 -7.17
N LYS A 43 13.73 -3.92 -6.38
CA LYS A 43 14.38 -5.23 -6.51
C LYS A 43 13.48 -6.33 -5.93
N ALA A 44 12.82 -6.00 -4.80
CA ALA A 44 11.95 -6.93 -4.07
C ALA A 44 10.71 -7.32 -4.89
N TRP A 45 10.34 -6.46 -5.86
CA TRP A 45 9.23 -6.69 -6.79
C TRP A 45 9.41 -8.06 -7.54
N LYS A 46 10.57 -8.21 -8.18
CA LYS A 46 10.87 -9.38 -9.04
C LYS A 46 11.41 -10.54 -8.20
N ALA A 47 11.96 -10.20 -7.02
CA ALA A 47 12.35 -11.18 -6.00
C ALA A 47 11.13 -11.99 -5.54
N LYS A 48 9.97 -11.30 -5.46
CA LYS A 48 8.68 -11.90 -5.10
C LYS A 48 8.09 -12.66 -6.28
N ALA A 49 8.01 -11.97 -7.44
CA ALA A 49 7.36 -12.49 -8.67
C ALA A 49 7.97 -13.83 -9.12
N GLN A 50 9.31 -13.93 -9.06
CA GLN A 50 10.06 -15.15 -9.42
C GLN A 50 9.98 -16.21 -8.31
N ALA A 51 9.80 -15.77 -7.05
CA ALA A 51 9.66 -16.69 -5.89
C ALA A 51 8.28 -17.35 -5.86
N THR A 52 7.29 -16.68 -6.46
CA THR A 52 5.88 -17.09 -6.40
C THR A 52 5.45 -17.78 -7.72
N VAL A 53 6.10 -18.92 -8.01
CA VAL A 53 5.75 -19.80 -9.16
C VAL A 53 4.67 -20.80 -8.71
N ASP A 54 4.79 -21.24 -7.44
CA ASP A 54 3.82 -22.16 -6.79
C ASP A 54 2.41 -21.56 -6.72
N ASN A 55 2.36 -20.22 -6.62
CA ASN A 55 1.13 -19.45 -6.45
C ASN A 55 0.24 -19.50 -7.69
N ALA A 56 -1.08 -19.58 -7.46
CA ALA A 56 -2.11 -19.64 -8.50
C ALA A 56 -2.29 -18.27 -9.19
N HIS A 57 -2.72 -17.27 -8.42
CA HIS A 57 -3.16 -15.97 -8.97
C HIS A 57 -2.37 -14.79 -8.38
N ALA A 58 -1.37 -15.10 -7.55
CA ALA A 58 -0.66 -14.09 -6.74
C ALA A 58 0.39 -13.33 -7.58
N ARG A 59 0.19 -12.01 -7.66
CA ARG A 59 1.05 -11.09 -8.42
C ARG A 59 1.40 -9.89 -7.51
N TYR A 60 2.70 -9.57 -7.46
CA TYR A 60 3.28 -8.61 -6.49
C TYR A 60 3.88 -7.42 -7.23
N PHE A 61 3.40 -6.21 -6.86
CA PHE A 61 3.74 -4.95 -7.54
C PHE A 61 4.28 -3.92 -6.53
N ILE A 62 4.49 -2.69 -7.01
CA ILE A 62 4.94 -1.54 -6.19
C ILE A 62 3.86 -0.44 -6.29
N ILE A 63 3.79 0.46 -5.31
CA ILE A 63 2.98 1.71 -5.39
C ILE A 63 3.79 2.85 -4.76
N HIS A 64 3.65 4.08 -5.28
CA HIS A 64 4.42 5.24 -4.79
C HIS A 64 3.83 5.79 -3.48
N ALA A 65 4.58 5.58 -2.38
CA ALA A 65 4.28 6.17 -1.06
C ALA A 65 5.16 7.41 -0.86
N HIS A 66 4.58 8.55 -1.23
CA HIS A 66 5.15 9.90 -1.04
C HIS A 66 4.01 10.88 -1.23
N LYS A 67 3.26 10.66 -2.33
CA LYS A 67 1.94 11.25 -2.53
C LYS A 67 0.90 10.25 -1.99
N LEU A 68 0.62 10.39 -0.70
CA LEU A 68 -0.47 9.70 -0.03
C LEU A 68 -1.78 10.46 -0.32
N LEU A 69 -2.86 9.71 -0.55
CA LEU A 69 -4.18 10.27 -0.80
C LEU A 69 -4.80 10.67 0.54
N ASP A 70 -4.49 11.89 0.95
CA ASP A 70 -4.95 12.46 2.22
C ASP A 70 -6.16 13.39 2.00
N PRO A 71 -7.38 12.95 2.42
CA PRO A 71 -8.62 13.75 2.28
C PRO A 71 -8.72 14.91 3.30
N SER A 72 -7.78 14.96 4.26
CA SER A 72 -7.70 16.03 5.26
C SER A 72 -7.25 17.35 4.61
N GLU A 73 -6.12 17.28 3.88
CA GLU A 73 -5.50 18.44 3.21
C GLU A 73 -5.81 18.45 1.70
N GLY A 74 -6.46 17.37 1.21
CA GLY A 74 -6.85 17.26 -0.21
C GLY A 74 -8.09 18.08 -0.55
N MET B 1 -24.17 -7.03 -14.14
CA MET B 1 -23.21 -6.12 -13.54
C MET B 1 -21.78 -6.70 -13.64
N PRO B 2 -20.86 -6.11 -14.47
CA PRO B 2 -19.44 -6.54 -14.54
C PRO B 2 -18.75 -6.43 -13.15
N ASP B 3 -18.25 -7.57 -12.66
CA ASP B 3 -17.61 -7.67 -11.34
C ASP B 3 -16.26 -6.92 -11.34
N LYS B 4 -16.27 -5.69 -10.77
CA LYS B 4 -15.10 -4.80 -10.80
C LYS B 4 -14.99 -4.06 -9.47
N GLN B 5 -14.09 -4.52 -8.60
CA GLN B 5 -13.95 -4.01 -7.21
C GLN B 5 -12.73 -3.10 -7.04
N LEU B 6 -11.74 -3.21 -7.98
CA LEU B 6 -10.37 -2.66 -7.81
C LEU B 6 -10.38 -1.21 -7.29
N LEU B 7 -9.65 -0.99 -6.18
CA LEU B 7 -9.87 0.15 -5.30
C LEU B 7 -8.56 0.73 -4.75
N HIS B 8 -8.73 1.77 -3.92
CA HIS B 8 -7.63 2.41 -3.19
C HIS B 8 -7.52 1.76 -1.81
N ILE B 9 -6.44 0.99 -1.57
CA ILE B 9 -6.20 0.33 -0.26
C ILE B 9 -5.84 1.36 0.82
N VAL B 10 -5.81 0.91 2.07
CA VAL B 10 -5.52 1.76 3.24
C VAL B 10 -4.18 1.37 3.87
N VAL B 11 -3.29 2.35 3.94
CA VAL B 11 -1.94 2.23 4.54
C VAL B 11 -1.67 3.45 5.45
N GLY B 12 -0.84 3.26 6.48
CA GLY B 12 -0.49 4.35 7.39
C GLY B 12 0.58 3.93 8.37
N GLY B 13 0.43 4.34 9.63
CA GLY B 13 1.36 3.99 10.70
C GLY B 13 2.02 5.23 11.25
N GLU B 14 3.17 5.07 11.91
CA GLU B 14 3.87 6.18 12.56
C GLU B 14 4.72 6.94 11.54
N LEU B 15 4.50 8.24 11.53
CA LEU B 15 5.36 9.22 10.83
C LEU B 15 6.36 9.79 11.84
N LYS B 16 7.35 10.54 11.35
CA LYS B 16 8.31 11.29 12.18
C LYS B 16 7.61 12.49 12.84
N ASP B 17 6.72 13.14 12.08
CA ASP B 17 6.00 14.36 12.50
C ASP B 17 4.52 14.19 12.12
N VAL B 18 3.63 14.97 12.77
CA VAL B 18 2.18 14.94 12.50
C VAL B 18 1.87 15.34 11.03
N ALA B 19 2.50 16.42 10.56
CA ALA B 19 2.31 16.96 9.20
C ALA B 19 3.44 16.49 8.25
N GLY B 20 4.49 15.89 8.83
CA GLY B 20 5.58 15.30 8.05
C GLY B 20 5.21 13.89 7.58
N VAL B 21 5.05 13.71 6.25
CA VAL B 21 4.58 12.43 5.65
C VAL B 21 5.75 11.41 5.44
N GLU B 22 6.83 11.61 6.21
CA GLU B 22 8.00 10.72 6.24
C GLU B 22 7.77 9.69 7.34
N PHE B 23 7.65 8.40 6.98
CA PHE B 23 7.48 7.30 7.96
C PHE B 23 8.64 7.28 8.99
N ARG B 24 8.29 7.14 10.28
CA ARG B 24 9.26 7.05 11.40
C ARG B 24 10.26 5.91 11.16
N ASP B 25 9.72 4.80 10.66
CA ASP B 25 10.48 3.66 10.17
C ASP B 25 9.51 2.83 9.31
N LEU B 26 10.05 2.10 8.35
CA LEU B 26 9.25 1.34 7.37
C LEU B 26 8.72 0.03 7.97
N SER B 27 9.18 -0.33 9.18
CA SER B 27 8.57 -1.41 9.99
C SER B 27 7.39 -0.86 10.82
N LYS B 28 7.34 0.49 10.99
CA LYS B 28 6.25 1.20 11.69
C LYS B 28 5.10 1.53 10.74
N VAL B 29 5.27 1.24 9.43
CA VAL B 29 4.20 1.37 8.42
C VAL B 29 3.15 0.28 8.68
N GLU B 30 2.10 0.65 9.43
CA GLU B 30 0.97 -0.22 9.65
C GLU B 30 0.07 -0.19 8.41
N PHE B 31 0.11 -1.28 7.65
CA PHE B 31 -0.79 -1.49 6.52
C PHE B 31 -2.17 -1.82 7.10
N VAL B 32 -3.04 -0.80 7.11
CA VAL B 32 -4.40 -0.89 7.69
C VAL B 32 -5.19 -2.03 7.05
N GLY B 33 -4.91 -2.28 5.75
CA GLY B 33 -5.46 -3.42 5.02
C GLY B 33 -6.05 -2.97 3.71
N ALA B 34 -7.24 -3.49 3.40
CA ALA B 34 -7.96 -3.20 2.17
C ALA B 34 -9.42 -3.64 2.31
N TYR B 35 -10.30 -2.96 1.56
CA TYR B 35 -11.76 -3.17 1.62
C TYR B 35 -12.28 -3.46 0.20
N PRO B 36 -13.47 -4.12 0.02
CA PRO B 36 -14.00 -4.46 -1.34
C PRO B 36 -14.48 -3.23 -2.16
N SER B 37 -14.25 -2.02 -1.63
CA SER B 37 -14.65 -0.75 -2.26
C SER B 37 -13.75 0.39 -1.75
N TYR B 38 -13.48 1.37 -2.63
CA TYR B 38 -12.73 2.60 -2.30
C TYR B 38 -13.44 3.40 -1.19
N ASP B 39 -14.78 3.48 -1.29
CA ASP B 39 -15.62 4.27 -0.36
C ASP B 39 -15.46 3.78 1.09
N GLU B 40 -15.34 2.46 1.25
CA GLU B 40 -15.14 1.81 2.56
C GLU B 40 -13.75 2.16 3.12
N ALA B 41 -12.73 2.16 2.22
CA ALA B 41 -11.35 2.50 2.56
C ALA B 41 -11.19 4.00 2.85
N HIS B 42 -12.01 4.83 2.17
CA HIS B 42 -11.98 6.30 2.29
C HIS B 42 -12.51 6.72 3.67
N LYS B 43 -13.47 5.95 4.18
CA LYS B 43 -14.05 6.16 5.51
C LYS B 43 -13.11 5.59 6.59
N ALA B 44 -12.42 4.49 6.24
CA ALA B 44 -11.50 3.78 7.14
C ALA B 44 -10.27 4.62 7.49
N TRP B 45 -9.94 5.60 6.62
CA TRP B 45 -8.84 6.54 6.81
C TRP B 45 -8.99 7.29 8.17
N LYS B 46 -10.18 7.87 8.38
CA LYS B 46 -10.48 8.65 9.60
C LYS B 46 -11.02 7.74 10.71
N ALA B 47 -11.58 6.57 10.34
CA ALA B 47 -11.99 5.55 11.31
C ALA B 47 -10.77 5.01 12.08
N LYS B 48 -9.59 5.09 11.45
CA LYS B 48 -8.31 4.81 12.08
C LYS B 48 -7.83 6.02 12.89
N ALA B 49 -7.81 7.18 12.24
CA ALA B 49 -7.34 8.47 12.84
C ALA B 49 -8.03 8.78 14.20
N GLN B 50 -9.33 8.47 14.28
CA GLN B 50 -10.16 8.67 15.49
C GLN B 50 -9.93 7.53 16.51
N ALA B 51 -9.59 6.34 16.01
CA ALA B 51 -9.37 5.14 16.86
C ALA B 51 -7.94 5.11 17.42
N THR B 52 -7.08 6.05 16.99
CA THR B 52 -5.66 6.09 17.40
C THR B 52 -5.26 7.47 17.95
N VAL B 53 -6.19 8.12 18.68
CA VAL B 53 -5.96 9.44 19.31
C VAL B 53 -4.86 9.36 20.40
N ASP B 54 -4.75 8.19 21.05
CA ASP B 54 -3.70 7.91 22.06
C ASP B 54 -2.30 7.86 21.42
N ASN B 55 -2.23 7.42 20.14
CA ASN B 55 -0.96 7.35 19.38
C ASN B 55 -0.49 8.77 19.02
N ALA B 56 0.83 8.95 18.90
CA ALA B 56 1.45 10.29 18.72
C ALA B 56 1.39 10.78 17.26
N HIS B 57 2.34 10.32 16.44
CA HIS B 57 2.53 10.77 15.05
C HIS B 57 1.93 9.76 14.04
N ALA B 58 1.13 8.80 14.54
CA ALA B 58 0.50 7.79 13.69
C ALA B 58 -0.64 8.42 12.89
N ARG B 59 -0.39 8.59 11.59
CA ARG B 59 -1.33 9.22 10.66
C ARG B 59 -1.58 8.24 9.51
N TYR B 60 -2.83 7.79 9.41
CA TYR B 60 -3.26 6.79 8.45
C TYR B 60 -3.86 7.48 7.24
N PHE B 61 -3.33 7.15 6.06
CA PHE B 61 -3.72 7.75 4.79
C PHE B 61 -4.37 6.68 3.90
N ILE B 62 -4.57 7.02 2.62
CA ILE B 62 -5.03 6.08 1.59
C ILE B 62 -3.95 6.00 0.48
N ILE B 63 -3.89 4.88 -0.22
CA ILE B 63 -3.01 4.70 -1.40
C ILE B 63 -3.83 4.04 -2.51
N HIS B 64 -3.73 4.57 -3.73
CA HIS B 64 -4.40 4.01 -4.90
C HIS B 64 -3.73 2.70 -5.31
N ALA B 65 -4.45 1.60 -5.15
CA ALA B 65 -4.06 0.28 -5.65
C ALA B 65 -4.87 -0.07 -6.91
N HIS B 66 -5.55 0.94 -7.47
CA HIS B 66 -6.26 0.82 -8.75
C HIS B 66 -5.23 0.85 -9.91
N LYS B 67 -4.15 1.63 -9.70
CA LYS B 67 -3.01 1.69 -10.62
C LYS B 67 -1.74 1.28 -9.87
N LEU B 68 -1.28 0.06 -10.14
CA LEU B 68 -0.03 -0.49 -9.61
C LEU B 68 1.16 -0.02 -10.48
N LEU B 69 2.29 0.24 -9.83
CA LEU B 69 3.56 0.55 -10.50
C LEU B 69 4.34 -0.75 -10.71
N ASP B 70 4.55 -1.11 -11.96
CA ASP B 70 5.34 -2.28 -12.35
C ASP B 70 6.28 -1.87 -13.50
N PRO B 71 7.62 -2.08 -13.36
CA PRO B 71 8.63 -1.65 -14.38
C PRO B 71 8.56 -2.45 -15.72
N SER B 72 7.83 -3.57 -15.73
CA SER B 72 7.55 -4.33 -16.97
C SER B 72 6.24 -3.81 -17.60
N GLU B 73 5.22 -3.61 -16.74
CA GLU B 73 3.87 -3.13 -17.15
C GLU B 73 3.81 -1.59 -17.23
N GLY B 74 4.99 -0.94 -17.17
CA GLY B 74 5.13 0.51 -17.27
C GLY B 74 6.09 0.91 -18.40
N MET A 1 22.35 13.92 -1.50
CA MET A 1 21.47 12.90 -2.11
C MET A 1 20.00 13.19 -1.72
N PRO A 2 18.99 12.89 -2.61
CA PRO A 2 17.55 13.01 -2.28
C PRO A 2 17.01 11.82 -1.45
N ASP A 3 17.92 11.23 -0.63
CA ASP A 3 17.63 10.08 0.24
C ASP A 3 16.50 10.40 1.21
N LYS A 4 15.48 9.56 1.20
CA LYS A 4 14.33 9.62 2.09
C LYS A 4 13.91 8.21 2.51
N GLN A 5 13.48 8.12 3.77
CA GLN A 5 12.71 6.98 4.30
C GLN A 5 11.39 6.83 3.52
N LEU A 6 10.89 7.96 3.01
CA LEU A 6 9.65 8.05 2.24
C LEU A 6 9.93 7.61 0.80
N LEU A 7 9.28 6.52 0.38
CA LEU A 7 9.62 5.80 -0.85
C LEU A 7 8.40 5.07 -1.40
N HIS A 8 8.62 4.22 -2.42
CA HIS A 8 7.57 3.40 -3.01
C HIS A 8 7.46 2.05 -2.27
N ILE A 9 6.45 1.90 -1.38
CA ILE A 9 6.23 0.65 -0.62
C ILE A 9 5.81 -0.50 -1.55
N VAL A 10 5.77 -1.73 -1.03
CA VAL A 10 5.54 -2.94 -1.84
C VAL A 10 4.31 -3.72 -1.36
N VAL A 11 3.47 -4.10 -2.34
CA VAL A 11 2.22 -4.85 -2.11
C VAL A 11 1.82 -5.62 -3.40
N GLY A 12 1.21 -6.78 -3.20
CA GLY A 12 0.67 -7.59 -4.29
C GLY A 12 -0.42 -8.50 -3.78
N GLY A 13 -0.26 -9.81 -4.00
CA GLY A 13 -1.21 -10.81 -3.52
C GLY A 13 -1.77 -11.61 -4.67
N GLU A 14 -2.91 -12.28 -4.44
CA GLU A 14 -3.53 -13.20 -5.39
C GLU A 14 -4.59 -12.47 -6.24
N LEU A 15 -4.60 -12.81 -7.53
CA LEU A 15 -5.45 -12.21 -8.55
C LEU A 15 -6.47 -13.24 -9.06
N LYS A 16 -7.58 -12.75 -9.62
CA LYS A 16 -8.58 -13.59 -10.30
C LYS A 16 -8.07 -14.09 -11.65
N ASP A 17 -7.15 -13.31 -12.27
CA ASP A 17 -6.65 -13.57 -13.64
C ASP A 17 -5.14 -13.87 -13.60
N VAL A 18 -4.61 -14.46 -14.69
CA VAL A 18 -3.19 -14.82 -14.84
C VAL A 18 -2.27 -13.59 -14.89
N ALA A 19 -2.64 -12.61 -15.73
CA ALA A 19 -1.85 -11.39 -15.96
C ALA A 19 -2.56 -10.16 -15.38
N GLY A 20 -3.90 -10.25 -15.28
CA GLY A 20 -4.76 -9.14 -14.84
C GLY A 20 -4.56 -8.79 -13.38
N VAL A 21 -4.73 -7.50 -13.06
CA VAL A 21 -4.46 -6.94 -11.71
C VAL A 21 -5.76 -6.84 -10.87
N GLU A 22 -6.72 -7.71 -11.18
CA GLU A 22 -8.01 -7.79 -10.50
C GLU A 22 -7.88 -8.66 -9.23
N PHE A 23 -7.56 -8.01 -8.10
CA PHE A 23 -7.34 -8.68 -6.79
C PHE A 23 -8.49 -9.64 -6.42
N ARG A 24 -8.13 -10.93 -6.25
CA ARG A 24 -9.10 -12.01 -5.99
C ARG A 24 -9.85 -11.78 -4.67
N ASP A 25 -9.13 -11.23 -3.68
CA ASP A 25 -9.72 -10.85 -2.41
C ASP A 25 -8.83 -9.81 -1.72
N LEU A 26 -9.48 -8.80 -1.14
CA LEU A 26 -8.81 -7.62 -0.57
C LEU A 26 -8.29 -7.87 0.86
N SER A 27 -8.58 -9.05 1.42
CA SER A 27 -7.90 -9.55 2.63
C SER A 27 -6.69 -10.41 2.21
N LYS A 28 -6.73 -10.94 0.96
CA LYS A 28 -5.65 -11.77 0.39
C LYS A 28 -4.60 -10.93 -0.37
N VAL A 29 -4.75 -9.58 -0.33
CA VAL A 29 -3.72 -8.68 -0.87
C VAL A 29 -2.52 -8.65 0.10
N GLU A 30 -1.47 -9.38 -0.27
CA GLU A 30 -0.30 -9.53 0.60
C GLU A 30 0.59 -8.29 0.50
N PHE A 31 0.58 -7.50 1.58
CA PHE A 31 1.50 -6.37 1.75
C PHE A 31 2.89 -6.92 2.01
N VAL A 32 3.74 -6.88 0.98
CA VAL A 32 5.14 -7.35 1.04
C VAL A 32 5.90 -6.58 2.14
N GLY A 33 5.52 -5.31 2.32
CA GLY A 33 6.01 -4.47 3.40
C GLY A 33 6.47 -3.12 2.86
N ALA A 34 7.62 -2.67 3.35
CA ALA A 34 8.23 -1.40 2.93
C ALA A 34 9.70 -1.42 3.35
N TYR A 35 10.54 -0.68 2.61
CA TYR A 35 12.02 -0.71 2.76
C TYR A 35 12.56 0.73 2.91
N PRO A 36 13.82 0.93 3.41
CA PRO A 36 14.40 2.30 3.63
C PRO A 36 14.78 3.06 2.33
N SER A 37 14.62 2.38 1.17
CA SER A 37 15.08 2.91 -0.12
C SER A 37 14.22 2.33 -1.26
N TYR A 38 14.04 3.13 -2.32
CA TYR A 38 13.24 2.76 -3.50
C TYR A 38 13.77 1.49 -4.18
N ASP A 39 15.11 1.41 -4.34
CA ASP A 39 15.75 0.31 -5.09
C ASP A 39 15.60 -1.03 -4.35
N GLU A 40 15.51 -0.95 -3.00
CA GLU A 40 15.27 -2.13 -2.15
C GLU A 40 13.85 -2.68 -2.40
N ALA A 41 12.88 -1.75 -2.48
CA ALA A 41 11.48 -2.08 -2.74
C ALA A 41 11.27 -2.43 -4.23
N HIS A 42 12.14 -1.89 -5.10
CA HIS A 42 12.11 -2.18 -6.54
C HIS A 42 12.44 -3.65 -6.74
N LYS A 43 13.57 -4.08 -6.14
CA LYS A 43 14.02 -5.48 -6.23
C LYS A 43 12.99 -6.42 -5.58
N ALA A 44 12.33 -5.95 -4.50
CA ALA A 44 11.35 -6.74 -3.74
C ALA A 44 10.16 -7.21 -4.61
N TRP A 45 9.79 -6.38 -5.61
CA TRP A 45 8.74 -6.70 -6.60
C TRP A 45 9.06 -8.03 -7.33
N LYS A 46 10.26 -8.11 -7.93
CA LYS A 46 10.70 -9.29 -8.72
C LYS A 46 11.16 -10.43 -7.82
N ALA A 47 11.66 -10.08 -6.63
CA ALA A 47 12.13 -11.05 -5.63
C ALA A 47 10.95 -11.91 -5.14
N LYS A 48 9.77 -11.27 -5.06
CA LYS A 48 8.51 -11.93 -4.72
C LYS A 48 7.91 -12.63 -5.95
N ALA A 49 8.02 -11.98 -7.13
CA ALA A 49 7.49 -12.51 -8.40
C ALA A 49 8.17 -13.84 -8.83
N GLN A 50 9.44 -13.98 -8.44
CA GLN A 50 10.25 -15.18 -8.69
C GLN A 50 10.01 -16.24 -7.60
N ALA A 51 9.73 -15.77 -6.37
CA ALA A 51 9.58 -16.64 -5.19
C ALA A 51 8.25 -17.39 -5.20
N THR A 52 7.15 -16.66 -5.43
CA THR A 52 5.76 -17.16 -5.22
C THR A 52 5.18 -17.80 -6.50
N VAL A 53 6.06 -18.48 -7.27
CA VAL A 53 5.68 -19.18 -8.50
C VAL A 53 4.79 -20.42 -8.24
N ASP A 54 4.94 -21.00 -7.04
CA ASP A 54 4.12 -22.16 -6.60
C ASP A 54 2.72 -21.71 -6.12
N ASN A 55 2.57 -20.41 -5.76
CA ASN A 55 1.28 -19.84 -5.40
C ASN A 55 0.50 -19.49 -6.68
N ALA A 56 -0.83 -19.63 -6.63
CA ALA A 56 -1.72 -19.36 -7.77
C ALA A 56 -2.01 -17.85 -7.91
N HIS A 57 -1.62 -17.28 -9.08
CA HIS A 57 -1.96 -15.90 -9.50
C HIS A 57 -1.41 -14.83 -8.53
N ALA A 58 -0.35 -15.14 -7.79
CA ALA A 58 0.27 -14.21 -6.84
C ALA A 58 1.26 -13.29 -7.57
N ARG A 59 0.79 -12.10 -7.93
CA ARG A 59 1.56 -11.08 -8.64
C ARG A 59 1.83 -9.95 -7.64
N TYR A 60 3.11 -9.61 -7.45
CA TYR A 60 3.54 -8.59 -6.50
C TYR A 60 4.08 -7.37 -7.23
N PHE A 61 3.55 -6.22 -6.82
CA PHE A 61 3.79 -4.91 -7.47
C PHE A 61 4.41 -3.95 -6.46
N ILE A 62 4.52 -2.68 -6.87
CA ILE A 62 4.99 -1.58 -6.02
C ILE A 62 3.91 -0.47 -6.06
N ILE A 63 3.80 0.35 -5.00
CA ILE A 63 2.95 1.58 -4.99
C ILE A 63 3.72 2.70 -4.24
N HIS A 64 3.51 3.95 -4.65
CA HIS A 64 4.13 5.11 -3.99
C HIS A 64 3.53 5.34 -2.59
N ALA A 65 4.39 5.39 -1.56
CA ALA A 65 4.03 5.97 -0.25
C ALA A 65 4.37 7.47 -0.27
N HIS A 66 5.17 7.89 -1.28
CA HIS A 66 5.44 9.31 -1.51
C HIS A 66 4.13 9.96 -1.99
N LYS A 67 3.64 10.84 -1.14
CA LYS A 67 2.31 11.47 -1.25
C LYS A 67 1.21 10.42 -1.01
N LEU A 68 0.74 10.35 0.24
CA LEU A 68 -0.46 9.61 0.62
C LEU A 68 -1.70 10.35 0.08
N LEU A 69 -2.73 9.60 -0.29
CA LEU A 69 -4.01 10.16 -0.73
C LEU A 69 -4.79 10.61 0.50
N ASP A 70 -4.49 11.85 0.92
CA ASP A 70 -5.15 12.51 2.03
C ASP A 70 -6.46 13.16 1.54
N PRO A 71 -7.63 12.74 2.08
CA PRO A 71 -8.94 13.42 1.84
C PRO A 71 -9.06 14.76 2.63
N SER A 72 -8.01 15.09 3.40
CA SER A 72 -7.93 16.35 4.17
C SER A 72 -7.73 17.56 3.24
N GLU A 73 -6.64 17.53 2.44
CA GLU A 73 -6.32 18.60 1.47
C GLU A 73 -6.84 18.21 0.07
N GLY A 74 -6.72 16.91 -0.24
CA GLY A 74 -7.19 16.37 -1.52
C GLY A 74 -8.70 16.21 -1.59
N MET B 1 -23.41 -1.92 -14.60
CA MET B 1 -22.48 -1.04 -13.88
C MET B 1 -21.08 -1.68 -13.85
N PRO B 2 -20.07 -1.12 -14.61
CA PRO B 2 -18.65 -1.56 -14.52
C PRO B 2 -18.07 -1.21 -13.14
N ASP B 3 -18.19 -2.15 -12.19
CA ASP B 3 -17.80 -1.95 -10.78
C ASP B 3 -16.81 -3.03 -10.36
N LYS B 4 -15.65 -2.60 -9.85
CA LYS B 4 -14.51 -3.48 -9.55
C LYS B 4 -14.23 -3.56 -8.05
N GLN B 5 -13.70 -4.73 -7.64
CA GLN B 5 -13.06 -4.94 -6.31
C GLN B 5 -11.76 -4.12 -6.21
N LEU B 6 -11.18 -3.79 -7.39
CA LEU B 6 -9.94 -3.02 -7.52
C LEU B 6 -10.19 -1.56 -7.13
N LEU B 7 -9.48 -1.10 -6.10
CA LEU B 7 -9.81 0.16 -5.39
C LEU B 7 -8.55 0.81 -4.78
N HIS B 8 -8.77 1.76 -3.85
CA HIS B 8 -7.69 2.46 -3.13
C HIS B 8 -7.45 1.79 -1.76
N ILE B 9 -6.35 1.00 -1.63
CA ILE B 9 -6.02 0.31 -0.36
C ILE B 9 -5.61 1.34 0.72
N VAL B 10 -5.58 0.90 1.97
CA VAL B 10 -5.37 1.77 3.14
C VAL B 10 -4.13 1.37 3.94
N VAL B 11 -3.35 2.39 4.33
CA VAL B 11 -2.12 2.25 5.12
C VAL B 11 -1.85 3.53 5.92
N GLY B 12 -1.23 3.36 7.08
CA GLY B 12 -0.76 4.49 7.88
C GLY B 12 0.41 4.07 8.74
N GLY B 13 0.46 4.57 9.98
CA GLY B 13 1.55 4.28 10.90
C GLY B 13 2.13 5.57 11.42
N GLU B 14 3.35 5.52 11.98
CA GLU B 14 3.99 6.71 12.58
C GLU B 14 4.87 7.47 11.58
N LEU B 15 4.62 8.79 11.60
CA LEU B 15 5.30 9.80 10.80
C LEU B 15 6.42 10.45 11.62
N LYS B 16 7.34 11.17 10.95
CA LYS B 16 8.39 11.96 11.65
C LYS B 16 7.81 13.21 12.32
N ASP B 17 6.82 13.82 11.66
CA ASP B 17 6.17 15.06 12.14
C ASP B 17 4.68 14.74 12.43
N VAL B 18 3.96 15.70 13.05
CA VAL B 18 2.54 15.56 13.40
C VAL B 18 1.65 15.56 12.14
N ALA B 19 1.97 16.45 11.20
CA ALA B 19 1.23 16.57 9.91
C ALA B 19 2.13 16.20 8.73
N GLY B 20 3.47 16.15 8.98
CA GLY B 20 4.46 15.79 7.97
C GLY B 20 4.34 14.33 7.57
N VAL B 21 3.94 14.11 6.31
CA VAL B 21 3.45 12.81 5.82
C VAL B 21 4.60 11.85 5.35
N GLU B 22 5.79 12.01 5.95
CA GLU B 22 6.96 11.14 5.68
C GLU B 22 7.06 10.10 6.80
N PHE B 23 6.85 8.82 6.43
CA PHE B 23 6.83 7.69 7.37
C PHE B 23 8.19 7.50 8.08
N ARG B 24 8.21 7.82 9.39
CA ARG B 24 9.41 7.77 10.25
C ARG B 24 10.19 6.45 10.13
N ASP B 25 9.44 5.34 10.12
CA ASP B 25 10.00 4.00 10.02
C ASP B 25 9.02 3.11 9.25
N LEU B 26 9.55 2.45 8.20
CA LEU B 26 8.79 1.67 7.23
C LEU B 26 8.43 0.25 7.76
N SER B 27 8.79 -0.04 9.02
CA SER B 27 8.35 -1.26 9.73
C SER B 27 7.28 -0.88 10.79
N LYS B 28 7.25 0.40 11.18
CA LYS B 28 6.18 0.95 12.08
C LYS B 28 4.87 1.17 11.32
N VAL B 29 4.95 1.22 9.97
CA VAL B 29 3.80 1.53 9.12
C VAL B 29 2.77 0.38 9.14
N GLU B 30 1.64 0.63 9.81
CA GLU B 30 0.58 -0.34 9.96
C GLU B 30 -0.32 -0.30 8.71
N PHE B 31 -0.19 -1.34 7.87
CA PHE B 31 -1.04 -1.52 6.69
C PHE B 31 -2.43 -1.93 7.15
N VAL B 32 -3.36 -0.95 7.16
CA VAL B 32 -4.76 -1.14 7.63
C VAL B 32 -5.42 -2.29 6.87
N GLY B 33 -5.11 -2.36 5.56
CA GLY B 33 -5.54 -3.45 4.71
C GLY B 33 -6.12 -2.94 3.42
N ALA B 34 -7.25 -3.51 3.03
CA ALA B 34 -7.99 -3.15 1.82
C ALA B 34 -9.42 -3.67 1.96
N TYR B 35 -10.35 -3.00 1.28
CA TYR B 35 -11.79 -3.29 1.36
C TYR B 35 -12.32 -3.53 -0.06
N PRO B 36 -13.47 -4.26 -0.26
CA PRO B 36 -13.99 -4.60 -1.63
C PRO B 36 -14.57 -3.37 -2.40
N SER B 37 -14.44 -2.17 -1.83
CA SER B 37 -14.98 -0.93 -2.41
C SER B 37 -14.21 0.28 -1.86
N TYR B 38 -14.14 1.35 -2.69
CA TYR B 38 -13.35 2.57 -2.40
C TYR B 38 -13.73 3.22 -1.06
N ASP B 39 -15.02 3.57 -0.89
CA ASP B 39 -15.48 4.39 0.24
C ASP B 39 -15.44 3.58 1.55
N GLU B 40 -15.37 2.25 1.45
CA GLU B 40 -15.19 1.36 2.61
C GLU B 40 -13.77 1.51 3.18
N ALA B 41 -12.78 1.63 2.27
CA ALA B 41 -11.39 1.87 2.62
C ALA B 41 -11.21 3.32 3.10
N HIS B 42 -11.87 4.24 2.36
CA HIS B 42 -11.88 5.68 2.66
C HIS B 42 -12.42 5.94 4.07
N LYS B 43 -13.40 5.14 4.49
CA LYS B 43 -14.02 5.27 5.81
C LYS B 43 -13.04 4.81 6.90
N ALA B 44 -12.26 3.78 6.57
CA ALA B 44 -11.30 3.17 7.49
C ALA B 44 -10.13 4.12 7.77
N TRP B 45 -9.85 5.04 6.81
CA TRP B 45 -8.79 6.06 6.92
C TRP B 45 -8.93 6.87 8.23
N LYS B 46 -10.11 7.45 8.43
CA LYS B 46 -10.38 8.38 9.54
C LYS B 46 -10.80 7.62 10.79
N ALA B 47 -11.39 6.41 10.59
CA ALA B 47 -11.72 5.49 11.69
C ALA B 47 -10.44 5.10 12.45
N LYS B 48 -9.36 4.87 11.68
CA LYS B 48 -8.04 4.50 12.22
C LYS B 48 -7.34 5.71 12.85
N ALA B 49 -7.33 6.83 12.11
CA ALA B 49 -6.66 8.08 12.53
C ALA B 49 -7.20 8.60 13.88
N GLN B 50 -8.52 8.41 14.10
CA GLN B 50 -9.21 8.83 15.35
C GLN B 50 -9.09 7.76 16.45
N ALA B 51 -8.93 6.48 16.05
CA ALA B 51 -8.79 5.36 17.00
C ALA B 51 -7.43 5.39 17.70
N THR B 52 -6.38 5.64 16.90
CA THR B 52 -4.98 5.51 17.31
C THR B 52 -4.42 6.83 17.91
N VAL B 53 -5.25 7.49 18.74
CA VAL B 53 -4.85 8.71 19.48
C VAL B 53 -3.80 8.38 20.57
N ASP B 54 -3.83 7.14 21.05
CA ASP B 54 -2.88 6.61 22.05
C ASP B 54 -1.48 6.39 21.42
N ASN B 55 -1.47 6.05 20.12
CA ASN B 55 -0.24 5.81 19.37
C ASN B 55 0.25 7.17 18.82
N ALA B 56 1.53 7.52 19.12
CA ALA B 56 2.07 8.89 19.05
C ALA B 56 1.85 9.60 17.69
N HIS B 57 2.64 9.23 16.67
CA HIS B 57 2.65 9.94 15.36
C HIS B 57 1.76 9.22 14.31
N ALA B 58 0.71 8.56 14.77
CA ALA B 58 -0.09 7.64 13.95
C ALA B 58 -1.18 8.39 13.16
N ARG B 59 -0.84 8.76 11.92
CA ARG B 59 -1.75 9.43 10.97
C ARG B 59 -1.97 8.46 9.81
N TYR B 60 -3.13 7.80 9.81
CA TYR B 60 -3.51 6.82 8.80
C TYR B 60 -4.15 7.51 7.60
N PHE B 61 -3.79 7.02 6.40
CA PHE B 61 -4.23 7.59 5.11
C PHE B 61 -4.60 6.47 4.14
N ILE B 62 -4.73 6.84 2.86
CA ILE B 62 -5.06 5.92 1.76
C ILE B 62 -3.98 6.05 0.68
N ILE B 63 -3.86 5.04 -0.20
CA ILE B 63 -3.15 5.16 -1.49
C ILE B 63 -3.98 4.42 -2.56
N HIS B 64 -3.79 4.79 -3.83
CA HIS B 64 -4.48 4.13 -4.95
C HIS B 64 -3.79 2.79 -5.27
N ALA B 65 -4.59 1.74 -5.39
CA ALA B 65 -4.12 0.42 -5.82
C ALA B 65 -4.83 0.00 -7.11
N HIS B 66 -5.45 1.00 -7.79
CA HIS B 66 -6.09 0.78 -9.09
C HIS B 66 -5.01 0.82 -10.18
N LYS B 67 -4.04 1.73 -10.01
CA LYS B 67 -2.82 1.79 -10.84
C LYS B 67 -1.61 1.45 -9.95
N LEU B 68 -1.02 0.30 -10.23
CA LEU B 68 0.19 -0.21 -9.58
C LEU B 68 1.45 0.29 -10.33
N LEU B 69 2.55 0.46 -9.60
CA LEU B 69 3.84 0.87 -10.16
C LEU B 69 4.67 -0.37 -10.50
N ASP B 70 4.18 -1.12 -11.49
CA ASP B 70 4.85 -2.33 -11.99
C ASP B 70 5.92 -1.93 -13.03
N PRO B 71 7.25 -2.19 -12.74
CA PRO B 71 8.37 -1.85 -13.66
C PRO B 71 8.29 -2.52 -15.05
N SER B 72 7.43 -3.55 -15.16
CA SER B 72 7.14 -4.23 -16.43
C SER B 72 6.50 -3.23 -17.43
N GLU B 73 5.43 -2.56 -17.00
CA GLU B 73 4.74 -1.52 -17.81
C GLU B 73 5.06 -0.11 -17.26
N GLY B 74 6.15 -0.03 -16.48
CA GLY B 74 6.61 1.25 -15.89
C GLY B 74 7.64 1.97 -16.75
N MET A 1 16.83 16.32 8.85
CA MET A 1 17.71 16.03 7.68
C MET A 1 16.85 15.74 6.43
N PRO A 2 17.43 15.87 5.19
CA PRO A 2 16.77 15.42 3.92
C PRO A 2 16.89 13.90 3.67
N ASP A 3 16.89 13.09 4.75
CA ASP A 3 17.09 11.64 4.69
C ASP A 3 15.83 10.95 4.09
N LYS A 4 15.90 10.68 2.77
CA LYS A 4 14.78 10.14 2.01
C LYS A 4 14.71 8.62 2.15
N GLN A 5 14.21 8.20 3.32
CA GLN A 5 13.74 6.82 3.56
C GLN A 5 12.39 6.60 2.84
N LEU A 6 11.72 7.74 2.54
CA LEU A 6 10.44 7.80 1.84
C LEU A 6 10.60 7.23 0.43
N LEU A 7 9.68 6.34 0.05
CA LEU A 7 9.88 5.45 -1.08
C LEU A 7 8.57 4.82 -1.57
N HIS A 8 8.70 3.93 -2.55
CA HIS A 8 7.58 3.21 -3.16
C HIS A 8 7.34 1.88 -2.42
N ILE A 9 6.32 1.82 -1.55
CA ILE A 9 6.00 0.61 -0.78
C ILE A 9 5.50 -0.52 -1.72
N VAL A 10 5.58 -1.76 -1.25
CA VAL A 10 5.36 -2.95 -2.08
C VAL A 10 4.13 -3.75 -1.60
N VAL A 11 3.32 -4.20 -2.58
CA VAL A 11 2.03 -4.89 -2.34
C VAL A 11 1.73 -5.88 -3.49
N GLY A 12 0.97 -6.93 -3.18
CA GLY A 12 0.57 -7.94 -4.15
C GLY A 12 -0.65 -8.72 -3.71
N GLY A 13 -0.67 -10.02 -4.01
CA GLY A 13 -1.82 -10.89 -3.71
C GLY A 13 -2.36 -11.49 -5.00
N GLU A 14 -3.51 -12.19 -4.94
CA GLU A 14 -4.09 -12.84 -6.13
C GLU A 14 -4.99 -11.87 -6.91
N LEU A 15 -4.85 -11.96 -8.23
CA LEU A 15 -5.61 -11.20 -9.22
C LEU A 15 -6.72 -12.11 -9.79
N LYS A 16 -7.75 -11.51 -10.42
CA LYS A 16 -8.83 -12.28 -11.08
C LYS A 16 -8.29 -13.00 -12.33
N ASP A 17 -7.42 -12.31 -13.09
CA ASP A 17 -6.75 -12.87 -14.27
C ASP A 17 -5.27 -13.14 -13.95
N VAL A 18 -4.64 -14.08 -14.68
CA VAL A 18 -3.23 -14.48 -14.47
C VAL A 18 -2.26 -13.34 -14.82
N ALA A 19 -2.58 -12.60 -15.88
CA ALA A 19 -1.81 -11.44 -16.37
C ALA A 19 -2.47 -10.11 -15.97
N GLY A 20 -3.71 -10.20 -15.45
CA GLY A 20 -4.52 -9.03 -15.11
C GLY A 20 -4.02 -8.25 -13.90
N VAL A 21 -4.68 -7.11 -13.60
CA VAL A 21 -4.26 -6.19 -12.52
C VAL A 21 -5.49 -5.74 -11.69
N GLU A 22 -6.57 -6.54 -11.75
CA GLU A 22 -7.77 -6.34 -10.95
C GLU A 22 -7.77 -7.39 -9.82
N PHE A 23 -7.62 -6.95 -8.55
CA PHE A 23 -7.48 -7.86 -7.39
C PHE A 23 -8.73 -8.74 -7.24
N ARG A 24 -8.50 -10.05 -7.04
CA ARG A 24 -9.55 -11.05 -6.79
C ARG A 24 -10.37 -10.71 -5.55
N ASP A 25 -9.65 -10.52 -4.43
CA ASP A 25 -10.24 -10.30 -3.11
C ASP A 25 -9.25 -9.50 -2.27
N LEU A 26 -9.74 -8.41 -1.68
CA LEU A 26 -8.94 -7.47 -0.88
C LEU A 26 -8.66 -8.00 0.54
N SER A 27 -9.13 -9.22 0.83
CA SER A 27 -8.73 -9.98 2.02
C SER A 27 -7.45 -10.79 1.73
N LYS A 28 -7.29 -11.21 0.45
CA LYS A 28 -6.21 -12.12 0.01
C LYS A 28 -5.03 -11.34 -0.59
N VAL A 29 -5.10 -9.99 -0.55
CA VAL A 29 -4.00 -9.13 -1.00
C VAL A 29 -2.89 -9.13 0.07
N GLU A 30 -1.67 -9.51 -0.36
CA GLU A 30 -0.52 -9.64 0.54
C GLU A 30 0.38 -8.42 0.38
N PHE A 31 0.35 -7.54 1.41
CA PHE A 31 1.25 -6.40 1.51
C PHE A 31 2.66 -6.90 1.78
N VAL A 32 3.50 -6.91 0.72
CA VAL A 32 4.89 -7.39 0.77
C VAL A 32 5.67 -6.68 1.90
N GLY A 33 5.39 -5.38 2.05
CA GLY A 33 5.92 -4.56 3.12
C GLY A 33 6.37 -3.21 2.61
N ALA A 34 7.51 -2.74 3.11
CA ALA A 34 8.11 -1.46 2.74
C ALA A 34 9.56 -1.45 3.22
N TYR A 35 10.46 -0.89 2.40
CA TYR A 35 11.91 -0.85 2.69
C TYR A 35 12.35 0.60 3.00
N PRO A 36 13.55 0.84 3.62
CA PRO A 36 14.06 2.22 3.89
C PRO A 36 14.58 2.97 2.63
N SER A 37 14.35 2.44 1.42
CA SER A 37 14.78 3.07 0.16
C SER A 37 14.03 2.44 -1.02
N TYR A 38 13.92 3.21 -2.13
CA TYR A 38 13.14 2.82 -3.32
C TYR A 38 13.65 1.51 -3.93
N ASP A 39 14.94 1.48 -4.34
CA ASP A 39 15.51 0.33 -5.08
C ASP A 39 15.49 -0.98 -4.26
N GLU A 40 15.46 -0.84 -2.92
CA GLU A 40 15.34 -1.97 -2.00
C GLU A 40 13.93 -2.63 -2.14
N ALA A 41 12.88 -1.80 -2.24
CA ALA A 41 11.50 -2.25 -2.44
C ALA A 41 11.26 -2.64 -3.90
N HIS A 42 11.92 -1.93 -4.80
CA HIS A 42 11.84 -2.14 -6.26
C HIS A 42 12.38 -3.54 -6.59
N LYS A 43 13.26 -4.04 -5.72
CA LYS A 43 13.86 -5.36 -5.85
C LYS A 43 12.89 -6.44 -5.35
N ALA A 44 12.13 -6.10 -4.28
CA ALA A 44 11.19 -7.02 -3.63
C ALA A 44 10.05 -7.46 -4.56
N TRP A 45 9.73 -6.62 -5.57
CA TRP A 45 8.78 -6.93 -6.65
C TRP A 45 9.14 -8.30 -7.30
N LYS A 46 10.41 -8.44 -7.73
CA LYS A 46 10.90 -9.65 -8.42
C LYS A 46 11.25 -10.75 -7.42
N ALA A 47 11.70 -10.37 -6.20
CA ALA A 47 12.01 -11.33 -5.14
C ALA A 47 10.76 -12.15 -4.76
N LYS A 48 9.59 -11.50 -4.88
CA LYS A 48 8.28 -12.13 -4.65
C LYS A 48 7.80 -12.88 -5.89
N ALA A 49 7.87 -12.22 -7.06
CA ALA A 49 7.37 -12.77 -8.34
C ALA A 49 8.03 -14.12 -8.70
N GLN A 50 9.34 -14.21 -8.40
CA GLN A 50 10.12 -15.45 -8.57
C GLN A 50 9.71 -16.50 -7.51
N ALA A 51 9.54 -16.04 -6.26
CA ALA A 51 9.29 -16.92 -5.09
C ALA A 51 7.91 -17.58 -5.15
N THR A 52 6.92 -16.83 -5.67
CA THR A 52 5.52 -17.26 -5.68
C THR A 52 5.19 -18.00 -6.98
N VAL A 53 5.55 -19.29 -6.98
CA VAL A 53 5.18 -20.25 -8.03
C VAL A 53 3.93 -21.03 -7.56
N ASP A 54 3.93 -21.31 -6.24
CA ASP A 54 2.90 -22.10 -5.54
C ASP A 54 1.50 -21.46 -5.69
N ASN A 55 1.42 -20.15 -5.40
CA ASN A 55 0.16 -19.40 -5.45
C ASN A 55 -0.10 -18.95 -6.92
N ALA A 56 -1.31 -19.26 -7.43
CA ALA A 56 -1.64 -19.22 -8.87
C ALA A 56 -1.59 -17.81 -9.50
N HIS A 57 -2.59 -16.95 -9.21
CA HIS A 57 -2.73 -15.61 -9.85
C HIS A 57 -2.03 -14.52 -9.01
N ALA A 58 -1.14 -14.95 -8.12
CA ALA A 58 -0.49 -14.07 -7.15
C ALA A 58 0.66 -13.31 -7.81
N ARG A 59 0.38 -12.04 -8.13
CA ARG A 59 1.33 -11.15 -8.82
C ARG A 59 1.64 -9.99 -7.88
N TYR A 60 2.93 -9.81 -7.59
CA TYR A 60 3.40 -8.83 -6.61
C TYR A 60 4.13 -7.70 -7.31
N PHE A 61 3.57 -6.51 -7.17
CA PHE A 61 4.07 -5.28 -7.79
C PHE A 61 4.33 -4.23 -6.70
N ILE A 62 4.31 -2.94 -7.09
CA ILE A 62 4.70 -1.82 -6.22
C ILE A 62 3.64 -0.70 -6.32
N ILE A 63 3.65 0.24 -5.37
CA ILE A 63 2.89 1.49 -5.45
C ILE A 63 3.78 2.65 -4.94
N HIS A 64 3.67 3.81 -5.60
CA HIS A 64 4.35 5.04 -5.19
C HIS A 64 3.65 5.65 -3.96
N ALA A 65 4.29 5.51 -2.79
CA ALA A 65 3.83 6.09 -1.53
C ALA A 65 4.56 7.42 -1.30
N HIS A 66 3.79 8.52 -1.23
CA HIS A 66 4.29 9.89 -0.96
C HIS A 66 3.07 10.81 -0.89
N LYS A 67 2.25 10.75 -1.94
CA LYS A 67 0.98 11.46 -2.00
C LYS A 67 -0.10 10.59 -1.35
N LEU A 68 -0.35 10.84 -0.07
CA LEU A 68 -1.39 10.16 0.70
C LEU A 68 -2.72 10.90 0.49
N LEU A 69 -3.73 10.13 0.06
CA LEU A 69 -5.07 10.65 -0.29
C LEU A 69 -5.82 11.02 0.99
N ASP A 70 -5.58 12.25 1.45
CA ASP A 70 -6.32 12.86 2.56
C ASP A 70 -7.54 13.59 2.00
N PRO A 71 -8.79 13.14 2.32
CA PRO A 71 -10.04 13.82 1.89
C PRO A 71 -10.16 15.26 2.42
N SER A 72 -9.55 15.53 3.59
CA SER A 72 -9.68 16.83 4.28
C SER A 72 -9.04 17.96 3.44
N GLU A 73 -7.82 17.72 2.92
CA GLU A 73 -7.12 18.67 2.03
C GLU A 73 -7.45 18.38 0.56
N GLY A 74 -7.26 17.12 0.14
CA GLY A 74 -7.54 16.67 -1.23
C GLY A 74 -8.91 16.01 -1.36
N MET B 1 -13.92 -12.49 -12.77
CA MET B 1 -15.17 -12.33 -12.04
C MET B 1 -15.68 -10.87 -12.16
N PRO B 2 -16.75 -10.59 -12.98
CA PRO B 2 -17.29 -9.21 -13.19
C PRO B 2 -17.88 -8.60 -11.90
N ASP B 3 -17.01 -7.94 -11.14
CA ASP B 3 -17.32 -7.38 -9.81
C ASP B 3 -16.45 -6.13 -9.58
N LYS B 4 -17.03 -5.12 -8.90
CA LYS B 4 -16.33 -3.86 -8.64
C LYS B 4 -15.34 -4.06 -7.48
N GLN B 5 -14.11 -4.48 -7.82
CA GLN B 5 -13.03 -4.71 -6.86
C GLN B 5 -12.25 -3.41 -6.60
N LEU B 6 -12.30 -2.48 -7.60
CA LEU B 6 -11.40 -1.31 -7.66
C LEU B 6 -11.70 -0.38 -6.48
N LEU B 7 -10.62 -0.03 -5.80
CA LEU B 7 -10.64 0.61 -4.51
C LEU B 7 -9.34 1.36 -4.27
N HIS B 8 -9.28 2.04 -3.13
CA HIS B 8 -8.08 2.73 -2.67
C HIS B 8 -7.69 2.09 -1.32
N ILE B 9 -6.57 1.32 -1.29
CA ILE B 9 -6.12 0.62 -0.07
C ILE B 9 -5.74 1.62 1.02
N VAL B 10 -5.77 1.14 2.26
CA VAL B 10 -5.53 1.97 3.44
C VAL B 10 -4.17 1.63 4.06
N VAL B 11 -3.35 2.67 4.27
CA VAL B 11 -1.99 2.56 4.78
C VAL B 11 -1.69 3.73 5.72
N GLY B 12 -0.84 3.48 6.72
CA GLY B 12 -0.39 4.51 7.63
C GLY B 12 0.79 4.06 8.45
N GLY B 13 0.89 4.62 9.66
CA GLY B 13 2.02 4.39 10.56
C GLY B 13 2.61 5.71 10.99
N GLU B 14 3.60 5.68 11.90
CA GLU B 14 4.19 6.90 12.46
C GLU B 14 5.25 7.48 11.54
N LEU B 15 5.10 8.78 11.30
CA LEU B 15 6.04 9.60 10.54
C LEU B 15 7.17 10.10 11.48
N LYS B 16 8.25 10.62 10.91
CA LYS B 16 9.29 11.36 11.66
C LYS B 16 8.70 12.66 12.23
N ASP B 17 7.81 13.29 11.45
CA ASP B 17 7.10 14.53 11.84
C ASP B 17 5.63 14.18 12.23
N VAL B 18 4.86 15.17 12.72
CA VAL B 18 3.43 14.95 13.06
C VAL B 18 2.51 15.30 11.87
N ALA B 19 2.82 16.41 11.18
CA ALA B 19 2.03 16.89 10.02
C ALA B 19 2.75 16.59 8.68
N GLY B 20 3.92 15.94 8.76
CA GLY B 20 4.68 15.53 7.57
C GLY B 20 4.19 14.24 6.94
N VAL B 21 4.93 13.72 5.92
CA VAL B 21 4.55 12.47 5.21
C VAL B 21 5.80 11.58 4.96
N GLU B 22 6.89 11.89 5.69
CA GLU B 22 8.12 11.09 5.66
C GLU B 22 8.14 10.16 6.88
N PHE B 23 7.97 8.85 6.62
CA PHE B 23 7.80 7.82 7.67
C PHE B 23 9.04 7.71 8.58
N ARG B 24 8.82 7.33 9.84
CA ARG B 24 9.93 7.16 10.81
C ARG B 24 10.73 5.88 10.50
N ASP B 25 10.00 4.78 10.34
CA ASP B 25 10.57 3.47 10.02
C ASP B 25 9.51 2.64 9.28
N LEU B 26 9.92 2.08 8.14
CA LEU B 26 9.04 1.32 7.24
C LEU B 26 8.76 -0.10 7.75
N SER B 27 9.39 -0.47 8.87
CA SER B 27 9.06 -1.70 9.60
C SER B 27 7.93 -1.42 10.64
N LYS B 28 7.78 -0.12 10.99
CA LYS B 28 6.79 0.35 11.98
C LYS B 28 5.51 0.86 11.30
N VAL B 29 5.52 0.96 9.96
CA VAL B 29 4.35 1.45 9.20
C VAL B 29 3.26 0.36 9.18
N GLU B 30 2.05 0.75 9.56
CA GLU B 30 0.93 -0.17 9.72
C GLU B 30 0.03 -0.09 8.48
N PHE B 31 0.16 -1.11 7.61
CA PHE B 31 -0.71 -1.31 6.45
C PHE B 31 -2.08 -1.73 6.97
N VAL B 32 -2.98 -0.74 7.07
CA VAL B 32 -4.33 -0.91 7.66
C VAL B 32 -5.10 -2.04 6.94
N GLY B 33 -4.80 -2.19 5.65
CA GLY B 33 -5.32 -3.30 4.84
C GLY B 33 -5.93 -2.78 3.57
N ALA B 34 -7.06 -3.38 3.20
CA ALA B 34 -7.82 -3.01 2.01
C ALA B 34 -9.28 -3.40 2.22
N TYR B 35 -10.17 -2.88 1.36
CA TYR B 35 -11.62 -3.11 1.46
C TYR B 35 -12.22 -3.25 0.06
N PRO B 36 -13.34 -4.02 -0.13
CA PRO B 36 -13.92 -4.28 -1.48
C PRO B 36 -14.57 -3.04 -2.14
N SER B 37 -14.45 -1.86 -1.48
CA SER B 37 -14.90 -0.57 -2.02
C SER B 37 -14.02 0.54 -1.46
N TYR B 38 -13.82 1.60 -2.28
CA TYR B 38 -13.19 2.85 -1.86
C TYR B 38 -13.89 3.43 -0.61
N ASP B 39 -15.24 3.44 -0.63
CA ASP B 39 -16.07 4.05 0.43
C ASP B 39 -15.78 3.43 1.82
N GLU B 40 -15.61 2.10 1.82
CA GLU B 40 -15.29 1.32 3.04
C GLU B 40 -13.90 1.71 3.59
N ALA B 41 -12.93 1.86 2.66
CA ALA B 41 -11.55 2.22 2.98
C ALA B 41 -11.45 3.72 3.33
N HIS B 42 -12.39 4.51 2.79
CA HIS B 42 -12.44 5.96 2.97
C HIS B 42 -12.87 6.28 4.40
N LYS B 43 -13.71 5.40 4.98
CA LYS B 43 -14.12 5.52 6.38
C LYS B 43 -12.97 5.09 7.29
N ALA B 44 -12.25 4.01 6.87
CA ALA B 44 -11.14 3.42 7.61
C ALA B 44 -10.02 4.42 7.91
N TRP B 45 -9.82 5.39 7.00
CA TRP B 45 -8.87 6.52 7.18
C TRP B 45 -9.07 7.20 8.56
N LYS B 46 -10.30 7.70 8.79
CA LYS B 46 -10.66 8.42 10.04
C LYS B 46 -10.95 7.45 11.18
N ALA B 47 -11.36 6.22 10.83
CA ALA B 47 -11.62 5.17 11.82
C ALA B 47 -10.30 4.75 12.52
N LYS B 48 -9.18 4.92 11.80
CA LYS B 48 -7.83 4.69 12.31
C LYS B 48 -7.32 5.92 13.06
N ALA B 49 -7.51 7.10 12.46
CA ALA B 49 -7.05 8.39 13.03
C ALA B 49 -7.63 8.62 14.45
N GLN B 50 -8.93 8.30 14.61
CA GLN B 50 -9.65 8.41 15.89
C GLN B 50 -9.24 7.29 16.87
N ALA B 51 -8.83 6.12 16.33
CA ALA B 51 -8.49 4.94 17.14
C ALA B 51 -7.10 5.08 17.79
N THR B 52 -6.10 5.48 17.00
CA THR B 52 -4.68 5.46 17.36
C THR B 52 -4.26 6.78 18.05
N VAL B 53 -5.05 7.18 19.05
CA VAL B 53 -4.81 8.37 19.91
C VAL B 53 -3.57 8.19 20.81
N ASP B 54 -3.20 6.92 21.03
CA ASP B 54 -1.99 6.52 21.78
C ASP B 54 -0.72 6.95 21.05
N ASN B 55 -0.79 6.93 19.71
CA ASN B 55 0.33 7.30 18.82
C ASN B 55 0.51 8.83 18.79
N ALA B 56 1.70 9.26 18.38
CA ALA B 56 2.08 10.69 18.32
C ALA B 56 2.09 11.19 16.86
N HIS B 57 2.68 10.38 15.97
CA HIS B 57 3.01 10.81 14.58
C HIS B 57 2.20 10.05 13.53
N ALA B 58 1.36 9.12 13.98
CA ALA B 58 0.67 8.15 13.10
C ALA B 58 -0.47 8.81 12.33
N ARG B 59 -0.23 9.04 11.04
CA ARG B 59 -1.19 9.69 10.14
C ARG B 59 -1.64 8.68 9.08
N TYR B 60 -2.72 7.97 9.41
CA TYR B 60 -3.30 6.93 8.54
C TYR B 60 -4.15 7.58 7.45
N PHE B 61 -3.73 7.39 6.20
CA PHE B 61 -4.44 7.89 5.02
C PHE B 61 -4.65 6.74 4.02
N ILE B 62 -4.83 7.08 2.73
CA ILE B 62 -5.29 6.13 1.71
C ILE B 62 -4.38 6.26 0.47
N ILE B 63 -4.28 5.21 -0.36
CA ILE B 63 -3.63 5.28 -1.68
C ILE B 63 -4.45 4.45 -2.68
N HIS B 64 -4.58 4.98 -3.91
CA HIS B 64 -5.25 4.29 -5.03
C HIS B 64 -4.49 2.99 -5.40
N ALA B 65 -5.23 1.88 -5.52
CA ALA B 65 -4.64 0.55 -5.76
C ALA B 65 -5.33 -0.17 -6.92
N HIS B 66 -4.80 0.08 -8.12
CA HIS B 66 -5.13 -0.67 -9.34
C HIS B 66 -3.99 -0.45 -10.35
N LYS B 67 -3.51 0.79 -10.43
CA LYS B 67 -2.33 1.13 -11.23
C LYS B 67 -1.06 0.79 -10.43
N LEU B 68 -0.55 -0.42 -10.64
CA LEU B 68 0.65 -0.92 -9.97
C LEU B 68 1.91 -0.61 -10.80
N LEU B 69 3.03 -0.39 -10.11
CA LEU B 69 4.33 -0.14 -10.72
C LEU B 69 5.03 -1.46 -11.04
N ASP B 70 5.68 -1.50 -12.21
CA ASP B 70 6.43 -2.66 -12.69
C ASP B 70 7.51 -2.15 -13.66
N PRO B 71 8.83 -2.38 -13.35
CA PRO B 71 9.96 -1.85 -14.16
C PRO B 71 10.00 -2.35 -15.62
N SER B 72 9.36 -3.50 -15.88
CA SER B 72 9.33 -4.12 -17.23
C SER B 72 8.32 -3.38 -18.15
N GLU B 73 7.53 -2.45 -17.57
CA GLU B 73 6.62 -1.56 -18.33
C GLU B 73 6.35 -0.23 -17.60
N GLY B 74 7.28 0.16 -16.70
CA GLY B 74 7.14 1.41 -15.95
C GLY B 74 8.22 1.54 -14.87
N MET A 1 21.46 17.31 6.25
CA MET A 1 21.36 16.21 5.26
C MET A 1 19.88 15.87 5.02
N PRO A 2 19.29 16.27 3.84
CA PRO A 2 17.90 15.91 3.48
C PRO A 2 17.79 14.40 3.17
N ASP A 3 17.00 13.67 3.97
CA ASP A 3 16.82 12.22 3.81
C ASP A 3 15.42 11.90 3.30
N LYS A 4 15.38 10.89 2.44
CA LYS A 4 14.15 10.28 1.99
C LYS A 4 14.28 8.75 2.09
N GLN A 5 14.14 8.25 3.34
CA GLN A 5 13.89 6.82 3.62
C GLN A 5 12.55 6.37 2.98
N LEU A 6 11.69 7.38 2.73
CA LEU A 6 10.43 7.25 2.00
C LEU A 6 10.75 6.83 0.55
N LEU A 7 9.93 5.91 0.07
CA LEU A 7 10.17 5.19 -1.17
C LEU A 7 8.87 4.58 -1.69
N HIS A 8 8.99 3.67 -2.66
CA HIS A 8 7.85 2.96 -3.25
C HIS A 8 7.60 1.65 -2.49
N ILE A 9 6.58 1.65 -1.60
CA ILE A 9 6.25 0.47 -0.76
C ILE A 9 5.73 -0.68 -1.65
N VAL A 10 5.77 -1.90 -1.12
CA VAL A 10 5.49 -3.12 -1.90
C VAL A 10 4.22 -3.82 -1.38
N VAL A 11 3.33 -4.16 -2.35
CA VAL A 11 2.05 -4.80 -2.11
C VAL A 11 1.68 -5.69 -3.32
N GLY A 12 1.11 -6.85 -3.04
CA GLY A 12 0.63 -7.77 -4.06
C GLY A 12 -0.57 -8.55 -3.56
N GLY A 13 -1.03 -9.50 -4.37
CA GLY A 13 -2.15 -10.37 -3.97
C GLY A 13 -2.81 -11.00 -5.17
N GLU A 14 -3.79 -11.90 -4.91
CA GLU A 14 -4.46 -12.65 -5.97
C GLU A 14 -5.38 -11.78 -6.81
N LEU A 15 -5.33 -12.06 -8.11
CA LEU A 15 -6.04 -11.34 -9.16
C LEU A 15 -7.15 -12.23 -9.76
N LYS A 16 -8.11 -11.59 -10.44
CA LYS A 16 -9.17 -12.30 -11.19
C LYS A 16 -8.55 -13.08 -12.36
N ASP A 17 -7.78 -12.34 -13.18
CA ASP A 17 -7.04 -12.88 -14.32
C ASP A 17 -5.54 -12.90 -13.98
N VAL A 18 -4.74 -13.68 -14.74
CA VAL A 18 -3.28 -13.79 -14.53
C VAL A 18 -2.56 -12.43 -14.70
N ALA A 19 -2.94 -11.68 -15.74
CA ALA A 19 -2.36 -10.35 -16.07
C ALA A 19 -3.36 -9.23 -15.75
N GLY A 20 -4.64 -9.60 -15.59
CA GLY A 20 -5.72 -8.67 -15.25
C GLY A 20 -5.58 -8.19 -13.82
N VAL A 21 -5.11 -6.94 -13.66
CA VAL A 21 -4.76 -6.34 -12.35
C VAL A 21 -6.03 -5.81 -11.65
N GLU A 22 -6.86 -6.75 -11.22
CA GLU A 22 -7.99 -6.53 -10.33
C GLU A 22 -7.87 -7.56 -9.18
N PHE A 23 -7.48 -7.11 -7.98
CA PHE A 23 -7.27 -8.01 -6.83
C PHE A 23 -8.58 -8.73 -6.46
N ARG A 24 -8.71 -9.98 -6.97
CA ARG A 24 -9.92 -10.83 -6.80
C ARG A 24 -10.45 -10.81 -5.35
N ASP A 25 -9.52 -10.91 -4.39
CA ASP A 25 -9.83 -10.96 -2.97
C ASP A 25 -8.84 -10.09 -2.17
N LEU A 26 -9.38 -9.02 -1.56
CA LEU A 26 -8.64 -8.02 -0.80
C LEU A 26 -8.26 -8.49 0.63
N SER A 27 -8.61 -9.74 0.97
CA SER A 27 -8.17 -10.37 2.21
C SER A 27 -6.80 -11.04 1.97
N LYS A 28 -6.64 -11.65 0.77
CA LYS A 28 -5.43 -12.39 0.36
C LYS A 28 -4.39 -11.50 -0.35
N VAL A 29 -4.54 -10.17 -0.24
CA VAL A 29 -3.54 -9.23 -0.76
C VAL A 29 -2.44 -9.06 0.30
N GLU A 30 -1.27 -9.69 0.04
CA GLU A 30 -0.12 -9.59 0.93
C GLU A 30 0.59 -8.26 0.72
N PHE A 31 0.54 -7.41 1.74
CA PHE A 31 1.38 -6.22 1.83
C PHE A 31 2.79 -6.68 2.18
N VAL A 32 3.60 -6.86 1.11
CA VAL A 32 4.99 -7.36 1.18
C VAL A 32 5.82 -6.54 2.21
N GLY A 33 5.47 -5.25 2.30
CA GLY A 33 5.96 -4.36 3.34
C GLY A 33 6.46 -3.06 2.75
N ALA A 34 7.63 -2.62 3.21
CA ALA A 34 8.30 -1.40 2.75
C ALA A 34 9.76 -1.48 3.21
N TYR A 35 10.67 -0.97 2.40
CA TYR A 35 12.13 -1.03 2.68
C TYR A 35 12.67 0.40 2.90
N PRO A 36 13.90 0.61 3.48
CA PRO A 36 14.46 1.98 3.65
C PRO A 36 15.11 2.55 2.37
N SER A 37 14.81 1.96 1.19
CA SER A 37 15.36 2.38 -0.11
C SER A 37 14.45 1.88 -1.24
N TYR A 38 14.33 2.69 -2.32
CA TYR A 38 13.50 2.38 -3.49
C TYR A 38 13.88 1.03 -4.11
N ASP A 39 15.18 0.87 -4.45
CA ASP A 39 15.65 -0.30 -5.22
C ASP A 39 15.56 -1.60 -4.41
N GLU A 40 15.47 -1.48 -3.08
CA GLU A 40 15.29 -2.65 -2.19
C GLU A 40 13.87 -3.21 -2.31
N ALA A 41 12.87 -2.30 -2.38
CA ALA A 41 11.47 -2.67 -2.58
C ALA A 41 11.23 -3.08 -4.04
N HIS A 42 11.94 -2.37 -4.92
CA HIS A 42 11.95 -2.62 -6.37
C HIS A 42 12.49 -4.03 -6.65
N LYS A 43 13.50 -4.44 -5.89
CA LYS A 43 14.11 -5.77 -6.04
C LYS A 43 13.24 -6.84 -5.38
N ALA A 44 12.56 -6.44 -4.27
CA ALA A 44 11.64 -7.29 -3.51
C ALA A 44 10.46 -7.78 -4.34
N TRP A 45 10.05 -6.95 -5.34
CA TRP A 45 8.98 -7.26 -6.30
C TRP A 45 9.25 -8.62 -7.01
N LYS A 46 10.46 -8.74 -7.60
CA LYS A 46 10.87 -9.98 -8.32
C LYS A 46 11.34 -11.05 -7.33
N ALA A 47 11.90 -10.61 -6.18
CA ALA A 47 12.30 -11.53 -5.10
C ALA A 47 11.08 -12.29 -4.55
N LYS A 48 9.90 -11.67 -4.67
CA LYS A 48 8.61 -12.30 -4.38
C LYS A 48 8.15 -13.15 -5.56
N ALA A 49 8.15 -12.56 -6.78
CA ALA A 49 7.62 -13.20 -8.00
C ALA A 49 8.26 -14.59 -8.28
N GLN A 50 9.58 -14.68 -8.06
CA GLN A 50 10.35 -15.93 -8.22
C GLN A 50 10.08 -16.90 -7.05
N ALA A 51 9.86 -16.32 -5.85
CA ALA A 51 9.57 -17.11 -4.63
C ALA A 51 8.15 -17.69 -4.66
N THR A 52 7.25 -16.98 -5.34
CA THR A 52 5.81 -17.26 -5.35
C THR A 52 5.40 -17.91 -6.68
N VAL A 53 6.28 -18.78 -7.19
CA VAL A 53 5.99 -19.65 -8.35
C VAL A 53 4.81 -20.59 -8.05
N ASP A 54 4.64 -20.92 -6.76
CA ASP A 54 3.54 -21.77 -6.25
C ASP A 54 2.18 -21.05 -6.42
N ASN A 55 2.20 -19.71 -6.24
CA ASN A 55 0.99 -18.87 -6.31
C ASN A 55 0.37 -18.85 -7.72
N ALA A 56 -0.95 -19.03 -7.76
CA ALA A 56 -1.75 -19.02 -8.99
C ALA A 56 -1.81 -17.60 -9.60
N HIS A 57 -2.68 -16.72 -9.06
CA HIS A 57 -2.96 -15.38 -9.62
C HIS A 57 -2.38 -14.26 -8.75
N ALA A 58 -1.57 -14.63 -7.76
CA ALA A 58 -1.00 -13.68 -6.81
C ALA A 58 0.23 -13.01 -7.40
N ARG A 59 0.01 -11.83 -7.98
CA ARG A 59 1.05 -11.00 -8.58
C ARG A 59 1.42 -9.89 -7.59
N TYR A 60 2.73 -9.82 -7.27
CA TYR A 60 3.27 -8.89 -6.28
C TYR A 60 3.86 -7.67 -6.98
N PHE A 61 3.23 -6.52 -6.72
CA PHE A 61 3.51 -5.24 -7.37
C PHE A 61 4.20 -4.26 -6.41
N ILE A 62 4.38 -3.01 -6.86
CA ILE A 62 4.90 -1.89 -6.06
C ILE A 62 3.93 -0.69 -6.21
N ILE A 63 3.91 0.23 -5.22
CA ILE A 63 3.16 1.50 -5.31
C ILE A 63 4.02 2.64 -4.69
N HIS A 64 3.90 3.84 -5.27
CA HIS A 64 4.47 5.09 -4.73
C HIS A 64 3.75 5.49 -3.41
N ALA A 65 4.53 5.81 -2.37
CA ALA A 65 3.98 6.23 -1.06
C ALA A 65 4.44 7.66 -0.70
N HIS A 66 4.79 8.46 -1.73
CA HIS A 66 5.26 9.85 -1.52
C HIS A 66 4.09 10.80 -1.27
N LYS A 67 2.95 10.54 -1.95
CA LYS A 67 1.75 11.34 -1.77
C LYS A 67 0.59 10.42 -1.34
N LEU A 68 0.29 10.46 -0.04
CA LEU A 68 -0.85 9.77 0.56
C LEU A 68 -2.16 10.56 0.30
N LEU A 69 -3.27 9.81 0.23
CA LEU A 69 -4.62 10.37 0.02
C LEU A 69 -5.29 10.57 1.38
N ASP A 70 -5.79 11.78 1.61
CA ASP A 70 -6.58 12.13 2.81
C ASP A 70 -7.70 13.08 2.36
N PRO A 71 -9.00 12.79 2.68
CA PRO A 71 -10.16 13.62 2.23
C PRO A 71 -10.25 15.03 2.88
N SER A 72 -9.39 15.31 3.89
CA SER A 72 -9.27 16.66 4.50
C SER A 72 -8.31 17.52 3.65
N GLU A 73 -7.43 16.87 2.86
CA GLU A 73 -6.53 17.55 1.92
C GLU A 73 -7.33 18.12 0.73
N GLY A 74 -7.02 19.38 0.36
CA GLY A 74 -7.68 20.07 -0.76
C GLY A 74 -7.37 19.48 -2.13
N MET B 1 -21.79 -7.46 -15.20
CA MET B 1 -21.40 -6.12 -14.79
C MET B 1 -19.89 -6.12 -14.47
N PRO B 2 -19.09 -5.13 -14.98
CA PRO B 2 -17.64 -5.04 -14.67
C PRO B 2 -17.42 -4.55 -13.22
N ASP B 3 -17.34 -5.50 -12.28
CA ASP B 3 -17.24 -5.21 -10.85
C ASP B 3 -15.85 -4.65 -10.49
N LYS B 4 -15.85 -3.47 -9.88
CA LYS B 4 -14.63 -2.79 -9.45
C LYS B 4 -14.41 -2.96 -7.92
N GLN B 5 -13.96 -4.19 -7.56
CA GLN B 5 -13.41 -4.47 -6.22
C GLN B 5 -12.01 -3.81 -6.07
N LEU B 6 -11.41 -3.49 -7.24
CA LEU B 6 -10.13 -2.77 -7.35
C LEU B 6 -10.35 -1.34 -6.84
N LEU B 7 -9.56 -0.94 -5.84
CA LEU B 7 -9.86 0.24 -5.02
C LEU B 7 -8.61 0.83 -4.39
N HIS B 8 -8.81 1.81 -3.53
CA HIS B 8 -7.72 2.51 -2.85
C HIS B 8 -7.43 1.80 -1.52
N ILE B 9 -6.33 1.02 -1.48
CA ILE B 9 -5.92 0.26 -0.28
C ILE B 9 -5.51 1.24 0.85
N VAL B 10 -5.50 0.76 2.08
CA VAL B 10 -5.32 1.60 3.28
C VAL B 10 -4.01 1.25 4.03
N VAL B 11 -3.29 2.31 4.43
CA VAL B 11 -1.98 2.21 5.09
C VAL B 11 -1.74 3.44 5.99
N GLY B 12 -1.00 3.22 7.07
CA GLY B 12 -0.60 4.29 7.97
C GLY B 12 0.64 3.92 8.75
N GLY B 13 0.78 4.50 9.95
CA GLY B 13 1.97 4.34 10.79
C GLY B 13 2.43 5.69 11.27
N GLU B 14 3.57 5.76 12.00
CA GLU B 14 4.05 7.03 12.57
C GLU B 14 4.98 7.76 11.59
N LEU B 15 4.63 9.03 11.38
CA LEU B 15 5.32 9.97 10.51
C LEU B 15 6.44 10.68 11.29
N LYS B 16 7.37 11.34 10.58
CA LYS B 16 8.45 12.16 11.21
C LYS B 16 7.87 13.38 11.95
N ASP B 17 6.76 13.89 11.41
CA ASP B 17 6.13 15.15 11.83
C ASP B 17 4.63 14.91 12.09
N VAL B 18 3.96 15.88 12.75
CA VAL B 18 2.51 15.80 13.07
C VAL B 18 1.65 15.65 11.80
N ALA B 19 1.99 16.41 10.76
CA ALA B 19 1.26 16.42 9.48
C ALA B 19 2.18 16.07 8.31
N GLY B 20 3.51 16.18 8.55
CA GLY B 20 4.53 15.88 7.54
C GLY B 20 4.49 14.43 7.08
N VAL B 21 4.19 14.24 5.78
CA VAL B 21 3.84 12.92 5.21
C VAL B 21 5.12 12.17 4.77
N GLU B 22 5.94 11.81 5.76
CA GLU B 22 7.13 10.93 5.59
C GLU B 22 7.14 9.87 6.69
N PHE B 23 6.91 8.60 6.31
CA PHE B 23 6.84 7.46 7.24
C PHE B 23 8.18 7.27 7.97
N ARG B 24 8.24 7.77 9.23
CA ARG B 24 9.49 7.91 10.03
C ARG B 24 10.37 6.65 9.96
N ASP B 25 9.73 5.48 10.05
CA ASP B 25 10.38 4.17 9.95
C ASP B 25 9.41 3.23 9.26
N LEU B 26 9.87 2.60 8.17
CA LEU B 26 9.05 1.78 7.26
C LEU B 26 8.68 0.40 7.86
N SER B 27 9.24 0.06 9.03
CA SER B 27 8.85 -1.15 9.80
C SER B 27 7.86 -0.76 10.92
N LYS B 28 7.84 0.53 11.28
CA LYS B 28 6.88 1.10 12.25
C LYS B 28 5.61 1.62 11.56
N VAL B 29 5.43 1.29 10.27
CA VAL B 29 4.20 1.55 9.54
C VAL B 29 3.27 0.35 9.69
N GLU B 30 1.96 0.62 9.78
CA GLU B 30 0.93 -0.40 9.88
C GLU B 30 0.01 -0.32 8.65
N PHE B 31 0.16 -1.29 7.75
CA PHE B 31 -0.73 -1.48 6.61
C PHE B 31 -2.11 -1.93 7.16
N VAL B 32 -3.08 -1.00 7.13
CA VAL B 32 -4.45 -1.23 7.64
C VAL B 32 -5.11 -2.41 6.90
N GLY B 33 -4.73 -2.56 5.61
CA GLY B 33 -5.18 -3.66 4.77
C GLY B 33 -5.79 -3.15 3.48
N ALA B 34 -6.83 -3.83 3.02
CA ALA B 34 -7.58 -3.45 1.83
C ALA B 34 -9.00 -4.00 1.95
N TYR B 35 -9.96 -3.24 1.45
CA TYR B 35 -11.39 -3.58 1.55
C TYR B 35 -11.96 -3.85 0.14
N PRO B 36 -13.08 -4.62 -0.01
CA PRO B 36 -13.67 -4.92 -1.35
C PRO B 36 -14.35 -3.70 -2.03
N SER B 37 -14.32 -2.53 -1.37
CA SER B 37 -14.92 -1.29 -1.88
C SER B 37 -14.10 -0.09 -1.39
N TYR B 38 -14.00 0.94 -2.24
CA TYR B 38 -13.31 2.20 -1.93
C TYR B 38 -13.96 2.90 -0.75
N ASP B 39 -15.30 2.92 -0.72
CA ASP B 39 -16.10 3.57 0.32
C ASP B 39 -15.79 2.99 1.73
N GLU B 40 -15.55 1.67 1.77
CA GLU B 40 -15.15 0.96 3.02
C GLU B 40 -13.76 1.43 3.49
N ALA B 41 -12.82 1.53 2.53
CA ALA B 41 -11.44 1.92 2.81
C ALA B 41 -11.34 3.42 3.13
N HIS B 42 -12.29 4.19 2.59
CA HIS B 42 -12.39 5.64 2.80
C HIS B 42 -12.77 5.90 4.25
N LYS B 43 -13.69 5.09 4.80
CA LYS B 43 -14.08 5.20 6.21
C LYS B 43 -12.97 4.67 7.15
N ALA B 44 -12.26 3.64 6.70
CA ALA B 44 -11.18 2.98 7.46
C ALA B 44 -10.05 3.95 7.83
N TRP B 45 -9.80 4.95 6.94
CA TRP B 45 -8.82 6.05 7.18
C TRP B 45 -9.10 6.73 8.56
N LYS B 46 -10.36 7.20 8.74
CA LYS B 46 -10.79 7.93 9.95
C LYS B 46 -10.88 7.00 11.16
N ALA B 47 -11.44 5.80 10.92
CA ALA B 47 -11.61 4.77 11.95
C ALA B 47 -10.30 4.46 12.67
N LYS B 48 -9.23 4.36 11.87
CA LYS B 48 -7.88 4.08 12.34
C LYS B 48 -7.26 5.32 12.99
N ALA B 49 -7.38 6.48 12.33
CA ALA B 49 -6.80 7.75 12.80
C ALA B 49 -7.30 8.12 14.22
N GLN B 50 -8.60 7.91 14.44
CA GLN B 50 -9.27 8.16 15.74
C GLN B 50 -8.88 7.08 16.76
N ALA B 51 -8.65 5.85 16.28
CA ALA B 51 -8.30 4.71 17.14
C ALA B 51 -6.80 4.72 17.54
N THR B 52 -5.99 5.57 16.87
CA THR B 52 -4.53 5.63 17.11
C THR B 52 -4.09 7.05 17.54
N VAL B 53 -5.00 7.75 18.23
CA VAL B 53 -4.73 9.09 18.81
C VAL B 53 -3.77 9.00 20.01
N ASP B 54 -3.67 7.79 20.59
CA ASP B 54 -2.71 7.43 21.66
C ASP B 54 -1.25 7.66 21.22
N ASN B 55 -1.01 7.57 19.90
CA ASN B 55 0.31 7.79 19.29
C ASN B 55 0.58 9.28 19.03
N ALA B 56 1.85 9.59 18.75
CA ALA B 56 2.29 10.96 18.45
C ALA B 56 1.86 11.36 17.02
N HIS B 57 2.45 10.67 16.02
CA HIS B 57 2.34 11.08 14.59
C HIS B 57 1.73 9.97 13.73
N ALA B 58 0.99 9.04 14.34
CA ALA B 58 0.37 7.91 13.62
C ALA B 58 -0.83 8.37 12.79
N ARG B 59 -0.55 8.76 11.55
CA ARG B 59 -1.54 9.29 10.61
C ARG B 59 -1.83 8.24 9.55
N TYR B 60 -3.00 7.62 9.68
CA TYR B 60 -3.45 6.53 8.81
C TYR B 60 -4.23 7.09 7.62
N PHE B 61 -3.58 7.05 6.45
CA PHE B 61 -4.12 7.59 5.20
C PHE B 61 -4.60 6.43 4.28
N ILE B 62 -4.81 6.77 2.99
CA ILE B 62 -5.19 5.81 1.93
C ILE B 62 -4.19 5.97 0.74
N ILE B 63 -4.07 4.96 -0.14
CA ILE B 63 -3.33 5.09 -1.42
C ILE B 63 -4.16 4.40 -2.52
N HIS B 64 -4.17 5.01 -3.72
CA HIS B 64 -4.91 4.46 -4.88
C HIS B 64 -4.13 3.29 -5.51
N ALA B 65 -4.81 2.14 -5.62
CA ALA B 65 -4.28 0.93 -6.27
C ALA B 65 -5.15 0.59 -7.49
N HIS B 66 -4.74 1.09 -8.65
CA HIS B 66 -5.43 0.83 -9.94
C HIS B 66 -4.36 0.57 -11.01
N LYS B 67 -3.39 1.50 -11.09
CA LYS B 67 -2.20 1.35 -11.94
C LYS B 67 -1.00 1.19 -11.00
N LEU B 68 -0.64 -0.08 -10.79
CA LEU B 68 0.46 -0.50 -9.94
C LEU B 68 1.80 -0.20 -10.65
N LEU B 69 2.82 0.16 -9.87
CA LEU B 69 4.17 0.47 -10.38
C LEU B 69 4.98 -0.82 -10.54
N ASP B 70 4.55 -1.64 -11.49
CA ASP B 70 5.25 -2.87 -11.83
C ASP B 70 6.34 -2.54 -12.88
N PRO B 71 7.63 -2.89 -12.58
CA PRO B 71 8.78 -2.68 -13.52
C PRO B 71 8.64 -3.41 -14.87
N SER B 72 7.69 -4.36 -14.95
CA SER B 72 7.37 -5.09 -16.18
C SER B 72 6.86 -4.12 -17.27
N GLU B 73 5.90 -3.26 -16.90
CA GLU B 73 5.43 -2.17 -17.78
C GLU B 73 6.34 -0.94 -17.62
N GLY B 74 5.99 0.17 -18.31
CA GLY B 74 6.77 1.41 -18.25
C GLY B 74 6.57 2.27 -19.51
N MET A 1 26.33 12.58 3.19
CA MET A 1 25.65 11.32 2.86
C MET A 1 24.15 11.42 3.25
N PRO A 2 23.29 12.07 2.38
CA PRO A 2 21.83 12.20 2.63
C PRO A 2 21.07 10.90 2.30
N ASP A 3 20.35 10.35 3.29
CA ASP A 3 19.54 9.14 3.13
C ASP A 3 18.05 9.50 2.95
N LYS A 4 17.33 8.60 2.28
CA LYS A 4 15.91 8.79 1.90
C LYS A 4 15.03 7.71 2.57
N GLN A 5 13.92 8.15 3.17
CA GLN A 5 12.93 7.26 3.80
C GLN A 5 11.61 7.26 3.03
N LEU A 6 11.43 8.22 2.11
CA LEU A 6 10.18 8.35 1.34
C LEU A 6 10.39 7.82 -0.09
N LEU A 7 9.59 6.79 -0.45
CA LEU A 7 9.76 6.03 -1.69
C LEU A 7 8.50 5.20 -2.02
N HIS A 8 8.55 4.53 -3.17
CA HIS A 8 7.46 3.68 -3.68
C HIS A 8 7.39 2.36 -2.89
N ILE A 9 6.26 2.12 -2.21
CA ILE A 9 6.07 0.94 -1.34
C ILE A 9 5.80 -0.32 -2.18
N VAL A 10 5.97 -1.49 -1.56
CA VAL A 10 5.78 -2.79 -2.23
C VAL A 10 4.56 -3.53 -1.66
N VAL A 11 3.74 -4.05 -2.58
CA VAL A 11 2.55 -4.89 -2.26
C VAL A 11 2.60 -6.19 -3.08
N GLY A 12 1.81 -7.18 -2.67
CA GLY A 12 1.71 -8.45 -3.37
C GLY A 12 0.44 -9.17 -3.04
N GLY A 13 -0.49 -9.18 -3.99
CA GLY A 13 -1.83 -9.68 -3.74
C GLY A 13 -2.28 -10.68 -4.77
N GLU A 14 -3.14 -11.61 -4.35
CA GLU A 14 -3.70 -12.65 -5.21
C GLU A 14 -4.67 -12.00 -6.20
N LEU A 15 -4.24 -11.99 -7.45
CA LEU A 15 -5.02 -11.45 -8.56
C LEU A 15 -5.89 -12.57 -9.16
N LYS A 16 -6.89 -12.18 -9.96
CA LYS A 16 -7.74 -13.15 -10.69
C LYS A 16 -6.94 -13.68 -11.90
N ASP A 17 -6.26 -12.75 -12.59
CA ASP A 17 -5.38 -13.06 -13.74
C ASP A 17 -3.94 -12.68 -13.41
N VAL A 18 -2.97 -13.39 -14.00
CA VAL A 18 -1.53 -13.16 -13.77
C VAL A 18 -1.09 -11.74 -14.24
N ALA A 19 -1.60 -11.32 -15.40
CA ALA A 19 -1.30 -10.00 -15.98
C ALA A 19 -2.48 -9.02 -15.77
N GLY A 20 -3.35 -9.34 -14.79
CA GLY A 20 -4.53 -8.53 -14.49
C GLY A 20 -4.57 -8.11 -13.03
N VAL A 21 -4.61 -6.78 -12.78
CA VAL A 21 -4.56 -6.15 -11.43
C VAL A 21 -5.91 -6.31 -10.65
N GLU A 22 -6.77 -7.20 -11.13
CA GLU A 22 -8.02 -7.56 -10.46
C GLU A 22 -7.71 -8.30 -9.14
N PHE A 23 -7.62 -7.55 -8.02
CA PHE A 23 -7.42 -8.13 -6.68
C PHE A 23 -8.59 -9.10 -6.38
N ARG A 24 -8.29 -10.42 -6.45
CA ARG A 24 -9.25 -11.51 -6.21
C ARG A 24 -10.00 -11.30 -4.89
N ASP A 25 -9.26 -10.86 -3.87
CA ASP A 25 -9.80 -10.51 -2.55
C ASP A 25 -8.95 -9.39 -1.97
N LEU A 26 -9.62 -8.36 -1.47
CA LEU A 26 -9.02 -7.12 -0.97
C LEU A 26 -8.32 -7.28 0.40
N SER A 27 -8.53 -8.40 1.08
CA SER A 27 -7.81 -8.73 2.33
C SER A 27 -6.67 -9.74 2.04
N LYS A 28 -6.69 -10.37 0.84
CA LYS A 28 -5.64 -11.32 0.40
C LYS A 28 -4.54 -10.62 -0.42
N VAL A 29 -4.51 -9.28 -0.36
CA VAL A 29 -3.36 -8.49 -0.82
C VAL A 29 -2.39 -8.30 0.37
N GLU A 30 -1.31 -9.11 0.39
CA GLU A 30 -0.25 -9.01 1.40
C GLU A 30 0.62 -7.80 1.08
N PHE A 31 0.53 -6.78 1.95
CA PHE A 31 1.34 -5.59 1.86
C PHE A 31 2.75 -5.95 2.38
N VAL A 32 3.69 -6.09 1.44
CA VAL A 32 5.08 -6.51 1.71
C VAL A 32 5.77 -5.51 2.66
N GLY A 33 5.39 -4.24 2.50
CA GLY A 33 5.89 -3.15 3.35
C GLY A 33 6.43 -2.04 2.48
N ALA A 34 7.57 -1.51 2.89
CA ALA A 34 8.39 -0.60 2.07
C ALA A 34 9.86 -0.85 2.45
N TYR A 35 10.78 -0.27 1.68
CA TYR A 35 12.23 -0.44 1.91
C TYR A 35 12.90 0.92 2.14
N PRO A 36 14.05 1.00 2.89
CA PRO A 36 14.69 2.31 3.24
C PRO A 36 15.43 3.00 2.05
N SER A 37 15.19 2.50 0.83
CA SER A 37 15.67 3.08 -0.44
C SER A 37 14.71 2.65 -1.57
N TYR A 38 14.57 3.51 -2.61
CA TYR A 38 13.60 3.29 -3.71
C TYR A 38 13.97 2.04 -4.54
N ASP A 39 15.22 2.01 -5.05
CA ASP A 39 15.74 0.92 -5.90
C ASP A 39 15.73 -0.45 -5.17
N GLU A 40 15.72 -0.42 -3.81
CA GLU A 40 15.54 -1.63 -2.99
C GLU A 40 14.11 -2.16 -3.10
N ALA A 41 13.11 -1.26 -3.05
CA ALA A 41 11.70 -1.64 -3.16
C ALA A 41 11.41 -2.12 -4.60
N HIS A 42 12.03 -1.43 -5.55
CA HIS A 42 11.93 -1.71 -6.99
C HIS A 42 12.52 -3.10 -7.32
N LYS A 43 13.59 -3.48 -6.61
CA LYS A 43 14.30 -4.76 -6.81
C LYS A 43 13.56 -5.90 -6.10
N ALA A 44 13.01 -5.57 -4.91
CA ALA A 44 12.31 -6.51 -4.02
C ALA A 44 11.04 -7.06 -4.68
N TRP A 45 10.50 -6.29 -5.65
CA TRP A 45 9.37 -6.71 -6.51
C TRP A 45 9.60 -8.16 -7.03
N LYS A 46 10.77 -8.38 -7.65
CA LYS A 46 11.12 -9.66 -8.30
C LYS A 46 11.59 -10.70 -7.28
N ALA A 47 12.29 -10.23 -6.24
CA ALA A 47 12.78 -11.10 -5.15
C ALA A 47 11.61 -11.78 -4.42
N LYS A 48 10.50 -11.04 -4.30
CA LYS A 48 9.26 -11.50 -3.67
C LYS A 48 8.41 -12.31 -4.66
N ALA A 49 8.24 -11.79 -5.89
CA ALA A 49 7.42 -12.41 -6.94
C ALA A 49 7.87 -13.85 -7.26
N GLN A 50 9.20 -14.03 -7.40
CA GLN A 50 9.82 -15.35 -7.65
C GLN A 50 9.74 -16.26 -6.42
N ALA A 51 9.88 -15.65 -5.22
CA ALA A 51 9.88 -16.38 -3.94
C ALA A 51 8.51 -16.99 -3.64
N THR A 52 7.45 -16.30 -4.06
CA THR A 52 6.07 -16.71 -3.79
C THR A 52 5.56 -17.67 -4.89
N VAL A 53 6.15 -18.88 -4.91
CA VAL A 53 5.83 -19.94 -5.87
C VAL A 53 4.49 -20.60 -5.51
N ASP A 54 4.36 -20.89 -4.21
CA ASP A 54 3.15 -21.48 -3.60
C ASP A 54 1.97 -20.51 -3.68
N ASN A 55 2.22 -19.24 -3.33
CA ASN A 55 1.21 -18.18 -3.36
C ASN A 55 0.89 -17.81 -4.84
N ALA A 56 -0.21 -18.40 -5.33
CA ALA A 56 -0.61 -18.38 -6.75
C ALA A 56 -1.25 -17.05 -7.18
N HIS A 57 -0.94 -16.63 -8.42
CA HIS A 57 -1.50 -15.41 -9.09
C HIS A 57 -1.14 -14.11 -8.35
N ALA A 58 -0.30 -14.21 -7.32
CA ALA A 58 0.06 -13.10 -6.45
C ALA A 58 1.29 -12.40 -7.04
N ARG A 59 1.03 -11.32 -7.77
CA ARG A 59 2.06 -10.53 -8.43
C ARG A 59 2.54 -9.43 -7.49
N TYR A 60 3.69 -9.70 -6.85
CA TYR A 60 4.37 -8.78 -5.94
C TYR A 60 5.02 -7.63 -6.73
N PHE A 61 4.16 -6.64 -7.05
CA PHE A 61 4.53 -5.42 -7.77
C PHE A 61 4.65 -4.25 -6.76
N ILE A 62 4.57 -3.01 -7.27
CA ILE A 62 4.91 -1.80 -6.49
C ILE A 62 3.75 -0.78 -6.58
N ILE A 63 3.52 -0.01 -5.53
CA ILE A 63 2.50 1.09 -5.52
C ILE A 63 3.18 2.45 -5.31
N HIS A 64 2.56 3.48 -5.90
CA HIS A 64 3.04 4.87 -5.83
C HIS A 64 2.79 5.42 -4.41
N ALA A 65 3.86 5.77 -3.70
CA ALA A 65 3.77 6.30 -2.33
C ALA A 65 4.57 7.60 -2.21
N HIS A 66 3.83 8.72 -2.18
CA HIS A 66 4.39 10.06 -2.01
C HIS A 66 3.21 11.00 -1.68
N LYS A 67 2.18 10.93 -2.53
CA LYS A 67 0.90 11.64 -2.32
C LYS A 67 -0.15 10.66 -1.78
N LEU A 68 -0.62 10.91 -0.56
CA LEU A 68 -1.70 10.13 0.08
C LEU A 68 -2.99 10.94 0.02
N LEU A 69 -4.09 10.25 -0.30
CA LEU A 69 -5.42 10.86 -0.46
C LEU A 69 -6.05 11.09 0.91
N ASP A 70 -5.71 12.24 1.51
CA ASP A 70 -6.36 12.69 2.74
C ASP A 70 -7.67 13.42 2.38
N PRO A 71 -8.84 12.90 2.84
CA PRO A 71 -10.18 13.48 2.54
C PRO A 71 -10.37 14.97 2.88
N SER A 72 -9.67 15.44 3.93
CA SER A 72 -9.77 16.85 4.37
C SER A 72 -8.85 17.76 3.51
N GLU A 73 -7.83 17.15 2.89
CA GLU A 73 -6.93 17.83 1.94
C GLU A 73 -7.47 17.73 0.49
N GLY A 74 -8.32 16.70 0.24
CA GLY A 74 -8.89 16.44 -1.09
C GLY A 74 -9.19 14.96 -1.31
N MET B 1 -22.93 -7.31 -13.26
CA MET B 1 -23.11 -6.36 -12.17
C MET B 1 -22.39 -5.03 -12.48
N PRO B 2 -23.01 -3.84 -12.13
CA PRO B 2 -22.37 -2.51 -12.31
C PRO B 2 -21.44 -2.13 -11.14
N ASP B 3 -21.00 -3.14 -10.39
CA ASP B 3 -20.11 -2.98 -9.22
C ASP B 3 -18.65 -3.31 -9.66
N LYS B 4 -17.71 -3.18 -8.72
CA LYS B 4 -16.27 -3.37 -8.97
C LYS B 4 -15.63 -4.13 -7.79
N GLN B 5 -14.40 -4.61 -7.97
CA GLN B 5 -13.62 -5.26 -6.91
C GLN B 5 -12.28 -4.55 -6.67
N LEU B 6 -11.87 -3.69 -7.61
CA LEU B 6 -10.60 -2.95 -7.52
C LEU B 6 -10.90 -1.47 -7.26
N LEU B 7 -10.24 -0.88 -6.23
CA LEU B 7 -10.55 0.47 -5.72
C LEU B 7 -9.29 1.08 -5.06
N HIS B 8 -9.51 2.23 -4.38
CA HIS B 8 -8.50 2.89 -3.56
C HIS B 8 -8.35 2.16 -2.23
N ILE B 9 -7.21 1.47 -2.06
CA ILE B 9 -6.88 0.76 -0.81
C ILE B 9 -6.34 1.76 0.23
N VAL B 10 -6.24 1.32 1.48
CA VAL B 10 -5.96 2.21 2.64
C VAL B 10 -4.64 1.82 3.34
N VAL B 11 -3.77 2.83 3.49
CA VAL B 11 -2.41 2.70 4.06
C VAL B 11 -2.17 3.81 5.11
N GLY B 12 -1.25 3.57 6.06
CA GLY B 12 -0.79 4.60 7.00
C GLY B 12 0.33 4.08 7.86
N GLY B 13 0.53 4.67 9.05
CA GLY B 13 1.50 4.11 10.00
C GLY B 13 2.27 5.17 10.78
N GLU B 14 3.35 4.71 11.43
CA GLU B 14 4.13 5.51 12.38
C GLU B 14 5.03 6.48 11.62
N LEU B 15 4.70 7.77 11.76
CA LEU B 15 5.39 8.88 11.08
C LEU B 15 6.41 9.52 12.03
N LYS B 16 7.20 10.44 11.50
CA LYS B 16 8.17 11.21 12.29
C LYS B 16 7.45 12.32 13.07
N ASP B 17 6.33 12.81 12.49
CA ASP B 17 5.58 13.95 13.02
C ASP B 17 4.07 13.72 12.81
N VAL B 18 3.25 14.51 13.50
CA VAL B 18 1.78 14.44 13.44
C VAL B 18 1.23 14.95 12.09
N ALA B 19 1.77 16.08 11.61
CA ALA B 19 1.37 16.70 10.34
C ALA B 19 2.29 16.23 9.20
N GLY B 20 3.54 15.89 9.57
CA GLY B 20 4.56 15.49 8.60
C GLY B 20 4.39 14.04 8.15
N VAL B 21 4.11 13.84 6.84
CA VAL B 21 3.78 12.51 6.25
C VAL B 21 5.07 11.73 5.84
N GLU B 22 6.13 11.93 6.62
CA GLU B 22 7.41 11.20 6.47
C GLU B 22 7.37 9.96 7.36
N PHE B 23 7.36 8.76 6.74
CA PHE B 23 7.35 7.48 7.45
C PHE B 23 8.60 7.36 8.36
N ARG B 24 8.36 7.17 9.68
CA ARG B 24 9.43 7.03 10.70
C ARG B 24 10.28 5.79 10.44
N ASP B 25 9.62 4.76 9.90
CA ASP B 25 10.29 3.51 9.51
C ASP B 25 9.38 2.75 8.54
N LEU B 26 10.00 2.19 7.50
CA LEU B 26 9.32 1.56 6.35
C LEU B 26 8.85 0.12 6.66
N SER B 27 9.03 -0.33 7.90
CA SER B 27 8.42 -1.57 8.41
C SER B 27 7.30 -1.22 9.42
N LYS B 28 7.39 0.01 10.00
CA LYS B 28 6.39 0.54 10.97
C LYS B 28 5.22 1.24 10.25
N VAL B 29 5.23 1.20 8.91
CA VAL B 29 4.09 1.64 8.07
C VAL B 29 2.97 0.57 8.15
N GLU B 30 1.96 0.81 9.02
CA GLU B 30 0.80 -0.10 9.21
C GLU B 30 -0.23 0.18 8.11
N PHE B 31 -0.31 -0.73 7.16
CA PHE B 31 -1.32 -0.72 6.10
C PHE B 31 -2.64 -1.18 6.72
N VAL B 32 -3.66 -0.32 6.60
CA VAL B 32 -5.00 -0.57 7.16
C VAL B 32 -5.60 -1.85 6.54
N GLY B 33 -5.49 -1.92 5.20
CA GLY B 33 -5.94 -3.05 4.41
C GLY B 33 -6.55 -2.58 3.11
N ALA B 34 -7.67 -3.20 2.74
CA ALA B 34 -8.49 -2.79 1.59
C ALA B 34 -9.89 -3.37 1.74
N TYR B 35 -10.86 -2.76 1.05
CA TYR B 35 -12.30 -3.08 1.20
C TYR B 35 -12.91 -3.31 -0.18
N PRO B 36 -14.08 -4.02 -0.31
CA PRO B 36 -14.75 -4.20 -1.63
C PRO B 36 -15.45 -2.92 -2.18
N SER B 37 -15.17 -1.74 -1.57
CA SER B 37 -15.69 -0.43 -2.01
C SER B 37 -14.80 0.74 -1.54
N TYR B 38 -14.82 1.84 -2.33
CA TYR B 38 -14.04 3.06 -2.05
C TYR B 38 -14.52 3.74 -0.76
N ASP B 39 -15.86 3.82 -0.58
CA ASP B 39 -16.49 4.49 0.58
C ASP B 39 -16.15 3.76 1.89
N GLU B 40 -16.04 2.43 1.80
CA GLU B 40 -15.62 1.57 2.92
C GLU B 40 -14.17 1.85 3.32
N ALA B 41 -13.30 2.04 2.32
CA ALA B 41 -11.91 2.40 2.52
C ALA B 41 -11.81 3.85 3.05
N HIS B 42 -12.68 4.72 2.52
CA HIS B 42 -12.73 6.15 2.80
C HIS B 42 -13.17 6.40 4.25
N LYS B 43 -13.96 5.47 4.79
CA LYS B 43 -14.43 5.51 6.17
C LYS B 43 -13.34 4.97 7.13
N ALA B 44 -12.61 3.93 6.64
CA ALA B 44 -11.53 3.26 7.40
C ALA B 44 -10.40 4.22 7.79
N TRP B 45 -10.16 5.24 6.92
CA TRP B 45 -9.18 6.32 7.14
C TRP B 45 -9.35 6.95 8.55
N LYS B 46 -10.58 7.43 8.84
CA LYS B 46 -10.90 8.12 10.12
C LYS B 46 -11.19 7.12 11.24
N ALA B 47 -11.66 5.92 10.86
CA ALA B 47 -11.90 4.80 11.81
C ALA B 47 -10.57 4.37 12.47
N LYS B 48 -9.47 4.58 11.73
CA LYS B 48 -8.10 4.32 12.20
C LYS B 48 -7.53 5.55 12.93
N ALA B 49 -7.69 6.74 12.32
CA ALA B 49 -7.14 8.01 12.83
C ALA B 49 -7.64 8.33 14.27
N GLN B 50 -8.86 7.87 14.58
CA GLN B 50 -9.49 8.05 15.91
C GLN B 50 -9.17 6.86 16.84
N ALA B 51 -8.80 5.70 16.27
CA ALA B 51 -8.55 4.46 17.05
C ALA B 51 -7.10 4.35 17.53
N THR B 52 -6.16 4.93 16.74
CA THR B 52 -4.72 4.76 16.97
C THR B 52 -4.11 6.01 17.62
N VAL B 53 -4.89 6.64 18.52
CA VAL B 53 -4.46 7.81 19.32
C VAL B 53 -3.33 7.41 20.29
N ASP B 54 -3.38 6.15 20.77
CA ASP B 54 -2.36 5.54 21.64
C ASP B 54 -1.03 5.30 20.89
N ASN B 55 -1.14 4.99 19.58
CA ASN B 55 0.00 4.56 18.74
C ASN B 55 0.88 5.78 18.36
N ALA B 56 2.20 5.56 18.27
CA ALA B 56 3.21 6.63 18.12
C ALA B 56 3.22 7.25 16.69
N HIS B 57 2.56 8.44 16.56
CA HIS B 57 2.53 9.26 15.32
C HIS B 57 1.84 8.54 14.15
N ALA B 58 0.97 7.59 14.47
CA ALA B 58 0.29 6.76 13.48
C ALA B 58 -0.86 7.52 12.81
N ARG B 59 -0.56 8.07 11.63
CA ARG B 59 -1.52 8.78 10.77
C ARG B 59 -1.87 7.86 9.59
N TYR B 60 -3.17 7.65 9.39
CA TYR B 60 -3.69 6.74 8.36
C TYR B 60 -4.44 7.53 7.30
N PHE B 61 -4.03 7.31 6.06
CA PHE B 61 -4.56 7.99 4.87
C PHE B 61 -5.11 6.93 3.89
N ILE B 62 -5.16 7.29 2.59
CA ILE B 62 -5.67 6.42 1.51
C ILE B 62 -4.68 6.52 0.33
N ILE B 63 -4.71 5.57 -0.60
CA ILE B 63 -3.72 5.50 -1.68
C ILE B 63 -4.35 4.91 -2.97
N HIS B 64 -3.60 4.94 -4.07
CA HIS B 64 -4.03 4.43 -5.38
C HIS B 64 -3.61 2.95 -5.55
N ALA B 65 -4.55 2.12 -6.01
CA ALA B 65 -4.29 0.70 -6.31
C ALA B 65 -5.07 0.30 -7.57
N HIS B 66 -4.39 0.41 -8.71
CA HIS B 66 -4.92 0.03 -10.02
C HIS B 66 -3.75 -0.10 -10.97
N LYS B 67 -2.88 0.92 -10.97
CA LYS B 67 -1.68 0.95 -11.78
C LYS B 67 -0.48 0.54 -10.92
N LEU B 68 -0.15 -0.76 -10.96
CA LEU B 68 1.01 -1.32 -10.26
C LEU B 68 2.26 -1.06 -11.12
N LEU B 69 3.32 -0.59 -10.45
CA LEU B 69 4.60 -0.32 -11.10
C LEU B 69 5.33 -1.64 -11.36
N ASP B 70 4.95 -2.29 -12.47
CA ASP B 70 5.57 -3.54 -12.90
C ASP B 70 6.73 -3.20 -13.88
N PRO B 71 7.99 -3.52 -13.49
CA PRO B 71 9.18 -3.39 -14.39
C PRO B 71 9.19 -4.35 -15.60
N SER B 72 8.13 -5.17 -15.75
CA SER B 72 7.91 -6.00 -16.94
C SER B 72 7.54 -5.11 -18.16
N GLU B 73 6.60 -4.17 -17.95
CA GLU B 73 6.19 -3.20 -18.99
C GLU B 73 6.85 -1.84 -18.76
N GLY B 74 6.90 -1.44 -17.48
CA GLY B 74 7.51 -0.17 -17.06
C GLY B 74 9.05 -0.18 -17.12
N MET A 1 25.51 11.79 0.56
CA MET A 1 24.20 11.28 0.12
C MET A 1 23.12 11.65 1.15
N PRO A 2 21.91 12.11 0.71
CA PRO A 2 20.76 12.30 1.61
C PRO A 2 20.01 10.97 1.86
N ASP A 3 19.95 10.56 3.14
CA ASP A 3 19.16 9.38 3.56
C ASP A 3 17.67 9.69 3.45
N LYS A 4 17.09 9.40 2.28
CA LYS A 4 15.66 9.58 2.03
C LYS A 4 14.98 8.21 2.23
N GLN A 5 14.60 7.94 3.49
CA GLN A 5 13.96 6.69 3.93
C GLN A 5 12.54 6.54 3.34
N LEU A 6 11.93 7.69 3.00
CA LEU A 6 10.60 7.75 2.39
C LEU A 6 10.73 7.29 0.94
N LEU A 7 9.91 6.30 0.57
CA LEU A 7 10.12 5.52 -0.64
C LEU A 7 8.79 4.93 -1.15
N HIS A 8 8.91 4.18 -2.23
CA HIS A 8 7.79 3.47 -2.86
C HIS A 8 7.59 2.11 -2.17
N ILE A 9 6.61 2.02 -1.25
CA ILE A 9 6.32 0.77 -0.51
C ILE A 9 5.82 -0.34 -1.46
N VAL A 10 5.84 -1.59 -0.98
CA VAL A 10 5.59 -2.77 -1.82
C VAL A 10 4.32 -3.52 -1.38
N VAL A 11 3.54 -3.93 -2.40
CA VAL A 11 2.24 -4.61 -2.23
C VAL A 11 1.99 -5.54 -3.41
N GLY A 12 1.22 -6.60 -3.17
CA GLY A 12 0.80 -7.52 -4.20
C GLY A 12 -0.27 -8.47 -3.68
N GLY A 13 -0.10 -9.77 -3.96
CA GLY A 13 -1.08 -10.80 -3.60
C GLY A 13 -1.73 -11.35 -4.83
N GLU A 14 -2.75 -12.22 -4.66
CA GLU A 14 -3.36 -12.92 -5.79
C GLU A 14 -4.44 -12.06 -6.44
N LEU A 15 -4.35 -12.02 -7.78
CA LEU A 15 -5.26 -11.29 -8.66
C LEU A 15 -6.24 -12.27 -9.31
N LYS A 16 -7.22 -11.75 -10.03
CA LYS A 16 -8.12 -12.57 -10.86
C LYS A 16 -7.40 -13.02 -12.13
N ASP A 17 -6.50 -12.14 -12.62
CA ASP A 17 -5.67 -12.40 -13.79
C ASP A 17 -4.25 -11.93 -13.49
N VAL A 18 -3.25 -12.72 -13.91
CA VAL A 18 -1.82 -12.34 -13.80
C VAL A 18 -1.50 -11.08 -14.66
N ALA A 19 -2.27 -10.91 -15.73
CA ALA A 19 -2.19 -9.74 -16.63
C ALA A 19 -3.24 -8.65 -16.30
N GLY A 20 -3.95 -8.80 -15.16
CA GLY A 20 -5.02 -7.86 -14.76
C GLY A 20 -4.96 -7.52 -13.27
N VAL A 21 -4.86 -6.21 -12.94
CA VAL A 21 -4.54 -5.72 -11.56
C VAL A 21 -5.80 -5.75 -10.62
N GLU A 22 -6.83 -6.49 -11.04
CA GLU A 22 -8.06 -6.69 -10.24
C GLU A 22 -7.76 -7.79 -9.22
N PHE A 23 -7.76 -7.43 -7.93
CA PHE A 23 -7.44 -8.35 -6.84
C PHE A 23 -8.50 -9.48 -6.74
N ARG A 24 -8.04 -10.73 -6.67
CA ARG A 24 -8.93 -11.92 -6.51
C ARG A 24 -9.81 -11.76 -5.27
N ASP A 25 -9.17 -11.31 -4.20
CA ASP A 25 -9.78 -11.07 -2.90
C ASP A 25 -8.85 -10.13 -2.11
N LEU A 26 -9.46 -9.16 -1.44
CA LEU A 26 -8.77 -8.13 -0.65
C LEU A 26 -8.30 -8.66 0.71
N SER A 27 -8.67 -9.91 1.02
CA SER A 27 -8.12 -10.66 2.16
C SER A 27 -6.91 -11.52 1.72
N LYS A 28 -6.73 -11.68 0.39
CA LYS A 28 -5.63 -12.46 -0.22
C LYS A 28 -4.56 -11.54 -0.83
N VAL A 29 -4.66 -10.22 -0.56
CA VAL A 29 -3.63 -9.26 -0.97
C VAL A 29 -2.54 -9.24 0.10
N GLU A 30 -1.28 -9.40 -0.33
CA GLU A 30 -0.13 -9.43 0.56
C GLU A 30 0.62 -8.11 0.45
N PHE A 31 0.57 -7.33 1.52
CA PHE A 31 1.42 -6.15 1.68
C PHE A 31 2.83 -6.63 2.03
N VAL A 32 3.69 -6.68 1.00
CA VAL A 32 5.08 -7.19 1.11
C VAL A 32 5.85 -6.42 2.21
N GLY A 33 5.53 -5.13 2.34
CA GLY A 33 6.02 -4.29 3.43
C GLY A 33 6.52 -2.95 2.93
N ALA A 34 7.63 -2.50 3.50
CA ALA A 34 8.37 -1.30 3.06
C ALA A 34 9.85 -1.51 3.41
N TYR A 35 10.73 -0.74 2.77
CA TYR A 35 12.18 -0.90 2.90
C TYR A 35 12.81 0.49 3.17
N PRO A 36 14.08 0.57 3.72
CA PRO A 36 14.73 1.88 4.04
C PRO A 36 15.10 2.72 2.80
N SER A 37 14.90 2.17 1.58
CA SER A 37 15.27 2.86 0.33
C SER A 37 14.44 2.32 -0.83
N TYR A 38 14.35 3.15 -1.90
CA TYR A 38 13.55 2.87 -3.09
C TYR A 38 13.99 1.59 -3.82
N ASP A 39 15.30 1.49 -4.13
CA ASP A 39 15.87 0.37 -4.92
C ASP A 39 15.67 -0.99 -4.20
N GLU A 40 15.60 -0.95 -2.86
CA GLU A 40 15.36 -2.14 -2.03
C GLU A 40 13.93 -2.68 -2.24
N ALA A 41 12.95 -1.76 -2.32
CA ALA A 41 11.55 -2.09 -2.55
C ALA A 41 11.30 -2.44 -4.03
N HIS A 42 12.02 -1.72 -4.90
CA HIS A 42 11.96 -1.91 -6.36
C HIS A 42 12.54 -3.29 -6.72
N LYS A 43 13.49 -3.76 -5.89
CA LYS A 43 14.09 -5.09 -6.04
C LYS A 43 13.13 -6.16 -5.48
N ALA A 44 12.45 -5.80 -4.37
CA ALA A 44 11.50 -6.68 -3.65
C ALA A 44 10.33 -7.14 -4.54
N TRP A 45 9.95 -6.27 -5.50
CA TRP A 45 8.93 -6.56 -6.53
C TRP A 45 9.23 -7.92 -7.25
N LYS A 46 10.46 -8.04 -7.79
CA LYS A 46 10.89 -9.22 -8.59
C LYS A 46 11.43 -10.34 -7.69
N ALA A 47 11.95 -9.95 -6.51
CA ALA A 47 12.40 -10.91 -5.49
C ALA A 47 11.21 -11.76 -4.97
N LYS A 48 10.02 -11.12 -4.93
CA LYS A 48 8.76 -11.77 -4.55
C LYS A 48 8.16 -12.56 -5.71
N ALA A 49 8.12 -11.91 -6.90
CA ALA A 49 7.55 -12.49 -8.13
C ALA A 49 8.18 -13.85 -8.48
N GLN A 50 9.52 -13.92 -8.30
CA GLN A 50 10.31 -15.13 -8.53
C GLN A 50 10.15 -16.14 -7.37
N ALA A 51 10.06 -15.61 -6.13
CA ALA A 51 9.96 -16.45 -4.90
C ALA A 51 8.67 -17.29 -4.90
N THR A 52 7.58 -16.66 -5.36
CA THR A 52 6.23 -17.22 -5.30
C THR A 52 5.90 -18.03 -6.58
N VAL A 53 6.45 -19.26 -6.64
CA VAL A 53 6.27 -20.18 -7.80
C VAL A 53 4.89 -20.86 -7.74
N ASP A 54 4.56 -21.42 -6.56
CA ASP A 54 3.28 -22.11 -6.31
C ASP A 54 2.10 -21.12 -6.35
N ASN A 55 2.36 -19.90 -5.89
CA ASN A 55 1.36 -18.81 -5.81
C ASN A 55 0.95 -18.41 -7.26
N ALA A 56 -0.25 -18.86 -7.66
CA ALA A 56 -0.70 -18.89 -9.07
C ALA A 56 -0.97 -17.50 -9.65
N HIS A 57 -1.87 -16.76 -8.99
CA HIS A 57 -2.40 -15.48 -9.47
C HIS A 57 -1.64 -14.28 -8.89
N ALA A 58 -0.67 -14.58 -8.04
CA ALA A 58 0.09 -13.59 -7.28
C ALA A 58 0.95 -12.74 -8.20
N ARG A 59 0.71 -11.42 -8.18
CA ARG A 59 1.40 -10.47 -9.06
C ARG A 59 1.78 -9.24 -8.24
N TYR A 60 2.96 -9.32 -7.64
CA TYR A 60 3.49 -8.30 -6.74
C TYR A 60 4.04 -7.12 -7.55
N PHE A 61 3.55 -5.92 -7.24
CA PHE A 61 4.02 -4.65 -7.83
C PHE A 61 4.42 -3.69 -6.70
N ILE A 62 4.39 -2.37 -6.98
CA ILE A 62 4.88 -1.34 -6.05
C ILE A 62 3.82 -0.22 -5.98
N ILE A 63 3.90 0.62 -4.95
CA ILE A 63 3.04 1.79 -4.76
C ILE A 63 3.88 2.97 -4.25
N HIS A 64 3.67 4.16 -4.86
CA HIS A 64 4.28 5.41 -4.39
C HIS A 64 3.59 5.87 -3.10
N ALA A 65 4.29 5.71 -1.99
CA ALA A 65 3.84 6.17 -0.66
C ALA A 65 4.29 7.61 -0.36
N HIS A 66 4.87 8.27 -1.39
CA HIS A 66 5.25 9.69 -1.32
C HIS A 66 3.99 10.56 -1.49
N LYS A 67 3.14 10.18 -2.47
CA LYS A 67 1.86 10.84 -2.71
C LYS A 67 0.71 9.90 -2.33
N LEU A 68 -0.02 10.28 -1.28
CA LEU A 68 -1.16 9.57 -0.75
C LEU A 68 -2.47 10.18 -1.29
N LEU A 69 -3.59 9.68 -0.77
CA LEU A 69 -4.93 10.21 -1.00
C LEU A 69 -5.52 10.56 0.36
N ASP A 70 -5.18 11.76 0.84
CA ASP A 70 -5.73 12.30 2.10
C ASP A 70 -7.07 13.00 1.78
N PRO A 71 -8.20 12.45 2.29
CA PRO A 71 -9.57 12.97 2.00
C PRO A 71 -9.84 14.39 2.59
N SER A 72 -9.12 14.75 3.66
CA SER A 72 -9.28 16.06 4.33
C SER A 72 -8.71 17.17 3.41
N GLU A 73 -7.60 16.85 2.71
CA GLU A 73 -7.02 17.73 1.67
C GLU A 73 -7.91 17.70 0.41
N GLY A 74 -8.40 16.49 0.07
CA GLY A 74 -9.23 16.26 -1.11
C GLY A 74 -8.42 16.12 -2.38
N MET B 1 -25.90 -2.26 -10.89
CA MET B 1 -24.77 -1.36 -11.12
C MET B 1 -23.45 -2.18 -11.19
N PRO B 2 -22.49 -1.81 -12.10
CA PRO B 2 -21.19 -2.52 -12.22
C PRO B 2 -20.34 -2.41 -10.94
N ASP B 3 -20.30 -3.49 -10.14
CA ASP B 3 -19.54 -3.54 -8.89
C ASP B 3 -18.21 -4.26 -9.11
N LYS B 4 -17.10 -3.58 -8.81
CA LYS B 4 -15.74 -4.11 -8.89
C LYS B 4 -15.08 -4.01 -7.51
N GLN B 5 -14.47 -5.11 -7.06
CA GLN B 5 -13.71 -5.20 -5.80
C GLN B 5 -12.46 -4.27 -5.81
N LEU B 6 -12.00 -3.92 -7.02
CA LEU B 6 -10.84 -3.07 -7.25
C LEU B 6 -11.15 -1.63 -6.79
N LEU B 7 -10.24 -1.04 -6.01
CA LEU B 7 -10.52 0.20 -5.26
C LEU B 7 -9.22 0.86 -4.74
N HIS B 8 -9.38 1.82 -3.82
CA HIS B 8 -8.27 2.52 -3.15
C HIS B 8 -7.96 1.81 -1.82
N ILE B 9 -6.89 0.98 -1.80
CA ILE B 9 -6.48 0.25 -0.58
C ILE B 9 -5.94 1.23 0.48
N VAL B 10 -5.87 0.77 1.73
CA VAL B 10 -5.59 1.63 2.90
C VAL B 10 -4.28 1.24 3.59
N VAL B 11 -3.49 2.27 3.93
CA VAL B 11 -2.18 2.13 4.60
C VAL B 11 -1.92 3.37 5.48
N GLY B 12 -1.31 3.13 6.64
CA GLY B 12 -0.91 4.19 7.56
C GLY B 12 0.40 3.84 8.24
N GLY B 13 0.75 4.59 9.29
CA GLY B 13 1.97 4.34 10.06
C GLY B 13 2.60 5.61 10.55
N GLU B 14 3.65 5.47 11.38
CA GLU B 14 4.30 6.61 12.03
C GLU B 14 5.06 7.48 11.04
N LEU B 15 5.04 8.78 11.33
CA LEU B 15 5.68 9.86 10.58
C LEU B 15 6.62 10.63 11.52
N LYS B 16 7.72 11.16 10.98
CA LYS B 16 8.70 11.97 11.77
C LYS B 16 8.04 13.27 12.26
N ASP B 17 7.36 13.94 11.33
CA ASP B 17 6.67 15.23 11.57
C ASP B 17 5.17 15.03 11.27
N VAL B 18 4.31 15.91 11.82
CA VAL B 18 2.85 15.83 11.62
C VAL B 18 2.46 16.19 10.15
N ALA B 19 2.99 17.33 9.65
CA ALA B 19 2.77 17.79 8.27
C ALA B 19 3.78 17.12 7.31
N GLY B 20 4.91 16.68 7.88
CA GLY B 20 5.95 16.00 7.12
C GLY B 20 5.68 14.52 7.01
N VAL B 21 5.12 14.11 5.85
CA VAL B 21 4.71 12.72 5.59
C VAL B 21 5.91 11.89 5.08
N GLU B 22 6.91 11.77 5.97
CA GLU B 22 8.06 10.86 5.80
C GLU B 22 7.96 9.82 6.91
N PHE B 23 7.78 8.55 6.52
CA PHE B 23 7.59 7.44 7.47
C PHE B 23 8.76 7.36 8.46
N ARG B 24 8.44 7.58 9.74
CA ARG B 24 9.39 7.56 10.87
C ARG B 24 10.26 6.30 10.85
N ASP B 25 9.59 5.16 10.65
CA ASP B 25 10.24 3.85 10.49
C ASP B 25 9.35 2.98 9.61
N LEU B 26 9.98 2.36 8.59
CA LEU B 26 9.29 1.59 7.54
C LEU B 26 8.76 0.22 8.04
N SER B 27 9.05 -0.15 9.30
CA SER B 27 8.45 -1.33 9.96
C SER B 27 7.32 -0.89 10.92
N LYS B 28 7.39 0.38 11.39
CA LYS B 28 6.33 1.00 12.23
C LYS B 28 5.16 1.55 11.36
N VAL B 29 5.13 1.17 10.07
CA VAL B 29 3.99 1.46 9.18
C VAL B 29 2.93 0.35 9.36
N GLU B 30 1.70 0.76 9.71
CA GLU B 30 0.58 -0.17 9.91
C GLU B 30 -0.30 -0.16 8.66
N PHE B 31 -0.19 -1.22 7.85
CA PHE B 31 -1.04 -1.43 6.68
C PHE B 31 -2.46 -1.73 7.15
N VAL B 32 -3.34 -0.71 7.04
CA VAL B 32 -4.75 -0.81 7.46
C VAL B 32 -5.48 -1.93 6.68
N GLY B 33 -4.95 -2.25 5.49
CA GLY B 33 -5.33 -3.42 4.71
C GLY B 33 -5.99 -3.03 3.42
N ALA B 34 -7.09 -3.70 3.09
CA ALA B 34 -7.87 -3.45 1.88
C ALA B 34 -9.30 -3.93 2.08
N TYR B 35 -10.22 -3.33 1.34
CA TYR B 35 -11.66 -3.57 1.49
C TYR B 35 -12.28 -3.85 0.11
N PRO B 36 -13.44 -4.57 0.01
CA PRO B 36 -14.03 -4.98 -1.30
C PRO B 36 -14.72 -3.81 -2.06
N SER B 37 -14.72 -2.61 -1.46
CA SER B 37 -15.40 -1.44 -2.02
C SER B 37 -14.74 -0.16 -1.51
N TYR B 38 -14.86 0.92 -2.30
CA TYR B 38 -14.14 2.18 -2.07
C TYR B 38 -14.49 2.80 -0.71
N ASP B 39 -15.80 2.97 -0.41
CA ASP B 39 -16.27 3.70 0.78
C ASP B 39 -15.85 2.98 2.09
N GLU B 40 -15.73 1.64 2.03
CA GLU B 40 -15.27 0.83 3.18
C GLU B 40 -13.83 1.19 3.58
N ALA B 41 -12.99 1.44 2.56
CA ALA B 41 -11.59 1.83 2.75
C ALA B 41 -11.48 3.33 3.06
N HIS B 42 -12.33 4.11 2.37
CA HIS B 42 -12.38 5.57 2.50
C HIS B 42 -12.84 5.96 3.90
N LYS B 43 -13.62 5.09 4.55
CA LYS B 43 -14.09 5.30 5.92
C LYS B 43 -13.04 4.82 6.92
N ALA B 44 -12.32 3.72 6.56
CA ALA B 44 -11.32 3.07 7.42
C ALA B 44 -10.19 4.03 7.86
N TRP B 45 -9.85 4.97 6.97
CA TRP B 45 -8.86 6.04 7.22
C TRP B 45 -9.20 6.82 8.53
N LYS B 46 -10.46 7.30 8.63
CA LYS B 46 -10.93 8.12 9.77
C LYS B 46 -11.36 7.26 10.95
N ALA B 47 -11.81 6.03 10.65
CA ALA B 47 -12.12 5.03 11.67
C ALA B 47 -10.86 4.70 12.49
N LYS B 48 -9.71 4.62 11.78
CA LYS B 48 -8.39 4.39 12.38
C LYS B 48 -7.91 5.63 13.13
N ALA B 49 -8.01 6.79 12.47
CA ALA B 49 -7.55 8.09 13.02
C ALA B 49 -8.21 8.39 14.38
N GLN B 50 -9.54 8.15 14.45
CA GLN B 50 -10.35 8.36 15.67
C GLN B 50 -10.14 7.23 16.68
N ALA B 51 -9.84 6.01 16.20
CA ALA B 51 -9.56 4.85 17.09
C ALA B 51 -8.25 5.04 17.83
N THR B 52 -7.29 5.66 17.15
CA THR B 52 -5.92 5.86 17.64
C THR B 52 -5.80 7.25 18.31
N VAL B 53 -6.27 7.34 19.57
CA VAL B 53 -6.25 8.58 20.37
C VAL B 53 -4.94 8.66 21.17
N ASP B 54 -4.54 7.53 21.78
CA ASP B 54 -3.26 7.41 22.53
C ASP B 54 -2.05 7.54 21.59
N ASN B 55 -2.33 7.37 20.28
CA ASN B 55 -1.34 7.40 19.20
C ASN B 55 -0.51 8.69 19.20
N ALA B 56 0.79 8.55 18.92
CA ALA B 56 1.75 9.64 18.90
C ALA B 56 1.82 10.27 17.49
N HIS B 57 2.60 9.65 16.58
CA HIS B 57 3.02 10.28 15.30
C HIS B 57 2.50 9.54 14.06
N ALA B 58 1.62 8.54 14.26
CA ALA B 58 1.09 7.74 13.15
C ALA B 58 -0.10 8.43 12.49
N ARG B 59 -0.03 8.56 11.17
CA ARG B 59 -1.09 9.16 10.37
C ARG B 59 -1.53 8.14 9.31
N TYR B 60 -2.84 7.89 9.26
CA TYR B 60 -3.44 6.89 8.37
C TYR B 60 -3.95 7.58 7.10
N PHE B 61 -3.66 6.94 5.96
CA PHE B 61 -3.99 7.46 4.62
C PHE B 61 -4.65 6.36 3.77
N ILE B 62 -4.90 6.71 2.50
CA ILE B 62 -5.46 5.80 1.48
C ILE B 62 -4.59 5.99 0.21
N ILE B 63 -4.42 4.94 -0.61
CA ILE B 63 -3.72 5.06 -1.92
C ILE B 63 -4.49 4.24 -2.97
N HIS B 64 -4.43 4.71 -4.23
CA HIS B 64 -5.04 4.00 -5.38
C HIS B 64 -4.28 2.70 -5.67
N ALA B 65 -5.03 1.63 -5.96
CA ALA B 65 -4.48 0.29 -6.21
C ALA B 65 -4.89 -0.27 -7.58
N HIS B 66 -5.68 0.52 -8.34
CA HIS B 66 -6.02 0.25 -9.75
C HIS B 66 -4.74 0.38 -10.59
N LYS B 67 -4.04 1.50 -10.38
CA LYS B 67 -2.75 1.76 -11.00
C LYS B 67 -1.64 1.49 -9.97
N LEU B 68 -0.86 0.43 -10.21
CA LEU B 68 0.36 0.13 -9.46
C LEU B 68 1.57 0.51 -10.30
N LEU B 69 2.73 0.62 -9.64
CA LEU B 69 4.01 0.88 -10.28
C LEU B 69 4.54 -0.46 -10.81
N ASP B 70 4.38 -0.68 -12.12
CA ASP B 70 4.75 -1.93 -12.80
C ASP B 70 6.10 -1.77 -13.53
N PRO B 71 7.22 -2.31 -12.97
CA PRO B 71 8.54 -2.37 -13.64
C PRO B 71 8.65 -3.60 -14.59
N SER B 72 7.53 -4.32 -14.74
CA SER B 72 7.43 -5.54 -15.55
C SER B 72 6.92 -5.24 -16.98
N GLU B 73 5.87 -4.38 -17.08
CA GLU B 73 5.20 -4.09 -18.37
C GLU B 73 5.83 -2.85 -19.04
N GLY B 74 6.07 -1.82 -18.23
CA GLY B 74 6.74 -0.59 -18.68
C GLY B 74 8.19 -0.49 -18.21
#